data_3UBJ
#
_entry.id   3UBJ
#
_cell.length_a   66.851
_cell.length_b   116.090
_cell.length_c   118.397
_cell.angle_alpha   61.05
_cell.angle_beta   77.00
_cell.angle_gamma   80.39
#
_symmetry.space_group_name_H-M   'P 1'
#
loop_
_entity.id
_entity.type
_entity.pdbx_description
1 polymer 'Hemagglutinin HA1'
2 polymer 'Hemagglutinin HA2'
3 branched 2-acetamido-2-deoxy-beta-D-glucopyranose-(1-4)-2-acetamido-2-deoxy-beta-D-glucopyranose
4 branched 'N-acetyl-alpha-neuraminic acid-(2-3)-beta-D-galactopyranose'
5 non-polymer 2-acetamido-2-deoxy-beta-D-glucopyranose
6 water water
#
loop_
_entity_poly.entity_id
_entity_poly.type
_entity_poly.pdbx_seq_one_letter_code
_entity_poly.pdbx_strand_id
1 'polypeptide(L)'
;PGDTLCIGYHANNSTDTVDTVLEKNVTVTHSVNLLEDKHNGKLCKLRGVAPLHLGKCNIAGWILGNPECESLSTASSWSY
IVETPSSDNGTCYPGDFIDYEELREQLSSVSSFERFEIFPKTSSWPNHDSNKGVTAACPHAGAKSFYKNLIWLVKKGNSY
PKLSKSYINDKGKEVLVLWGIHHPSTSADQQSLYQNADTYVFVCSSRYSKKFKPEIAICPKVRDQEGRMNYYWTLVEPGD
KITFEATGNLVVPRYAFAMERNAGSGIIISDTPVHDCNTTCQTPKGAINTSLPFQNIHPITIGKCPKYVKSTKLRLATGL
RNIPSIQSR
;
A,C,E,G,I,K
2 'polypeptide(L)'
;GLFGAIAGFIEGGWTGMVDGWYGYHHQNEQGSGYAADLKSTQNAIDEITNKVNSVIEKMNTQFTAVGKEFNHLEKRIENL
NKKVDDGFLDIWTYNAELLVLLENERTLDYHDSNVKNLYEKVRSQLKNNAKEIGNGCFEFYHKCDNTCMESVKNGTYDYP
KYSEEAKLNREEIDSGR
;
B,D,F,H,J,L
#
loop_
_chem_comp.id
_chem_comp.type
_chem_comp.name
_chem_comp.formula
GAL D-saccharide, beta linking beta-D-galactopyranose 'C6 H12 O6'
NAG D-saccharide, beta linking 2-acetamido-2-deoxy-beta-D-glucopyranose 'C8 H15 N O6'
SIA D-saccharide, alpha linking 'N-acetyl-alpha-neuraminic acid' 'C11 H19 N O9'
#
# COMPACT_ATOMS: atom_id res chain seq x y z
N ASP A 3 38.27 33.84 -12.28
CA ASP A 3 38.78 33.40 -10.98
C ASP A 3 37.63 33.28 -9.97
N THR A 4 37.22 32.06 -9.69
CA THR A 4 36.07 31.83 -8.82
C THR A 4 36.34 30.85 -7.67
N LEU A 5 35.58 31.00 -6.60
CA LEU A 5 35.52 30.02 -5.52
C LEU A 5 34.06 29.78 -5.17
N CYS A 6 33.69 28.53 -4.97
CA CYS A 6 32.30 28.21 -4.72
C CYS A 6 32.08 27.38 -3.46
N ILE A 7 30.97 27.63 -2.78
CA ILE A 7 30.59 26.86 -1.61
C ILE A 7 29.42 25.96 -1.95
N GLY A 8 29.62 24.65 -1.89
CA GLY A 8 28.59 23.70 -2.28
C GLY A 8 28.48 22.50 -1.35
N TYR A 9 27.58 21.59 -1.71
CA TYR A 9 27.29 20.44 -0.86
C TYR A 9 27.26 19.14 -1.67
N HIS A 10 27.39 18.03 -0.95
CA HIS A 10 27.50 16.71 -1.56
C HIS A 10 26.25 16.24 -2.29
N ALA A 11 26.47 15.42 -3.32
CA ALA A 11 25.40 14.71 -4.00
C ALA A 11 25.94 13.36 -4.47
N ASN A 12 25.04 12.41 -4.75
CA ASN A 12 25.47 11.07 -5.15
C ASN A 12 24.40 10.29 -5.90
N ASN A 13 24.71 9.04 -6.21
CA ASN A 13 23.81 8.17 -6.95
C ASN A 13 22.66 7.65 -6.10
N SER A 14 22.77 7.84 -4.79
CA SER A 14 21.80 7.31 -3.83
C SER A 14 20.36 7.57 -4.25
N THR A 15 19.51 6.56 -4.06
CA THR A 15 18.10 6.68 -4.38
C THR A 15 17.25 6.54 -3.13
N ASP A 16 17.90 6.38 -1.98
CA ASP A 16 17.21 6.29 -0.71
C ASP A 16 16.24 7.45 -0.56
N THR A 17 15.10 7.19 0.09
CA THR A 17 14.08 8.21 0.25
C THR A 17 13.52 8.21 1.67
N VAL A 18 13.19 9.38 2.19
CA VAL A 18 12.58 9.50 3.51
C VAL A 18 11.43 10.51 3.48
N ASP A 19 10.56 10.43 4.48
CA ASP A 19 9.46 11.38 4.61
C ASP A 19 9.77 12.36 5.73
N THR A 20 9.34 13.61 5.55
CA THR A 20 9.40 14.59 6.61
C THR A 20 7.98 15.07 6.86
N VAL A 21 7.76 15.72 7.99
CA VAL A 21 6.44 16.24 8.30
C VAL A 21 5.94 17.12 7.17
N LEU A 22 6.86 17.79 6.47
CA LEU A 22 6.50 18.71 5.39
C LEU A 22 6.39 18.06 4.01
N GLU A 23 7.22 17.07 3.74
CA GLU A 23 7.32 16.51 2.38
C GLU A 23 7.45 14.99 2.35
N LYS A 24 6.86 14.36 1.34
CA LYS A 24 6.92 12.90 1.19
C LYS A 24 7.96 12.47 0.16
N ASN A 25 8.52 11.28 0.36
CA ASN A 25 9.60 10.74 -0.47
C ASN A 25 10.66 11.74 -0.94
N VAL A 26 11.39 12.30 0.02
CA VAL A 26 12.50 13.18 -0.27
C VAL A 26 13.79 12.38 -0.41
N THR A 27 14.47 12.51 -1.55
CA THR A 27 15.71 11.79 -1.78
C THR A 27 16.82 12.36 -0.90
N VAL A 28 17.63 11.49 -0.31
CA VAL A 28 18.72 11.94 0.56
C VAL A 28 20.00 11.17 0.29
N THR A 29 21.13 11.79 0.62
CA THR A 29 22.44 11.22 0.34
C THR A 29 22.73 9.99 1.20
N HIS A 30 22.48 10.11 2.50
CA HIS A 30 22.69 9.02 3.44
C HIS A 30 21.48 8.89 4.37
N SER A 31 21.24 7.67 4.85
CA SER A 31 20.12 7.44 5.77
C SER A 31 20.19 6.04 6.37
N VAL A 32 19.64 5.89 7.57
CA VAL A 32 19.60 4.61 8.26
C VAL A 32 18.17 4.25 8.64
N ASN A 33 17.93 2.96 8.87
CA ASN A 33 16.62 2.49 9.31
C ASN A 33 16.55 2.40 10.83
N LEU A 34 15.49 2.96 11.42
CA LEU A 34 15.29 2.84 12.87
C LEU A 34 14.41 1.63 13.20
N LEU A 35 13.98 0.91 12.17
CA LEU A 35 13.06 -0.21 12.36
C LEU A 35 13.73 -1.56 12.15
N GLU A 36 13.78 -2.38 13.19
CA GLU A 36 14.25 -3.75 13.04
C GLU A 36 13.14 -4.61 12.42
N ASP A 37 13.39 -5.09 11.20
CA ASP A 37 12.41 -5.92 10.51
C ASP A 37 12.97 -7.31 10.23
N LYS A 38 14.13 -7.61 10.81
CA LYS A 38 14.76 -8.91 10.63
C LYS A 38 14.85 -9.73 11.92
N HIS A 39 14.79 -11.06 11.76
CA HIS A 39 14.96 -11.98 12.87
C HIS A 39 15.70 -13.20 12.34
N ASN A 40 16.21 -14.03 13.24
CA ASN A 40 17.06 -15.15 12.84
C ASN A 40 16.33 -16.47 12.56
N GLY A 41 15.01 -16.44 12.65
CA GLY A 41 14.20 -17.62 12.40
C GLY A 41 14.51 -18.81 13.30
N LYS A 42 14.90 -18.53 14.54
CA LYS A 42 15.25 -19.58 15.48
C LYS A 42 14.72 -19.28 16.88
N LEU A 43 14.52 -20.34 17.66
CA LEU A 43 14.27 -20.15 19.09
C LEU A 43 15.59 -20.34 19.81
N CYS A 44 16.02 -19.31 20.53
CA CYS A 44 17.34 -19.32 21.14
C CYS A 44 17.29 -19.39 22.65
N LYS A 45 18.45 -19.67 23.24
CA LYS A 45 18.62 -19.56 24.67
C LYS A 45 18.42 -18.10 25.06
N LEU A 46 17.72 -17.88 26.14
CA LEU A 46 17.43 -16.53 26.60
C LEU A 46 18.25 -16.22 27.85
N ARG A 47 19.07 -15.18 27.78
CA ARG A 47 19.97 -14.87 28.89
C ARG A 47 20.86 -16.07 29.16
N GLY A 48 21.18 -16.82 28.10
CA GLY A 48 22.11 -17.92 28.20
C GLY A 48 21.55 -19.27 28.62
N VAL A 49 20.22 -19.37 28.73
CA VAL A 49 19.61 -20.63 29.14
C VAL A 49 18.61 -21.16 28.10
N ALA A 50 18.78 -22.43 27.73
CA ALA A 50 17.91 -23.07 26.74
C ALA A 50 16.45 -23.12 27.17
N PRO A 51 15.54 -23.05 26.19
CA PRO A 51 14.12 -23.21 26.52
C PRO A 51 13.83 -24.68 26.78
N LEU A 52 12.72 -24.95 27.43
CA LEU A 52 12.24 -26.30 27.57
C LEU A 52 11.29 -26.57 26.42
N HIS A 53 11.67 -27.49 25.54
CA HIS A 53 10.83 -27.82 24.39
C HIS A 53 10.12 -29.13 24.65
N LEU A 54 8.79 -29.11 24.59
CA LEU A 54 7.99 -30.25 25.04
C LEU A 54 7.65 -31.24 23.93
N GLY A 55 8.18 -30.99 22.73
CA GLY A 55 7.94 -31.88 21.62
C GLY A 55 6.47 -32.06 21.29
N LYS A 56 6.02 -33.31 21.27
CA LYS A 56 4.64 -33.63 20.90
C LYS A 56 3.68 -33.63 22.08
N CYS A 57 4.15 -33.10 23.21
CA CYS A 57 3.33 -33.01 24.42
C CYS A 57 3.06 -31.55 24.77
N ASN A 58 1.96 -31.31 25.49
CA ASN A 58 1.74 -29.99 26.07
C ASN A 58 2.19 -30.02 27.52
N ILE A 59 2.09 -28.90 28.22
CA ILE A 59 2.56 -28.85 29.60
C ILE A 59 1.89 -29.90 30.49
N ALA A 60 0.58 -30.09 30.32
CA ALA A 60 -0.17 -31.06 31.12
C ALA A 60 0.40 -32.48 30.98
N GLY A 61 0.58 -32.93 29.75
CA GLY A 61 1.09 -34.27 29.49
C GLY A 61 2.50 -34.48 30.01
N TRP A 62 3.33 -33.45 29.91
CA TRP A 62 4.69 -33.51 30.39
C TRP A 62 4.75 -33.61 31.90
N ILE A 63 4.06 -32.70 32.57
CA ILE A 63 4.08 -32.62 34.03
C ILE A 63 3.44 -33.83 34.70
N LEU A 64 2.47 -34.44 34.04
CA LEU A 64 1.78 -35.62 34.56
C LEU A 64 2.50 -36.91 34.20
N GLY A 65 3.32 -36.84 33.16
CA GLY A 65 4.08 -37.99 32.72
C GLY A 65 3.37 -38.83 31.68
N ASN A 66 2.57 -38.18 30.84
CA ASN A 66 1.98 -38.87 29.69
C ASN A 66 3.07 -39.75 29.07
N PRO A 67 2.75 -41.03 28.82
CA PRO A 67 3.70 -42.03 28.32
C PRO A 67 4.43 -41.60 27.04
N GLU A 68 3.89 -40.61 26.34
CA GLU A 68 4.50 -40.17 25.10
C GLU A 68 5.54 -39.08 25.32
N CYS A 69 5.53 -38.48 26.51
CA CYS A 69 6.42 -37.35 26.79
C CYS A 69 7.74 -37.83 27.41
N GLU A 70 8.78 -37.02 27.27
CA GLU A 70 10.08 -37.38 27.84
C GLU A 70 10.26 -36.78 29.23
N SER A 71 10.34 -37.64 30.24
CA SER A 71 10.28 -37.21 31.63
C SER A 71 11.61 -37.21 32.38
N LEU A 72 12.45 -36.21 32.10
CA LEU A 72 13.61 -35.91 32.95
C LEU A 72 14.66 -37.02 33.09
N SER A 73 15.67 -37.05 32.21
CA SER A 73 15.84 -36.17 31.06
C SER A 73 15.67 -34.67 31.31
N THR A 74 14.47 -34.16 31.02
CA THR A 74 14.09 -32.76 31.24
C THR A 74 15.12 -31.95 32.04
N ALA A 75 15.65 -30.92 31.40
CA ALA A 75 16.69 -30.08 32.00
C ALA A 75 16.38 -29.72 33.46
N SER A 76 17.42 -29.35 34.19
CA SER A 76 17.26 -28.89 35.56
C SER A 76 16.93 -27.40 35.56
N SER A 77 16.82 -26.83 34.36
CA SER A 77 16.50 -25.42 34.24
C SER A 77 16.20 -25.03 32.79
N TRP A 78 15.43 -23.97 32.62
CA TRP A 78 15.09 -23.44 31.31
C TRP A 78 14.64 -21.99 31.45
N SER A 79 14.73 -21.23 30.35
CA SER A 79 14.39 -19.82 30.37
C SER A 79 12.95 -19.56 29.93
N TYR A 80 12.39 -20.49 29.17
CA TYR A 80 10.99 -20.45 28.75
C TYR A 80 10.55 -21.81 28.22
N ILE A 81 9.27 -21.95 27.90
CA ILE A 81 8.76 -23.23 27.42
C ILE A 81 8.26 -23.12 25.97
N VAL A 82 8.55 -24.15 25.18
CA VAL A 82 8.07 -24.20 23.79
C VAL A 82 7.17 -25.42 23.56
N GLU A 83 5.95 -25.17 23.11
CA GLU A 83 5.10 -26.25 22.63
C GLU A 83 4.98 -26.10 21.13
N THR A 84 4.84 -27.21 20.42
CA THR A 84 4.51 -27.14 19.01
C THR A 84 3.01 -26.96 18.90
N PRO A 85 2.54 -26.35 17.80
CA PRO A 85 1.11 -26.19 17.55
C PRO A 85 0.42 -27.53 17.33
N SER A 86 1.21 -28.60 17.25
CA SER A 86 0.66 -29.92 17.02
C SER A 86 0.74 -30.83 18.23
N SER A 87 1.14 -30.26 19.38
CA SER A 87 1.24 -31.03 20.62
C SER A 87 -0.09 -31.66 21.00
N ASP A 88 -0.18 -32.96 20.83
CA ASP A 88 -1.44 -33.69 20.97
C ASP A 88 -1.59 -34.38 22.33
N ASN A 89 -0.47 -34.80 22.89
CA ASN A 89 -0.48 -35.63 24.10
C ASN A 89 -0.47 -34.83 25.40
N GLY A 90 -1.61 -34.76 26.06
CA GLY A 90 -1.73 -34.08 27.33
C GLY A 90 -2.39 -34.97 28.36
N THR A 91 -3.65 -34.67 28.67
CA THR A 91 -4.41 -35.46 29.61
C THR A 91 -5.16 -36.59 28.88
N CYS A 92 -4.44 -37.67 28.61
CA CYS A 92 -4.99 -38.78 27.84
C CYS A 92 -6.28 -39.35 28.47
N TYR A 93 -6.43 -39.21 29.79
CA TYR A 93 -7.70 -39.54 30.42
C TYR A 93 -8.47 -38.25 30.67
N PRO A 94 -9.65 -38.13 30.04
CA PRO A 94 -10.41 -36.88 30.01
C PRO A 94 -10.78 -36.38 31.39
N GLY A 95 -10.69 -35.06 31.58
CA GLY A 95 -11.02 -34.44 32.85
C GLY A 95 -10.62 -32.97 32.83
N ASP A 96 -10.75 -32.31 33.98
CA ASP A 96 -10.44 -30.90 34.08
C ASP A 96 -9.11 -30.72 34.79
N PHE A 97 -8.26 -29.82 34.28
CA PHE A 97 -6.98 -29.53 34.90
C PHE A 97 -7.11 -28.21 35.65
N ILE A 98 -7.36 -28.30 36.94
CA ILE A 98 -7.61 -27.12 37.75
C ILE A 98 -6.43 -26.14 37.78
N ASP A 99 -6.72 -24.86 37.55
CA ASP A 99 -5.71 -23.82 37.55
C ASP A 99 -4.55 -24.14 36.60
N TYR A 100 -4.89 -24.76 35.48
CA TYR A 100 -3.93 -25.13 34.45
C TYR A 100 -3.07 -23.94 34.01
N GLU A 101 -3.73 -22.87 33.54
CA GLU A 101 -3.00 -21.72 33.06
C GLU A 101 -2.03 -21.16 34.10
N GLU A 102 -2.46 -21.10 35.36
CA GLU A 102 -1.59 -20.68 36.45
C GLU A 102 -0.34 -21.55 36.50
N LEU A 103 -0.52 -22.86 36.41
CA LEU A 103 0.62 -23.79 36.46
C LEU A 103 1.58 -23.53 35.31
N ARG A 104 1.05 -23.43 34.10
CA ARG A 104 1.86 -23.16 32.93
C ARG A 104 2.72 -21.89 33.10
N GLU A 105 2.09 -20.82 33.57
CA GLU A 105 2.78 -19.56 33.81
C GLU A 105 3.88 -19.74 34.86
N GLN A 106 3.55 -20.45 35.92
CA GLN A 106 4.46 -20.60 37.06
C GLN A 106 5.62 -21.55 36.76
N LEU A 107 5.43 -22.43 35.80
CA LEU A 107 6.50 -23.31 35.34
C LEU A 107 7.29 -22.73 34.16
N SER A 108 6.89 -21.55 33.67
CA SER A 108 7.47 -21.03 32.44
C SER A 108 8.99 -20.83 32.50
N SER A 109 9.48 -20.40 33.65
CA SER A 109 10.92 -20.23 33.87
C SER A 109 11.36 -20.77 35.22
N VAL A 110 12.33 -21.68 35.20
CA VAL A 110 12.82 -22.28 36.44
C VAL A 110 14.34 -22.30 36.45
N SER A 111 14.94 -21.92 37.58
CA SER A 111 16.39 -21.98 37.70
C SER A 111 16.89 -23.33 38.22
N SER A 112 15.97 -24.11 38.81
CA SER A 112 16.30 -25.44 39.30
C SER A 112 15.07 -26.35 39.30
N PHE A 113 15.20 -27.56 38.78
CA PHE A 113 14.07 -28.47 38.62
C PHE A 113 14.51 -29.93 38.72
N GLU A 114 13.92 -30.67 39.64
CA GLU A 114 14.29 -32.07 39.83
C GLU A 114 13.08 -32.95 40.10
N ARG A 115 12.92 -33.97 39.28
CA ARG A 115 11.87 -34.97 39.44
C ARG A 115 12.34 -36.07 40.39
N PHE A 116 11.48 -36.46 41.32
CA PHE A 116 11.84 -37.50 42.29
C PHE A 116 10.63 -38.32 42.73
N GLU A 117 10.86 -39.57 43.10
CA GLU A 117 9.78 -40.48 43.49
C GLU A 117 9.29 -40.19 44.90
N ILE A 118 8.33 -39.28 45.00
CA ILE A 118 7.76 -38.86 46.28
C ILE A 118 7.14 -40.04 47.06
N PHE A 119 6.42 -40.91 46.34
CA PHE A 119 5.83 -42.11 46.93
C PHE A 119 6.26 -43.34 46.14
N PRO A 120 7.34 -44.02 46.55
CA PRO A 120 7.77 -45.23 45.86
C PRO A 120 6.61 -46.21 45.63
N LYS A 121 6.40 -46.60 44.38
CA LYS A 121 5.29 -47.47 43.99
C LYS A 121 5.25 -48.76 44.80
N THR A 122 6.43 -49.31 45.04
CA THR A 122 6.56 -50.60 45.71
C THR A 122 6.25 -50.57 47.20
N SER A 123 6.81 -49.60 47.91
CA SER A 123 6.74 -49.59 49.37
C SER A 123 5.58 -48.79 49.96
N SER A 124 4.97 -47.92 49.15
CA SER A 124 4.04 -46.92 49.68
C SER A 124 2.61 -47.40 49.95
N TRP A 125 2.15 -48.39 49.19
CA TRP A 125 0.75 -48.78 49.25
C TRP A 125 0.56 -50.27 49.46
N PRO A 126 0.90 -50.77 50.66
CA PRO A 126 0.82 -52.20 50.96
C PRO A 126 -0.62 -52.69 51.08
N ASN A 127 -1.55 -51.77 51.35
CA ASN A 127 -2.95 -52.16 51.54
C ASN A 127 -3.83 -51.89 50.32
N HIS A 128 -3.21 -51.49 49.22
CA HIS A 128 -3.93 -51.23 47.98
C HIS A 128 -3.12 -51.76 46.80
N ASP A 129 -3.78 -51.94 45.66
CA ASP A 129 -3.11 -52.47 44.48
C ASP A 129 -2.58 -51.33 43.61
N SER A 130 -1.26 -51.25 43.49
CA SER A 130 -0.63 -50.19 42.71
C SER A 130 -0.10 -50.72 41.38
N ASN A 131 -0.63 -51.85 40.93
CA ASN A 131 -0.12 -52.51 39.74
C ASN A 131 -1.18 -52.81 38.67
N LYS A 132 -2.27 -52.06 38.65
CA LYS A 132 -3.33 -52.30 37.67
C LYS A 132 -3.86 -51.01 37.06
N GLY A 133 -3.33 -49.88 37.50
CA GLY A 133 -3.83 -48.59 37.06
C GLY A 133 -3.39 -48.23 35.66
N VAL A 134 -3.99 -48.86 34.66
CA VAL A 134 -3.70 -48.56 33.27
C VAL A 134 -4.99 -48.52 32.45
N THR A 135 -4.96 -47.82 31.33
CA THR A 135 -6.18 -47.60 30.55
C THR A 135 -5.90 -47.47 29.06
N ALA A 136 -6.91 -47.78 28.25
CA ALA A 136 -6.78 -47.68 26.81
C ALA A 136 -6.81 -46.22 26.37
N ALA A 137 -7.16 -45.33 27.29
CA ALA A 137 -7.14 -43.90 27.02
C ALA A 137 -5.71 -43.38 27.00
N CYS A 138 -4.80 -44.15 27.58
CA CYS A 138 -3.41 -43.73 27.70
C CYS A 138 -2.45 -44.81 27.23
N PRO A 139 -2.57 -45.21 25.96
CA PRO A 139 -1.78 -46.31 25.41
C PRO A 139 -0.32 -45.94 25.21
N HIS A 140 0.55 -46.95 25.14
CA HIS A 140 1.97 -46.73 24.96
C HIS A 140 2.52 -47.52 23.78
N ALA A 141 3.32 -48.54 24.08
CA ALA A 141 3.92 -49.35 23.02
C ALA A 141 2.89 -50.29 22.42
N GLY A 142 1.70 -49.76 22.15
CA GLY A 142 0.59 -50.59 21.71
C GLY A 142 0.09 -51.42 22.88
N ALA A 143 -0.21 -50.73 23.98
CA ALA A 143 -0.71 -51.38 25.19
C ALA A 143 -1.28 -50.36 26.16
N LYS A 144 -2.25 -50.78 26.96
CA LYS A 144 -2.78 -49.94 28.02
C LYS A 144 -1.65 -49.43 28.89
N SER A 145 -1.74 -48.17 29.29
CA SER A 145 -0.70 -47.55 30.11
C SER A 145 -1.31 -46.41 30.93
N PHE A 146 -0.47 -45.52 31.44
CA PHE A 146 -0.96 -44.45 32.29
C PHE A 146 0.11 -43.38 32.47
N TYR A 147 -0.23 -42.30 33.18
CA TYR A 147 0.75 -41.27 33.49
C TYR A 147 1.88 -41.91 34.32
N LYS A 148 3.11 -41.47 34.08
CA LYS A 148 4.27 -42.02 34.79
C LYS A 148 4.43 -41.41 36.18
N ASN A 149 3.87 -40.24 36.39
CA ASN A 149 4.09 -39.53 37.64
C ASN A 149 2.93 -39.70 38.62
N LEU A 150 1.93 -40.45 38.21
CA LEU A 150 0.78 -40.74 39.06
C LEU A 150 0.56 -42.24 39.12
N ILE A 151 -0.06 -42.69 40.20
CA ILE A 151 -0.49 -44.08 40.29
C ILE A 151 -1.99 -44.16 40.53
N TRP A 152 -2.69 -44.87 39.65
CA TRP A 152 -4.12 -45.09 39.79
C TRP A 152 -4.36 -46.24 40.77
N LEU A 153 -4.45 -45.92 42.06
CA LEU A 153 -4.65 -46.95 43.09
C LEU A 153 -6.01 -47.63 42.96
N VAL A 154 -5.99 -48.95 43.04
CA VAL A 154 -7.19 -49.76 42.96
C VAL A 154 -7.30 -50.61 44.23
N LYS A 155 -8.50 -51.15 44.50
CA LYS A 155 -8.70 -51.99 45.67
C LYS A 155 -7.84 -53.25 45.61
N LYS A 156 -7.37 -53.69 46.77
CA LYS A 156 -6.61 -54.93 46.90
C LYS A 156 -7.56 -56.07 47.26
N GLY A 157 -7.63 -57.07 46.40
CA GLY A 157 -8.54 -58.18 46.61
C GLY A 157 -9.97 -57.72 46.46
N ASN A 158 -10.63 -57.45 47.59
CA ASN A 158 -12.01 -56.97 47.55
C ASN A 158 -12.35 -55.93 48.62
N SER A 159 -11.33 -55.23 49.11
CA SER A 159 -11.57 -54.13 50.04
C SER A 159 -10.62 -52.96 49.79
N TYR A 160 -11.12 -51.75 50.02
CA TYR A 160 -10.32 -50.53 49.90
C TYR A 160 -10.33 -49.81 51.24
N PRO A 161 -9.33 -50.10 52.08
CA PRO A 161 -9.23 -49.53 53.43
C PRO A 161 -8.91 -48.05 53.39
N LYS A 162 -9.24 -47.34 54.46
CA LYS A 162 -8.92 -45.93 54.55
C LYS A 162 -7.43 -45.71 54.30
N LEU A 163 -7.13 -44.89 53.29
CA LEU A 163 -5.77 -44.57 52.90
C LEU A 163 -5.32 -43.28 53.58
N SER A 164 -4.11 -43.28 54.13
CA SER A 164 -3.56 -42.09 54.75
C SER A 164 -2.04 -42.09 54.61
N LYS A 165 -1.53 -41.14 53.82
CA LYS A 165 -0.10 -41.04 53.56
C LYS A 165 0.31 -39.58 53.45
N SER A 166 1.42 -39.23 54.07
CA SER A 166 1.93 -37.86 54.01
C SER A 166 3.31 -37.78 53.41
N TYR A 167 3.69 -36.60 52.94
CA TYR A 167 5.05 -36.33 52.52
C TYR A 167 5.57 -35.06 53.20
N ILE A 168 6.72 -35.18 53.85
CA ILE A 168 7.38 -34.00 54.41
C ILE A 168 8.44 -33.55 53.42
N ASN A 169 8.51 -32.25 53.20
CA ASN A 169 9.44 -31.70 52.22
C ASN A 169 10.85 -31.54 52.81
N ASP A 170 11.71 -32.51 52.54
CA ASP A 170 13.09 -32.48 53.00
C ASP A 170 13.99 -31.83 51.96
N LYS A 171 13.49 -31.73 50.74
CA LYS A 171 14.17 -30.98 49.70
C LYS A 171 14.32 -29.54 50.19
N GLY A 172 15.34 -28.84 49.70
CA GLY A 172 15.64 -27.51 50.22
C GLY A 172 14.85 -26.40 49.56
N LYS A 173 13.71 -26.76 48.97
CA LYS A 173 12.94 -25.80 48.18
C LYS A 173 11.52 -26.30 47.89
N GLU A 174 10.74 -25.45 47.22
CA GLU A 174 9.36 -25.78 46.88
C GLU A 174 9.24 -27.13 46.18
N VAL A 175 8.18 -27.86 46.51
CA VAL A 175 7.87 -29.10 45.81
C VAL A 175 6.48 -29.02 45.17
N LEU A 176 6.45 -29.22 43.85
CA LEU A 176 5.19 -29.31 43.11
C LEU A 176 4.64 -30.71 43.21
N VAL A 177 3.44 -30.85 43.75
CA VAL A 177 2.81 -32.15 43.84
C VAL A 177 1.52 -32.16 43.03
N LEU A 178 1.35 -33.20 42.22
CA LEU A 178 0.14 -33.34 41.41
C LEU A 178 -0.55 -34.66 41.73
N TRP A 179 -1.87 -34.65 41.67
CA TRP A 179 -2.65 -35.84 41.93
C TRP A 179 -3.95 -35.78 41.16
N GLY A 180 -4.65 -36.90 41.07
CA GLY A 180 -5.90 -36.97 40.35
C GLY A 180 -7.05 -37.46 41.22
N ILE A 181 -8.26 -37.17 40.77
CA ILE A 181 -9.46 -37.67 41.43
C ILE A 181 -10.25 -38.35 40.34
N HIS A 182 -10.49 -39.66 40.49
CA HIS A 182 -11.22 -40.38 39.46
C HIS A 182 -12.73 -40.36 39.71
N HIS A 183 -13.47 -40.05 38.65
CA HIS A 183 -14.92 -40.03 38.70
C HIS A 183 -15.47 -41.05 37.71
N PRO A 184 -15.78 -42.25 38.21
CA PRO A 184 -16.28 -43.37 37.40
C PRO A 184 -17.64 -43.04 36.78
N SER A 185 -17.96 -43.69 35.67
CA SER A 185 -19.21 -43.42 34.96
C SER A 185 -20.44 -44.03 35.65
N THR A 186 -20.23 -45.13 36.38
CA THR A 186 -21.35 -45.86 36.98
C THR A 186 -21.02 -46.38 38.39
N SER A 187 -22.08 -46.66 39.16
CA SER A 187 -21.95 -47.22 40.50
C SER A 187 -21.20 -48.55 40.49
N ALA A 188 -21.51 -49.39 39.49
CA ALA A 188 -20.85 -50.68 39.35
C ALA A 188 -19.35 -50.51 39.13
N ASP A 189 -18.97 -49.54 38.29
CA ASP A 189 -17.56 -49.27 38.05
C ASP A 189 -16.90 -48.77 39.33
N GLN A 190 -17.61 -47.93 40.07
CA GLN A 190 -17.14 -47.44 41.35
C GLN A 190 -16.76 -48.58 42.30
N GLN A 191 -17.65 -49.55 42.45
CA GLN A 191 -17.40 -50.68 43.34
C GLN A 191 -16.31 -51.59 42.79
N SER A 192 -16.38 -51.84 41.48
CA SER A 192 -15.40 -52.69 40.81
C SER A 192 -13.98 -52.16 41.03
N LEU A 193 -13.87 -50.85 41.20
CA LEU A 193 -12.55 -50.23 41.34
C LEU A 193 -12.18 -49.98 42.80
N TYR A 194 -13.11 -49.46 43.58
CA TYR A 194 -12.79 -49.00 44.93
C TYR A 194 -13.66 -49.66 46.00
N GLN A 195 -14.47 -50.64 45.59
CA GLN A 195 -15.36 -51.35 46.51
C GLN A 195 -16.39 -50.42 47.15
N ASN A 196 -15.91 -49.56 48.04
CA ASN A 196 -16.78 -48.63 48.76
C ASN A 196 -17.61 -47.75 47.82
N ALA A 197 -18.93 -47.76 48.00
CA ALA A 197 -19.83 -47.07 47.09
C ALA A 197 -19.90 -45.56 47.33
N ASP A 198 -19.60 -45.14 48.56
CA ASP A 198 -19.57 -43.72 48.89
C ASP A 198 -18.22 -43.36 49.50
N THR A 199 -17.49 -42.46 48.86
CA THR A 199 -16.12 -42.20 49.24
C THR A 199 -15.78 -40.72 49.30
N TYR A 200 -14.63 -40.42 49.88
CA TYR A 200 -14.13 -39.05 49.89
C TYR A 200 -12.63 -39.05 49.67
N VAL A 201 -12.09 -37.89 49.27
CA VAL A 201 -10.66 -37.68 49.22
C VAL A 201 -10.31 -36.36 49.90
N PHE A 202 -9.27 -36.39 50.73
CA PHE A 202 -8.79 -35.19 51.40
C PHE A 202 -7.31 -34.96 51.10
N VAL A 203 -6.96 -33.72 50.81
CA VAL A 203 -5.57 -33.33 50.61
C VAL A 203 -5.32 -31.97 51.26
N CYS A 204 -4.42 -31.93 52.23
CA CYS A 204 -4.12 -30.68 52.91
C CYS A 204 -2.65 -30.55 53.31
N SER A 205 -2.20 -29.30 53.42
CA SER A 205 -0.87 -29.00 53.92
C SER A 205 -1.03 -27.85 54.90
N SER A 206 -0.01 -27.02 55.04
CA SER A 206 -0.11 -25.89 55.97
C SER A 206 -0.83 -24.69 55.34
N ARG A 207 -0.95 -24.73 54.01
CA ARG A 207 -1.54 -23.62 53.27
C ARG A 207 -2.71 -24.06 52.40
N TYR A 208 -2.67 -25.31 51.97
CA TYR A 208 -3.66 -25.85 51.06
C TYR A 208 -4.61 -26.76 51.82
N SER A 209 -5.87 -26.77 51.41
CA SER A 209 -6.86 -27.67 52.00
C SER A 209 -8.07 -27.82 51.10
N LYS A 210 -8.37 -29.04 50.72
CA LYS A 210 -9.52 -29.29 49.85
C LYS A 210 -10.04 -30.71 50.00
N LYS A 211 -11.36 -30.84 50.05
CA LYS A 211 -12.01 -32.14 50.17
C LYS A 211 -12.72 -32.47 48.87
N PHE A 212 -12.48 -33.68 48.36
CA PHE A 212 -13.04 -34.09 47.09
C PHE A 212 -14.08 -35.18 47.27
N LYS A 213 -15.12 -35.15 46.45
CA LYS A 213 -16.15 -36.18 46.49
C LYS A 213 -16.42 -36.65 45.06
N PRO A 214 -16.33 -37.96 44.83
CA PRO A 214 -16.55 -38.54 43.50
C PRO A 214 -17.91 -38.16 42.91
N GLU A 215 -17.90 -37.86 41.62
CA GLU A 215 -19.09 -37.40 40.92
C GLU A 215 -19.40 -38.39 39.80
N ILE A 216 -20.20 -39.39 40.12
CA ILE A 216 -20.44 -40.50 39.21
C ILE A 216 -21.53 -40.20 38.19
N ALA A 217 -21.15 -40.16 36.92
CA ALA A 217 -22.12 -39.92 35.86
C ALA A 217 -21.58 -40.38 34.52
N ILE A 218 -22.50 -40.71 33.61
CA ILE A 218 -22.11 -41.09 32.25
C ILE A 218 -22.04 -39.86 31.37
N CYS A 219 -20.82 -39.43 31.07
CA CYS A 219 -20.60 -38.25 30.27
C CYS A 219 -20.21 -38.63 28.85
N PRO A 220 -20.23 -37.66 27.92
CA PRO A 220 -19.82 -37.93 26.53
C PRO A 220 -18.50 -38.68 26.48
N LYS A 221 -18.41 -39.65 25.60
CA LYS A 221 -17.22 -40.49 25.52
C LYS A 221 -16.07 -39.72 24.87
N VAL A 222 -14.99 -39.56 25.63
CA VAL A 222 -13.78 -38.93 25.12
C VAL A 222 -12.61 -39.90 25.29
N ARG A 223 -12.01 -40.31 24.18
CA ARG A 223 -10.98 -41.33 24.18
C ARG A 223 -11.51 -42.59 24.85
N ASP A 224 -12.72 -42.98 24.47
CA ASP A 224 -13.38 -44.19 24.98
C ASP A 224 -13.75 -44.14 26.46
N GLN A 225 -13.58 -42.97 27.08
CA GLN A 225 -13.92 -42.83 28.50
C GLN A 225 -15.19 -42.00 28.72
N GLU A 226 -16.16 -42.61 29.41
CA GLU A 226 -17.37 -41.92 29.82
C GLU A 226 -17.19 -41.37 31.23
N GLY A 227 -16.13 -41.83 31.89
CA GLY A 227 -15.78 -41.33 33.20
C GLY A 227 -14.86 -40.13 33.05
N ARG A 228 -14.51 -39.50 34.16
CA ARG A 228 -13.65 -38.33 34.13
C ARG A 228 -12.53 -38.44 35.17
N MET A 229 -11.44 -37.72 34.94
CA MET A 229 -10.36 -37.66 35.91
C MET A 229 -9.86 -36.22 36.00
N ASN A 230 -10.13 -35.56 37.13
CA ASN A 230 -9.65 -34.20 37.36
C ASN A 230 -8.27 -34.18 38.00
N TYR A 231 -7.47 -33.19 37.62
CA TYR A 231 -6.08 -33.09 38.05
C TYR A 231 -5.85 -31.83 38.88
N TYR A 232 -5.17 -32.00 40.01
CA TYR A 232 -4.90 -30.87 40.88
C TYR A 232 -3.42 -30.81 41.21
N TRP A 233 -2.97 -29.64 41.63
CA TRP A 233 -1.58 -29.45 42.01
C TRP A 233 -1.50 -28.43 43.13
N THR A 234 -0.39 -28.45 43.87
CA THR A 234 -0.10 -27.40 44.84
C THR A 234 1.39 -27.37 45.11
N LEU A 235 1.86 -26.27 45.68
CA LEU A 235 3.27 -26.12 45.99
C LEU A 235 3.49 -26.30 47.50
N VAL A 236 4.28 -27.31 47.85
CA VAL A 236 4.62 -27.58 49.25
C VAL A 236 5.95 -26.92 49.58
N GLU A 237 5.91 -25.83 50.34
CA GLU A 237 7.11 -25.11 50.72
C GLU A 237 8.03 -25.95 51.58
N PRO A 238 9.33 -25.59 51.62
CA PRO A 238 10.32 -26.36 52.38
C PRO A 238 9.98 -26.47 53.86
N GLY A 239 10.04 -27.70 54.38
CA GLY A 239 9.74 -27.95 55.78
C GLY A 239 8.31 -28.37 56.05
N ASP A 240 7.43 -28.15 55.09
CA ASP A 240 6.01 -28.45 55.28
C ASP A 240 5.64 -29.88 54.87
N LYS A 241 4.43 -30.30 55.28
CA LYS A 241 3.94 -31.63 54.98
C LYS A 241 2.64 -31.58 54.19
N ILE A 242 2.44 -32.57 53.32
CA ILE A 242 1.17 -32.70 52.61
C ILE A 242 0.59 -34.10 52.86
N THR A 243 -0.67 -34.13 53.28
CA THR A 243 -1.31 -35.39 53.65
C THR A 243 -2.42 -35.76 52.68
N PHE A 244 -2.41 -37.02 52.26
CA PHE A 244 -3.49 -37.56 51.42
C PHE A 244 -4.33 -38.56 52.21
N GLU A 245 -5.64 -38.38 52.18
CA GLU A 245 -6.55 -39.28 52.86
C GLU A 245 -7.69 -39.65 51.91
N ALA A 246 -7.97 -40.94 51.78
CA ALA A 246 -8.97 -41.38 50.82
C ALA A 246 -9.55 -42.76 51.10
N THR A 247 -10.82 -42.94 50.76
CA THR A 247 -11.47 -44.24 50.83
C THR A 247 -11.78 -44.71 49.41
N GLY A 248 -11.11 -44.09 48.45
CA GLY A 248 -11.22 -44.45 47.05
C GLY A 248 -10.92 -43.27 46.13
N ASN A 249 -10.94 -43.54 44.82
CA ASN A 249 -10.93 -42.47 43.82
C ASN A 249 -9.70 -41.55 43.80
N LEU A 250 -8.66 -41.90 44.55
CA LEU A 250 -7.44 -41.10 44.57
C LEU A 250 -6.36 -41.66 43.66
N VAL A 251 -6.00 -40.90 42.63
CA VAL A 251 -4.84 -41.21 41.81
C VAL A 251 -3.66 -40.57 42.51
N VAL A 252 -2.89 -41.38 43.22
CA VAL A 252 -1.83 -40.86 44.08
C VAL A 252 -0.62 -40.37 43.30
N PRO A 253 0.09 -39.39 43.86
CA PRO A 253 1.35 -38.97 43.26
C PRO A 253 2.36 -40.11 43.32
N ARG A 254 3.21 -40.22 42.30
CA ARG A 254 4.35 -41.13 42.35
C ARG A 254 5.64 -40.33 42.26
N TYR A 255 5.69 -39.43 41.28
CA TYR A 255 6.79 -38.49 41.16
C TYR A 255 6.32 -37.05 41.36
N ALA A 256 7.09 -36.28 42.13
CA ALA A 256 6.83 -34.85 42.29
C ALA A 256 8.06 -34.10 41.79
N PHE A 257 8.11 -32.79 42.02
CA PHE A 257 9.19 -31.98 41.47
C PHE A 257 9.71 -30.92 42.43
N ALA A 258 11.00 -30.95 42.70
CA ALA A 258 11.64 -29.90 43.48
C ALA A 258 12.13 -28.81 42.53
N MET A 259 11.72 -27.57 42.78
CA MET A 259 12.01 -26.48 41.87
C MET A 259 12.32 -25.16 42.56
N GLU A 260 12.98 -24.27 41.81
CA GLU A 260 13.16 -22.89 42.23
C GLU A 260 12.78 -21.99 41.06
N ARG A 261 11.57 -21.44 41.11
CA ARG A 261 11.02 -20.69 40.00
C ARG A 261 11.63 -19.29 39.89
N ASN A 262 11.81 -18.84 38.66
CA ASN A 262 12.23 -17.47 38.40
C ASN A 262 11.01 -16.59 38.19
N ALA A 263 11.24 -15.29 38.01
CA ALA A 263 10.15 -14.38 37.69
C ALA A 263 9.67 -14.62 36.26
N GLY A 264 8.70 -13.83 35.83
CA GLY A 264 8.25 -13.79 34.44
C GLY A 264 8.52 -14.97 33.53
N SER A 265 8.92 -14.66 32.30
CA SER A 265 8.97 -15.62 31.19
C SER A 265 7.58 -16.05 30.75
N GLY A 266 7.51 -16.74 29.62
CA GLY A 266 6.23 -17.16 29.09
C GLY A 266 6.33 -18.46 28.31
N ILE A 267 5.31 -18.75 27.52
CA ILE A 267 5.26 -19.98 26.74
C ILE A 267 5.09 -19.69 25.26
N ILE A 268 6.03 -20.19 24.46
CA ILE A 268 5.96 -20.03 23.01
C ILE A 268 5.39 -21.27 22.36
N ILE A 269 4.41 -21.07 21.49
CA ILE A 269 3.80 -22.15 20.75
C ILE A 269 4.13 -22.00 19.27
N SER A 270 5.13 -22.76 18.81
CA SER A 270 5.65 -22.57 17.46
C SER A 270 6.42 -23.77 16.92
N ASP A 271 6.48 -23.86 15.59
CA ASP A 271 7.28 -24.87 14.91
C ASP A 271 8.70 -24.35 14.65
N THR A 272 8.97 -23.09 14.99
CA THR A 272 10.28 -22.50 14.75
C THR A 272 11.36 -23.30 15.49
N PRO A 273 12.42 -23.72 14.77
CA PRO A 273 13.43 -24.63 15.33
C PRO A 273 14.20 -24.03 16.49
N VAL A 274 14.40 -24.82 17.54
CA VAL A 274 15.27 -24.44 18.65
C VAL A 274 16.73 -24.61 18.21
N HIS A 275 17.57 -23.62 18.51
CA HIS A 275 18.98 -23.69 18.12
C HIS A 275 19.89 -23.44 19.31
N ASP A 276 21.19 -23.64 19.10
CA ASP A 276 22.18 -23.34 20.12
C ASP A 276 22.66 -21.90 19.97
N CYS A 277 21.71 -20.97 19.95
CA CYS A 277 22.03 -19.56 19.81
C CYS A 277 21.63 -18.81 21.07
N ASN A 278 22.23 -17.65 21.29
CA ASN A 278 21.92 -16.85 22.45
C ASN A 278 21.19 -15.59 22.03
N THR A 279 20.22 -15.15 22.82
CA THR A 279 19.46 -13.96 22.49
C THR A 279 19.03 -13.22 23.76
N THR A 280 18.65 -11.96 23.57
CA THR A 280 18.13 -11.14 24.66
C THR A 280 16.66 -10.83 24.40
N CYS A 281 16.23 -11.07 23.16
CA CYS A 281 14.85 -10.83 22.78
C CYS A 281 14.34 -11.97 21.90
N GLN A 282 13.32 -12.67 22.38
CA GLN A 282 12.81 -13.84 21.67
C GLN A 282 11.38 -13.63 21.17
N THR A 283 11.14 -14.09 19.95
CA THR A 283 9.84 -14.01 19.28
C THR A 283 9.45 -15.43 18.88
N PRO A 284 8.13 -15.73 18.83
CA PRO A 284 7.67 -17.07 18.46
C PRO A 284 8.11 -17.52 17.07
N LYS A 285 8.59 -16.58 16.24
CA LYS A 285 9.00 -16.91 14.88
C LYS A 285 10.50 -16.70 14.65
N GLY A 286 11.19 -16.18 15.66
CA GLY A 286 12.61 -15.92 15.53
C GLY A 286 13.12 -14.97 16.58
N ALA A 287 14.41 -15.04 16.86
CA ALA A 287 15.03 -14.17 17.84
C ALA A 287 15.37 -12.80 17.24
N ILE A 288 15.39 -11.77 18.07
CA ILE A 288 15.76 -10.45 17.63
C ILE A 288 17.13 -10.03 18.17
N ASN A 289 18.02 -9.65 17.26
CA ASN A 289 19.37 -9.20 17.60
C ASN A 289 19.59 -7.81 17.02
N THR A 290 19.40 -6.79 17.84
CA THR A 290 19.42 -5.41 17.33
C THR A 290 19.55 -4.39 18.45
N SER A 291 20.08 -3.22 18.12
CA SER A 291 20.15 -2.12 19.07
C SER A 291 19.04 -1.12 18.79
N LEU A 292 18.40 -1.27 17.63
CA LEU A 292 17.27 -0.43 17.24
C LEU A 292 16.15 -0.46 18.29
N PRO A 293 15.50 0.69 18.49
CA PRO A 293 14.45 0.85 19.50
C PRO A 293 13.08 0.35 19.07
N PHE A 294 12.89 0.05 17.79
CA PHE A 294 11.58 -0.37 17.30
C PHE A 294 11.66 -1.61 16.42
N GLN A 295 10.58 -2.39 16.42
CA GLN A 295 10.52 -3.64 15.65
C GLN A 295 9.10 -3.92 15.19
N ASN A 296 8.98 -4.59 14.04
CA ASN A 296 7.67 -5.00 13.52
C ASN A 296 7.60 -6.51 13.22
N ILE A 297 8.38 -7.29 13.96
CA ILE A 297 8.41 -8.73 13.77
C ILE A 297 7.16 -9.39 14.39
N HIS A 298 6.92 -9.08 15.65
CA HIS A 298 5.89 -9.75 16.42
C HIS A 298 5.60 -8.99 17.71
N PRO A 299 4.31 -8.88 18.08
CA PRO A 299 3.93 -8.18 19.31
C PRO A 299 4.22 -8.99 20.58
N ILE A 300 4.20 -10.31 20.49
CA ILE A 300 4.42 -11.17 21.66
C ILE A 300 5.88 -11.58 21.78
N THR A 301 6.61 -10.92 22.66
CA THR A 301 8.05 -11.16 22.80
C THR A 301 8.44 -11.43 24.24
N ILE A 302 9.58 -12.07 24.42
CA ILE A 302 10.10 -12.35 25.75
C ILE A 302 11.53 -11.85 25.84
N GLY A 303 11.85 -11.12 26.90
CA GLY A 303 13.19 -10.59 27.10
C GLY A 303 13.22 -9.07 27.18
N LYS A 304 14.38 -8.51 26.88
CA LYS A 304 14.54 -7.05 26.83
C LYS A 304 14.50 -6.62 25.37
N CYS A 305 13.30 -6.30 24.88
CA CYS A 305 13.06 -6.17 23.44
C CYS A 305 12.83 -4.73 22.96
N PRO A 306 12.97 -4.52 21.65
CA PRO A 306 12.54 -3.24 21.07
C PRO A 306 11.03 -3.17 21.18
N LYS A 307 10.47 -1.96 21.17
CA LYS A 307 9.02 -1.77 21.17
C LYS A 307 8.40 -2.19 19.84
N TYR A 308 7.32 -2.97 19.91
CA TYR A 308 6.62 -3.39 18.71
C TYR A 308 5.80 -2.26 18.12
N VAL A 309 5.85 -2.12 16.79
CA VAL A 309 5.07 -1.10 16.09
C VAL A 309 4.53 -1.67 14.77
N LYS A 310 3.52 -1.02 14.20
CA LYS A 310 2.97 -1.47 12.93
C LYS A 310 3.74 -0.92 11.72
N SER A 311 4.54 0.11 11.96
CA SER A 311 5.33 0.72 10.91
C SER A 311 5.96 -0.33 10.00
N THR A 312 6.05 -0.03 8.72
CA THR A 312 6.73 -0.92 7.78
C THR A 312 8.19 -0.47 7.60
N LYS A 313 8.43 0.81 7.78
CA LYS A 313 9.77 1.37 7.69
C LYS A 313 9.87 2.63 8.56
N LEU A 314 11.07 2.93 9.01
CA LEU A 314 11.32 4.14 9.78
C LEU A 314 12.63 4.79 9.33
N ARG A 315 12.65 5.17 8.06
CA ARG A 315 13.84 5.73 7.44
C ARG A 315 14.23 7.05 8.11
N LEU A 316 15.39 7.06 8.75
CA LEU A 316 15.90 8.24 9.43
C LEU A 316 17.04 8.87 8.63
N ALA A 317 16.84 10.09 8.17
CA ALA A 317 17.86 10.76 7.36
C ALA A 317 19.10 11.07 8.18
N THR A 318 20.26 10.95 7.54
CA THR A 318 21.52 11.31 8.16
C THR A 318 22.25 12.31 7.26
N GLY A 319 22.18 12.06 5.96
CA GLY A 319 22.77 12.97 4.98
C GLY A 319 21.82 14.09 4.63
N LEU A 320 22.07 14.74 3.51
CA LEU A 320 21.27 15.89 3.12
C LEU A 320 20.40 15.59 1.90
N ARG A 321 19.49 16.51 1.61
CA ARG A 321 18.65 16.40 0.44
C ARG A 321 19.54 16.18 -0.79
N ASN A 322 19.28 15.10 -1.52
CA ASN A 322 20.15 14.73 -2.62
C ASN A 322 19.71 15.31 -3.96
N ILE A 323 20.45 16.31 -4.44
CA ILE A 323 20.11 16.99 -5.68
C ILE A 323 21.22 16.86 -6.72
N PRO A 324 21.35 15.67 -7.31
CA PRO A 324 22.41 15.40 -8.30
C PRO A 324 22.22 16.24 -9.56
N SER A 325 20.96 16.47 -9.93
CA SER A 325 20.62 17.29 -11.09
C SER A 325 21.35 16.82 -12.35
N GLY B 1 13.72 24.75 1.75
CA GLY B 1 14.58 24.63 2.92
C GLY B 1 14.46 25.84 3.84
N LEU B 2 14.72 25.61 5.12
CA LEU B 2 14.52 26.62 6.15
C LEU B 2 15.53 27.77 6.07
N PHE B 3 16.72 27.48 5.54
CA PHE B 3 17.79 28.48 5.50
C PHE B 3 18.13 28.98 4.11
N GLY B 4 17.34 28.53 3.13
CA GLY B 4 17.40 29.07 1.78
C GLY B 4 18.70 28.90 1.03
N ALA B 5 19.52 27.95 1.45
CA ALA B 5 20.77 27.64 0.74
C ALA B 5 20.63 26.38 -0.11
N ILE B 6 20.50 25.23 0.55
CA ILE B 6 20.29 23.97 -0.16
C ILE B 6 18.98 24.02 -0.93
N ALA B 7 19.08 23.84 -2.25
CA ALA B 7 17.94 24.01 -3.14
C ALA B 7 17.41 25.44 -3.08
N GLY B 8 18.27 26.35 -2.64
CA GLY B 8 17.93 27.77 -2.57
C GLY B 8 18.78 28.61 -3.52
N PHE B 9 19.69 29.40 -2.96
CA PHE B 9 20.57 30.18 -3.83
C PHE B 9 21.71 29.32 -4.36
N ILE B 10 21.89 28.15 -3.75
CA ILE B 10 22.78 27.14 -4.30
C ILE B 10 21.91 26.00 -4.81
N GLU B 11 21.59 26.03 -6.09
CA GLU B 11 20.54 25.19 -6.66
C GLU B 11 20.73 23.67 -6.51
N GLY B 12 21.95 23.18 -6.66
CA GLY B 12 22.19 21.75 -6.65
C GLY B 12 23.43 21.29 -5.91
N GLY B 13 23.54 19.97 -5.75
CA GLY B 13 24.68 19.37 -5.09
C GLY B 13 25.78 18.97 -6.06
N TRP B 14 26.95 18.66 -5.53
CA TRP B 14 28.09 18.30 -6.36
C TRP B 14 28.42 16.81 -6.26
N THR B 15 28.11 16.06 -7.31
CA THR B 15 28.51 14.66 -7.35
C THR B 15 30.03 14.56 -7.33
N GLY B 16 30.70 15.58 -7.88
CA GLY B 16 32.14 15.59 -8.00
C GLY B 16 32.87 15.71 -6.67
N MET B 17 32.19 16.25 -5.66
CA MET B 17 32.78 16.37 -4.33
C MET B 17 32.37 15.17 -3.50
N VAL B 18 33.33 14.28 -3.23
CA VAL B 18 33.01 13.01 -2.61
C VAL B 18 33.63 12.82 -1.22
N ASP B 19 34.55 13.70 -0.86
CA ASP B 19 35.26 13.56 0.41
C ASP B 19 34.59 14.29 1.57
N GLY B 20 33.34 14.72 1.37
CA GLY B 20 32.63 15.46 2.40
C GLY B 20 31.19 15.79 2.09
N TRP B 21 30.49 16.32 3.09
CA TRP B 21 29.09 16.71 2.95
C TRP B 21 29.01 18.10 2.36
N TYR B 22 29.82 19.01 2.88
CA TYR B 22 29.93 20.37 2.34
C TYR B 22 31.38 20.67 1.97
N GLY B 23 31.58 21.59 1.04
CA GLY B 23 32.93 21.95 0.65
C GLY B 23 33.03 23.05 -0.39
N TYR B 24 34.17 23.10 -1.06
CA TYR B 24 34.43 24.17 -2.02
C TYR B 24 34.75 23.62 -3.40
N HIS B 25 34.62 24.47 -4.40
CA HIS B 25 35.16 24.22 -5.73
C HIS B 25 35.91 25.47 -6.18
N HIS B 26 37.22 25.35 -6.32
CA HIS B 26 38.05 26.48 -6.76
C HIS B 26 38.32 26.43 -8.27
N GLN B 27 38.65 27.58 -8.83
CA GLN B 27 38.89 27.70 -10.27
C GLN B 27 39.76 28.92 -10.58
N ASN B 28 41.06 28.79 -10.35
CA ASN B 28 41.99 29.87 -10.63
C ASN B 28 42.91 29.58 -11.81
N GLU B 29 43.75 30.54 -12.16
CA GLU B 29 44.64 30.42 -13.31
C GLU B 29 45.35 29.06 -13.33
N GLN B 30 45.74 28.57 -12.15
CA GLN B 30 46.46 27.31 -12.05
C GLN B 30 45.60 26.11 -12.46
N GLY B 31 44.44 25.95 -11.84
CA GLY B 31 43.55 24.86 -12.15
C GLY B 31 42.23 24.92 -11.38
N SER B 32 41.51 23.81 -11.38
CA SER B 32 40.22 23.71 -10.68
C SER B 32 40.13 22.42 -9.86
N GLY B 33 38.93 22.11 -9.39
CA GLY B 33 38.70 20.89 -8.64
C GLY B 33 37.76 21.07 -7.45
N TYR B 34 37.38 19.95 -6.85
CA TYR B 34 36.52 19.96 -5.66
C TYR B 34 37.34 19.67 -4.40
N ALA B 35 36.95 20.28 -3.29
CA ALA B 35 37.64 20.07 -2.02
C ALA B 35 36.71 20.29 -0.84
N ALA B 36 36.35 19.21 -0.15
CA ALA B 36 35.41 19.29 0.96
C ALA B 36 36.01 19.98 2.18
N ASP B 37 35.21 20.80 2.85
CA ASP B 37 35.61 21.46 4.09
C ASP B 37 35.59 20.44 5.22
N LEU B 38 36.77 20.03 5.67
CA LEU B 38 36.88 18.92 6.62
C LEU B 38 36.28 19.21 7.99
N LYS B 39 36.70 20.31 8.60
CA LYS B 39 36.29 20.62 9.97
C LYS B 39 34.77 20.70 10.13
N SER B 40 34.08 21.18 9.11
CA SER B 40 32.62 21.33 9.20
C SER B 40 31.91 20.03 8.82
N THR B 41 32.48 19.29 7.88
CA THR B 41 31.93 18.02 7.49
C THR B 41 32.01 17.04 8.66
N GLN B 42 33.10 17.13 9.39
CA GLN B 42 33.34 16.23 10.51
C GLN B 42 32.41 16.54 11.68
N ASN B 43 32.22 17.82 11.96
CA ASN B 43 31.33 18.22 13.04
C ASN B 43 29.89 17.75 12.79
N ALA B 44 29.42 17.92 11.56
CA ALA B 44 28.09 17.48 11.19
C ALA B 44 27.96 15.97 11.32
N ILE B 45 29.05 15.27 11.05
CA ILE B 45 29.08 13.83 11.18
C ILE B 45 29.11 13.41 12.65
N ASP B 46 29.85 14.16 13.46
CA ASP B 46 29.87 13.91 14.89
C ASP B 46 28.49 14.09 15.49
N GLU B 47 27.80 15.14 15.05
CA GLU B 47 26.52 15.51 15.65
C GLU B 47 25.35 14.67 15.17
N ILE B 48 25.37 14.26 13.91
CA ILE B 48 24.31 13.41 13.39
C ILE B 48 24.39 12.01 14.00
N THR B 49 25.59 11.46 14.08
CA THR B 49 25.76 10.15 14.68
C THR B 49 25.30 10.22 16.14
N ASN B 50 25.57 11.36 16.78
CA ASN B 50 25.13 11.56 18.16
C ASN B 50 23.60 11.60 18.23
N LYS B 51 23.00 12.21 17.21
CA LYS B 51 21.56 12.27 17.10
C LYS B 51 20.98 10.86 16.91
N VAL B 52 21.64 10.04 16.09
CA VAL B 52 21.19 8.68 15.87
C VAL B 52 21.39 7.81 17.10
N ASN B 53 22.56 7.94 17.72
CA ASN B 53 22.84 7.20 18.94
C ASN B 53 21.88 7.55 20.08
N SER B 54 21.57 8.84 20.22
CA SER B 54 20.71 9.31 21.29
C SER B 54 19.29 8.76 21.20
N VAL B 55 18.77 8.75 19.98
CA VAL B 55 17.43 8.21 19.72
C VAL B 55 17.40 6.72 20.02
N ILE B 56 18.52 6.05 19.78
CA ILE B 56 18.63 4.61 19.98
C ILE B 56 18.90 4.24 21.44
N GLU B 57 19.81 4.95 22.09
CA GLU B 57 20.28 4.55 23.42
C GLU B 57 19.35 4.98 24.55
N LYS B 58 18.44 5.89 24.29
CA LYS B 58 17.50 6.32 25.31
C LYS B 58 16.39 5.29 25.52
N MET B 59 16.26 4.37 24.57
CA MET B 59 15.29 3.28 24.68
C MET B 59 15.89 2.14 25.48
N ASN B 60 15.61 2.12 26.78
CA ASN B 60 16.17 1.11 27.68
C ASN B 60 15.06 0.31 28.34
N THR B 61 14.59 -0.72 27.65
CA THR B 61 13.34 -1.38 27.99
C THR B 61 13.44 -2.41 29.10
N GLN B 62 12.30 -2.68 29.74
CA GLN B 62 12.20 -3.67 30.80
C GLN B 62 12.15 -5.09 30.24
N PHE B 63 12.66 -6.05 31.01
CA PHE B 63 12.47 -7.45 30.66
C PHE B 63 11.00 -7.77 30.79
N THR B 64 10.41 -8.26 29.71
CA THR B 64 8.98 -8.52 29.69
C THR B 64 8.59 -9.73 28.84
N ALA B 65 7.77 -10.58 29.42
CA ALA B 65 7.12 -11.64 28.67
C ALA B 65 5.70 -11.19 28.36
N VAL B 66 5.52 -10.65 27.16
CA VAL B 66 4.26 -10.02 26.77
C VAL B 66 3.08 -11.00 26.82
N GLY B 67 3.32 -12.22 26.36
CA GLY B 67 2.26 -13.20 26.19
C GLY B 67 1.51 -13.58 27.46
N LYS B 68 0.22 -13.88 27.30
CA LYS B 68 -0.63 -14.32 28.40
C LYS B 68 -1.61 -15.36 27.93
N GLU B 69 -1.89 -16.34 28.79
CA GLU B 69 -2.84 -17.38 28.45
C GLU B 69 -4.06 -17.31 29.36
N PHE B 70 -5.23 -17.20 28.75
CA PHE B 70 -6.48 -17.12 29.49
C PHE B 70 -7.47 -18.14 28.96
N ASN B 71 -8.19 -18.80 29.88
CA ASN B 71 -9.16 -19.82 29.49
C ASN B 71 -10.49 -19.24 29.00
N HIS B 72 -11.38 -20.12 28.57
CA HIS B 72 -12.65 -19.73 27.96
C HIS B 72 -13.59 -18.99 28.90
N LEU B 73 -13.24 -18.92 30.18
CA LEU B 73 -14.06 -18.17 31.13
C LEU B 73 -13.30 -16.97 31.70
N GLU B 74 -12.27 -16.55 30.99
CA GLU B 74 -11.49 -15.37 31.37
C GLU B 74 -11.42 -14.39 30.20
N LYS B 75 -12.53 -14.26 29.49
CA LYS B 75 -12.57 -13.49 28.26
C LYS B 75 -12.37 -12.01 28.55
N ARG B 76 -12.93 -11.55 29.67
CA ARG B 76 -12.84 -10.15 30.04
C ARG B 76 -11.42 -9.70 30.31
N ILE B 77 -10.68 -10.45 31.12
CA ILE B 77 -9.31 -10.10 31.42
C ILE B 77 -8.41 -10.35 30.21
N GLU B 78 -8.80 -11.31 29.37
CA GLU B 78 -8.12 -11.52 28.10
C GLU B 78 -8.22 -10.24 27.27
N ASN B 79 -9.41 -9.66 27.24
CA ASN B 79 -9.62 -8.43 26.47
C ASN B 79 -8.93 -7.23 27.11
N LEU B 80 -8.89 -7.21 28.44
CA LEU B 80 -8.13 -6.19 29.16
C LEU B 80 -6.67 -6.29 28.74
N ASN B 81 -6.16 -7.51 28.67
CA ASN B 81 -4.80 -7.73 28.22
C ASN B 81 -4.59 -7.24 26.80
N LYS B 82 -5.59 -7.49 25.94
CA LYS B 82 -5.56 -7.02 24.57
C LYS B 82 -5.50 -5.50 24.51
N LYS B 83 -6.29 -4.86 25.35
CA LYS B 83 -6.32 -3.39 25.41
C LYS B 83 -4.96 -2.82 25.82
N VAL B 84 -4.22 -3.53 26.66
CA VAL B 84 -2.91 -3.06 27.08
C VAL B 84 -1.90 -3.17 25.94
N ASP B 85 -1.82 -4.34 25.32
CA ASP B 85 -0.93 -4.54 24.19
C ASP B 85 -1.26 -3.57 23.05
N ASP B 86 -2.56 -3.40 22.76
CA ASP B 86 -3.01 -2.52 21.69
C ASP B 86 -2.72 -1.06 21.99
N GLY B 87 -2.93 -0.65 23.23
CA GLY B 87 -2.63 0.71 23.66
C GLY B 87 -1.15 1.04 23.54
N PHE B 88 -0.30 0.09 23.88
CA PHE B 88 1.14 0.28 23.75
C PHE B 88 1.49 0.33 22.27
N LEU B 89 0.84 -0.51 21.47
CA LEU B 89 1.06 -0.54 20.03
C LEU B 89 0.74 0.82 19.39
N ASP B 90 -0.39 1.41 19.76
CA ASP B 90 -0.80 2.70 19.20
C ASP B 90 0.10 3.84 19.64
N ILE B 91 0.45 3.88 20.92
CA ILE B 91 1.33 4.90 21.45
C ILE B 91 2.71 4.88 20.78
N TRP B 92 3.31 3.70 20.66
CA TRP B 92 4.65 3.60 20.10
C TRP B 92 4.69 3.76 18.57
N THR B 93 3.65 3.26 17.90
CA THR B 93 3.58 3.42 16.45
C THR B 93 3.46 4.89 16.08
N TYR B 94 2.57 5.61 16.75
CA TYR B 94 2.40 7.03 16.52
C TYR B 94 3.67 7.81 16.86
N ASN B 95 4.24 7.54 18.02
CA ASN B 95 5.44 8.23 18.46
C ASN B 95 6.64 8.00 17.54
N ALA B 96 6.89 6.76 17.18
CA ALA B 96 7.97 6.44 16.26
C ALA B 96 7.77 7.15 14.92
N GLU B 97 6.55 7.09 14.41
CA GLU B 97 6.22 7.69 13.12
C GLU B 97 6.50 9.19 13.11
N LEU B 98 5.95 9.91 14.07
CA LEU B 98 6.13 11.36 14.14
C LEU B 98 7.56 11.74 14.48
N LEU B 99 8.22 10.94 15.32
CA LEU B 99 9.60 11.20 15.67
C LEU B 99 10.45 11.26 14.42
N VAL B 100 10.28 10.27 13.56
CA VAL B 100 11.03 10.20 12.31
C VAL B 100 10.69 11.37 11.39
N LEU B 101 9.40 11.65 11.24
CA LEU B 101 8.94 12.76 10.40
C LEU B 101 9.54 14.09 10.84
N LEU B 102 9.44 14.37 12.14
CA LEU B 102 9.90 15.65 12.69
C LEU B 102 11.42 15.77 12.69
N GLU B 103 12.11 14.67 12.98
CA GLU B 103 13.57 14.71 13.01
C GLU B 103 14.17 14.73 11.60
N ASN B 104 13.51 14.12 10.64
CA ASN B 104 13.96 14.20 9.26
C ASN B 104 13.91 15.65 8.78
N GLU B 105 12.83 16.33 9.15
CA GLU B 105 12.70 17.73 8.83
C GLU B 105 13.87 18.49 9.43
N ARG B 106 14.10 18.31 10.73
CA ARG B 106 15.15 19.03 11.42
C ARG B 106 16.54 18.72 10.87
N THR B 107 16.76 17.47 10.46
CA THR B 107 18.07 17.08 9.94
C THR B 107 18.35 17.79 8.62
N LEU B 108 17.40 17.76 7.70
CA LEU B 108 17.54 18.45 6.43
C LEU B 108 17.75 19.94 6.65
N ASP B 109 16.98 20.52 7.57
CA ASP B 109 17.16 21.92 7.94
C ASP B 109 18.55 22.17 8.51
N TYR B 110 19.05 21.17 9.22
CA TYR B 110 20.38 21.25 9.83
C TYR B 110 21.46 21.44 8.77
N HIS B 111 21.50 20.52 7.80
CA HIS B 111 22.45 20.61 6.71
C HIS B 111 22.35 21.95 5.99
N ASP B 112 21.12 22.32 5.63
CA ASP B 112 20.85 23.60 5.00
C ASP B 112 21.51 24.73 5.77
N SER B 113 21.43 24.67 7.10
CA SER B 113 22.03 25.68 7.97
C SER B 113 23.55 25.67 7.93
N ASN B 114 24.13 24.48 7.91
CA ASN B 114 25.58 24.35 7.83
C ASN B 114 26.15 24.94 6.54
N VAL B 115 25.51 24.65 5.41
CA VAL B 115 25.91 25.21 4.14
C VAL B 115 25.91 26.74 4.21
N LYS B 116 24.79 27.30 4.61
CA LYS B 116 24.65 28.75 4.72
C LYS B 116 25.73 29.35 5.62
N ASN B 117 25.93 28.74 6.79
CA ASN B 117 26.95 29.24 7.72
C ASN B 117 28.36 29.21 7.14
N LEU B 118 28.65 28.23 6.30
CA LEU B 118 29.96 28.14 5.65
C LEU B 118 30.09 29.24 4.61
N TYR B 119 29.04 29.43 3.82
CA TYR B 119 29.01 30.48 2.81
C TYR B 119 29.20 31.86 3.45
N GLU B 120 28.39 32.17 4.46
CA GLU B 120 28.52 33.44 5.16
C GLU B 120 29.88 33.58 5.85
N LYS B 121 30.56 32.46 6.05
CA LYS B 121 31.87 32.47 6.70
C LYS B 121 32.92 33.02 5.76
N VAL B 122 32.92 32.52 4.52
CA VAL B 122 33.86 32.98 3.51
C VAL B 122 33.51 34.39 3.02
N ARG B 123 32.22 34.69 2.99
CA ARG B 123 31.76 36.05 2.68
C ARG B 123 32.30 37.02 3.72
N SER B 124 32.48 36.51 4.94
CA SER B 124 32.99 37.32 6.04
C SER B 124 34.50 37.56 5.92
N GLN B 125 35.14 36.85 5.00
CA GLN B 125 36.57 37.00 4.79
C GLN B 125 36.91 37.82 3.55
N LEU B 126 36.31 37.45 2.42
CA LEU B 126 36.59 38.12 1.16
C LEU B 126 35.94 39.50 1.07
N LYS B 127 35.46 39.98 2.21
CA LYS B 127 34.75 41.26 2.30
C LYS B 127 34.72 42.05 0.99
N ASN B 128 35.62 43.03 0.87
CA ASN B 128 35.62 43.94 -0.28
C ASN B 128 36.42 43.40 -1.47
N ASN B 129 37.26 42.41 -1.21
CA ASN B 129 38.15 41.86 -2.23
C ASN B 129 37.54 40.76 -3.09
N ALA B 130 36.21 40.72 -3.14
CA ALA B 130 35.53 39.72 -3.96
C ALA B 130 34.06 40.09 -4.16
N LYS B 131 33.44 39.50 -5.18
CA LYS B 131 32.04 39.77 -5.50
C LYS B 131 31.20 38.50 -5.44
N GLU B 132 30.05 38.58 -4.76
CA GLU B 132 29.11 37.47 -4.72
C GLU B 132 28.40 37.36 -6.06
N ILE B 133 28.95 36.57 -6.97
CA ILE B 133 28.41 36.42 -8.31
C ILE B 133 27.18 35.51 -8.38
N GLY B 134 26.80 34.98 -7.22
CA GLY B 134 25.60 34.17 -7.14
C GLY B 134 25.83 32.66 -7.11
N ASN B 135 24.77 31.92 -6.85
CA ASN B 135 24.83 30.47 -6.82
C ASN B 135 25.90 29.93 -5.89
N GLY B 136 26.10 30.62 -4.76
CA GLY B 136 27.10 30.23 -3.78
C GLY B 136 28.53 30.42 -4.26
N CYS B 137 28.71 31.19 -5.33
CA CYS B 137 30.04 31.43 -5.88
C CYS B 137 30.55 32.83 -5.60
N PHE B 138 31.83 32.93 -5.26
CA PHE B 138 32.51 34.21 -5.16
C PHE B 138 33.47 34.37 -6.34
N GLU B 139 33.50 35.56 -6.94
CA GLU B 139 34.48 35.86 -7.98
C GLU B 139 35.47 36.90 -7.47
N PHE B 140 36.68 36.46 -7.20
CA PHE B 140 37.71 37.34 -6.63
C PHE B 140 37.93 38.61 -7.45
N TYR B 141 37.82 39.75 -6.80
CA TYR B 141 38.08 41.04 -7.43
C TYR B 141 39.57 41.23 -7.67
N HIS B 142 40.36 40.31 -7.12
CA HIS B 142 41.78 40.24 -7.42
C HIS B 142 42.10 38.86 -8.00
N LYS B 143 43.36 38.44 -7.91
CA LYS B 143 43.75 37.14 -8.45
C LYS B 143 44.29 36.25 -7.33
N CYS B 144 43.64 35.10 -7.15
CA CYS B 144 43.97 34.23 -6.03
C CYS B 144 44.57 32.91 -6.48
N ASP B 145 45.73 32.57 -5.91
CA ASP B 145 46.39 31.31 -6.21
C ASP B 145 46.11 30.27 -5.14
N ASN B 146 46.71 29.10 -5.31
CA ASN B 146 46.46 27.97 -4.42
C ASN B 146 46.76 28.25 -2.95
N THR B 147 47.89 28.91 -2.69
CA THR B 147 48.25 29.25 -1.32
C THR B 147 47.20 30.18 -0.69
N CYS B 148 46.74 31.14 -1.48
CA CYS B 148 45.70 32.07 -1.05
C CYS B 148 44.36 31.35 -0.92
N MET B 149 44.11 30.43 -1.85
CA MET B 149 42.85 29.69 -1.89
C MET B 149 42.70 28.74 -0.71
N GLU B 150 43.75 28.58 0.08
CA GLU B 150 43.71 27.72 1.25
C GLU B 150 43.68 28.52 2.53
N SER B 151 43.93 29.82 2.42
CA SER B 151 43.84 30.71 3.58
C SER B 151 42.37 31.03 3.83
N VAL B 152 41.58 31.05 2.75
CA VAL B 152 40.14 31.26 2.83
C VAL B 152 39.46 30.05 3.43
N LYS B 153 39.92 28.86 3.05
CA LYS B 153 39.36 27.61 3.55
C LYS B 153 39.71 27.37 5.02
N ASN B 154 40.78 27.98 5.50
CA ASN B 154 41.23 27.76 6.87
C ASN B 154 40.90 28.91 7.82
N GLY B 155 40.42 30.03 7.27
CA GLY B 155 40.02 31.16 8.08
C GLY B 155 41.13 32.12 8.42
N THR B 156 42.21 32.06 7.63
CA THR B 156 43.37 32.92 7.85
C THR B 156 43.60 33.91 6.72
N TYR B 157 42.63 33.99 5.80
CA TYR B 157 42.72 34.90 4.66
C TYR B 157 43.12 36.31 5.10
N ASP B 158 43.74 37.05 4.20
CA ASP B 158 44.26 38.37 4.53
C ASP B 158 43.64 39.47 3.66
N TYR B 159 42.66 40.17 4.20
CA TYR B 159 41.97 41.24 3.46
C TYR B 159 42.87 42.45 3.18
N PRO B 160 43.53 42.99 4.21
CA PRO B 160 44.33 44.20 4.00
C PRO B 160 45.43 44.01 2.96
N LYS B 161 45.87 42.76 2.78
CA LYS B 161 46.94 42.47 1.83
C LYS B 161 46.41 42.29 0.40
N TYR B 162 45.18 42.73 0.16
CA TYR B 162 44.59 42.71 -1.17
C TYR B 162 43.70 43.92 -1.41
N SER B 163 43.44 44.67 -0.34
CA SER B 163 42.50 45.79 -0.40
C SER B 163 42.89 46.84 -1.44
N GLU B 164 44.19 46.94 -1.74
CA GLU B 164 44.69 47.93 -2.67
C GLU B 164 44.44 47.52 -4.12
N GLU B 165 44.66 46.25 -4.43
CA GLU B 165 44.44 45.73 -5.76
C GLU B 165 42.95 45.74 -6.09
N ALA B 166 42.14 45.36 -5.10
CA ALA B 166 40.70 45.25 -5.29
C ALA B 166 40.01 46.59 -5.51
N LYS B 167 40.51 47.63 -4.85
CA LYS B 167 39.87 48.95 -4.90
C LYS B 167 39.75 49.49 -6.32
N LEU B 168 40.73 49.17 -7.17
CA LEU B 168 40.75 49.68 -8.53
C LEU B 168 39.76 48.95 -9.43
N ASN B 169 39.64 47.64 -9.23
CA ASN B 169 38.71 46.84 -10.01
C ASN B 169 37.27 47.02 -9.54
N ASP C 3 35.96 53.78 16.26
CA ASP C 3 34.67 53.60 16.93
C ASP C 3 34.00 52.28 16.55
N THR C 4 33.86 51.40 17.55
CA THR C 4 33.34 50.05 17.31
C THR C 4 32.06 49.75 18.09
N LEU C 5 31.20 48.94 17.48
CA LEU C 5 30.01 48.43 18.13
C LEU C 5 29.93 46.93 17.88
N CYS C 6 29.84 46.15 18.95
CA CYS C 6 29.84 44.70 18.82
C CYS C 6 28.57 44.06 19.37
N ILE C 7 28.20 42.90 18.82
CA ILE C 7 27.10 42.11 19.33
C ILE C 7 27.67 40.91 20.07
N GLY C 8 27.06 40.54 21.19
CA GLY C 8 27.56 39.44 21.98
C GLY C 8 26.54 38.84 22.95
N TYR C 9 26.95 37.77 23.63
CA TYR C 9 26.07 37.06 24.55
C TYR C 9 26.75 36.79 25.88
N HIS C 10 25.93 36.61 26.92
CA HIS C 10 26.42 36.50 28.30
C HIS C 10 27.13 35.18 28.59
N ALA C 11 28.12 35.25 29.47
CA ALA C 11 28.77 34.06 30.01
C ALA C 11 28.95 34.25 31.50
N ASN C 12 28.97 33.16 32.26
CA ASN C 12 29.11 33.24 33.71
C ASN C 12 29.92 32.10 34.31
N ASN C 13 29.88 32.00 35.64
CA ASN C 13 30.65 30.99 36.35
C ASN C 13 29.90 29.68 36.49
N SER C 14 28.95 29.44 35.58
CA SER C 14 28.13 28.24 35.63
C SER C 14 28.87 26.99 35.20
N THR C 15 28.67 25.90 35.95
CA THR C 15 29.26 24.61 35.62
C THR C 15 28.19 23.60 35.25
N ASP C 16 26.92 24.02 35.33
CA ASP C 16 25.81 23.17 34.95
C ASP C 16 26.04 22.59 33.56
N THR C 17 25.60 21.35 33.36
CA THR C 17 25.67 20.73 32.04
C THR C 17 24.32 20.15 31.65
N VAL C 18 24.05 20.13 30.35
CA VAL C 18 22.85 19.49 29.82
C VAL C 18 23.22 18.78 28.53
N ASP C 19 22.42 17.77 28.18
CA ASP C 19 22.62 17.07 26.92
C ASP C 19 21.64 17.59 25.87
N THR C 20 22.06 17.59 24.62
CA THR C 20 21.19 17.92 23.50
C THR C 20 21.19 16.77 22.52
N VAL C 21 20.25 16.76 21.58
CA VAL C 21 20.18 15.67 20.62
C VAL C 21 21.47 15.56 19.80
N LEU C 22 22.13 16.70 19.59
CA LEU C 22 23.30 16.75 18.71
C LEU C 22 24.64 16.64 19.43
N GLU C 23 24.66 16.95 20.73
CA GLU C 23 25.92 16.94 21.48
C GLU C 23 25.68 16.76 22.96
N LYS C 24 26.55 15.99 23.61
CA LYS C 24 26.39 15.68 25.03
C LYS C 24 27.33 16.54 25.90
N ASN C 25 26.94 16.75 27.15
CA ASN C 25 27.74 17.53 28.08
C ASN C 25 28.01 18.97 27.64
N VAL C 26 26.94 19.71 27.35
CA VAL C 26 27.05 21.11 26.99
C VAL C 26 26.92 21.99 28.23
N THR C 27 27.96 22.74 28.55
CA THR C 27 27.90 23.67 29.67
C THR C 27 27.05 24.87 29.28
N VAL C 28 25.99 25.12 30.06
CA VAL C 28 25.11 26.24 29.77
C VAL C 28 25.09 27.24 30.92
N THR C 29 24.69 28.47 30.62
CA THR C 29 24.63 29.54 31.61
C THR C 29 23.55 29.31 32.67
N HIS C 30 22.36 28.87 32.25
CA HIS C 30 21.26 28.63 33.17
C HIS C 30 20.47 27.38 32.80
N SER C 31 20.01 26.64 33.81
CA SER C 31 19.26 25.41 33.58
C SER C 31 18.28 25.11 34.71
N VAL C 32 17.44 24.10 34.49
CA VAL C 32 16.45 23.72 35.48
C VAL C 32 16.16 22.21 35.42
N ASN C 33 15.88 21.62 36.57
CA ASN C 33 15.62 20.18 36.64
C ASN C 33 14.14 19.85 36.56
N LEU C 34 13.81 18.92 35.65
CA LEU C 34 12.43 18.48 35.49
C LEU C 34 12.18 17.19 36.27
N LEU C 35 13.21 16.66 36.92
CA LEU C 35 13.12 15.37 37.57
C LEU C 35 13.12 15.48 39.10
N GLU C 36 11.99 15.16 39.72
CA GLU C 36 11.91 15.16 41.17
C GLU C 36 12.59 13.91 41.73
N ASP C 37 13.56 14.12 42.61
CA ASP C 37 14.32 13.02 43.16
C ASP C 37 14.38 13.09 44.69
N LYS C 38 13.66 14.05 45.25
CA LYS C 38 13.60 14.23 46.69
C LYS C 38 12.27 13.77 47.28
N HIS C 39 12.34 13.21 48.49
CA HIS C 39 11.15 12.84 49.27
C HIS C 39 11.44 13.09 50.75
N ASN C 40 10.39 13.05 51.57
CA ASN C 40 10.52 13.45 52.97
C ASN C 40 10.62 12.31 54.00
N GLY C 41 10.83 11.08 53.52
CA GLY C 41 10.95 9.93 54.40
C GLY C 41 9.85 9.79 55.44
N LYS C 42 8.65 10.26 55.09
CA LYS C 42 7.52 10.19 55.99
C LYS C 42 6.31 9.58 55.31
N LEU C 43 5.46 8.93 56.11
CA LEU C 43 4.13 8.54 55.67
C LEU C 43 3.17 9.64 56.13
N CYS C 44 2.56 10.33 55.18
CA CYS C 44 1.78 11.53 55.50
C CYS C 44 0.29 11.35 55.25
N LYS C 45 -0.44 12.47 55.28
CA LYS C 45 -1.87 12.45 55.04
C LYS C 45 -2.16 12.66 53.55
N LEU C 46 -3.22 12.00 53.07
CA LEU C 46 -3.74 12.27 51.74
C LEU C 46 -5.08 12.96 51.89
N ARG C 47 -5.37 13.90 51.00
CA ARG C 47 -6.61 14.68 51.08
C ARG C 47 -6.87 15.16 52.51
N GLY C 48 -5.80 15.46 53.24
CA GLY C 48 -5.89 15.91 54.61
C GLY C 48 -6.23 14.81 55.60
N VAL C 49 -6.49 13.62 55.08
CA VAL C 49 -6.87 12.48 55.89
C VAL C 49 -5.70 11.54 56.15
N ALA C 50 -5.39 11.30 57.42
CA ALA C 50 -4.31 10.40 57.80
C ALA C 50 -4.63 8.95 57.47
N PRO C 51 -3.60 8.11 57.33
CA PRO C 51 -3.82 6.70 57.01
C PRO C 51 -4.17 5.87 58.25
N LEU C 52 -4.55 4.63 58.02
CA LEU C 52 -4.81 3.71 59.12
C LEU C 52 -3.58 2.84 59.35
N HIS C 53 -2.86 3.11 60.43
CA HIS C 53 -1.68 2.33 60.75
C HIS C 53 -2.05 1.13 61.62
N LEU C 54 -1.68 -0.06 61.17
CA LEU C 54 -2.06 -1.29 61.87
C LEU C 54 -0.94 -1.85 62.73
N GLY C 55 0.15 -1.10 62.86
CA GLY C 55 1.27 -1.52 63.69
C GLY C 55 1.81 -2.91 63.39
N LYS C 56 1.73 -3.80 64.38
CA LYS C 56 2.29 -5.14 64.25
C LYS C 56 1.29 -6.14 63.67
N CYS C 57 0.04 -5.70 63.51
CA CYS C 57 -1.00 -6.56 62.98
C CYS C 57 -1.23 -6.33 61.50
N ASN C 58 -1.75 -7.34 60.81
CA ASN C 58 -2.17 -7.18 59.43
C ASN C 58 -3.68 -6.90 59.36
N ILE C 59 -4.18 -6.67 58.15
CA ILE C 59 -5.59 -6.36 57.96
C ILE C 59 -6.49 -7.48 58.48
N ALA C 60 -6.10 -8.73 58.26
CA ALA C 60 -6.88 -9.87 58.72
C ALA C 60 -7.06 -9.88 60.24
N GLY C 61 -5.97 -9.73 60.96
CA GLY C 61 -5.99 -9.75 62.40
C GLY C 61 -6.70 -8.54 63.01
N TRP C 62 -6.72 -7.45 62.25
CA TRP C 62 -7.36 -6.22 62.71
C TRP C 62 -8.87 -6.27 62.54
N ILE C 63 -9.32 -6.67 61.36
CA ILE C 63 -10.75 -6.69 61.07
C ILE C 63 -11.46 -7.81 61.83
N LEU C 64 -10.73 -8.88 62.13
CA LEU C 64 -11.31 -10.03 62.83
C LEU C 64 -11.33 -9.84 64.34
N GLY C 65 -10.52 -8.90 64.83
CA GLY C 65 -10.48 -8.61 66.26
C GLY C 65 -9.46 -9.42 67.03
N ASN C 66 -8.38 -9.83 66.37
CA ASN C 66 -7.27 -10.49 67.04
C ASN C 66 -6.90 -9.74 68.33
N PRO C 67 -6.92 -10.44 69.47
CA PRO C 67 -6.67 -9.84 70.79
C PRO C 67 -5.40 -8.99 70.83
N GLU C 68 -4.44 -9.26 69.95
CA GLU C 68 -3.17 -8.54 69.94
C GLU C 68 -3.27 -7.14 69.35
N CYS C 69 -4.36 -6.87 68.65
CA CYS C 69 -4.60 -5.54 68.07
C CYS C 69 -5.80 -4.88 68.73
N GLU C 70 -5.58 -4.14 69.81
CA GLU C 70 -6.68 -3.54 70.57
C GLU C 70 -7.44 -2.47 69.77
N SER C 71 -6.75 -1.82 68.83
CA SER C 71 -7.37 -0.76 68.04
C SER C 71 -8.56 -1.28 67.23
N ALA C 75 -9.64 4.79 63.83
CA ALA C 75 -10.37 6.00 63.45
C ALA C 75 -11.64 5.64 62.69
N SER C 76 -12.30 6.65 62.15
CA SER C 76 -13.55 6.45 61.41
C SER C 76 -13.37 6.81 59.93
N SER C 77 -12.16 7.22 59.58
CA SER C 77 -11.81 7.54 58.21
C SER C 77 -10.32 7.33 57.97
N TRP C 78 -9.96 7.07 56.72
CA TRP C 78 -8.55 6.96 56.35
C TRP C 78 -8.38 6.94 54.84
N SER C 79 -7.28 7.52 54.38
CA SER C 79 -7.01 7.64 52.95
C SER C 79 -6.35 6.39 52.39
N TYR C 80 -5.68 5.65 53.28
CA TYR C 80 -5.04 4.39 52.90
C TYR C 80 -4.57 3.65 54.15
N ILE C 81 -4.14 2.40 53.96
CA ILE C 81 -3.71 1.56 55.07
C ILE C 81 -2.20 1.32 55.04
N VAL C 82 -1.60 1.27 56.22
CA VAL C 82 -0.17 0.97 56.33
C VAL C 82 0.05 -0.29 57.13
N GLU C 83 0.77 -1.25 56.54
CA GLU C 83 1.17 -2.46 57.25
C GLU C 83 2.69 -2.54 57.32
N THR C 84 3.22 -2.75 58.53
CA THR C 84 4.66 -2.94 58.67
C THR C 84 5.05 -4.28 58.05
N PRO C 85 6.21 -4.33 57.39
CA PRO C 85 6.70 -5.55 56.74
C PRO C 85 6.79 -6.72 57.72
N SER C 86 6.81 -6.42 59.00
CA SER C 86 6.92 -7.44 60.03
C SER C 86 5.58 -7.66 60.73
N SER C 87 4.51 -7.71 59.94
CA SER C 87 3.17 -7.88 60.47
C SER C 87 2.67 -9.32 60.33
N ASP C 88 2.91 -10.12 61.36
CA ASP C 88 2.44 -11.50 61.38
C ASP C 88 1.00 -11.56 61.88
N ASN C 89 0.73 -10.79 62.94
CA ASN C 89 -0.53 -10.87 63.67
C ASN C 89 -1.82 -10.75 62.83
N GLY C 90 -2.28 -11.89 62.32
CA GLY C 90 -3.50 -11.94 61.54
C GLY C 90 -4.38 -13.09 61.97
N THR C 91 -4.54 -14.08 61.09
CA THR C 91 -5.29 -15.28 61.42
C THR C 91 -4.49 -16.16 62.38
N CYS C 92 -4.77 -16.00 63.67
CA CYS C 92 -4.10 -16.81 64.69
C CYS C 92 -4.52 -18.28 64.63
N TYR C 93 -5.79 -18.53 64.31
CA TYR C 93 -6.23 -19.90 64.08
C TYR C 93 -6.09 -20.19 62.59
N PRO C 94 -5.31 -21.22 62.25
CA PRO C 94 -4.91 -21.50 60.86
C PRO C 94 -6.12 -21.83 59.98
N GLY C 95 -6.14 -21.26 58.77
CA GLY C 95 -7.21 -21.54 57.84
C GLY C 95 -7.16 -20.69 56.59
N ASP C 96 -8.21 -20.76 55.79
CA ASP C 96 -8.28 -20.03 54.53
C ASP C 96 -9.13 -18.76 54.66
N PHE C 97 -8.56 -17.61 54.34
CA PHE C 97 -9.30 -16.36 54.37
C PHE C 97 -9.79 -16.02 52.97
N ILE C 98 -11.08 -16.26 52.73
CA ILE C 98 -11.65 -16.17 51.39
C ILE C 98 -11.76 -14.74 50.85
N ASP C 99 -11.23 -14.55 49.64
CA ASP C 99 -11.22 -13.25 48.98
C ASP C 99 -10.57 -12.19 49.85
N TYR C 100 -9.49 -12.58 50.54
CA TYR C 100 -8.75 -11.68 51.42
C TYR C 100 -8.22 -10.44 50.69
N GLU C 101 -7.59 -10.65 49.54
CA GLU C 101 -7.10 -9.53 48.74
C GLU C 101 -8.21 -8.53 48.40
N GLU C 102 -9.35 -9.05 47.96
CA GLU C 102 -10.49 -8.20 47.63
C GLU C 102 -10.94 -7.35 48.82
N LEU C 103 -10.99 -7.96 49.99
CA LEU C 103 -11.38 -7.25 51.20
C LEU C 103 -10.39 -6.15 51.52
N ARG C 104 -9.11 -6.48 51.45
CA ARG C 104 -8.06 -5.51 51.72
C ARG C 104 -8.20 -4.29 50.82
N GLU C 105 -8.34 -4.55 49.52
CA GLU C 105 -8.56 -3.51 48.53
C GLU C 105 -9.75 -2.63 48.88
N GLN C 106 -10.87 -3.27 49.21
CA GLN C 106 -12.12 -2.55 49.47
C GLN C 106 -12.09 -1.75 50.77
N LEU C 107 -11.16 -2.10 51.67
CA LEU C 107 -10.99 -1.38 52.93
C LEU C 107 -9.88 -0.34 52.85
N SER C 108 -9.26 -0.20 51.68
CA SER C 108 -8.11 0.68 51.53
C SER C 108 -8.44 2.13 51.84
N SER C 109 -9.66 2.54 51.51
CA SER C 109 -10.10 3.89 51.82
C SER C 109 -11.58 3.93 52.15
N VAL C 110 -11.89 4.44 53.34
CA VAL C 110 -13.27 4.61 53.76
C VAL C 110 -13.48 6.05 54.24
N SER C 111 -14.65 6.60 53.95
CA SER C 111 -14.96 7.96 54.38
C SER C 111 -15.72 7.92 55.70
N SER C 112 -16.22 6.74 56.05
CA SER C 112 -16.96 6.53 57.29
C SER C 112 -16.88 5.06 57.66
N PHE C 113 -16.71 4.77 58.96
CA PHE C 113 -16.48 3.41 59.42
C PHE C 113 -16.92 3.25 60.87
N GLU C 114 -17.85 2.34 61.13
CA GLU C 114 -18.41 2.17 62.47
C GLU C 114 -18.52 0.71 62.88
N ARG C 115 -17.84 0.35 63.97
CA ARG C 115 -17.96 -0.98 64.54
C ARG C 115 -19.15 -1.03 65.47
N PHE C 116 -20.09 -1.94 65.21
CA PHE C 116 -21.23 -2.10 66.10
C PHE C 116 -21.45 -3.58 66.39
N GLU C 117 -22.13 -3.86 67.48
CA GLU C 117 -22.39 -5.23 67.89
C GLU C 117 -23.66 -5.73 67.20
N ILE C 118 -23.48 -6.45 66.10
CA ILE C 118 -24.58 -6.91 65.27
C ILE C 118 -25.39 -8.01 65.95
N PHE C 119 -24.70 -8.92 66.62
CA PHE C 119 -25.34 -9.99 67.37
C PHE C 119 -24.88 -9.98 68.82
N PRO C 120 -25.50 -9.14 69.66
CA PRO C 120 -25.16 -9.00 71.07
C PRO C 120 -24.87 -10.34 71.73
N LYS C 121 -23.75 -10.45 72.42
CA LYS C 121 -23.28 -11.71 72.97
C LYS C 121 -24.20 -12.29 74.04
N THR C 122 -24.79 -11.40 74.84
CA THR C 122 -25.56 -11.81 76.00
C THR C 122 -26.94 -12.37 75.66
N SER C 123 -27.54 -11.87 74.59
CA SER C 123 -28.93 -12.22 74.31
C SER C 123 -29.17 -13.03 73.03
N SER C 124 -28.11 -13.25 72.26
CA SER C 124 -28.28 -13.85 70.92
C SER C 124 -28.27 -15.38 70.90
N TRP C 125 -27.64 -16.00 71.89
CA TRP C 125 -27.45 -17.44 71.82
C TRP C 125 -27.79 -18.13 73.14
N PRO C 126 -29.09 -18.16 73.50
CA PRO C 126 -29.57 -18.75 74.75
C PRO C 126 -29.52 -20.28 74.76
N ASN C 127 -29.35 -20.88 73.60
CA ASN C 127 -29.30 -22.35 73.51
C ASN C 127 -27.91 -22.87 73.17
N HIS C 128 -26.95 -21.97 73.12
CA HIS C 128 -25.57 -22.33 72.80
C HIS C 128 -24.58 -21.67 73.73
N ASP C 129 -23.42 -22.29 73.89
CA ASP C 129 -22.39 -21.76 74.76
C ASP C 129 -21.48 -20.80 73.99
N SER C 130 -21.40 -19.56 74.47
CA SER C 130 -20.57 -18.56 73.84
C SER C 130 -19.45 -18.06 74.77
N ASN C 131 -18.91 -18.97 75.59
CA ASN C 131 -17.85 -18.60 76.54
C ASN C 131 -16.62 -19.49 76.46
N LYS C 132 -16.77 -20.70 75.93
CA LYS C 132 -15.67 -21.67 75.88
C LYS C 132 -14.91 -21.61 74.56
N GLY C 133 -15.24 -20.61 73.73
CA GLY C 133 -14.71 -20.54 72.38
C GLY C 133 -13.37 -19.85 72.31
N VAL C 134 -12.35 -20.47 72.91
CA VAL C 134 -11.01 -19.90 72.91
C VAL C 134 -9.99 -20.95 72.52
N THR C 135 -8.79 -20.51 72.19
CA THR C 135 -7.74 -21.42 71.75
C THR C 135 -6.36 -20.85 72.07
N ALA C 136 -5.39 -21.74 72.22
CA ALA C 136 -4.00 -21.35 72.47
C ALA C 136 -3.37 -20.76 71.21
N ALA C 137 -4.04 -20.93 70.09
CA ALA C 137 -3.54 -20.41 68.82
C ALA C 137 -3.74 -18.90 68.72
N CYS C 138 -4.72 -18.37 69.46
CA CYS C 138 -4.99 -16.93 69.47
C CYS C 138 -4.92 -16.39 70.89
N PRO C 139 -3.73 -16.43 71.49
CA PRO C 139 -3.58 -16.07 72.91
C PRO C 139 -3.75 -14.57 73.17
N HIS C 140 -4.31 -14.25 74.33
CA HIS C 140 -4.33 -12.87 74.81
C HIS C 140 -3.60 -12.84 76.14
N ALA C 141 -2.50 -12.09 76.19
CA ALA C 141 -1.65 -12.06 77.38
C ALA C 141 -1.28 -13.47 77.83
N GLY C 142 -0.99 -14.34 76.87
CA GLY C 142 -0.54 -15.69 77.15
C GLY C 142 -1.65 -16.68 77.41
N ALA C 143 -2.87 -16.16 77.57
CA ALA C 143 -4.01 -16.99 77.88
C ALA C 143 -4.82 -17.33 76.63
N LYS C 144 -5.40 -18.53 76.61
CA LYS C 144 -6.25 -18.95 75.50
C LYS C 144 -7.33 -17.90 75.24
N SER C 145 -7.44 -17.44 73.99
CA SER C 145 -8.42 -16.44 73.64
C SER C 145 -8.95 -16.67 72.23
N PHE C 146 -9.48 -15.61 71.62
CA PHE C 146 -10.07 -15.74 70.30
C PHE C 146 -10.36 -14.36 69.71
N TYR C 147 -10.76 -14.33 68.45
CA TYR C 147 -11.09 -13.07 67.79
C TYR C 147 -12.17 -12.35 68.58
N LYS C 148 -11.98 -11.06 68.80
CA LYS C 148 -12.92 -10.27 69.58
C LYS C 148 -14.21 -10.01 68.80
N ASN C 149 -14.13 -10.03 67.47
CA ASN C 149 -15.26 -9.66 66.63
C ASN C 149 -16.17 -10.83 66.24
N LEU C 150 -15.70 -12.04 66.51
CA LEU C 150 -16.48 -13.24 66.23
C LEU C 150 -16.71 -13.99 67.52
N ILE C 151 -17.62 -14.96 67.48
CA ILE C 151 -17.78 -15.87 68.60
C ILE C 151 -17.82 -17.32 68.13
N TRP C 152 -16.96 -18.13 68.74
CA TRP C 152 -16.87 -19.54 68.43
C TRP C 152 -17.88 -20.28 69.30
N LEU C 153 -19.07 -20.51 68.75
CA LEU C 153 -20.15 -21.20 69.49
C LEU C 153 -19.92 -22.70 69.59
N VAL C 154 -20.16 -23.23 70.78
CA VAL C 154 -20.08 -24.68 70.99
C VAL C 154 -21.38 -25.18 71.60
N LYS C 155 -21.58 -26.49 71.58
CA LYS C 155 -22.78 -27.06 72.15
C LYS C 155 -22.90 -26.65 73.61
N LYS C 156 -24.11 -26.69 74.13
CA LYS C 156 -24.32 -26.46 75.55
C LYS C 156 -24.99 -27.68 76.18
N GLY C 157 -24.35 -28.23 77.22
CA GLY C 157 -24.88 -29.37 77.93
C GLY C 157 -25.14 -30.56 77.04
N ASN C 158 -24.18 -30.87 76.18
CA ASN C 158 -24.24 -32.05 75.31
C ASN C 158 -25.31 -31.94 74.20
N SER C 159 -25.71 -30.71 73.90
CA SER C 159 -26.72 -30.49 72.86
C SER C 159 -26.44 -29.23 72.04
N TYR C 160 -26.47 -29.37 70.72
CA TYR C 160 -26.31 -28.24 69.81
C TYR C 160 -27.57 -28.13 68.95
N PRO C 161 -28.53 -27.31 69.40
CA PRO C 161 -29.79 -27.13 68.68
C PRO C 161 -29.52 -26.43 67.36
N LYS C 162 -30.44 -26.54 66.40
CA LYS C 162 -30.29 -25.83 65.15
C LYS C 162 -30.47 -24.34 65.43
N LEU C 163 -29.49 -23.53 65.02
CA LEU C 163 -29.59 -22.10 65.26
C LEU C 163 -29.98 -21.36 63.99
N SER C 164 -30.71 -20.27 64.15
CA SER C 164 -31.18 -19.47 63.03
C SER C 164 -31.31 -18.01 63.47
N LYS C 165 -30.47 -17.15 62.89
CA LYS C 165 -30.43 -15.75 63.30
C LYS C 165 -30.26 -14.86 62.08
N SER C 166 -31.07 -13.81 62.00
CA SER C 166 -31.01 -12.90 60.88
C SER C 166 -30.71 -11.48 61.34
N TYR C 167 -30.10 -10.69 60.46
CA TYR C 167 -29.88 -9.28 60.73
C TYR C 167 -30.36 -8.44 59.55
N ILE C 168 -31.08 -7.37 59.85
CA ILE C 168 -31.57 -6.47 58.82
C ILE C 168 -30.78 -5.17 58.90
N ASN C 169 -30.22 -4.76 57.76
CA ASN C 169 -29.37 -3.58 57.70
C ASN C 169 -30.15 -2.27 57.75
N ASP C 170 -30.47 -1.83 58.97
CA ASP C 170 -31.18 -0.56 59.17
C ASP C 170 -30.22 0.63 59.17
N LYS C 171 -28.93 0.35 58.98
CA LYS C 171 -27.96 1.41 58.79
C LYS C 171 -28.23 2.08 57.45
N GLY C 172 -27.56 3.19 57.18
CA GLY C 172 -27.77 3.89 55.93
C GLY C 172 -26.61 3.69 54.99
N LYS C 173 -25.98 2.53 55.10
CA LYS C 173 -24.74 2.27 54.37
C LYS C 173 -24.45 0.77 54.37
N GLU C 174 -23.36 0.40 53.70
CA GLU C 174 -22.95 -1.01 53.66
C GLU C 174 -22.51 -1.50 55.02
N VAL C 175 -22.90 -2.73 55.33
CA VAL C 175 -22.43 -3.38 56.55
C VAL C 175 -21.52 -4.53 56.20
N LEU C 176 -20.28 -4.46 56.68
CA LEU C 176 -19.33 -5.55 56.52
C LEU C 176 -19.55 -6.61 57.58
N VAL C 177 -19.91 -7.81 57.14
CA VAL C 177 -20.15 -8.92 58.07
C VAL C 177 -19.14 -10.05 57.85
N LEU C 178 -18.41 -10.40 58.90
CA LEU C 178 -17.45 -11.49 58.83
C LEU C 178 -17.86 -12.64 59.75
N TRP C 179 -17.57 -13.87 59.33
CA TRP C 179 -17.87 -15.05 60.12
C TRP C 179 -16.88 -16.16 59.77
N GLY C 180 -16.96 -17.28 60.48
CA GLY C 180 -16.05 -18.39 60.25
C GLY C 180 -16.71 -19.75 60.24
N ILE C 181 -16.02 -20.73 59.67
CA ILE C 181 -16.48 -22.11 59.65
C ILE C 181 -15.37 -22.99 60.16
N HIS C 182 -15.60 -23.68 61.28
CA HIS C 182 -14.57 -24.48 61.90
C HIS C 182 -14.59 -25.94 61.46
N HIS C 183 -13.39 -26.49 61.25
CA HIS C 183 -13.25 -27.86 60.80
C HIS C 183 -12.41 -28.65 61.80
N PRO C 184 -13.07 -29.40 62.69
CA PRO C 184 -12.34 -30.23 63.65
C PRO C 184 -11.49 -31.26 62.91
N SER C 185 -10.41 -31.70 63.53
CA SER C 185 -9.51 -32.67 62.91
C SER C 185 -10.02 -34.11 63.00
N THR C 186 -10.90 -34.38 63.95
CA THR C 186 -11.45 -35.73 64.12
C THR C 186 -12.93 -35.69 64.45
N SER C 187 -13.63 -36.78 64.14
CA SER C 187 -15.04 -36.91 64.49
C SER C 187 -15.26 -36.81 65.99
N ALA C 188 -14.25 -37.19 66.77
CA ALA C 188 -14.33 -37.09 68.22
C ALA C 188 -14.42 -35.64 68.65
N ASP C 189 -13.63 -34.77 68.02
CA ASP C 189 -13.65 -33.35 68.33
C ASP C 189 -14.95 -32.71 67.86
N GLN C 190 -15.39 -33.09 66.67
CA GLN C 190 -16.65 -32.60 66.12
C GLN C 190 -17.77 -32.83 67.12
N GLN C 191 -17.87 -34.06 67.61
CA GLN C 191 -18.92 -34.43 68.54
C GLN C 191 -18.71 -33.76 69.90
N SER C 192 -17.45 -33.61 70.31
CA SER C 192 -17.13 -32.94 71.56
C SER C 192 -17.52 -31.47 71.53
N LEU C 193 -17.41 -30.85 70.36
CA LEU C 193 -17.70 -29.42 70.23
C LEU C 193 -19.15 -29.13 69.84
N TYR C 194 -19.68 -29.93 68.93
CA TYR C 194 -20.97 -29.63 68.30
C TYR C 194 -21.98 -30.75 68.44
N GLN C 195 -21.53 -31.91 68.92
CA GLN C 195 -22.41 -33.04 69.16
C GLN C 195 -22.87 -33.75 67.88
N ASN C 196 -23.48 -33.00 66.98
CA ASN C 196 -24.28 -33.57 65.89
C ASN C 196 -23.57 -34.41 64.82
N ALA C 197 -22.24 -34.32 64.75
CA ALA C 197 -21.47 -35.16 63.83
C ALA C 197 -21.56 -34.76 62.36
N ASP C 198 -22.76 -34.83 61.79
CA ASP C 198 -22.96 -34.45 60.40
C ASP C 198 -23.74 -33.15 60.32
N THR C 199 -23.02 -32.02 60.23
CA THR C 199 -23.64 -30.71 60.34
C THR C 199 -23.59 -29.89 59.06
N TYR C 200 -24.15 -28.69 59.11
CA TYR C 200 -24.10 -27.77 57.99
C TYR C 200 -24.20 -26.33 58.47
N VAL C 201 -23.67 -25.41 57.67
CA VAL C 201 -23.83 -23.99 57.91
C VAL C 201 -24.33 -23.33 56.64
N PHE C 202 -25.38 -22.52 56.77
CA PHE C 202 -25.91 -21.80 55.62
C PHE C 202 -25.92 -20.31 55.90
N VAL C 203 -25.36 -19.54 54.99
CA VAL C 203 -25.41 -18.08 55.06
C VAL C 203 -25.99 -17.53 53.77
N CYS C 204 -26.96 -16.63 53.88
CA CYS C 204 -27.56 -16.02 52.69
C CYS C 204 -28.21 -14.68 52.98
N SER C 205 -27.93 -13.71 52.12
CA SER C 205 -28.64 -12.44 52.13
C SER C 205 -29.62 -12.44 50.97
N SER C 206 -29.82 -11.28 50.36
CA SER C 206 -30.60 -11.21 49.13
C SER C 206 -29.70 -11.39 47.91
N ARG C 207 -28.40 -11.14 48.11
CA ARG C 207 -27.40 -11.31 47.06
C ARG C 207 -26.61 -12.59 47.28
N TYR C 208 -26.17 -12.78 48.52
CA TYR C 208 -25.22 -13.85 48.87
C TYR C 208 -25.92 -15.15 49.24
N SER C 209 -25.26 -16.27 48.96
CA SER C 209 -25.82 -17.57 49.29
C SER C 209 -24.78 -18.67 49.16
N LYS C 210 -24.47 -19.33 50.28
CA LYS C 210 -23.50 -20.43 50.27
C LYS C 210 -23.75 -21.41 51.41
N LYS C 211 -23.62 -22.70 51.11
CA LYS C 211 -23.74 -23.74 52.12
C LYS C 211 -22.36 -24.28 52.50
N PHE C 212 -22.15 -24.50 53.79
CA PHE C 212 -20.86 -24.99 54.27
C PHE C 212 -21.01 -26.33 54.96
N LYS C 213 -20.06 -27.22 54.70
CA LYS C 213 -20.06 -28.55 55.29
C LYS C 213 -18.68 -28.76 55.92
N PRO C 214 -18.65 -29.25 57.17
CA PRO C 214 -17.36 -29.45 57.82
C PRO C 214 -16.53 -30.49 57.07
N GLU C 215 -15.23 -30.23 56.99
CA GLU C 215 -14.30 -31.13 56.32
C GLU C 215 -13.32 -31.64 57.37
N ILE C 216 -13.58 -32.85 57.85
CA ILE C 216 -12.86 -33.39 59.00
C ILE C 216 -11.69 -34.27 58.58
N ALA C 217 -10.49 -33.85 58.97
CA ALA C 217 -9.27 -34.61 58.72
C ALA C 217 -8.16 -34.01 59.56
N ILE C 218 -7.14 -34.82 59.84
CA ILE C 218 -5.98 -34.35 60.57
C ILE C 218 -5.00 -33.71 59.59
N CYS C 219 -4.87 -32.40 59.66
CA CYS C 219 -3.95 -31.65 58.80
C CYS C 219 -2.71 -31.24 59.57
N PRO C 220 -1.62 -30.95 58.85
CA PRO C 220 -0.35 -30.51 59.47
C PRO C 220 -0.57 -29.42 60.51
N LYS C 221 0.03 -29.60 61.69
CA LYS C 221 -0.09 -28.62 62.76
C LYS C 221 0.39 -27.25 62.32
N VAL C 222 -0.45 -26.24 62.56
CA VAL C 222 -0.03 -24.86 62.36
C VAL C 222 -0.45 -24.08 63.60
N ARG C 223 0.53 -23.55 64.31
CA ARG C 223 0.30 -22.97 65.62
C ARG C 223 -0.37 -24.03 66.50
N ASP C 224 0.12 -25.26 66.36
CA ASP C 224 -0.26 -26.38 67.20
C ASP C 224 -1.67 -26.94 66.95
N GLN C 225 -2.33 -26.42 65.92
CA GLN C 225 -3.67 -26.86 65.56
C GLN C 225 -3.64 -27.76 64.34
N GLU C 226 -4.25 -28.94 64.44
CA GLU C 226 -4.36 -29.85 63.30
C GLU C 226 -5.62 -29.58 62.49
N GLY C 227 -6.56 -28.86 63.10
CA GLY C 227 -7.79 -28.49 62.44
C GLY C 227 -7.64 -27.16 61.73
N ARG C 228 -8.71 -26.71 61.09
CA ARG C 228 -8.68 -25.49 60.31
C ARG C 228 -9.94 -24.67 60.53
N MET C 229 -9.84 -23.36 60.34
CA MET C 229 -10.98 -22.47 60.41
C MET C 229 -10.95 -21.50 59.22
N ASN C 230 -11.93 -21.61 58.33
CA ASN C 230 -12.01 -20.72 57.18
C ASN C 230 -12.86 -19.49 57.48
N TYR C 231 -12.40 -18.34 56.99
CA TYR C 231 -13.07 -17.07 57.26
C TYR C 231 -13.76 -16.51 56.02
N TYR C 232 -14.96 -15.99 56.23
CA TYR C 232 -15.76 -15.46 55.13
C TYR C 232 -16.30 -14.08 55.48
N TRP C 233 -16.73 -13.34 54.46
CA TRP C 233 -17.22 -11.99 54.65
C TRP C 233 -18.09 -11.59 53.47
N THR C 234 -18.92 -10.57 53.68
CA THR C 234 -19.73 -10.02 52.62
C THR C 234 -20.21 -8.64 53.04
N LEU C 235 -20.54 -7.80 52.06
CA LEU C 235 -21.12 -6.50 52.37
C LEU C 235 -22.63 -6.59 52.21
N VAL C 236 -23.34 -6.29 53.28
CA VAL C 236 -24.80 -6.29 53.23
C VAL C 236 -25.30 -4.89 52.88
N GLU C 237 -25.96 -4.78 51.73
CA GLU C 237 -26.48 -3.51 51.24
C GLU C 237 -27.53 -2.93 52.18
N PRO C 238 -27.64 -1.60 52.23
CA PRO C 238 -28.65 -0.93 53.05
C PRO C 238 -30.05 -1.54 52.84
N GLY C 239 -30.73 -1.87 53.92
CA GLY C 239 -32.07 -2.41 53.85
C GLY C 239 -32.12 -3.91 53.63
N ASP C 240 -31.00 -4.49 53.25
CA ASP C 240 -30.92 -5.93 52.99
C ASP C 240 -30.87 -6.74 54.29
N LYS C 241 -31.12 -8.03 54.19
CA LYS C 241 -31.03 -8.92 55.34
C LYS C 241 -30.07 -10.07 55.08
N ILE C 242 -29.33 -10.46 56.12
CA ILE C 242 -28.49 -11.64 56.05
C ILE C 242 -28.91 -12.65 57.11
N THR C 243 -29.00 -13.91 56.70
CA THR C 243 -29.49 -14.97 57.59
C THR C 243 -28.44 -16.06 57.81
N PHE C 244 -28.19 -16.38 59.07
CA PHE C 244 -27.29 -17.46 59.43
C PHE C 244 -28.09 -18.64 59.98
N GLU C 245 -27.74 -19.84 59.54
CA GLU C 245 -28.43 -21.04 60.02
C GLU C 245 -27.43 -22.19 60.13
N ALA C 246 -27.36 -22.82 61.30
CA ALA C 246 -26.34 -23.84 61.52
C ALA C 246 -26.75 -24.94 62.50
N THR C 247 -26.25 -26.14 62.24
CA THR C 247 -26.36 -27.24 63.19
C THR C 247 -25.01 -27.52 63.83
N GLY C 248 -24.05 -26.62 63.57
CA GLY C 248 -22.72 -26.72 64.16
C GLY C 248 -21.63 -26.08 63.32
N ASN C 249 -20.43 -25.99 63.89
CA ASN C 249 -19.25 -25.54 63.13
C ASN C 249 -19.26 -24.06 62.73
N LEU C 250 -20.30 -23.33 63.16
CA LEU C 250 -20.41 -21.92 62.82
C LEU C 250 -19.74 -21.02 63.86
N VAL C 251 -18.87 -20.13 63.37
CA VAL C 251 -18.27 -19.10 64.19
C VAL C 251 -19.00 -17.80 63.90
N VAL C 252 -20.00 -17.50 64.72
CA VAL C 252 -20.95 -16.43 64.45
C VAL C 252 -20.33 -15.04 64.57
N PRO C 253 -20.91 -14.06 63.85
CA PRO C 253 -20.52 -12.65 63.95
C PRO C 253 -20.87 -12.10 65.31
N ARG C 254 -20.05 -11.19 65.83
CA ARG C 254 -20.43 -10.45 67.02
C ARG C 254 -20.41 -8.96 66.74
N TYR C 255 -19.32 -8.50 66.13
CA TYR C 255 -19.19 -7.12 65.70
C TYR C 255 -19.11 -7.01 64.18
N ALA C 256 -19.86 -6.07 63.62
CA ALA C 256 -19.85 -5.83 62.19
C ALA C 256 -19.55 -4.35 61.96
N PHE C 257 -19.33 -3.97 60.70
CA PHE C 257 -18.88 -2.61 60.40
C PHE C 257 -19.71 -1.89 59.34
N ALA C 258 -20.44 -0.86 59.77
CA ALA C 258 -21.12 0.02 58.83
C ALA C 258 -20.10 0.98 58.25
N MET C 259 -20.10 1.14 56.93
CA MET C 259 -19.04 1.90 56.26
C MET C 259 -19.47 2.49 54.92
N GLU C 260 -18.82 3.58 54.54
CA GLU C 260 -19.00 4.20 53.24
C GLU C 260 -17.70 4.09 52.45
N ARG C 261 -17.64 3.14 51.52
CA ARG C 261 -16.42 2.89 50.77
C ARG C 261 -16.09 4.07 49.87
N ASN C 262 -14.80 4.26 49.59
CA ASN C 262 -14.33 5.50 49.03
C ASN C 262 -13.50 5.31 47.75
N ALA C 263 -14.12 5.57 46.61
CA ALA C 263 -13.44 5.53 45.31
C ALA C 263 -12.54 4.31 45.17
N GLY C 264 -11.28 4.46 45.57
CA GLY C 264 -10.33 3.35 45.52
C GLY C 264 -8.92 3.79 45.85
N SER C 265 -8.40 3.30 46.96
CA SER C 265 -7.05 3.66 47.40
C SER C 265 -6.10 2.47 47.39
N GLY C 266 -5.18 2.43 48.35
CA GLY C 266 -4.17 1.39 48.36
C GLY C 266 -3.64 1.01 49.72
N ILE C 267 -2.77 0.01 49.73
CA ILE C 267 -2.15 -0.46 50.96
C ILE C 267 -0.64 -0.40 50.85
N ILE C 268 -0.01 0.41 51.70
CA ILE C 268 1.44 0.52 51.71
C ILE C 268 2.04 -0.36 52.81
N ILE C 269 3.00 -1.20 52.43
CA ILE C 269 3.64 -2.10 53.37
C ILE C 269 5.07 -1.65 53.61
N SER C 270 5.26 -0.76 54.58
CA SER C 270 6.55 -0.14 54.81
C SER C 270 6.83 0.08 56.31
N ASP C 271 8.10 0.19 56.66
CA ASP C 271 8.51 0.49 58.03
C ASP C 271 8.59 2.00 58.23
N THR C 272 8.33 2.75 57.17
CA THR C 272 8.45 4.20 57.22
C THR C 272 7.48 4.79 58.25
N PRO C 273 8.01 5.62 59.16
CA PRO C 273 7.22 6.22 60.24
C PRO C 273 6.12 7.13 59.70
N VAL C 274 5.01 7.20 60.43
CA VAL C 274 3.93 8.09 60.08
C VAL C 274 4.06 9.38 60.89
N HIS C 275 3.91 10.52 60.23
CA HIS C 275 4.01 11.81 60.91
C HIS C 275 2.80 12.70 60.66
N ASP C 276 2.85 13.92 61.17
CA ASP C 276 1.77 14.87 61.05
C ASP C 276 2.00 15.82 59.88
N CYS C 277 2.16 15.25 58.68
CA CYS C 277 2.42 16.05 57.49
C CYS C 277 1.37 15.80 56.42
N ASN C 278 1.37 16.66 55.39
CA ASN C 278 0.39 16.58 54.32
C ASN C 278 1.05 16.39 52.96
N THR C 279 0.37 15.67 52.07
CA THR C 279 0.91 15.40 50.74
C THR C 279 -0.18 15.07 49.73
N THR C 280 0.16 15.14 48.44
CA THR C 280 -0.75 14.72 47.38
C THR C 280 -0.25 13.44 46.73
N CYS C 281 1.01 13.09 46.99
CA CYS C 281 1.61 11.89 46.42
C CYS C 281 2.43 11.13 47.45
N GLN C 282 2.01 9.89 47.74
CA GLN C 282 2.67 9.09 48.76
C GLN C 282 3.50 7.95 48.17
N THR C 283 4.68 7.73 48.75
CA THR C 283 5.56 6.63 48.38
C THR C 283 5.83 5.78 49.62
N PRO C 284 6.07 4.47 49.44
CA PRO C 284 6.44 3.64 50.59
C PRO C 284 7.70 4.15 51.28
N LYS C 285 8.51 4.95 50.59
CA LYS C 285 9.76 5.47 51.13
C LYS C 285 9.62 6.87 51.71
N GLY C 286 8.53 7.55 51.35
CA GLY C 286 8.31 8.92 51.79
C GLY C 286 7.36 9.64 50.86
N ALA C 287 6.95 10.84 51.26
CA ALA C 287 6.00 11.63 50.46
C ALA C 287 6.70 12.53 49.46
N ILE C 288 6.03 12.79 48.34
CA ILE C 288 6.57 13.62 47.28
C ILE C 288 5.81 14.94 47.19
N ASN C 289 6.45 16.02 47.63
CA ASN C 289 5.88 17.35 47.50
C ASN C 289 6.56 18.08 46.36
N THR C 290 6.03 17.90 45.15
CA THR C 290 6.68 18.44 43.95
C THR C 290 5.69 18.98 42.92
N SER C 291 6.18 19.93 42.13
CA SER C 291 5.41 20.47 41.02
C SER C 291 5.97 19.95 39.69
N LEU C 292 7.00 19.12 39.77
CA LEU C 292 7.64 18.59 38.57
C LEU C 292 6.88 17.41 37.97
N PRO C 293 7.00 17.22 36.64
CA PRO C 293 6.22 16.21 35.91
C PRO C 293 6.77 14.80 36.04
N PHE C 294 8.05 14.65 36.38
CA PHE C 294 8.66 13.34 36.47
C PHE C 294 9.29 13.07 37.82
N GLN C 295 9.41 11.78 38.16
CA GLN C 295 9.86 11.36 39.48
C GLN C 295 10.57 10.00 39.38
N ASN C 296 11.60 9.81 40.20
CA ASN C 296 12.33 8.55 40.23
C ASN C 296 12.47 7.97 41.64
N ILE C 297 11.60 8.40 42.55
CA ILE C 297 11.60 7.90 43.92
C ILE C 297 11.08 6.47 44.01
N HIS C 298 9.91 6.23 43.40
CA HIS C 298 9.24 4.95 43.51
C HIS C 298 8.11 4.81 42.51
N PRO C 299 7.99 3.64 41.86
CA PRO C 299 6.91 3.38 40.91
C PRO C 299 5.56 3.18 41.60
N ILE C 300 5.58 2.61 42.80
CA ILE C 300 4.31 2.34 43.50
C ILE C 300 3.92 3.50 44.38
N THR C 301 3.12 4.41 43.83
CA THR C 301 2.70 5.59 44.57
C THR C 301 1.18 5.64 44.71
N ILE C 302 0.70 6.51 45.59
CA ILE C 302 -0.73 6.71 45.76
C ILE C 302 -1.05 8.20 45.78
N GLY C 303 -1.94 8.61 44.90
CA GLY C 303 -2.38 9.99 44.86
C GLY C 303 -2.21 10.63 43.50
N LYS C 304 -2.04 11.94 43.50
CA LYS C 304 -1.82 12.70 42.28
C LYS C 304 -0.32 12.96 42.14
N CYS C 305 0.35 12.04 41.44
CA CYS C 305 1.81 12.01 41.41
C CYS C 305 2.40 12.31 40.04
N PRO C 306 3.68 12.70 40.00
CA PRO C 306 4.44 12.85 38.76
C PRO C 306 4.73 11.48 38.18
N LYS C 307 4.99 11.39 36.88
CA LYS C 307 5.26 10.10 36.26
C LYS C 307 6.60 9.53 36.71
N TYR C 308 6.66 8.21 36.89
CA TYR C 308 7.88 7.53 37.32
C TYR C 308 8.75 7.19 36.15
N VAL C 309 10.02 7.60 36.21
CA VAL C 309 10.98 7.28 35.18
C VAL C 309 12.24 6.72 35.83
N LYS C 310 12.99 5.94 35.08
CA LYS C 310 14.26 5.44 35.60
C LYS C 310 15.42 6.35 35.23
N SER C 311 15.10 7.60 34.89
CA SER C 311 16.12 8.60 34.62
C SER C 311 16.81 8.97 35.92
N THR C 312 18.09 9.34 35.82
CA THR C 312 18.82 9.83 36.98
C THR C 312 18.92 11.34 36.88
N LYS C 313 18.86 11.84 35.65
CA LYS C 313 19.00 13.27 35.38
C LYS C 313 18.15 13.70 34.19
N LEU C 314 17.33 14.73 34.39
CA LEU C 314 16.57 15.33 33.32
C LEU C 314 16.69 16.85 33.40
N ARG C 315 17.81 17.37 32.91
CA ARG C 315 18.10 18.80 33.04
C ARG C 315 17.74 19.61 31.79
N LEU C 316 16.82 20.54 31.98
CA LEU C 316 16.33 21.38 30.89
C LEU C 316 17.16 22.65 30.76
N ALA C 317 17.63 22.94 29.57
CA ALA C 317 18.34 24.19 29.31
C ALA C 317 17.38 25.37 29.31
N THR C 318 17.78 26.43 30.00
CA THR C 318 17.04 27.69 29.96
C THR C 318 17.90 28.77 29.30
N GLY C 319 19.14 28.87 29.75
CA GLY C 319 20.09 29.80 29.18
C GLY C 319 20.81 29.21 27.98
N LEU C 320 21.93 29.83 27.60
CA LEU C 320 22.67 29.43 26.42
C LEU C 320 24.00 28.78 26.78
N ARG C 321 24.73 28.30 25.77
CA ARG C 321 26.01 27.66 26.02
C ARG C 321 26.98 28.63 26.70
N ASN C 322 27.55 28.20 27.83
CA ASN C 322 28.47 29.03 28.59
C ASN C 322 29.90 28.94 28.05
N ILE C 323 30.38 30.03 27.47
CA ILE C 323 31.73 30.09 26.93
C ILE C 323 32.46 31.34 27.43
N PRO C 324 32.89 31.32 28.70
CA PRO C 324 33.56 32.46 29.34
C PRO C 324 34.83 32.85 28.58
N SER C 325 35.70 31.87 28.35
CA SER C 325 36.94 32.11 27.61
C SER C 325 37.74 33.23 28.24
N GLY D 1 26.25 26.07 15.74
CA GLY D 1 24.92 26.58 15.98
C GLY D 1 24.11 26.64 14.71
N LEU D 2 22.79 26.65 14.86
CA LEU D 2 21.90 26.62 13.71
C LEU D 2 21.84 28.00 13.02
N PHE D 3 22.14 29.05 13.77
CA PHE D 3 22.07 30.40 13.21
C PHE D 3 23.43 31.07 13.02
N GLY D 4 24.49 30.38 13.39
CA GLY D 4 25.84 30.81 13.06
C GLY D 4 26.52 31.75 14.06
N ALA D 5 25.73 32.45 14.86
CA ALA D 5 26.29 33.44 15.78
C ALA D 5 27.02 32.82 16.97
N ILE D 6 26.27 32.41 17.99
CA ILE D 6 26.85 31.87 19.21
C ILE D 6 27.78 30.69 18.93
N ALA D 7 28.97 30.72 19.51
CA ALA D 7 30.00 29.73 19.22
C ALA D 7 30.20 29.54 17.72
N GLY D 8 30.00 30.62 16.97
CA GLY D 8 30.20 30.59 15.53
C GLY D 8 31.10 31.74 15.11
N PHE D 9 30.56 32.67 14.33
CA PHE D 9 31.32 33.86 13.97
C PHE D 9 31.41 34.82 15.16
N ILE D 10 30.64 34.54 16.20
CA ILE D 10 30.87 35.14 17.52
C ILE D 10 31.32 34.03 18.46
N GLU D 11 32.62 34.00 18.73
CA GLU D 11 33.26 32.79 19.27
C GLU D 11 33.14 32.58 20.76
N GLY D 12 32.99 33.67 21.52
CA GLY D 12 32.95 33.57 22.97
C GLY D 12 31.90 34.46 23.60
N GLY D 13 31.71 34.29 24.90
CA GLY D 13 30.74 35.08 25.64
C GLY D 13 31.39 36.21 26.40
N TRP D 14 30.56 37.10 26.94
CA TRP D 14 31.04 38.25 27.70
C TRP D 14 30.61 38.18 29.15
N THR D 15 31.52 37.79 30.03
CA THR D 15 31.27 37.83 31.46
C THR D 15 30.98 39.25 31.90
N GLY D 16 31.61 40.22 31.23
CA GLY D 16 31.38 41.62 31.51
C GLY D 16 29.91 41.99 31.44
N MET D 17 29.20 41.40 30.48
CA MET D 17 27.79 41.71 30.29
C MET D 17 26.93 40.92 31.26
N VAL D 18 26.95 41.32 32.52
CA VAL D 18 26.22 40.61 33.59
C VAL D 18 24.74 40.95 33.62
N ASP D 19 24.32 41.92 32.82
CA ASP D 19 22.96 42.46 32.91
C ASP D 19 21.93 41.79 32.00
N GLY D 20 22.35 40.80 31.21
CA GLY D 20 21.42 40.12 30.33
C GLY D 20 22.04 39.04 29.48
N TRP D 21 21.22 38.42 28.64
CA TRP D 21 21.67 37.32 27.78
C TRP D 21 22.34 37.81 26.50
N TYR D 22 21.74 38.80 25.85
CA TYR D 22 22.31 39.38 24.64
C TYR D 22 22.50 40.87 24.84
N GLY D 23 23.52 41.42 24.20
CA GLY D 23 23.77 42.85 24.30
C GLY D 23 24.85 43.36 23.37
N TYR D 24 25.43 44.49 23.75
CA TYR D 24 26.40 45.17 22.91
C TYR D 24 27.65 45.58 23.69
N HIS D 25 28.77 45.63 22.98
CA HIS D 25 29.99 46.23 23.51
C HIS D 25 30.33 47.44 22.65
N HIS D 26 30.06 48.63 23.15
CA HIS D 26 30.32 49.85 22.39
C HIS D 26 31.64 50.50 22.77
N GLN D 27 32.28 51.13 21.80
CA GLN D 27 33.53 51.82 22.02
C GLN D 27 33.69 53.04 21.10
N ASN D 28 33.68 54.22 21.72
CA ASN D 28 33.98 55.47 21.03
C ASN D 28 34.88 56.31 21.92
N GLU D 29 34.90 57.62 21.70
CA GLU D 29 35.46 58.54 22.68
C GLU D 29 34.53 58.43 23.88
N GLN D 30 34.54 59.40 24.79
CA GLN D 30 33.55 59.40 25.87
C GLN D 30 33.64 58.21 26.84
N GLY D 31 33.79 57.00 26.29
CA GLY D 31 33.90 55.80 27.11
C GLY D 31 33.69 54.51 26.32
N SER D 32 33.32 53.45 27.02
CA SER D 32 33.02 52.15 26.40
C SER D 32 32.50 51.17 27.45
N GLY D 33 32.21 49.94 27.02
CA GLY D 33 31.77 48.91 27.96
C GLY D 33 30.65 48.04 27.45
N TYR D 34 30.25 47.07 28.26
CA TYR D 34 29.18 46.15 27.89
C TYR D 34 27.81 46.69 28.32
N ALA D 35 26.77 46.34 27.56
CA ALA D 35 25.41 46.68 27.90
C ALA D 35 24.46 45.70 27.23
N ALA D 36 23.58 45.08 28.01
CA ALA D 36 22.65 44.12 27.45
C ALA D 36 21.43 44.81 26.87
N ASP D 37 20.96 44.29 25.74
CA ASP D 37 19.72 44.75 25.14
C ASP D 37 18.54 44.17 25.93
N LEU D 38 18.14 44.87 26.99
CA LEU D 38 17.09 44.40 27.88
C LEU D 38 15.81 43.99 27.16
N LYS D 39 15.53 44.59 26.01
CA LYS D 39 14.32 44.30 25.26
C LYS D 39 14.29 42.86 24.76
N SER D 40 15.31 42.48 23.99
CA SER D 40 15.38 41.12 23.47
C SER D 40 15.64 40.13 24.59
N THR D 41 16.18 40.63 25.71
CA THR D 41 16.46 39.79 26.86
C THR D 41 15.19 39.47 27.65
N GLN D 42 14.39 40.49 27.92
CA GLN D 42 13.15 40.29 28.64
C GLN D 42 12.18 39.42 27.85
N ASN D 43 12.11 39.67 26.54
CA ASN D 43 11.31 38.82 25.67
C ASN D 43 11.77 37.38 25.76
N ALA D 44 13.08 37.19 25.74
CA ALA D 44 13.67 35.86 25.80
C ALA D 44 13.36 35.20 27.14
N ILE D 45 13.49 35.96 28.22
CA ILE D 45 13.18 35.44 29.55
C ILE D 45 11.71 35.02 29.65
N ASP D 46 10.82 35.89 29.20
CA ASP D 46 9.39 35.59 29.21
C ASP D 46 9.08 34.31 28.45
N GLU D 47 9.61 34.21 27.23
CA GLU D 47 9.28 33.08 26.35
C GLU D 47 9.85 31.75 26.84
N ILE D 48 11.07 31.78 27.36
CA ILE D 48 11.71 30.57 27.88
C ILE D 48 11.04 30.10 29.17
N THR D 49 10.57 31.04 29.97
CA THR D 49 9.84 30.71 31.18
C THR D 49 8.52 30.04 30.80
N ASN D 50 7.88 30.54 29.74
CA ASN D 50 6.65 29.94 29.26
C ASN D 50 6.89 28.56 28.66
N LYS D 51 8.11 28.31 28.22
CA LYS D 51 8.50 27.01 27.69
C LYS D 51 8.61 26.01 28.83
N VAL D 52 9.34 26.40 29.87
CA VAL D 52 9.51 25.56 31.05
C VAL D 52 8.17 25.28 31.71
N ASN D 53 7.36 26.33 31.87
CA ASN D 53 6.02 26.18 32.43
C ASN D 53 5.13 25.29 31.57
N SER D 54 5.34 25.31 30.26
CA SER D 54 4.55 24.47 29.37
C SER D 54 4.83 23.00 29.60
N VAL D 55 6.10 22.66 29.79
CA VAL D 55 6.51 21.28 29.97
C VAL D 55 6.04 20.74 31.33
N ILE D 56 5.94 21.63 32.30
CA ILE D 56 5.53 21.27 33.65
C ILE D 56 4.02 21.24 33.83
N GLU D 57 3.35 22.32 33.44
CA GLU D 57 1.93 22.48 33.73
C GLU D 57 1.03 21.56 32.90
N LYS D 58 1.54 21.05 31.78
CA LYS D 58 0.73 20.22 30.90
C LYS D 58 0.59 18.77 31.40
N MET D 59 1.25 18.45 32.51
CA MET D 59 1.16 17.10 33.05
C MET D 59 -0.21 16.89 33.70
N ASN D 60 -0.35 17.35 34.94
CA ASN D 60 -1.63 17.25 35.64
C ASN D 60 -2.22 15.84 35.52
N THR D 61 -1.90 15.00 36.49
CA THR D 61 -2.16 13.56 36.37
C THR D 61 -3.38 13.11 37.15
N GLN D 62 -3.87 11.93 36.79
CA GLN D 62 -5.01 11.32 37.46
C GLN D 62 -4.62 10.80 38.84
N PHE D 63 -5.59 10.70 39.74
CA PHE D 63 -5.36 10.06 41.02
C PHE D 63 -5.36 8.54 40.84
N THR D 64 -4.27 7.89 41.28
CA THR D 64 -4.11 6.45 41.10
C THR D 64 -3.33 5.83 42.26
N ALA D 65 -3.66 4.59 42.61
CA ALA D 65 -2.99 3.89 43.70
C ALA D 65 -1.81 3.02 43.21
N VAL D 66 -1.87 2.59 41.95
CA VAL D 66 -0.79 1.82 41.33
C VAL D 66 -0.58 0.44 41.94
N GLY D 67 -0.41 0.40 43.26
CA GLY D 67 -0.17 -0.85 43.96
C GLY D 67 -1.36 -1.79 43.88
N LYS D 68 -1.09 -3.06 43.59
CA LYS D 68 -2.11 -4.10 43.54
C LYS D 68 -1.58 -5.33 44.26
N GLU D 69 -2.49 -6.13 44.81
CA GLU D 69 -2.10 -7.33 45.56
C GLU D 69 -2.74 -8.57 44.96
N PHE D 70 -1.92 -9.54 44.60
CA PHE D 70 -2.41 -10.77 43.99
C PHE D 70 -1.90 -12.01 44.75
N ASN D 71 -2.74 -13.04 44.83
CA ASN D 71 -2.35 -14.24 45.55
C ASN D 71 -1.57 -15.23 44.68
N HIS D 72 -1.18 -16.35 45.28
CA HIS D 72 -0.31 -17.32 44.62
C HIS D 72 -0.99 -18.04 43.46
N LEU D 73 -2.30 -17.86 43.32
CA LEU D 73 -3.02 -18.42 42.17
C LEU D 73 -3.48 -17.31 41.23
N GLU D 74 -2.83 -16.16 41.32
CA GLU D 74 -3.17 -15.01 40.48
C GLU D 74 -1.89 -14.46 39.87
N LYS D 75 -1.07 -15.35 39.34
CA LYS D 75 0.24 -14.99 38.81
C LYS D 75 0.13 -14.37 37.42
N ARG D 76 -0.83 -14.84 36.63
CA ARG D 76 -1.02 -14.28 35.29
C ARG D 76 -1.44 -12.83 35.36
N ILE D 77 -2.43 -12.53 36.21
CA ILE D 77 -2.89 -11.15 36.33
C ILE D 77 -1.87 -10.30 37.07
N GLU D 78 -1.10 -10.92 37.97
CA GLU D 78 -0.02 -10.19 38.61
C GLU D 78 1.04 -9.82 37.58
N ASN D 79 1.27 -10.70 36.62
CA ASN D 79 2.23 -10.42 35.57
C ASN D 79 1.70 -9.43 34.52
N LEU D 80 0.38 -9.37 34.35
CA LEU D 80 -0.25 -8.37 33.51
C LEU D 80 -0.13 -6.99 34.14
N ASN D 81 -0.42 -6.92 35.43
CA ASN D 81 -0.29 -5.67 36.18
C ASN D 81 1.12 -5.13 36.05
N LYS D 82 2.11 -6.02 36.18
CA LYS D 82 3.51 -5.66 36.01
C LYS D 82 3.81 -5.13 34.61
N LYS D 83 3.24 -5.77 33.57
CA LYS D 83 3.44 -5.31 32.21
C LYS D 83 2.92 -3.88 32.00
N VAL D 84 1.82 -3.57 32.67
CA VAL D 84 1.25 -2.23 32.63
C VAL D 84 2.18 -1.21 33.29
N ASP D 85 2.67 -1.54 34.48
CA ASP D 85 3.54 -0.62 35.19
C ASP D 85 4.84 -0.39 34.42
N ASP D 86 5.40 -1.45 33.87
CA ASP D 86 6.65 -1.36 33.12
C ASP D 86 6.42 -0.68 31.77
N GLY D 87 5.25 -0.92 31.18
CA GLY D 87 4.91 -0.29 29.92
C GLY D 87 4.92 1.21 30.06
N PHE D 88 4.32 1.71 31.13
CA PHE D 88 4.25 3.15 31.39
C PHE D 88 5.63 3.72 31.67
N LEU D 89 6.47 2.89 32.28
CA LEU D 89 7.83 3.29 32.65
C LEU D 89 8.72 3.49 31.43
N ASP D 90 8.66 2.56 30.50
CA ASP D 90 9.43 2.67 29.26
C ASP D 90 8.94 3.84 28.42
N ILE D 91 7.64 4.08 28.44
CA ILE D 91 7.06 5.18 27.66
C ILE D 91 7.48 6.53 28.23
N TRP D 92 7.24 6.74 29.52
CA TRP D 92 7.56 8.02 30.14
C TRP D 92 9.06 8.29 30.21
N THR D 93 9.86 7.24 30.42
CA THR D 93 11.31 7.40 30.47
C THR D 93 11.87 7.84 29.11
N TYR D 94 11.50 7.12 28.06
CA TYR D 94 11.95 7.46 26.71
C TYR D 94 11.48 8.84 26.28
N ASN D 95 10.21 9.14 26.58
CA ASN D 95 9.61 10.41 26.22
C ASN D 95 10.24 11.59 26.97
N ALA D 96 10.45 11.41 28.27
CA ALA D 96 11.11 12.45 29.05
C ALA D 96 12.54 12.68 28.57
N GLU D 97 13.28 11.60 28.34
CA GLU D 97 14.68 11.70 27.89
C GLU D 97 14.81 12.41 26.55
N LEU D 98 13.93 12.09 25.60
CA LEU D 98 13.96 12.71 24.29
C LEU D 98 13.47 14.16 24.35
N LEU D 99 12.39 14.40 25.09
CA LEU D 99 11.88 15.76 25.25
C LEU D 99 13.02 16.69 25.65
N VAL D 100 13.82 16.26 26.62
CA VAL D 100 14.92 17.08 27.10
C VAL D 100 16.03 17.24 26.07
N LEU D 101 16.35 16.16 25.36
CA LEU D 101 17.37 16.22 24.31
C LEU D 101 16.94 17.12 23.17
N LEU D 102 15.69 16.97 22.73
CA LEU D 102 15.17 17.75 21.63
C LEU D 102 15.01 19.22 22.01
N GLU D 103 14.26 19.49 23.08
CA GLU D 103 13.98 20.86 23.47
C GLU D 103 15.23 21.65 23.88
N ASN D 104 16.22 20.95 24.41
CA ASN D 104 17.48 21.62 24.75
C ASN D 104 18.16 22.18 23.52
N GLU D 105 18.16 21.40 22.44
CA GLU D 105 18.72 21.87 21.18
C GLU D 105 17.94 23.07 20.67
N ARG D 106 16.61 22.99 20.79
CA ARG D 106 15.73 24.07 20.34
C ARG D 106 16.03 25.36 21.10
N THR D 107 16.19 25.23 22.41
CA THR D 107 16.48 26.38 23.26
C THR D 107 17.78 27.06 22.84
N LEU D 108 18.77 26.25 22.45
CA LEU D 108 20.05 26.78 21.99
C LEU D 108 19.91 27.47 20.63
N ASP D 109 19.18 26.84 19.71
CA ASP D 109 18.91 27.47 18.41
C ASP D 109 18.20 28.79 18.61
N TYR D 110 17.49 28.91 19.73
CA TYR D 110 16.66 30.08 20.01
C TYR D 110 17.50 31.24 20.48
N HIS D 111 18.48 30.97 21.33
CA HIS D 111 19.39 31.99 21.79
C HIS D 111 20.27 32.44 20.63
N ASP D 112 20.69 31.46 19.83
CA ASP D 112 21.48 31.73 18.64
C ASP D 112 20.69 32.63 17.68
N SER D 113 19.41 32.33 17.51
CA SER D 113 18.55 33.11 16.64
C SER D 113 18.40 34.55 17.12
N ASN D 114 18.26 34.72 18.43
CA ASN D 114 18.09 36.06 19.00
C ASN D 114 19.32 36.93 18.78
N VAL D 115 20.49 36.32 18.83
CA VAL D 115 21.73 37.04 18.59
C VAL D 115 21.87 37.39 17.11
N LYS D 116 21.76 36.39 16.24
CA LYS D 116 21.83 36.62 14.81
C LYS D 116 20.91 37.76 14.40
N ASN D 117 19.70 37.78 14.96
CA ASN D 117 18.73 38.84 14.65
C ASN D 117 19.23 40.23 15.09
N LEU D 118 19.82 40.30 16.28
CA LEU D 118 20.38 41.55 16.79
C LEU D 118 21.44 42.07 15.83
N TYR D 119 22.36 41.18 15.48
CA TYR D 119 23.47 41.49 14.59
C TYR D 119 23.02 41.99 13.22
N GLU D 120 21.97 41.37 12.68
CA GLU D 120 21.48 41.74 11.35
C GLU D 120 20.66 43.03 11.41
N LYS D 121 20.10 43.31 12.59
CA LYS D 121 19.33 44.52 12.78
C LYS D 121 20.26 45.73 12.73
N VAL D 122 21.49 45.53 13.20
CA VAL D 122 22.53 46.55 13.16
C VAL D 122 23.12 46.67 11.77
N ARG D 123 23.43 45.53 11.17
CA ARG D 123 24.05 45.48 9.85
C ARG D 123 23.22 46.21 8.80
N SER D 124 21.92 45.99 8.83
CA SER D 124 21.03 46.58 7.83
C SER D 124 20.92 48.10 7.97
N GLN D 125 21.11 48.60 9.20
CA GLN D 125 21.07 50.05 9.44
C GLN D 125 22.33 50.73 8.95
N LEU D 126 23.47 50.25 9.43
CA LEU D 126 24.75 50.86 9.09
C LEU D 126 24.97 50.84 7.58
N LYS D 127 25.20 49.65 7.03
CA LYS D 127 25.41 49.48 5.59
C LYS D 127 26.80 49.95 5.17
N ASN D 128 26.87 51.15 4.62
CA ASN D 128 28.12 51.74 4.15
C ASN D 128 28.92 52.43 5.26
N ASN D 129 28.21 53.14 6.12
CA ASN D 129 28.85 53.97 7.13
C ASN D 129 29.73 53.22 8.13
N ALA D 130 29.84 51.90 7.95
CA ALA D 130 30.64 51.08 8.85
C ALA D 130 31.23 49.86 8.17
N LYS D 131 32.22 49.27 8.83
CA LYS D 131 32.91 48.09 8.33
C LYS D 131 32.52 46.87 9.16
N GLU D 132 32.18 45.78 8.48
CA GLU D 132 31.88 44.51 9.15
C GLU D 132 33.19 43.76 9.42
N ILE D 133 33.84 44.10 10.53
CA ILE D 133 35.16 43.57 10.85
C ILE D 133 35.15 42.16 11.43
N GLY D 134 34.04 41.45 11.23
CA GLY D 134 33.92 40.08 11.70
C GLY D 134 33.84 39.93 13.20
N ASN D 135 33.78 38.68 13.67
CA ASN D 135 33.68 38.40 15.10
C ASN D 135 32.49 39.09 15.76
N GLY D 136 31.60 39.63 14.93
CA GLY D 136 30.40 40.27 15.42
C GLY D 136 30.51 41.77 15.61
N CYS D 137 31.65 42.35 15.22
CA CYS D 137 31.89 43.77 15.43
C CYS D 137 31.70 44.62 14.18
N PHE D 138 31.41 45.90 14.38
CA PHE D 138 31.32 46.86 13.29
C PHE D 138 32.21 48.07 13.58
N GLU D 139 33.14 48.36 12.68
CA GLU D 139 33.96 49.57 12.82
C GLU D 139 33.38 50.72 12.02
N PHE D 140 32.98 51.77 12.71
CA PHE D 140 32.36 52.93 12.05
C PHE D 140 33.35 53.73 11.21
N TYR D 141 32.84 54.31 10.12
CA TYR D 141 33.62 55.18 9.26
C TYR D 141 33.43 56.64 9.65
N HIS D 142 32.73 56.86 10.76
CA HIS D 142 32.48 58.20 11.25
C HIS D 142 32.36 58.21 12.76
N LYS D 143 32.65 59.35 13.39
CA LYS D 143 32.49 59.49 14.82
C LYS D 143 31.07 59.12 15.25
N CYS D 144 30.97 58.15 16.16
CA CYS D 144 29.67 57.71 16.63
C CYS D 144 29.61 57.84 18.15
N ASP D 145 29.03 58.94 18.63
CA ASP D 145 28.99 59.21 20.07
C ASP D 145 27.85 58.44 20.75
N ASN D 146 27.75 58.61 22.07
CA ASN D 146 26.74 57.92 22.86
C ASN D 146 25.37 57.87 22.19
N THR D 147 24.83 59.03 21.85
CA THR D 147 23.47 59.10 21.30
C THR D 147 23.40 58.46 19.91
N CYS D 148 24.56 58.29 19.28
CA CYS D 148 24.66 57.60 18.01
C CYS D 148 24.55 56.09 18.20
N MET D 149 25.36 55.56 19.12
CA MET D 149 25.29 54.15 19.49
C MET D 149 23.87 53.80 19.91
N GLU D 150 23.39 54.52 20.92
CA GLU D 150 22.05 54.35 21.44
C GLU D 150 21.03 54.31 20.31
N SER D 151 21.31 55.08 19.26
CA SER D 151 20.45 55.14 18.08
C SER D 151 20.43 53.81 17.32
N VAL D 152 21.59 53.19 17.17
CA VAL D 152 21.71 51.95 16.42
C VAL D 152 21.05 50.80 17.19
N LYS D 153 21.26 50.78 18.50
CA LYS D 153 20.62 49.79 19.35
C LYS D 153 19.10 49.99 19.33
N ASN D 154 18.67 51.24 19.21
CA ASN D 154 17.27 51.60 19.25
C ASN D 154 16.59 51.54 17.87
N GLY D 155 17.38 51.26 16.84
CA GLY D 155 16.84 51.08 15.50
C GLY D 155 16.46 52.37 14.78
N THR D 156 16.85 53.51 15.35
CA THR D 156 16.61 54.80 14.72
C THR D 156 17.91 55.48 14.31
N TYR D 157 18.83 54.69 13.76
CA TYR D 157 20.09 55.20 13.24
C TYR D 157 19.86 56.07 12.00
N ASP D 158 20.37 57.30 12.03
CA ASP D 158 20.16 58.24 10.92
C ASP D 158 21.30 58.19 9.91
N TYR D 159 21.17 57.28 8.95
CA TYR D 159 22.20 57.06 7.93
C TYR D 159 22.64 58.34 7.21
N PRO D 160 21.68 59.13 6.70
CA PRO D 160 22.03 60.35 5.97
C PRO D 160 22.92 61.28 6.80
N LYS D 161 22.64 61.40 8.09
CA LYS D 161 23.35 62.31 8.97
C LYS D 161 24.87 62.13 8.90
N TYR D 162 25.32 60.90 8.71
CA TYR D 162 26.75 60.59 8.76
C TYR D 162 27.26 60.09 7.42
N SER D 163 26.36 60.02 6.44
CA SER D 163 26.71 59.56 5.10
C SER D 163 27.96 60.26 4.57
N GLU D 164 27.94 61.59 4.61
CA GLU D 164 29.03 62.39 4.08
C GLU D 164 30.37 62.04 4.74
N GLU D 165 30.39 62.05 6.07
CA GLU D 165 31.64 61.78 6.79
C GLU D 165 32.14 60.36 6.53
N ALA D 166 31.21 59.41 6.51
CA ALA D 166 31.55 58.01 6.31
C ALA D 166 32.32 57.79 5.01
N LYS D 167 31.78 58.28 3.91
CA LYS D 167 32.41 58.11 2.60
C LYS D 167 33.87 58.55 2.60
N LEU D 168 34.14 59.70 3.21
CA LEU D 168 35.48 60.28 3.22
C LEU D 168 36.50 59.39 3.93
N ASN D 169 36.16 58.91 5.11
CA ASN D 169 37.07 58.07 5.88
C ASN D 169 37.34 56.73 5.20
N ARG D 170 36.64 56.48 4.10
CA ARG D 170 36.83 55.25 3.34
C ARG D 170 37.96 55.38 2.32
N PRO E 1 11.22 59.92 -4.45
CA PRO E 1 11.02 59.79 -5.90
C PRO E 1 11.08 58.35 -6.38
N GLY E 2 11.42 57.41 -5.50
CA GLY E 2 11.66 56.05 -5.92
C GLY E 2 10.43 55.17 -6.09
N ASP E 3 10.46 54.33 -7.14
CA ASP E 3 9.51 53.25 -7.27
C ASP E 3 9.79 52.24 -6.16
N THR E 4 8.78 51.48 -5.74
CA THR E 4 8.94 50.59 -4.60
C THR E 4 8.32 49.21 -4.78
N LEU E 5 9.04 48.19 -4.36
CA LEU E 5 8.50 46.84 -4.26
C LEU E 5 8.64 46.34 -2.83
N CYS E 6 7.51 46.06 -2.20
CA CYS E 6 7.52 45.61 -0.81
C CYS E 6 7.19 44.12 -0.70
N ILE E 7 7.92 43.45 0.19
CA ILE E 7 7.64 42.05 0.51
C ILE E 7 6.85 41.98 1.81
N GLY E 8 5.78 41.20 1.81
CA GLY E 8 4.94 41.09 3.00
C GLY E 8 4.14 39.80 3.09
N TYR E 9 3.33 39.70 4.13
CA TYR E 9 2.55 38.49 4.38
C TYR E 9 1.07 38.79 4.65
N HIS E 10 0.26 37.76 4.54
CA HIS E 10 -1.20 37.87 4.62
C HIS E 10 -1.73 38.16 6.03
N ALA E 11 -2.69 39.07 6.12
CA ALA E 11 -3.42 39.28 7.35
C ALA E 11 -4.90 39.27 7.04
N ASN E 12 -5.72 38.86 8.00
CA ASN E 12 -7.16 38.80 7.79
C ASN E 12 -7.94 39.11 9.07
N ASN E 13 -9.25 38.89 9.01
CA ASN E 13 -10.13 39.24 10.12
C ASN E 13 -10.32 38.09 11.10
N SER E 14 -9.54 37.02 10.93
CA SER E 14 -9.61 35.85 11.80
C SER E 14 -9.33 36.22 13.26
N THR E 15 -10.03 35.56 14.17
CA THR E 15 -9.78 35.76 15.59
C THR E 15 -9.25 34.49 16.26
N ASP E 16 -9.09 33.43 15.47
CA ASP E 16 -8.54 32.16 15.97
C ASP E 16 -7.24 32.41 16.73
N THR E 17 -7.10 31.77 17.89
CA THR E 17 -5.85 31.82 18.62
C THR E 17 -5.28 30.42 18.85
N VAL E 18 -3.96 30.32 18.92
CA VAL E 18 -3.31 29.06 19.24
C VAL E 18 -2.25 29.30 20.30
N ASP E 19 -1.84 28.24 20.98
CA ASP E 19 -0.74 28.34 21.92
C ASP E 19 0.50 27.70 21.35
N THR E 20 1.66 28.30 21.63
CA THR E 20 2.94 27.75 21.24
C THR E 20 3.78 27.62 22.51
N VAL E 21 4.78 26.76 22.47
CA VAL E 21 5.62 26.52 23.64
C VAL E 21 6.15 27.83 24.21
N LEU E 22 6.36 28.81 23.34
CA LEU E 22 6.98 30.08 23.72
C LEU E 22 5.98 31.16 24.13
N GLU E 23 4.77 31.11 23.57
CA GLU E 23 3.78 32.15 23.81
C GLU E 23 2.34 31.65 23.76
N LYS E 24 1.50 32.16 24.66
CA LYS E 24 0.09 31.78 24.70
C LYS E 24 -0.81 32.78 23.98
N ASN E 25 -1.93 32.29 23.47
CA ASN E 25 -2.91 33.14 22.79
C ASN E 25 -2.31 33.96 21.66
N VAL E 26 -1.77 33.26 20.66
CA VAL E 26 -1.26 33.91 19.46
C VAL E 26 -2.31 33.85 18.37
N THR E 27 -2.80 35.01 17.94
CA THR E 27 -3.80 35.03 16.88
C THR E 27 -3.16 34.63 15.56
N VAL E 28 -3.82 33.76 14.81
CA VAL E 28 -3.27 33.31 13.54
C VAL E 28 -4.30 33.40 12.43
N THR E 29 -3.83 33.45 11.19
CA THR E 29 -4.70 33.67 10.05
C THR E 29 -5.57 32.46 9.73
N HIS E 30 -4.99 31.28 9.92
CA HIS E 30 -5.71 30.03 9.66
C HIS E 30 -5.26 28.95 10.64
N SER E 31 -6.17 28.07 11.01
CA SER E 31 -5.87 27.00 11.95
C SER E 31 -6.86 25.86 11.84
N VAL E 32 -6.58 24.75 12.53
CA VAL E 32 -7.49 23.62 12.56
C VAL E 32 -7.46 22.96 13.94
N ASN E 33 -8.58 22.37 14.34
CA ASN E 33 -8.66 21.68 15.61
C ASN E 33 -8.30 20.21 15.43
N LEU E 34 -7.41 19.71 16.28
CA LEU E 34 -7.05 18.30 16.27
C LEU E 34 -7.94 17.55 17.25
N LEU E 35 -8.61 18.31 18.11
CA LEU E 35 -9.45 17.74 19.15
C LEU E 35 -10.90 17.64 18.69
N GLU E 36 -11.38 16.42 18.50
CA GLU E 36 -12.79 16.22 18.18
C GLU E 36 -13.62 16.39 19.45
N ASP E 37 -14.59 17.30 19.42
CA ASP E 37 -15.35 17.61 20.62
C ASP E 37 -16.85 17.58 20.40
N LYS E 38 -17.26 16.97 19.30
CA LYS E 38 -18.66 16.91 18.92
C LYS E 38 -19.11 15.49 18.60
N HIS E 39 -20.33 15.16 19.01
CA HIS E 39 -20.90 13.83 18.75
C HIS E 39 -22.35 13.99 18.27
N ASN E 40 -22.85 12.99 17.56
CA ASN E 40 -24.18 13.08 16.97
C ASN E 40 -25.30 12.69 17.93
N GLY E 41 -24.95 12.50 19.19
CA GLY E 41 -25.92 12.18 20.23
C GLY E 41 -26.77 10.94 19.96
N LYS E 42 -26.28 10.07 19.09
CA LYS E 42 -27.01 8.87 18.70
C LYS E 42 -26.15 7.62 18.90
N LEU E 43 -26.80 6.48 19.10
CA LEU E 43 -26.12 5.19 19.07
C LEU E 43 -26.34 4.59 17.69
N CYS E 44 -25.26 4.47 16.91
CA CYS E 44 -25.37 4.03 15.53
C CYS E 44 -24.85 2.62 15.31
N LYS E 45 -24.87 2.16 14.06
CA LYS E 45 -24.29 0.89 13.70
C LYS E 45 -22.78 0.98 13.78
N LEU E 46 -22.12 -0.13 14.10
CA LEU E 46 -20.67 -0.22 14.05
C LEU E 46 -20.29 -1.19 12.94
N ARG E 47 -19.38 -0.76 12.07
CA ARG E 47 -18.98 -1.55 10.90
C ARG E 47 -20.21 -1.87 10.05
N GLY E 48 -21.17 -0.95 10.05
CA GLY E 48 -22.40 -1.16 9.29
C GLY E 48 -23.33 -2.21 9.88
N VAL E 49 -23.04 -2.65 11.10
CA VAL E 49 -23.90 -3.63 11.78
C VAL E 49 -24.57 -2.98 12.98
N ALA E 50 -25.88 -3.14 13.11
CA ALA E 50 -26.62 -2.49 14.19
C ALA E 50 -26.31 -3.13 15.53
N PRO E 51 -26.39 -2.33 16.62
CA PRO E 51 -26.27 -2.88 17.96
C PRO E 51 -27.54 -3.63 18.34
N LEU E 52 -27.45 -4.52 19.32
CA LEU E 52 -28.65 -5.17 19.84
C LEU E 52 -29.19 -4.35 21.01
N HIS E 53 -30.39 -3.81 20.85
CA HIS E 53 -31.01 -3.06 21.93
C HIS E 53 -31.95 -3.97 22.70
N LEU E 54 -31.90 -3.90 24.03
CA LEU E 54 -32.64 -4.85 24.87
C LEU E 54 -33.91 -4.25 25.46
N GLY E 55 -34.31 -3.08 24.95
CA GLY E 55 -35.51 -2.41 25.41
C GLY E 55 -35.45 -2.07 26.89
N LYS E 56 -36.31 -2.69 27.68
CA LYS E 56 -36.36 -2.42 29.12
C LYS E 56 -35.69 -3.53 29.92
N CYS E 57 -35.20 -4.55 29.21
CA CYS E 57 -34.63 -5.72 29.85
C CYS E 57 -33.11 -5.67 29.90
N ASN E 58 -32.51 -6.52 30.74
CA ASN E 58 -31.07 -6.74 30.72
C ASN E 58 -30.76 -8.05 30.00
N ILE E 59 -29.48 -8.39 29.91
CA ILE E 59 -29.06 -9.57 29.15
C ILE E 59 -29.59 -10.87 29.77
N ALA E 60 -29.61 -10.95 31.09
CA ALA E 60 -30.14 -12.13 31.77
C ALA E 60 -31.62 -12.31 31.42
N GLY E 61 -32.39 -11.23 31.53
CA GLY E 61 -33.81 -11.28 31.23
C GLY E 61 -34.07 -11.64 29.78
N TRP E 62 -33.15 -11.23 28.91
CA TRP E 62 -33.29 -11.50 27.48
C TRP E 62 -32.87 -12.92 27.12
N ILE E 63 -31.70 -13.34 27.62
CA ILE E 63 -31.15 -14.65 27.26
C ILE E 63 -31.92 -15.81 27.90
N LEU E 64 -32.34 -15.63 29.15
CA LEU E 64 -33.35 -16.49 29.73
C LEU E 64 -34.66 -15.95 29.17
N GLY E 65 -35.70 -16.77 29.09
CA GLY E 65 -36.92 -16.30 28.46
C GLY E 65 -37.86 -15.51 29.35
N ASN E 66 -37.38 -14.48 30.05
CA ASN E 66 -38.24 -13.75 30.98
C ASN E 66 -39.50 -13.25 30.28
N PRO E 67 -40.68 -13.67 30.79
CA PRO E 67 -41.98 -13.37 30.17
C PRO E 67 -42.19 -11.89 29.84
N GLU E 68 -41.56 -10.99 30.60
CA GLU E 68 -41.74 -9.56 30.37
C GLU E 68 -40.84 -8.96 29.30
N CYS E 69 -39.88 -9.74 28.79
CA CYS E 69 -38.96 -9.24 27.77
C CYS E 69 -39.40 -9.63 26.36
N SER E 76 -30.19 -11.50 14.88
CA SER E 76 -29.42 -12.40 14.02
C SER E 76 -27.92 -12.13 14.05
N SER E 77 -27.54 -10.88 14.31
CA SER E 77 -26.15 -10.49 14.43
C SER E 77 -26.09 -9.04 14.89
N TRP E 78 -25.04 -8.68 15.61
CA TRP E 78 -24.94 -7.33 16.15
C TRP E 78 -23.50 -6.95 16.48
N SER E 79 -23.23 -5.64 16.50
CA SER E 79 -21.89 -5.13 16.70
C SER E 79 -21.61 -4.86 18.19
N TYR E 80 -22.66 -4.62 18.95
CA TYR E 80 -22.53 -4.43 20.39
C TYR E 80 -23.92 -4.46 21.03
N ILE E 81 -23.98 -4.37 22.35
CA ILE E 81 -25.27 -4.46 23.02
C ILE E 81 -25.59 -3.19 23.80
N VAL E 82 -26.87 -2.81 23.80
CA VAL E 82 -27.30 -1.62 24.52
C VAL E 82 -28.34 -1.97 25.59
N GLU E 83 -28.06 -1.56 26.82
CA GLU E 83 -29.01 -1.67 27.92
C GLU E 83 -29.29 -0.28 28.45
N THR E 84 -30.55 -0.02 28.80
CA THR E 84 -30.90 1.23 29.47
C THR E 84 -30.54 1.12 30.94
N PRO E 85 -30.11 2.24 31.55
CA PRO E 85 -29.63 2.23 32.94
C PRO E 85 -30.69 1.73 33.92
N SER E 86 -31.96 1.92 33.58
CA SER E 86 -33.05 1.51 34.46
C SER E 86 -33.75 0.27 33.92
N SER E 87 -32.96 -0.71 33.47
CA SER E 87 -33.53 -1.95 32.96
C SER E 87 -34.06 -2.81 34.09
N ASP E 88 -35.09 -3.59 33.80
CA ASP E 88 -35.74 -4.45 34.79
C ASP E 88 -34.87 -5.65 35.14
N ASN E 89 -35.21 -6.32 36.23
CA ASN E 89 -34.51 -7.55 36.60
C ASN E 89 -34.66 -8.59 35.50
N GLY E 90 -33.60 -9.33 35.24
CA GLY E 90 -33.65 -10.41 34.28
C GLY E 90 -34.12 -11.68 34.97
N THR E 91 -33.42 -12.06 36.03
CA THR E 91 -33.81 -13.19 36.82
C THR E 91 -34.97 -12.80 37.73
N CYS E 92 -36.12 -13.40 37.50
CA CYS E 92 -37.29 -13.13 38.33
C CYS E 92 -37.23 -13.99 39.58
N TYR E 93 -37.00 -15.28 39.40
CA TYR E 93 -36.72 -16.14 40.54
C TYR E 93 -35.32 -15.83 41.05
N PRO E 94 -35.19 -15.45 42.33
CA PRO E 94 -33.90 -15.03 42.89
C PRO E 94 -32.87 -16.15 42.92
N GLY E 95 -31.61 -15.76 42.81
CA GLY E 95 -30.50 -16.70 42.78
C GLY E 95 -29.28 -16.08 42.14
N ASP E 96 -28.26 -16.89 41.89
CA ASP E 96 -27.02 -16.40 41.32
C ASP E 96 -26.92 -16.80 39.85
N PHE E 97 -26.53 -15.84 39.01
CA PHE E 97 -26.25 -16.15 37.62
C PHE E 97 -24.74 -16.32 37.50
N ILE E 98 -24.31 -17.58 37.43
CA ILE E 98 -22.88 -17.89 37.51
C ILE E 98 -22.13 -17.39 36.28
N ASP E 99 -20.96 -16.80 36.52
CA ASP E 99 -20.14 -16.23 35.46
C ASP E 99 -20.96 -15.34 34.52
N TYR E 100 -21.71 -14.43 35.13
CA TYR E 100 -22.65 -13.57 34.40
C TYR E 100 -21.94 -12.50 33.55
N GLU E 101 -20.94 -11.83 34.13
CA GLU E 101 -20.21 -10.80 33.39
C GLU E 101 -19.51 -11.39 32.17
N GLU E 102 -19.02 -12.63 32.32
CA GLU E 102 -18.35 -13.33 31.24
C GLU E 102 -19.31 -13.61 30.07
N LEU E 103 -20.49 -14.11 30.40
CA LEU E 103 -21.49 -14.38 29.37
C LEU E 103 -21.86 -13.10 28.63
N ARG E 104 -22.09 -12.03 29.39
CA ARG E 104 -22.36 -10.73 28.78
C ARG E 104 -21.25 -10.36 27.80
N GLU E 105 -20.00 -10.49 28.23
CA GLU E 105 -18.85 -10.17 27.39
C GLU E 105 -18.84 -11.02 26.12
N GLN E 106 -19.19 -12.30 26.26
CA GLN E 106 -19.08 -13.22 25.14
C GLN E 106 -20.24 -13.05 24.15
N LEU E 107 -21.30 -12.42 24.61
CA LEU E 107 -22.46 -12.12 23.75
C LEU E 107 -22.43 -10.68 23.22
N SER E 108 -21.48 -9.88 23.70
CA SER E 108 -21.42 -8.47 23.34
C SER E 108 -21.46 -8.26 21.83
N SER E 109 -20.80 -9.15 21.09
CA SER E 109 -20.80 -9.04 19.64
C SER E 109 -20.81 -10.40 18.98
N VAL E 110 -21.75 -10.62 18.07
CA VAL E 110 -21.80 -11.87 17.33
C VAL E 110 -22.28 -11.65 15.89
N SER E 111 -21.85 -12.55 15.02
CA SER E 111 -22.49 -12.74 13.74
C SER E 111 -23.18 -14.08 13.88
N SER E 112 -24.22 -14.32 13.10
CA SER E 112 -24.92 -15.59 13.18
C SER E 112 -25.38 -15.86 14.61
N PHE E 113 -26.70 -15.83 14.81
CA PHE E 113 -27.28 -16.09 16.12
C PHE E 113 -28.71 -16.58 15.88
N GLU E 114 -28.99 -17.77 16.37
CA GLU E 114 -30.26 -18.43 16.09
C GLU E 114 -30.79 -19.14 17.33
N ARG E 115 -31.98 -18.73 17.79
CA ARG E 115 -32.64 -19.47 18.86
C ARG E 115 -33.34 -20.70 18.29
N PHE E 116 -33.07 -21.86 18.90
CA PHE E 116 -33.73 -23.10 18.49
C PHE E 116 -34.09 -23.93 19.71
N GLU E 117 -35.15 -24.72 19.58
CA GLU E 117 -35.63 -25.57 20.67
C GLU E 117 -34.80 -26.83 20.78
N ILE E 118 -33.83 -26.82 21.70
CA ILE E 118 -32.88 -27.91 21.85
C ILE E 118 -33.54 -29.17 22.42
N PHE E 119 -34.42 -28.99 23.39
CA PHE E 119 -35.17 -30.10 23.96
C PHE E 119 -36.67 -29.81 23.81
N PRO E 120 -37.24 -30.15 22.64
CA PRO E 120 -38.65 -29.87 22.33
C PRO E 120 -39.56 -30.25 23.49
N LYS E 121 -40.40 -29.32 23.92
CA LYS E 121 -41.25 -29.52 25.09
C LYS E 121 -42.20 -30.71 24.95
N THR E 122 -42.71 -30.92 23.74
CA THR E 122 -43.76 -31.91 23.52
C THR E 122 -43.32 -33.36 23.71
N SER E 123 -42.07 -33.65 23.37
CA SER E 123 -41.63 -35.06 23.32
C SER E 123 -40.44 -35.39 24.22
N SER E 124 -39.83 -34.39 24.83
CA SER E 124 -38.58 -34.61 25.55
C SER E 124 -38.76 -35.15 26.97
N TRP E 125 -39.94 -34.98 27.54
CA TRP E 125 -40.15 -35.29 28.95
C TRP E 125 -41.44 -36.05 29.22
N PRO E 126 -41.52 -37.28 28.73
CA PRO E 126 -42.76 -38.06 28.88
C PRO E 126 -42.98 -38.45 30.34
N ASN E 127 -41.91 -38.52 31.12
CA ASN E 127 -42.00 -38.98 32.50
C ASN E 127 -41.99 -37.86 33.54
N HIS E 128 -42.18 -36.63 33.09
CA HIS E 128 -42.16 -35.49 34.01
C HIS E 128 -43.15 -34.43 33.56
N ASP E 129 -43.55 -33.56 34.49
CA ASP E 129 -44.51 -32.52 34.17
C ASP E 129 -43.81 -31.23 33.76
N SER E 130 -44.10 -30.78 32.54
CA SER E 130 -43.49 -29.56 32.01
C SER E 130 -44.48 -28.39 31.89
N ASN E 131 -45.56 -28.45 32.64
CA ASN E 131 -46.55 -27.36 32.61
C ASN E 131 -46.66 -26.61 33.93
N LYS E 132 -46.56 -27.33 35.04
CA LYS E 132 -46.82 -26.77 36.37
C LYS E 132 -45.69 -25.89 36.89
N GLY E 133 -44.58 -25.84 36.18
CA GLY E 133 -43.41 -25.12 36.64
C GLY E 133 -43.51 -23.61 36.49
N VAL E 134 -44.48 -23.00 37.17
CA VAL E 134 -44.64 -21.56 37.14
C VAL E 134 -44.57 -21.00 38.56
N THR E 135 -44.35 -19.69 38.69
CA THR E 135 -44.10 -19.11 40.00
C THR E 135 -44.57 -17.66 40.09
N ALA E 136 -44.83 -17.22 41.31
CA ALA E 136 -45.24 -15.84 41.57
C ALA E 136 -44.05 -14.90 41.46
N ALA E 137 -42.86 -15.47 41.37
CA ALA E 137 -41.65 -14.67 41.20
C ALA E 137 -41.55 -14.16 39.76
N CYS E 138 -42.05 -14.95 38.82
CA CYS E 138 -41.98 -14.61 37.41
C CYS E 138 -43.38 -14.44 36.81
N PRO E 139 -44.09 -13.37 37.23
CA PRO E 139 -45.48 -13.15 36.80
C PRO E 139 -45.58 -12.59 35.39
N HIS E 140 -46.74 -12.75 34.77
CA HIS E 140 -46.99 -12.24 33.44
C HIS E 140 -48.49 -12.12 33.19
N ALA E 141 -48.98 -10.88 33.11
CA ALA E 141 -50.40 -10.63 32.87
C ALA E 141 -51.27 -11.27 33.96
N GLY E 142 -50.92 -11.02 35.22
CA GLY E 142 -51.73 -11.48 36.32
C GLY E 142 -51.56 -12.94 36.67
N ALA E 143 -50.92 -13.70 35.80
CA ALA E 143 -50.75 -15.14 36.01
C ALA E 143 -49.32 -15.53 36.38
N LYS E 144 -49.19 -16.57 37.21
CA LYS E 144 -47.89 -17.14 37.51
C LYS E 144 -47.28 -17.71 36.23
N SER E 145 -46.03 -17.36 35.96
CA SER E 145 -45.35 -17.83 34.76
C SER E 145 -43.89 -18.18 35.01
N PHE E 146 -43.10 -18.30 33.95
CA PHE E 146 -41.70 -18.68 34.06
C PHE E 146 -40.94 -18.29 32.80
N TYR E 147 -39.62 -18.46 32.81
CA TYR E 147 -38.79 -18.20 31.64
C TYR E 147 -39.29 -19.00 30.44
N LYS E 148 -39.13 -18.44 29.24
CA LYS E 148 -39.53 -19.12 28.02
C LYS E 148 -38.47 -20.10 27.55
N ASN E 149 -37.21 -19.82 27.88
CA ASN E 149 -36.11 -20.63 27.36
C ASN E 149 -35.79 -21.85 28.22
N LEU E 150 -36.37 -21.90 29.42
CA LEU E 150 -36.15 -23.02 30.33
C LEU E 150 -37.48 -23.66 30.72
N ILE E 151 -37.46 -24.94 31.06
CA ILE E 151 -38.63 -25.58 31.64
C ILE E 151 -38.34 -26.10 33.05
N TRP E 152 -39.07 -25.56 34.02
CA TRP E 152 -38.99 -26.01 35.40
C TRP E 152 -39.74 -27.32 35.55
N LEU E 153 -39.04 -28.44 35.36
CA LEU E 153 -39.67 -29.75 35.47
C LEU E 153 -40.03 -30.08 36.90
N VAL E 154 -41.24 -30.61 37.09
CA VAL E 154 -41.66 -31.12 38.39
C VAL E 154 -42.23 -32.53 38.25
N LYS E 155 -42.44 -33.19 39.37
CA LYS E 155 -42.89 -34.58 39.40
C LYS E 155 -44.25 -34.73 38.74
N LYS E 156 -44.45 -35.85 38.05
CA LYS E 156 -45.75 -36.16 37.47
C LYS E 156 -46.45 -37.24 38.28
N GLY E 157 -47.51 -36.85 39.00
CA GLY E 157 -48.28 -37.79 39.79
C GLY E 157 -47.47 -38.51 40.86
N ASN E 158 -46.86 -37.75 41.75
CA ASN E 158 -46.17 -38.30 42.91
C ASN E 158 -44.84 -39.02 42.66
N SER E 159 -44.31 -38.97 41.44
CA SER E 159 -42.99 -39.55 41.19
C SER E 159 -42.14 -38.76 40.19
N TYR E 160 -40.84 -38.73 40.46
CA TYR E 160 -39.88 -38.04 39.60
C TYR E 160 -38.76 -39.01 39.30
N PRO E 161 -38.87 -39.72 38.17
CA PRO E 161 -37.87 -40.73 37.78
C PRO E 161 -36.57 -40.07 37.37
N LYS E 162 -35.49 -40.86 37.37
CA LYS E 162 -34.20 -40.37 36.92
C LYS E 162 -34.31 -39.92 35.48
N LEU E 163 -33.99 -38.66 35.20
CA LEU E 163 -33.98 -38.20 33.82
C LEU E 163 -32.57 -38.18 33.25
N SER E 164 -32.44 -38.51 31.97
CA SER E 164 -31.16 -38.58 31.30
C SER E 164 -31.38 -38.12 29.86
N LYS E 165 -30.76 -37.00 29.50
CA LYS E 165 -31.03 -36.37 28.21
C LYS E 165 -29.75 -35.81 27.62
N SER E 166 -29.49 -36.15 26.36
CA SER E 166 -28.29 -35.68 25.67
C SER E 166 -28.62 -34.97 24.36
N TYR E 167 -27.82 -33.96 24.04
CA TYR E 167 -27.94 -33.25 22.78
C TYR E 167 -26.60 -33.21 22.06
N ILE E 168 -26.63 -33.55 20.77
CA ILE E 168 -25.43 -33.46 19.94
C ILE E 168 -25.49 -32.21 19.09
N ASN E 169 -24.49 -31.36 19.23
CA ASN E 169 -24.42 -30.13 18.46
C ASN E 169 -24.19 -30.42 16.97
N ASP E 170 -25.21 -30.19 16.15
CA ASP E 170 -25.06 -30.39 14.71
C ASP E 170 -25.17 -29.04 13.99
N LYS E 171 -25.13 -27.97 14.77
CA LYS E 171 -24.95 -26.63 14.23
C LYS E 171 -23.45 -26.46 14.04
N GLY E 172 -23.03 -26.08 12.84
CA GLY E 172 -21.61 -25.93 12.57
C GLY E 172 -21.01 -24.76 13.32
N LYS E 173 -21.42 -24.59 14.57
CA LYS E 173 -20.96 -23.47 15.38
C LYS E 173 -21.27 -23.74 16.84
N GLU E 174 -20.76 -22.88 17.72
CA GLU E 174 -21.04 -22.98 19.14
C GLU E 174 -22.53 -22.92 19.46
N VAL E 175 -22.94 -23.71 20.44
CA VAL E 175 -24.29 -23.65 20.96
C VAL E 175 -24.28 -23.22 22.43
N LEU E 176 -24.95 -22.11 22.73
CA LEU E 176 -25.08 -21.66 24.09
C LEU E 176 -26.23 -22.41 24.75
N VAL E 177 -25.92 -23.07 25.86
CA VAL E 177 -26.93 -23.81 26.61
C VAL E 177 -27.00 -23.28 28.03
N LEU E 178 -28.20 -22.89 28.46
CA LEU E 178 -28.40 -22.41 29.81
C LEU E 178 -29.36 -23.33 30.57
N TRP E 179 -29.15 -23.46 31.87
CA TRP E 179 -30.05 -24.24 32.72
C TRP E 179 -30.09 -23.67 34.13
N GLY E 180 -31.03 -24.15 34.93
CA GLY E 180 -31.15 -23.67 36.29
C GLY E 180 -31.07 -24.81 37.29
N ILE E 181 -30.68 -24.47 38.52
CA ILE E 181 -30.68 -25.42 39.62
C ILE E 181 -31.54 -24.85 40.73
N HIS E 182 -32.56 -25.58 41.13
CA HIS E 182 -33.50 -25.08 42.14
C HIS E 182 -33.18 -25.60 43.52
N HIS E 183 -33.10 -24.67 44.47
CA HIS E 183 -32.86 -25.00 45.86
C HIS E 183 -34.06 -24.57 46.70
N PRO E 184 -35.00 -25.50 46.93
CA PRO E 184 -36.21 -25.20 47.70
C PRO E 184 -35.87 -24.64 49.07
N SER E 185 -36.82 -23.94 49.68
CA SER E 185 -36.61 -23.35 51.00
C SER E 185 -36.68 -24.38 52.11
N THR E 186 -37.51 -25.41 51.94
CA THR E 186 -37.67 -26.46 52.96
C THR E 186 -37.93 -27.83 52.35
N SER E 187 -37.86 -28.85 53.21
CA SER E 187 -38.05 -30.24 52.80
C SER E 187 -39.38 -30.47 52.10
N ALA E 188 -40.44 -29.88 52.64
CA ALA E 188 -41.77 -30.09 52.09
C ALA E 188 -41.85 -29.65 50.62
N ASP E 189 -41.28 -28.47 50.33
CA ASP E 189 -41.29 -27.94 48.97
C ASP E 189 -40.50 -28.86 48.05
N GLN E 190 -39.39 -29.38 48.57
CA GLN E 190 -38.57 -30.33 47.83
C GLN E 190 -39.41 -31.54 47.39
N GLN E 191 -40.13 -32.12 48.35
CA GLN E 191 -40.95 -33.30 48.06
C GLN E 191 -42.18 -32.94 47.23
N SER E 192 -42.71 -31.74 47.46
CA SER E 192 -43.88 -31.26 46.73
C SER E 192 -43.57 -31.12 45.25
N LEU E 193 -42.35 -30.67 44.96
CA LEU E 193 -41.90 -30.44 43.58
C LEU E 193 -41.30 -31.68 42.92
N TYR E 194 -40.40 -32.36 43.64
CA TYR E 194 -39.59 -33.40 43.02
C TYR E 194 -39.76 -34.78 43.66
N GLN E 195 -40.44 -34.82 44.79
CA GLN E 195 -40.78 -36.08 45.46
C GLN E 195 -39.61 -36.72 46.22
N ASN E 196 -38.44 -36.80 45.57
CA ASN E 196 -37.35 -37.66 46.02
C ASN E 196 -36.55 -37.24 47.27
N ALA E 197 -36.70 -36.00 47.72
CA ALA E 197 -36.05 -35.54 48.96
C ALA E 197 -34.55 -35.32 48.81
N ASP E 198 -33.79 -36.40 48.62
CA ASP E 198 -32.36 -36.28 48.38
C ASP E 198 -32.06 -36.53 46.90
N THR E 199 -31.54 -35.49 46.23
CA THR E 199 -31.38 -35.54 44.79
C THR E 199 -30.03 -35.00 44.32
N TYR E 200 -29.77 -35.15 43.02
CA TYR E 200 -28.58 -34.58 42.40
C TYR E 200 -28.89 -34.21 40.95
N VAL E 201 -28.08 -33.31 40.40
CA VAL E 201 -28.12 -33.00 38.98
C VAL E 201 -26.70 -33.11 38.43
N PHE E 202 -26.56 -33.63 37.22
CA PHE E 202 -25.25 -33.71 36.57
C PHE E 202 -25.35 -33.16 35.15
N VAL E 203 -24.38 -32.32 34.80
CA VAL E 203 -24.30 -31.75 33.45
C VAL E 203 -22.86 -31.86 32.97
N CYS E 204 -22.65 -32.48 31.81
CA CYS E 204 -21.32 -32.61 31.26
C CYS E 204 -21.27 -32.70 29.75
N SER E 205 -20.28 -32.03 29.17
CA SER E 205 -19.98 -32.19 27.75
C SER E 205 -18.59 -32.82 27.67
N SER E 206 -17.90 -32.65 26.54
CA SER E 206 -16.54 -33.14 26.44
C SER E 206 -15.58 -32.21 27.19
N ARG E 207 -16.05 -31.01 27.51
CA ARG E 207 -15.22 -30.03 28.21
C ARG E 207 -15.78 -29.68 29.58
N TYR E 208 -17.10 -29.46 29.64
CA TYR E 208 -17.75 -29.05 30.88
C TYR E 208 -18.17 -30.27 31.69
N SER E 209 -18.12 -30.14 33.01
CA SER E 209 -18.53 -31.23 33.90
C SER E 209 -18.77 -30.74 35.33
N LYS E 210 -20.02 -30.84 35.78
CA LYS E 210 -20.36 -30.41 37.13
C LYS E 210 -21.55 -31.17 37.70
N LYS E 211 -21.45 -31.54 38.97
CA LYS E 211 -22.56 -32.15 39.68
C LYS E 211 -23.10 -31.16 40.70
N PHE E 212 -24.43 -31.13 40.83
CA PHE E 212 -25.09 -30.19 41.73
C PHE E 212 -25.97 -30.92 42.75
N LYS E 213 -26.08 -30.35 43.93
CA LYS E 213 -27.02 -30.85 44.93
C LYS E 213 -27.75 -29.70 45.61
N PRO E 214 -29.06 -29.83 45.80
CA PRO E 214 -29.90 -28.77 46.37
C PRO E 214 -29.41 -28.32 47.75
N GLU E 215 -29.47 -27.02 47.98
CA GLU E 215 -29.09 -26.44 49.25
C GLU E 215 -30.33 -25.91 49.96
N ILE E 216 -31.06 -26.82 50.60
CA ILE E 216 -32.31 -26.49 51.27
C ILE E 216 -32.09 -25.50 52.41
N ALA E 217 -32.74 -24.35 52.34
CA ALA E 217 -32.57 -23.33 53.37
C ALA E 217 -33.57 -22.19 53.20
N ILE E 218 -33.92 -21.53 54.31
CA ILE E 218 -34.80 -20.38 54.26
C ILE E 218 -34.01 -19.08 54.15
N CYS E 219 -33.87 -18.58 52.93
CA CYS E 219 -33.16 -17.32 52.70
C CYS E 219 -34.14 -16.16 52.69
N PRO E 220 -33.62 -14.93 52.88
CA PRO E 220 -34.47 -13.74 52.85
C PRO E 220 -35.40 -13.76 51.66
N LYS E 221 -36.64 -13.34 51.87
CA LYS E 221 -37.65 -13.32 50.81
C LYS E 221 -37.34 -12.28 49.74
N VAL E 222 -37.15 -12.76 48.51
CA VAL E 222 -36.99 -11.89 47.36
C VAL E 222 -38.05 -12.28 46.32
N ARG E 223 -38.95 -11.37 46.02
CA ARG E 223 -40.11 -11.68 45.17
C ARG E 223 -40.85 -12.89 45.72
N ASP E 224 -41.06 -12.90 47.03
CA ASP E 224 -41.84 -13.95 47.71
C ASP E 224 -41.19 -15.32 47.67
N GLN E 225 -39.91 -15.38 47.35
CA GLN E 225 -39.21 -16.66 47.34
C GLN E 225 -38.16 -16.73 48.44
N GLU E 226 -38.28 -17.70 49.33
CA GLU E 226 -37.27 -17.95 50.35
C GLU E 226 -36.28 -18.99 49.84
N GLY E 227 -36.66 -19.67 48.77
CA GLY E 227 -35.78 -20.58 48.06
C GLY E 227 -34.97 -19.82 47.03
N ARG E 228 -34.11 -20.54 46.31
CA ARG E 228 -33.24 -19.90 45.33
C ARG E 228 -33.11 -20.71 44.05
N MET E 229 -32.81 -20.02 42.96
CA MET E 229 -32.55 -20.67 41.67
C MET E 229 -31.24 -20.14 41.09
N ASN E 230 -30.29 -21.03 40.87
CA ASN E 230 -29.01 -20.63 40.26
C ASN E 230 -28.96 -20.98 38.79
N TYR E 231 -28.44 -20.07 37.98
CA TYR E 231 -28.42 -20.22 36.54
C TYR E 231 -27.01 -20.47 36.03
N TYR E 232 -26.90 -21.40 35.08
CA TYR E 232 -25.60 -21.80 34.56
C TYR E 232 -25.67 -21.85 33.05
N TRP E 233 -24.52 -21.77 32.40
CA TRP E 233 -24.44 -21.83 30.96
C TRP E 233 -23.14 -22.47 30.54
N THR E 234 -23.08 -22.92 29.29
CA THR E 234 -21.83 -23.34 28.69
C THR E 234 -21.94 -23.29 27.18
N LEU E 235 -20.80 -23.36 26.50
CA LEU E 235 -20.78 -23.27 25.05
C LEU E 235 -20.32 -24.61 24.48
N VAL E 236 -21.23 -25.33 23.84
CA VAL E 236 -20.94 -26.64 23.30
C VAL E 236 -20.31 -26.51 21.91
N GLU E 237 -19.08 -27.00 21.77
CA GLU E 237 -18.37 -26.95 20.49
C GLU E 237 -19.13 -27.72 19.43
N PRO E 238 -18.96 -27.35 18.16
CA PRO E 238 -19.69 -27.89 17.01
C PRO E 238 -20.04 -29.38 17.09
N GLY E 239 -19.06 -30.28 17.11
CA GLY E 239 -19.40 -31.69 17.05
C GLY E 239 -19.68 -32.37 18.38
N ASP E 240 -19.70 -31.59 19.46
CA ASP E 240 -19.73 -32.14 20.80
C ASP E 240 -21.13 -32.54 21.28
N LYS E 241 -21.19 -33.29 22.38
CA LYS E 241 -22.44 -33.72 23.00
C LYS E 241 -22.53 -33.16 24.41
N ILE E 242 -23.73 -32.75 24.82
CA ILE E 242 -23.96 -32.32 26.19
C ILE E 242 -25.02 -33.20 26.85
N THR E 243 -24.80 -33.57 28.10
CA THR E 243 -25.67 -34.51 28.79
C THR E 243 -26.21 -33.95 30.09
N PHE E 244 -27.52 -34.07 30.26
CA PHE E 244 -28.17 -33.72 31.51
C PHE E 244 -28.70 -34.99 32.19
N GLU E 245 -28.55 -35.03 33.51
CA GLU E 245 -29.00 -36.16 34.30
C GLU E 245 -29.45 -35.58 35.64
N ALA E 246 -30.62 -36.03 36.12
CA ALA E 246 -31.15 -35.48 37.35
C ALA E 246 -32.23 -36.35 37.99
N THR E 247 -32.32 -36.25 39.32
CA THR E 247 -33.37 -36.89 40.08
C THR E 247 -34.23 -35.80 40.72
N GLY E 248 -34.06 -34.58 40.25
CA GLY E 248 -34.86 -33.45 40.70
C GLY E 248 -34.13 -32.12 40.57
N ASN E 249 -34.85 -31.04 40.85
CA ASN E 249 -34.23 -29.72 41.00
C ASN E 249 -33.56 -29.18 39.74
N LEU E 250 -33.78 -29.81 38.60
CA LEU E 250 -33.18 -29.36 37.35
C LEU E 250 -34.14 -28.52 36.52
N VAL E 251 -33.77 -27.28 36.26
CA VAL E 251 -34.53 -26.43 35.34
C VAL E 251 -33.94 -26.58 33.94
N VAL E 252 -34.53 -27.48 33.16
CA VAL E 252 -33.93 -27.90 31.89
C VAL E 252 -33.94 -26.83 30.79
N PRO E 253 -33.00 -26.96 29.85
CA PRO E 253 -33.03 -26.11 28.67
C PRO E 253 -34.24 -26.46 27.81
N ARG E 254 -34.91 -25.44 27.28
CA ARG E 254 -35.89 -25.66 26.22
C ARG E 254 -35.35 -25.08 24.93
N TYR E 255 -35.00 -23.79 24.98
CA TYR E 255 -34.40 -23.13 23.84
C TYR E 255 -32.91 -22.89 24.09
N ALA E 256 -32.10 -23.12 23.06
CA ALA E 256 -30.66 -22.84 23.14
C ALA E 256 -30.28 -21.90 22.00
N PHE E 257 -29.04 -21.46 21.95
CA PHE E 257 -28.65 -20.47 20.94
C PHE E 257 -27.37 -20.82 20.17
N ALA E 258 -27.53 -21.12 18.88
CA ALA E 258 -26.39 -21.33 18.00
C ALA E 258 -25.87 -19.97 17.57
N MET E 259 -24.58 -19.74 17.77
CA MET E 259 -24.03 -18.41 17.53
C MET E 259 -22.58 -18.49 17.12
N GLU E 260 -22.14 -17.50 16.36
CA GLU E 260 -20.74 -17.36 16.04
C GLU E 260 -20.22 -16.11 16.74
N ARG E 261 -19.34 -16.29 17.73
CA ARG E 261 -18.82 -15.17 18.50
C ARG E 261 -17.72 -14.42 17.74
N ASN E 262 -17.80 -13.10 17.77
CA ASN E 262 -16.76 -12.24 17.20
C ASN E 262 -15.74 -11.83 18.26
N ALA E 263 -14.50 -11.60 17.83
CA ALA E 263 -13.42 -11.23 18.74
C ALA E 263 -13.93 -10.51 19.97
N GLY E 264 -14.85 -9.56 19.77
CA GLY E 264 -15.54 -8.95 20.89
C GLY E 264 -15.61 -7.44 20.86
N SER E 265 -16.76 -6.91 21.28
CA SER E 265 -16.92 -5.48 21.51
C SER E 265 -17.26 -5.28 22.97
N GLY E 266 -18.43 -4.69 23.24
CA GLY E 266 -18.82 -4.44 24.61
C GLY E 266 -20.29 -4.09 24.79
N ILE E 267 -20.64 -3.70 26.01
CA ILE E 267 -21.99 -3.34 26.34
C ILE E 267 -22.07 -1.85 26.67
N ILE E 268 -22.94 -1.15 25.97
CA ILE E 268 -23.18 0.26 26.27
C ILE E 268 -24.46 0.38 27.08
N ILE E 269 -24.33 0.93 28.28
CA ILE E 269 -25.48 1.18 29.13
C ILE E 269 -25.80 2.67 29.10
N SER E 270 -26.80 3.04 28.31
CA SER E 270 -27.16 4.44 28.14
C SER E 270 -28.61 4.61 27.73
N ASP E 271 -29.17 5.78 28.04
CA ASP E 271 -30.52 6.11 27.61
C ASP E 271 -30.50 6.81 26.25
N THR E 272 -29.31 7.01 25.70
CA THR E 272 -29.16 7.62 24.39
C THR E 272 -29.87 6.78 23.34
N PRO E 273 -30.71 7.42 22.50
CA PRO E 273 -31.52 6.69 21.52
C PRO E 273 -30.68 6.00 20.46
N VAL E 274 -31.07 4.80 20.08
CA VAL E 274 -30.45 4.10 18.94
C VAL E 274 -31.08 4.59 17.64
N HIS E 275 -30.27 4.68 16.60
CA HIS E 275 -30.71 5.25 15.33
C HIS E 275 -30.04 4.56 14.14
N ASP E 276 -30.58 4.79 12.95
CA ASP E 276 -30.03 4.21 11.74
C ASP E 276 -28.94 5.09 11.14
N CYS E 277 -27.76 5.04 11.74
CA CYS E 277 -26.61 5.79 11.26
C CYS E 277 -25.37 4.91 11.27
N ASN E 278 -24.32 5.37 10.61
CA ASN E 278 -23.07 4.64 10.57
C ASN E 278 -21.95 5.40 11.26
N THR E 279 -21.08 4.67 11.94
CA THR E 279 -19.93 5.27 12.60
C THR E 279 -18.80 4.27 12.70
N THR E 280 -17.60 4.78 12.96
CA THR E 280 -16.46 3.92 13.23
C THR E 280 -16.12 3.95 14.71
N CYS E 281 -16.74 4.86 15.44
CA CYS E 281 -16.47 5.02 16.85
C CYS E 281 -17.74 5.39 17.62
N GLN E 282 -18.16 4.48 18.49
CA GLN E 282 -19.35 4.68 19.31
C GLN E 282 -19.03 5.07 20.76
N THR E 283 -19.85 5.93 21.32
CA THR E 283 -19.70 6.44 22.67
C THR E 283 -21.06 6.26 23.34
N PRO E 284 -21.10 6.14 24.68
CA PRO E 284 -22.40 6.06 25.35
C PRO E 284 -23.26 7.33 25.18
N LYS E 285 -22.63 8.48 24.92
CA LYS E 285 -23.36 9.74 24.73
C LYS E 285 -23.79 9.94 23.28
N GLY E 286 -23.18 9.20 22.36
CA GLY E 286 -23.40 9.40 20.94
C GLY E 286 -22.18 9.04 20.13
N ALA E 287 -22.34 8.99 18.81
CA ALA E 287 -21.27 8.57 17.92
C ALA E 287 -20.36 9.74 17.54
N ILE E 288 -19.16 9.42 17.07
CA ILE E 288 -18.23 10.45 16.60
C ILE E 288 -17.54 10.00 15.31
N ASN E 289 -17.55 10.87 14.29
CA ASN E 289 -16.84 10.63 13.04
C ASN E 289 -15.32 10.75 13.23
N THR E 290 -14.62 9.63 13.08
CA THR E 290 -13.18 9.60 13.32
C THR E 290 -12.35 10.16 12.18
N SER E 291 -12.12 11.47 12.20
CA SER E 291 -11.12 12.07 11.33
C SER E 291 -9.91 12.49 12.17
N LEU E 292 -10.18 13.27 13.21
CA LEU E 292 -9.15 13.76 14.12
C LEU E 292 -8.56 12.66 15.00
N PRO E 293 -7.31 12.85 15.46
CA PRO E 293 -6.62 11.85 16.28
C PRO E 293 -7.06 11.85 17.74
N PHE E 294 -7.59 12.97 18.23
CA PHE E 294 -7.93 13.09 19.64
C PHE E 294 -9.41 13.41 19.85
N GLN E 295 -9.89 13.13 21.07
CA GLN E 295 -11.32 13.22 21.37
C GLN E 295 -11.50 13.44 22.87
N ASN E 296 -12.48 14.27 23.25
CA ASN E 296 -12.75 14.50 24.67
C ASN E 296 -14.21 14.26 25.05
N ILE E 297 -14.93 13.57 24.18
CA ILE E 297 -16.32 13.21 24.42
C ILE E 297 -16.47 12.24 25.58
N HIS E 298 -15.66 11.18 25.56
CA HIS E 298 -15.90 10.05 26.46
C HIS E 298 -14.75 9.04 26.38
N PRO E 299 -14.19 8.66 27.53
CA PRO E 299 -13.09 7.70 27.59
C PRO E 299 -13.50 6.26 27.28
N ILE E 300 -14.80 5.98 27.36
CA ILE E 300 -15.33 4.63 27.12
C ILE E 300 -15.93 4.53 25.72
N THR E 301 -15.13 4.09 24.75
CA THR E 301 -15.58 4.07 23.36
C THR E 301 -15.45 2.68 22.77
N ILE E 302 -16.12 2.44 21.64
CA ILE E 302 -16.03 1.16 20.96
C ILE E 302 -15.82 1.36 19.47
N GLY E 303 -14.89 0.58 18.91
CA GLY E 303 -14.56 0.67 17.49
C GLY E 303 -13.17 1.25 17.28
N LYS E 304 -12.96 1.85 16.12
CA LYS E 304 -11.67 2.49 15.80
C LYS E 304 -11.76 3.98 16.09
N CYS E 305 -11.27 4.37 17.27
CA CYS E 305 -11.56 5.69 17.81
C CYS E 305 -10.33 6.58 17.93
N PRO E 306 -10.56 7.90 18.00
CA PRO E 306 -9.49 8.82 18.40
C PRO E 306 -9.10 8.51 19.83
N LYS E 307 -7.90 8.89 20.25
CA LYS E 307 -7.49 8.69 21.63
C LYS E 307 -8.17 9.70 22.53
N TYR E 308 -8.68 9.25 23.67
CA TYR E 308 -9.31 10.14 24.64
C TYR E 308 -8.27 10.96 25.39
N VAL E 309 -8.51 12.26 25.49
CA VAL E 309 -7.65 13.16 26.25
C VAL E 309 -8.49 14.09 27.10
N LYS E 310 -7.89 14.68 28.13
CA LYS E 310 -8.59 15.63 28.98
C LYS E 310 -8.42 17.07 28.49
N SER E 311 -8.11 17.23 27.20
CA SER E 311 -7.87 18.55 26.62
C SER E 311 -9.18 19.29 26.30
N THR E 312 -9.19 20.59 26.53
CA THR E 312 -10.32 21.43 26.15
C THR E 312 -10.17 22.01 24.74
N LYS E 313 -8.92 22.22 24.31
CA LYS E 313 -8.66 22.78 22.99
C LYS E 313 -7.29 22.34 22.45
N LEU E 314 -7.27 21.92 21.19
CA LEU E 314 -6.01 21.52 20.55
C LEU E 314 -5.89 22.14 19.17
N ARG E 315 -5.84 23.47 19.13
CA ARG E 315 -5.80 24.21 17.86
C ARG E 315 -4.42 24.17 17.22
N LEU E 316 -4.37 23.66 16.00
CA LEU E 316 -3.13 23.57 15.24
C LEU E 316 -3.04 24.71 14.24
N ALA E 317 -2.00 25.53 14.38
CA ALA E 317 -1.79 26.65 13.46
C ALA E 317 -1.42 26.15 12.08
N THR E 318 -2.12 26.66 11.07
CA THR E 318 -1.79 26.35 9.68
C THR E 318 -1.28 27.62 8.99
N GLY E 319 -1.82 28.76 9.39
CA GLY E 319 -1.39 30.03 8.84
C GLY E 319 -0.30 30.68 9.67
N LEU E 320 -0.08 31.96 9.45
CA LEU E 320 0.95 32.70 10.18
C LEU E 320 0.31 33.62 11.19
N ARG E 321 1.13 34.18 12.08
CA ARG E 321 0.61 35.13 13.06
C ARG E 321 -0.14 36.26 12.34
N ASN E 322 -1.37 36.51 12.75
CA ASN E 322 -2.21 37.53 12.12
C ASN E 322 -1.97 38.90 12.75
N ILE E 323 -1.41 39.81 11.96
CA ILE E 323 -1.10 41.16 12.45
C ILE E 323 -1.65 42.24 11.52
N PRO E 324 -2.97 42.49 11.60
CA PRO E 324 -3.59 43.53 10.79
C PRO E 324 -3.21 44.93 11.27
N SER E 325 -3.37 45.17 12.57
CA SER E 325 -3.10 46.49 13.15
C SER E 325 -3.90 47.60 12.47
N GLY F 1 9.42 34.82 14.84
CA GLY F 1 10.47 35.53 15.53
C GLY F 1 11.85 34.93 15.25
N LEU F 2 11.87 33.64 14.93
CA LEU F 2 13.13 32.92 14.77
C LEU F 2 13.93 33.41 13.57
N PHE F 3 13.24 33.99 12.58
CA PHE F 3 13.91 34.44 11.35
C PHE F 3 13.87 35.95 11.14
N GLY F 4 13.32 36.66 12.12
CA GLY F 4 13.42 38.12 12.16
C GLY F 4 12.49 38.90 11.27
N ALA F 5 11.82 38.21 10.35
CA ALA F 5 10.94 38.88 9.38
C ALA F 5 9.58 39.20 9.97
N ILE F 6 8.76 38.17 10.18
CA ILE F 6 7.40 38.37 10.69
C ILE F 6 7.42 38.98 12.08
N ALA F 7 6.66 40.07 12.24
CA ALA F 7 6.64 40.81 13.50
C ALA F 7 8.05 41.19 13.92
N GLY F 8 8.94 41.28 12.93
CA GLY F 8 10.33 41.66 13.16
C GLY F 8 10.64 42.96 12.46
N PHE F 9 11.31 42.88 11.31
CA PHE F 9 11.59 44.06 10.52
C PHE F 9 10.44 44.37 9.56
N ILE F 10 9.63 43.37 9.26
CA ILE F 10 8.38 43.59 8.55
C ILE F 10 7.24 43.58 9.59
N GLU F 11 7.03 44.72 10.23
CA GLU F 11 6.22 44.79 11.45
C GLU F 11 4.80 44.22 11.37
N GLY F 12 4.14 44.38 10.23
CA GLY F 12 2.74 44.00 10.13
C GLY F 12 2.36 43.32 8.83
N GLY F 13 1.14 42.79 8.80
CA GLY F 13 0.66 42.05 7.65
C GLY F 13 -0.33 42.85 6.84
N TRP F 14 -0.75 42.30 5.70
CA TRP F 14 -1.57 43.04 4.76
C TRP F 14 -2.94 42.41 4.57
N THR F 15 -3.97 43.10 5.05
CA THR F 15 -5.34 42.66 4.81
C THR F 15 -5.68 42.80 3.33
N GLY F 16 -4.92 43.65 2.64
CA GLY F 16 -5.15 43.90 1.23
C GLY F 16 -4.71 42.78 0.32
N MET F 17 -3.78 41.96 0.80
CA MET F 17 -3.32 40.81 0.04
C MET F 17 -4.16 39.59 0.38
N VAL F 18 -5.21 39.36 -0.40
CA VAL F 18 -6.20 38.35 -0.05
C VAL F 18 -6.14 37.09 -0.92
N ASP F 19 -5.07 36.90 -1.68
CA ASP F 19 -4.98 35.73 -2.55
C ASP F 19 -3.73 34.89 -2.31
N GLY F 20 -3.14 35.03 -1.13
CA GLY F 20 -1.94 34.28 -0.80
C GLY F 20 -1.37 34.58 0.56
N TRP F 21 -0.43 33.74 0.99
CA TRP F 21 0.21 33.87 2.29
C TRP F 21 1.37 34.86 2.26
N TYR F 22 2.18 34.76 1.20
CA TYR F 22 3.31 35.68 1.02
C TYR F 22 3.23 36.33 -0.36
N GLY F 23 3.63 37.59 -0.44
CA GLY F 23 3.56 38.33 -1.69
C GLY F 23 4.15 39.72 -1.63
N TYR F 24 3.77 40.55 -2.59
CA TYR F 24 4.37 41.87 -2.72
C TYR F 24 3.32 42.97 -2.80
N HIS F 25 3.75 44.18 -2.49
CA HIS F 25 3.01 45.38 -2.85
C HIS F 25 3.94 46.28 -3.65
N HIS F 26 3.56 46.56 -4.89
CA HIS F 26 4.39 47.37 -5.77
C HIS F 26 3.87 48.80 -5.86
N GLN F 27 4.75 49.71 -6.25
CA GLN F 27 4.37 51.11 -6.43
C GLN F 27 5.24 51.73 -7.51
N ASN F 28 4.67 51.90 -8.69
CA ASN F 28 5.39 52.53 -9.80
C ASN F 28 4.59 53.62 -10.49
N GLU F 29 5.06 54.03 -11.66
CA GLU F 29 4.42 55.09 -12.42
C GLU F 29 3.05 54.66 -12.94
N GLN F 30 2.90 53.37 -13.21
CA GLN F 30 1.66 52.85 -13.82
C GLN F 30 0.56 52.58 -12.81
N GLY F 31 0.89 52.64 -11.51
CA GLY F 31 -0.07 52.37 -10.46
C GLY F 31 0.51 51.48 -9.38
N SER F 32 -0.32 51.08 -8.43
CA SER F 32 0.12 50.23 -7.33
C SER F 32 -0.88 49.14 -6.99
N GLY F 33 -0.54 48.28 -6.04
CA GLY F 33 -1.43 47.22 -5.60
C GLY F 33 -0.73 46.04 -4.94
N TYR F 34 -1.52 45.08 -4.47
CA TYR F 34 -0.98 43.88 -3.85
C TYR F 34 -0.95 42.70 -4.82
N ALA F 35 0.03 41.82 -4.64
CA ALA F 35 0.10 40.60 -5.44
C ALA F 35 0.88 39.51 -4.70
N ALA F 36 0.17 38.45 -4.31
CA ALA F 36 0.80 37.34 -3.59
C ALA F 36 1.68 36.51 -4.53
N ASP F 37 2.86 36.16 -4.04
CA ASP F 37 3.75 35.29 -4.80
C ASP F 37 3.19 33.87 -4.83
N LEU F 38 2.75 33.44 -6.01
CA LEU F 38 2.05 32.16 -6.14
C LEU F 38 2.93 30.95 -5.88
N LYS F 39 4.21 31.02 -6.26
CA LYS F 39 5.10 29.88 -6.05
C LYS F 39 5.24 29.58 -4.56
N SER F 40 5.87 30.49 -3.82
CA SER F 40 6.12 30.29 -2.40
C SER F 40 4.85 30.06 -1.58
N THR F 41 3.72 30.58 -2.07
CA THR F 41 2.46 30.41 -1.37
C THR F 41 1.90 28.99 -1.54
N GLN F 42 1.87 28.51 -2.78
CA GLN F 42 1.38 27.18 -3.08
C GLN F 42 2.26 26.12 -2.42
N ASN F 43 3.57 26.37 -2.40
CA ASN F 43 4.50 25.43 -1.79
C ASN F 43 4.25 25.32 -0.28
N ALA F 44 4.05 26.47 0.35
CA ALA F 44 3.74 26.51 1.78
C ALA F 44 2.41 25.81 2.06
N ILE F 45 1.46 25.97 1.15
CA ILE F 45 0.16 25.33 1.27
C ILE F 45 0.29 23.81 1.18
N ASP F 46 1.06 23.36 0.19
CA ASP F 46 1.28 21.94 0.00
C ASP F 46 1.97 21.32 1.21
N GLU F 47 2.84 22.08 1.86
CA GLU F 47 3.62 21.54 2.97
C GLU F 47 2.92 21.60 4.30
N ILE F 48 2.23 22.70 4.59
CA ILE F 48 1.45 22.78 5.81
C ILE F 48 0.29 21.80 5.75
N THR F 49 -0.24 21.58 4.56
CA THR F 49 -1.27 20.58 4.33
C THR F 49 -0.73 19.17 4.57
N ASN F 50 0.50 18.93 4.16
CA ASN F 50 1.16 17.66 4.40
C ASN F 50 1.44 17.46 5.89
N LYS F 51 1.71 18.57 6.58
CA LYS F 51 1.96 18.56 8.01
C LYS F 51 0.72 18.13 8.80
N VAL F 52 -0.40 18.76 8.47
CA VAL F 52 -1.69 18.45 9.11
C VAL F 52 -2.10 16.99 8.88
N ASN F 53 -2.07 16.55 7.63
CA ASN F 53 -2.39 15.16 7.30
C ASN F 53 -1.40 14.16 7.89
N SER F 54 -0.20 14.62 8.23
CA SER F 54 0.78 13.73 8.88
C SER F 54 0.40 13.46 10.33
N VAL F 55 0.08 14.51 11.07
CA VAL F 55 -0.29 14.38 12.48
C VAL F 55 -1.59 13.59 12.63
N ILE F 56 -2.37 13.56 11.56
CA ILE F 56 -3.66 12.89 11.56
C ILE F 56 -3.58 11.44 11.10
N GLU F 57 -2.95 11.22 9.95
CA GLU F 57 -2.95 9.91 9.31
C GLU F 57 -2.03 8.90 9.96
N LYS F 58 -1.10 9.38 10.77
CA LYS F 58 -0.17 8.47 11.43
C LYS F 58 -0.78 7.87 12.70
N MET F 59 -2.02 8.24 12.99
CA MET F 59 -2.73 7.67 14.13
C MET F 59 -3.49 6.43 13.70
N ASN F 60 -2.77 5.31 13.60
CA ASN F 60 -3.40 4.01 13.44
C ASN F 60 -4.09 3.61 14.74
N THR F 61 -5.41 3.53 14.73
CA THR F 61 -6.11 3.13 15.93
C THR F 61 -6.60 1.69 15.82
N GLN F 62 -6.20 0.87 16.78
CA GLN F 62 -6.68 -0.51 16.86
C GLN F 62 -8.17 -0.48 17.21
N PHE F 63 -8.89 -1.54 16.84
CA PHE F 63 -10.27 -1.67 17.26
C PHE F 63 -10.34 -2.07 18.73
N THR F 64 -11.05 -1.28 19.52
CA THR F 64 -11.08 -1.51 20.96
C THR F 64 -12.43 -1.21 21.60
N ALA F 65 -12.85 -2.08 22.49
CA ALA F 65 -13.99 -1.80 23.36
C ALA F 65 -13.44 -1.47 24.73
N VAL F 66 -13.28 -0.19 25.02
CA VAL F 66 -12.64 0.25 26.26
C VAL F 66 -13.31 -0.27 27.52
N GLY F 67 -14.64 -0.21 27.55
CA GLY F 67 -15.40 -0.56 28.74
C GLY F 67 -15.27 -2.02 29.15
N LYS F 68 -15.26 -2.25 30.46
CA LYS F 68 -15.26 -3.60 31.00
C LYS F 68 -16.22 -3.66 32.19
N GLU F 69 -16.83 -4.83 32.40
CA GLU F 69 -17.75 -5.02 33.51
C GLU F 69 -17.19 -5.99 34.54
N PHE F 70 -17.14 -5.55 35.79
CA PHE F 70 -16.64 -6.37 36.90
C PHE F 70 -17.67 -6.41 38.02
N ASN F 71 -17.82 -7.57 38.66
CA ASN F 71 -18.73 -7.71 39.80
C ASN F 71 -18.07 -7.27 41.11
N HIS F 72 -18.82 -7.38 42.20
CA HIS F 72 -18.40 -6.85 43.50
C HIS F 72 -17.16 -7.53 44.11
N LEU F 73 -16.77 -8.69 43.59
CA LEU F 73 -15.58 -9.37 44.09
C LEU F 73 -14.42 -9.28 43.10
N GLU F 74 -14.44 -8.23 42.29
CA GLU F 74 -13.41 -8.02 41.27
C GLU F 74 -12.96 -6.56 41.25
N LYS F 75 -12.92 -5.94 42.42
CA LYS F 75 -12.50 -4.55 42.53
C LYS F 75 -11.04 -4.38 42.11
N ARG F 76 -10.22 -5.36 42.47
CA ARG F 76 -8.79 -5.31 42.13
C ARG F 76 -8.58 -5.20 40.62
N ILE F 77 -9.11 -6.16 39.86
CA ILE F 77 -8.95 -6.11 38.41
C ILE F 77 -9.72 -4.95 37.80
N GLU F 78 -10.79 -4.52 38.45
CA GLU F 78 -11.52 -3.34 38.02
C GLU F 78 -10.63 -2.10 38.14
N ASN F 79 -9.88 -2.02 39.24
CA ASN F 79 -8.97 -0.91 39.44
C ASN F 79 -7.75 -0.98 38.52
N LEU F 80 -7.29 -2.19 38.24
CA LEU F 80 -6.23 -2.37 37.24
C LEU F 80 -6.68 -1.78 35.92
N ASN F 81 -7.89 -2.14 35.50
CA ASN F 81 -8.50 -1.59 34.30
C ASN F 81 -8.50 -0.07 34.34
N LYS F 82 -8.94 0.48 35.46
CA LYS F 82 -8.93 1.92 35.67
C LYS F 82 -7.54 2.51 35.45
N LYS F 83 -6.53 1.87 36.05
CA LYS F 83 -5.15 2.33 35.93
C LYS F 83 -4.68 2.33 34.49
N VAL F 84 -5.11 1.33 33.73
CA VAL F 84 -4.78 1.25 32.31
C VAL F 84 -5.39 2.42 31.54
N ASP F 85 -6.68 2.67 31.73
CA ASP F 85 -7.38 3.77 31.07
C ASP F 85 -6.82 5.14 31.47
N ASP F 86 -6.61 5.32 32.77
CA ASP F 86 -6.05 6.56 33.29
C ASP F 86 -4.61 6.77 32.82
N GLY F 87 -3.88 5.68 32.62
CA GLY F 87 -2.50 5.75 32.18
C GLY F 87 -2.40 6.19 30.74
N PHE F 88 -3.26 5.64 29.90
CA PHE F 88 -3.36 6.06 28.52
C PHE F 88 -3.86 7.49 28.44
N LEU F 89 -4.76 7.85 29.36
CA LEU F 89 -5.32 9.18 29.41
C LEU F 89 -4.24 10.24 29.62
N ASP F 90 -3.40 10.04 30.62
CA ASP F 90 -2.33 10.99 30.94
C ASP F 90 -1.28 11.05 29.85
N ILE F 91 -0.95 9.89 29.27
CA ILE F 91 0.02 9.84 28.19
C ILE F 91 -0.45 10.61 26.96
N TRP F 92 -1.71 10.40 26.55
CA TRP F 92 -2.21 11.06 25.34
C TRP F 92 -2.48 12.54 25.54
N THR F 93 -2.98 12.91 26.71
CA THR F 93 -3.23 14.31 27.02
C THR F 93 -1.91 15.08 26.95
N TYR F 94 -0.90 14.60 27.66
CA TYR F 94 0.38 15.29 27.73
C TYR F 94 1.04 15.39 26.36
N ASN F 95 1.08 14.29 25.62
CA ASN F 95 1.69 14.31 24.29
C ASN F 95 0.94 15.21 23.30
N ALA F 96 -0.38 15.09 23.27
CA ALA F 96 -1.19 15.94 22.39
C ALA F 96 -0.94 17.42 22.69
N GLU F 97 -0.98 17.79 23.98
CA GLU F 97 -0.77 19.17 24.39
C GLU F 97 0.58 19.69 23.93
N LEU F 98 1.64 18.93 24.18
CA LEU F 98 2.97 19.36 23.79
C LEU F 98 3.16 19.33 22.27
N LEU F 99 2.63 18.29 21.62
CA LEU F 99 2.75 18.17 20.18
C LEU F 99 2.24 19.43 19.51
N VAL F 100 1.16 19.97 20.06
CA VAL F 100 0.51 21.15 19.48
C VAL F 100 1.28 22.43 19.79
N LEU F 101 1.76 22.58 21.01
CA LEU F 101 2.59 23.73 21.36
C LEU F 101 3.84 23.76 20.51
N LEU F 102 4.49 22.60 20.41
CA LEU F 102 5.76 22.47 19.71
C LEU F 102 5.60 22.64 18.20
N GLU F 103 4.56 22.07 17.63
CA GLU F 103 4.34 22.19 16.20
C GLU F 103 3.84 23.58 15.79
N ASN F 104 3.03 24.20 16.65
CA ASN F 104 2.58 25.56 16.41
C ASN F 104 3.77 26.51 16.35
N GLU F 105 4.76 26.28 17.21
CA GLU F 105 5.96 27.11 17.21
C GLU F 105 6.77 26.90 15.95
N ARG F 106 6.86 25.64 15.50
CA ARG F 106 7.58 25.33 14.27
C ARG F 106 6.87 25.92 13.06
N THR F 107 5.54 25.86 13.07
CA THR F 107 4.75 26.40 11.97
C THR F 107 4.97 27.90 11.79
N LEU F 108 4.94 28.64 12.90
CA LEU F 108 5.15 30.08 12.83
C LEU F 108 6.57 30.41 12.36
N ASP F 109 7.55 29.69 12.87
CA ASP F 109 8.92 29.87 12.45
C ASP F 109 9.08 29.53 10.97
N TYR F 110 8.32 28.54 10.53
CA TYR F 110 8.39 28.11 9.15
C TYR F 110 7.92 29.22 8.20
N HIS F 111 6.80 29.86 8.55
CA HIS F 111 6.30 30.98 7.77
C HIS F 111 7.27 32.14 7.82
N ASP F 112 7.76 32.44 9.03
CA ASP F 112 8.74 33.49 9.23
C ASP F 112 9.90 33.29 8.25
N SER F 113 10.37 32.05 8.16
CA SER F 113 11.45 31.69 7.25
C SER F 113 11.07 31.92 5.79
N ASN F 114 9.88 31.48 5.40
CA ASN F 114 9.43 31.62 4.03
C ASN F 114 9.42 33.07 3.56
N VAL F 115 9.09 33.98 4.47
CA VAL F 115 9.08 35.41 4.17
C VAL F 115 10.51 35.93 4.06
N LYS F 116 11.33 35.56 5.05
CA LYS F 116 12.73 35.93 5.06
C LYS F 116 13.43 35.54 3.77
N ASN F 117 13.18 34.33 3.30
CA ASN F 117 13.81 33.86 2.07
C ASN F 117 13.31 34.61 0.83
N LEU F 118 12.06 35.04 0.89
CA LEU F 118 11.46 35.75 -0.24
C LEU F 118 12.05 37.15 -0.34
N TYR F 119 12.19 37.79 0.81
CA TYR F 119 12.82 39.10 0.88
C TYR F 119 14.25 39.05 0.36
N GLU F 120 15.05 38.12 0.88
CA GLU F 120 16.46 38.05 0.52
C GLU F 120 16.71 37.46 -0.87
N LYS F 121 15.69 36.84 -1.45
CA LYS F 121 15.81 36.32 -2.81
C LYS F 121 15.59 37.45 -3.81
N VAL F 122 14.74 38.39 -3.44
CA VAL F 122 14.51 39.58 -4.23
C VAL F 122 15.72 40.51 -4.11
N ARG F 123 16.28 40.56 -2.90
CA ARG F 123 17.40 41.44 -2.61
C ARG F 123 18.68 41.04 -3.34
N SER F 124 18.83 39.75 -3.62
CA SER F 124 19.99 39.26 -4.35
C SER F 124 19.93 39.64 -5.82
N GLN F 125 18.71 39.76 -6.36
CA GLN F 125 18.54 40.18 -7.74
C GLN F 125 18.83 41.66 -7.89
N LEU F 126 18.12 42.47 -7.11
CA LEU F 126 18.21 43.93 -7.21
C LEU F 126 19.61 44.45 -6.87
N LYS F 127 20.25 43.80 -5.90
CA LYS F 127 21.57 44.23 -5.45
C LYS F 127 21.58 45.72 -5.10
N ASN F 128 22.40 46.50 -5.79
CA ASN F 128 22.52 47.92 -5.50
C ASN F 128 21.74 48.83 -6.45
N ASN F 129 20.85 48.23 -7.25
CA ASN F 129 19.95 48.99 -8.11
C ASN F 129 18.71 49.44 -7.36
N ALA F 130 18.70 49.19 -6.05
CA ALA F 130 17.63 49.66 -5.18
C ALA F 130 18.16 49.73 -3.77
N LYS F 131 17.44 50.44 -2.91
CA LYS F 131 17.86 50.56 -1.52
C LYS F 131 16.88 49.86 -0.58
N GLU F 132 17.42 49.22 0.44
CA GLU F 132 16.60 48.62 1.48
C GLU F 132 16.16 49.71 2.45
N ILE F 133 14.98 50.27 2.19
CA ILE F 133 14.45 51.35 3.02
C ILE F 133 13.80 50.83 4.30
N GLY F 134 13.71 49.51 4.44
CA GLY F 134 13.19 48.90 5.64
C GLY F 134 11.73 48.50 5.57
N ASN F 135 11.28 47.79 6.61
CA ASN F 135 9.90 47.31 6.67
C ASN F 135 9.61 46.34 5.53
N GLY F 136 10.66 45.71 5.01
CA GLY F 136 10.52 44.76 3.92
C GLY F 136 10.25 45.43 2.58
N CYS F 137 10.72 46.66 2.42
CA CYS F 137 10.45 47.41 1.20
C CYS F 137 11.71 47.72 0.39
N PHE F 138 11.56 47.80 -0.93
CA PHE F 138 12.65 48.17 -1.81
C PHE F 138 12.33 49.41 -2.62
N GLU F 139 13.14 50.46 -2.47
CA GLU F 139 12.98 51.68 -3.26
C GLU F 139 14.00 51.70 -4.39
N PHE F 140 13.52 51.41 -5.60
CA PHE F 140 14.37 51.32 -6.78
C PHE F 140 15.19 52.59 -7.05
N TYR F 141 16.40 52.39 -7.57
CA TYR F 141 17.24 53.50 -8.00
C TYR F 141 16.95 53.84 -9.46
N HIS F 142 16.40 52.87 -10.18
CA HIS F 142 15.99 53.08 -11.56
C HIS F 142 14.47 53.14 -11.66
N LYS F 143 13.96 53.23 -12.88
CA LYS F 143 12.51 53.24 -13.10
C LYS F 143 12.03 51.83 -13.40
N CYS F 144 11.11 51.34 -12.58
CA CYS F 144 10.64 49.97 -12.70
C CYS F 144 9.14 49.91 -12.96
N ASP F 145 8.77 49.74 -14.22
CA ASP F 145 7.36 49.65 -14.60
C ASP F 145 6.81 48.26 -14.32
N ASN F 146 5.63 47.97 -14.86
CA ASN F 146 4.97 46.70 -14.62
C ASN F 146 5.78 45.49 -15.05
N THR F 147 6.19 45.47 -16.32
CA THR F 147 6.98 44.36 -16.84
C THR F 147 8.27 44.18 -16.06
N CYS F 148 8.83 45.28 -15.57
CA CYS F 148 10.01 45.22 -14.74
C CYS F 148 9.69 44.62 -13.37
N MET F 149 8.59 45.08 -12.79
CA MET F 149 8.15 44.58 -11.49
C MET F 149 7.95 43.08 -11.51
N GLU F 150 7.16 42.62 -12.47
CA GLU F 150 6.84 41.20 -12.61
C GLU F 150 8.08 40.33 -12.84
N SER F 151 9.11 40.91 -13.44
CA SER F 151 10.36 40.18 -13.65
C SER F 151 11.07 39.94 -12.32
N VAL F 152 10.89 40.88 -11.39
CA VAL F 152 11.43 40.73 -10.05
C VAL F 152 10.61 39.71 -9.28
N LYS F 153 9.29 39.83 -9.38
CA LYS F 153 8.36 38.93 -8.68
C LYS F 153 8.60 37.47 -9.06
N ASN F 154 8.81 37.21 -10.35
CA ASN F 154 9.01 35.83 -10.80
C ASN F 154 10.42 35.54 -11.34
N GLY F 155 11.42 35.78 -10.50
CA GLY F 155 12.79 35.35 -10.75
C GLY F 155 13.53 35.98 -11.91
N THR F 156 12.90 36.04 -13.08
CA THR F 156 13.59 36.49 -14.29
C THR F 156 13.80 38.01 -14.34
N TYR F 157 14.61 38.52 -13.43
CA TYR F 157 14.93 39.95 -13.40
C TYR F 157 16.22 40.24 -14.15
N ASP F 158 16.21 41.28 -14.98
CA ASP F 158 17.38 41.66 -15.77
C ASP F 158 18.13 42.82 -15.10
N TYR F 159 19.17 42.49 -14.34
CA TYR F 159 19.92 43.50 -13.60
C TYR F 159 20.77 44.43 -14.47
N PRO F 160 21.56 43.86 -15.40
CA PRO F 160 22.40 44.69 -16.26
C PRO F 160 21.60 45.72 -17.08
N LYS F 161 20.35 45.41 -17.39
CA LYS F 161 19.50 46.30 -18.19
C LYS F 161 19.24 47.65 -17.53
N TYR F 162 19.42 47.72 -16.21
CA TYR F 162 19.14 48.95 -15.47
C TYR F 162 20.35 49.45 -14.68
N SER F 163 21.47 48.74 -14.76
CA SER F 163 22.69 49.17 -14.09
C SER F 163 22.97 50.63 -14.44
N GLU F 164 22.85 50.92 -15.73
CA GLU F 164 22.91 52.30 -16.22
C GLU F 164 21.59 52.96 -15.91
N GLU F 165 21.63 53.98 -15.05
CA GLU F 165 20.45 54.69 -14.57
C GLU F 165 20.39 54.57 -13.06
N ALA F 166 20.55 53.34 -12.58
CA ALA F 166 20.62 53.10 -11.14
C ALA F 166 21.76 53.93 -10.58
N LYS F 167 22.94 53.80 -11.20
CA LYS F 167 24.13 54.52 -10.77
C LYS F 167 23.91 56.03 -10.68
N LEU F 168 23.16 56.58 -11.64
CA LEU F 168 22.88 58.02 -11.69
C LEU F 168 22.26 58.55 -10.41
N ASN F 169 21.04 58.09 -10.12
CA ASN F 169 20.28 58.61 -8.98
C ASN F 169 20.80 58.13 -7.63
N ARG F 170 22.05 58.46 -7.32
CA ARG F 170 22.67 58.06 -6.05
C ARG F 170 23.67 59.10 -5.58
N ASP G 3 49.01 38.12 -44.26
CA ASP G 3 48.41 38.28 -42.93
C ASP G 3 46.97 37.76 -42.93
N THR G 4 46.71 36.75 -42.11
CA THR G 4 45.46 35.98 -42.24
C THR G 4 44.73 35.66 -40.95
N LEU G 5 43.44 35.37 -41.09
CA LEU G 5 42.60 34.89 -40.01
C LEU G 5 41.67 33.80 -40.54
N CYS G 6 41.69 32.64 -39.91
CA CYS G 6 40.91 31.49 -40.38
C CYS G 6 39.83 31.06 -39.39
N ILE G 7 38.65 30.74 -39.94
CA ILE G 7 37.57 30.16 -39.14
C ILE G 7 37.58 28.64 -39.28
N GLY G 8 37.54 27.93 -38.15
CA GLY G 8 37.67 26.49 -38.20
C GLY G 8 36.95 25.76 -37.09
N TYR G 9 37.07 24.43 -37.10
CA TYR G 9 36.35 23.59 -36.13
C TYR G 9 37.23 22.51 -35.50
N HIS G 10 36.77 22.01 -34.35
CA HIS G 10 37.54 21.08 -33.54
C HIS G 10 37.63 19.68 -34.13
N ALA G 11 38.76 19.02 -33.88
CA ALA G 11 38.94 17.62 -34.23
C ALA G 11 39.71 16.95 -33.10
N ASN G 12 39.74 15.63 -33.08
CA ASN G 12 40.44 14.91 -32.02
C ASN G 12 40.73 13.45 -32.34
N ASN G 13 41.01 12.68 -31.29
CA ASN G 13 41.41 11.29 -31.42
C ASN G 13 40.23 10.34 -31.38
N SER G 14 39.02 10.89 -31.38
CA SER G 14 37.81 10.08 -31.29
C SER G 14 37.67 9.11 -32.45
N THR G 15 37.30 7.87 -32.11
CA THR G 15 37.01 6.86 -33.11
C THR G 15 35.52 6.54 -33.13
N ASP G 16 34.77 7.23 -32.27
CA ASP G 16 33.32 7.02 -32.17
C ASP G 16 32.64 7.30 -33.50
N THR G 17 31.76 6.39 -33.92
CA THR G 17 30.98 6.57 -35.14
C THR G 17 29.50 6.63 -34.79
N VAL G 18 28.73 7.25 -35.68
CA VAL G 18 27.27 7.27 -35.54
C VAL G 18 26.67 7.14 -36.92
N ASP G 19 25.39 6.77 -36.96
CA ASP G 19 24.67 6.73 -38.23
C ASP G 19 23.75 7.94 -38.33
N THR G 20 23.60 8.44 -39.53
CA THR G 20 22.60 9.46 -39.80
C THR G 20 21.72 8.89 -40.89
N VAL G 21 20.61 9.57 -41.17
CA VAL G 21 19.70 9.11 -42.19
C VAL G 21 20.35 9.15 -43.59
N LEU G 22 21.42 9.92 -43.72
CA LEU G 22 22.07 10.13 -45.03
C LEU G 22 23.38 9.37 -45.22
N GLU G 23 24.09 9.13 -44.12
CA GLU G 23 25.36 8.41 -44.19
C GLU G 23 25.58 7.57 -42.93
N LYS G 24 26.22 6.42 -43.10
CA LYS G 24 26.51 5.53 -41.98
C LYS G 24 27.98 5.60 -41.53
N ASN G 25 28.21 5.35 -40.25
CA ASN G 25 29.56 5.30 -39.68
C ASN G 25 30.32 6.61 -39.82
N VAL G 26 29.65 7.72 -39.58
CA VAL G 26 30.30 9.02 -39.57
C VAL G 26 31.06 9.19 -38.26
N THR G 27 32.37 9.34 -38.34
CA THR G 27 33.17 9.51 -37.12
C THR G 27 32.92 10.90 -36.53
N VAL G 28 32.66 10.95 -35.23
CA VAL G 28 32.31 12.20 -34.57
C VAL G 28 33.16 12.43 -33.32
N THR G 29 33.39 13.70 -33.01
CA THR G 29 34.28 14.09 -31.93
C THR G 29 33.69 13.78 -30.56
N HIS G 30 32.37 13.86 -30.46
CA HIS G 30 31.67 13.61 -29.20
C HIS G 30 30.29 12.98 -29.45
N SER G 31 29.90 12.07 -28.57
CA SER G 31 28.65 11.35 -28.71
C SER G 31 28.20 10.72 -27.40
N VAL G 32 26.93 10.37 -27.31
CA VAL G 32 26.38 9.71 -26.12
C VAL G 32 25.53 8.50 -26.50
N ASN G 33 25.35 7.60 -25.54
CA ASN G 33 24.58 6.39 -25.80
C ASN G 33 23.19 6.49 -25.18
N LEU G 34 22.16 6.26 -26.00
CA LEU G 34 20.79 6.29 -25.52
C LEU G 34 20.29 4.88 -25.18
N LEU G 35 21.15 3.90 -25.38
CA LEU G 35 20.77 2.50 -25.22
C LEU G 35 21.44 1.83 -24.03
N GLU G 36 20.66 1.55 -23.00
CA GLU G 36 21.16 0.76 -21.88
C GLU G 36 21.33 -0.67 -22.35
N ASP G 37 22.57 -1.17 -22.35
CA ASP G 37 22.83 -2.54 -22.79
C ASP G 37 23.56 -3.38 -21.75
N LYS G 38 23.59 -2.91 -20.51
CA LYS G 38 24.24 -3.67 -19.44
C LYS G 38 23.36 -3.79 -18.20
N HIS G 39 23.50 -4.92 -17.50
CA HIS G 39 22.77 -5.16 -16.25
C HIS G 39 23.75 -5.52 -15.13
N ASN G 40 23.22 -5.78 -13.93
CA ASN G 40 24.10 -6.06 -12.80
C ASN G 40 24.15 -7.53 -12.42
N GLY G 41 23.56 -8.38 -13.26
CA GLY G 41 23.54 -9.82 -13.01
C GLY G 41 22.96 -10.24 -11.66
N LYS G 42 22.09 -9.41 -11.10
CA LYS G 42 21.48 -9.70 -9.80
C LYS G 42 19.97 -9.49 -9.85
N LEU G 43 19.24 -10.20 -8.99
CA LEU G 43 17.85 -9.87 -8.71
C LEU G 43 17.85 -9.00 -7.45
N CYS G 44 17.37 -7.78 -7.58
CA CYS G 44 17.46 -6.82 -6.48
C CYS G 44 16.11 -6.50 -5.82
N LYS G 45 16.18 -5.79 -4.70
CA LYS G 45 14.99 -5.23 -4.08
C LYS G 45 14.30 -4.32 -5.09
N LEU G 46 13.02 -4.07 -4.87
CA LEU G 46 12.24 -3.20 -5.74
C LEU G 46 11.48 -2.22 -4.86
N ARG G 47 11.76 -0.93 -5.01
CA ARG G 47 11.23 0.09 -4.12
C ARG G 47 11.57 -0.25 -2.66
N GLY G 48 12.78 -0.73 -2.44
CA GLY G 48 13.28 -0.97 -1.11
C GLY G 48 12.80 -2.24 -0.45
N VAL G 49 12.10 -3.08 -1.22
CA VAL G 49 11.55 -4.32 -0.68
C VAL G 49 12.03 -5.52 -1.46
N ALA G 50 12.70 -6.44 -0.77
CA ALA G 50 13.25 -7.63 -1.39
C ALA G 50 12.17 -8.54 -1.97
N PRO G 51 12.53 -9.35 -2.97
CA PRO G 51 11.60 -10.33 -3.53
C PRO G 51 11.46 -11.53 -2.59
N LEU G 52 10.41 -12.30 -2.80
CA LEU G 52 10.23 -13.55 -2.07
C LEU G 52 10.84 -14.65 -2.91
N HIS G 53 11.95 -15.22 -2.42
CA HIS G 53 12.63 -16.28 -3.16
C HIS G 53 12.18 -17.64 -2.65
N LEU G 54 11.52 -18.39 -3.52
CA LEU G 54 10.94 -19.68 -3.11
C LEU G 54 11.94 -20.83 -3.21
N GLY G 55 13.14 -20.52 -3.68
CA GLY G 55 14.21 -21.51 -3.76
C GLY G 55 13.88 -22.66 -4.69
N LYS G 56 13.87 -23.86 -4.13
CA LYS G 56 13.61 -25.08 -4.89
C LYS G 56 12.12 -25.37 -5.02
N CYS G 57 11.30 -24.50 -4.43
CA CYS G 57 9.86 -24.69 -4.44
C CYS G 57 9.19 -23.73 -5.41
N ASN G 58 8.09 -24.17 -6.02
CA ASN G 58 7.23 -23.27 -6.77
C ASN G 58 6.13 -22.76 -5.85
N ILE G 59 5.30 -21.85 -6.36
CA ILE G 59 4.30 -21.18 -5.54
C ILE G 59 3.31 -22.15 -4.90
N ALA G 60 2.93 -23.19 -5.64
CA ALA G 60 2.06 -24.24 -5.10
C ALA G 60 2.66 -24.90 -3.85
N GLY G 61 3.93 -25.28 -3.95
CA GLY G 61 4.61 -25.92 -2.84
C GLY G 61 4.66 -25.03 -1.62
N TRP G 62 5.06 -23.78 -1.84
CA TRP G 62 5.18 -22.81 -0.75
C TRP G 62 3.85 -22.54 -0.05
N ILE G 63 2.81 -22.23 -0.82
CA ILE G 63 1.55 -21.79 -0.23
C ILE G 63 0.76 -22.92 0.41
N LEU G 64 0.88 -24.13 -0.13
CA LEU G 64 0.21 -25.29 0.47
C LEU G 64 1.00 -25.82 1.67
N GLY G 65 2.30 -25.54 1.68
CA GLY G 65 3.14 -25.96 2.78
C GLY G 65 3.77 -27.34 2.63
N ASN G 66 4.01 -27.73 1.38
CA ASN G 66 4.85 -28.88 1.09
C ASN G 66 6.04 -28.91 2.05
N PRO G 67 6.25 -30.04 2.74
CA PRO G 67 7.28 -30.17 3.79
C PRO G 67 8.66 -29.66 3.35
N GLU G 68 8.97 -29.72 2.07
CA GLU G 68 10.28 -29.32 1.57
C GLU G 68 10.42 -27.82 1.40
N CYS G 69 9.34 -27.10 1.69
CA CYS G 69 9.30 -25.66 1.49
C CYS G 69 9.25 -24.90 2.82
N GLU G 70 9.85 -23.72 2.86
CA GLU G 70 9.88 -22.91 4.07
C GLU G 70 8.56 -22.21 4.31
N SER G 71 7.94 -22.46 5.46
CA SER G 71 6.66 -21.84 5.78
C SER G 71 6.73 -20.96 7.03
N LEU G 72 7.80 -21.12 7.80
CA LEU G 72 7.89 -20.50 9.12
C LEU G 72 8.52 -19.11 9.10
N SER G 73 9.44 -18.88 8.17
CA SER G 73 10.24 -17.65 8.20
C SER G 73 10.01 -16.70 7.03
N THR G 74 9.04 -17.01 6.19
CA THR G 74 8.75 -16.17 5.03
C THR G 74 8.54 -14.72 5.43
N ALA G 75 8.99 -13.80 4.59
CA ALA G 75 8.87 -12.36 4.89
C ALA G 75 7.42 -11.91 4.99
N SER G 76 7.21 -10.80 5.69
CA SER G 76 5.87 -10.26 5.88
C SER G 76 5.46 -9.36 4.72
N SER G 77 6.36 -9.21 3.75
CA SER G 77 6.09 -8.39 2.57
C SER G 77 7.16 -8.60 1.50
N TRP G 78 6.78 -8.38 0.25
CA TRP G 78 7.71 -8.55 -0.86
C TRP G 78 7.21 -7.82 -2.10
N SER G 79 8.14 -7.51 -3.00
CA SER G 79 7.86 -6.70 -4.17
C SER G 79 7.61 -7.56 -5.40
N TYR G 80 8.15 -8.78 -5.39
CA TYR G 80 7.86 -9.76 -6.42
C TYR G 80 8.29 -11.15 -5.96
N ILE G 81 7.99 -12.18 -6.74
CA ILE G 81 8.35 -13.54 -6.38
C ILE G 81 9.38 -14.12 -7.35
N VAL G 82 10.34 -14.88 -6.82
CA VAL G 82 11.33 -15.55 -7.66
C VAL G 82 11.27 -17.06 -7.53
N GLU G 83 11.07 -17.73 -8.66
CA GLU G 83 11.20 -19.19 -8.71
C GLU G 83 12.44 -19.53 -9.51
N THR G 84 12.87 -20.78 -9.38
CA THR G 84 14.02 -21.29 -10.11
C THR G 84 13.52 -22.14 -11.28
N PRO G 85 14.23 -22.09 -12.41
CA PRO G 85 13.86 -22.90 -13.57
C PRO G 85 13.54 -24.35 -13.21
N SER G 86 14.17 -24.88 -12.16
CA SER G 86 13.95 -26.26 -11.77
C SER G 86 13.26 -26.40 -10.40
N SER G 87 12.53 -25.36 -10.00
CA SER G 87 11.77 -25.40 -8.76
C SER G 87 10.61 -26.36 -8.92
N ASP G 88 10.80 -27.61 -8.49
CA ASP G 88 9.84 -28.67 -8.77
C ASP G 88 8.88 -28.97 -7.61
N ASN G 89 9.34 -28.77 -6.38
CA ASN G 89 8.51 -29.03 -5.20
C ASN G 89 7.25 -28.17 -5.14
N GLY G 90 6.18 -28.65 -5.76
CA GLY G 90 4.88 -27.99 -5.72
C GLY G 90 3.84 -28.88 -5.06
N THR G 91 2.95 -29.45 -5.86
CA THR G 91 1.95 -30.36 -5.34
C THR G 91 2.47 -31.80 -5.34
N CYS G 92 2.77 -32.31 -4.15
CA CYS G 92 3.35 -33.65 -4.01
C CYS G 92 2.31 -34.77 -4.12
N TYR G 93 1.06 -34.48 -3.77
CA TYR G 93 -0.05 -35.38 -4.09
C TYR G 93 -0.69 -34.86 -5.38
N PRO G 94 -0.73 -35.70 -6.43
CA PRO G 94 -1.14 -35.23 -7.76
C PRO G 94 -2.57 -34.76 -7.78
N GLY G 95 -2.85 -33.77 -8.62
CA GLY G 95 -4.19 -33.21 -8.75
C GLY G 95 -4.15 -31.85 -9.41
N ASP G 96 -5.32 -31.28 -9.64
CA ASP G 96 -5.44 -29.99 -10.32
C ASP G 96 -5.46 -28.85 -9.30
N PHE G 97 -4.71 -27.79 -9.60
CA PHE G 97 -4.70 -26.60 -8.77
C PHE G 97 -5.55 -25.52 -9.43
N ILE G 98 -6.79 -25.39 -8.99
CA ILE G 98 -7.77 -24.52 -9.65
C ILE G 98 -7.43 -23.03 -9.59
N ASP G 99 -7.47 -22.38 -10.75
CA ASP G 99 -7.12 -20.96 -10.88
C ASP G 99 -5.71 -20.68 -10.37
N TYR G 100 -4.81 -21.60 -10.67
CA TYR G 100 -3.44 -21.53 -10.20
C TYR G 100 -2.75 -20.22 -10.59
N GLU G 101 -2.80 -19.89 -11.87
CA GLU G 101 -2.12 -18.71 -12.38
C GLU G 101 -2.67 -17.44 -11.75
N GLU G 102 -3.98 -17.40 -11.51
CA GLU G 102 -4.59 -16.25 -10.85
C GLU G 102 -4.00 -16.06 -9.46
N LEU G 103 -3.91 -17.15 -8.71
CA LEU G 103 -3.34 -17.09 -7.36
C LEU G 103 -1.91 -16.56 -7.43
N ARG G 104 -1.13 -17.11 -8.35
CA ARG G 104 0.24 -16.65 -8.53
C ARG G 104 0.28 -15.15 -8.75
N GLU G 105 -0.48 -14.68 -9.76
CA GLU G 105 -0.57 -13.26 -10.07
C GLU G 105 -0.95 -12.43 -8.86
N GLN G 106 -1.95 -12.91 -8.11
CA GLN G 106 -2.49 -12.16 -6.99
C GLN G 106 -1.56 -12.12 -5.77
N LEU G 107 -0.70 -13.13 -5.64
CA LEU G 107 0.30 -13.16 -4.57
C LEU G 107 1.61 -12.47 -4.96
N SER G 108 1.71 -12.04 -6.21
CA SER G 108 2.99 -11.55 -6.75
C SER G 108 3.61 -10.43 -5.91
N SER G 109 2.79 -9.52 -5.41
CA SER G 109 3.29 -8.42 -4.58
C SER G 109 2.41 -8.19 -3.37
N VAL G 110 3.03 -8.13 -2.20
CA VAL G 110 2.30 -8.04 -0.94
C VAL G 110 2.93 -7.04 0.02
N SER G 111 2.11 -6.22 0.67
CA SER G 111 2.60 -5.21 1.59
C SER G 111 2.46 -5.65 3.04
N SER G 112 1.81 -6.79 3.25
CA SER G 112 1.66 -7.38 4.57
C SER G 112 1.19 -8.81 4.39
N PHE G 113 1.66 -9.70 5.25
CA PHE G 113 1.42 -11.13 5.05
C PHE G 113 1.68 -11.92 6.33
N GLU G 114 0.62 -12.44 6.93
CA GLU G 114 0.72 -13.20 8.17
C GLU G 114 0.10 -14.58 8.04
N ARG G 115 0.91 -15.60 8.28
CA ARG G 115 0.43 -16.98 8.34
C ARG G 115 -0.10 -17.26 9.75
N PHE G 116 -1.35 -17.71 9.85
CA PHE G 116 -1.95 -18.01 11.13
C PHE G 116 -2.76 -19.30 11.07
N GLU G 117 -2.89 -19.98 12.21
CA GLU G 117 -3.63 -21.24 12.25
C GLU G 117 -5.13 -20.96 12.26
N ILE G 118 -5.75 -21.09 11.09
CA ILE G 118 -7.17 -20.74 10.94
C ILE G 118 -8.07 -21.71 11.72
N PHE G 119 -7.85 -23.00 11.54
CA PHE G 119 -8.50 -24.03 12.34
C PHE G 119 -7.45 -24.80 13.12
N PRO G 120 -7.07 -24.29 14.30
CA PRO G 120 -6.04 -24.90 15.15
C PRO G 120 -6.22 -26.41 15.24
N LYS G 121 -5.16 -27.16 14.97
CA LYS G 121 -5.24 -28.62 14.92
C LYS G 121 -5.71 -29.26 16.22
N THR G 122 -5.19 -28.78 17.35
CA THR G 122 -5.45 -29.41 18.64
C THR G 122 -6.89 -29.26 19.13
N SER G 123 -7.62 -28.28 18.60
CA SER G 123 -8.95 -27.97 19.12
C SER G 123 -10.09 -28.09 18.12
N SER G 124 -9.76 -28.11 16.83
CA SER G 124 -10.77 -27.92 15.78
C SER G 124 -11.57 -29.16 15.39
N TRP G 125 -10.93 -30.33 15.43
CA TRP G 125 -11.55 -31.53 14.88
C TRP G 125 -11.62 -32.68 15.88
N PRO G 126 -12.42 -32.52 16.95
CA PRO G 126 -12.52 -33.51 18.03
C PRO G 126 -13.13 -34.84 17.60
N ASN G 127 -13.93 -34.85 16.55
CA ASN G 127 -14.61 -36.06 16.12
C ASN G 127 -13.98 -36.73 14.91
N HIS G 128 -12.86 -36.19 14.45
CA HIS G 128 -12.14 -36.79 13.33
C HIS G 128 -10.65 -36.98 13.64
N ASP G 129 -9.99 -37.82 12.86
CA ASP G 129 -8.56 -38.07 13.04
C ASP G 129 -7.77 -37.06 12.22
N SER G 130 -6.92 -36.29 12.90
CA SER G 130 -6.12 -35.27 12.22
C SER G 130 -4.64 -35.61 12.24
N ASN G 131 -4.33 -36.90 12.32
CA ASN G 131 -2.93 -37.34 12.34
C ASN G 131 -2.59 -38.38 11.27
N LYS G 132 -3.50 -39.31 11.05
CA LYS G 132 -3.24 -40.39 10.10
C LYS G 132 -3.19 -39.88 8.66
N GLY G 133 -3.56 -38.63 8.46
CA GLY G 133 -3.64 -38.05 7.13
C GLY G 133 -2.29 -37.75 6.50
N VAL G 134 -1.52 -38.79 6.22
CA VAL G 134 -0.21 -38.63 5.58
C VAL G 134 -0.08 -39.53 4.38
N THR G 135 1.01 -39.36 3.62
CA THR G 135 1.18 -40.13 2.40
C THR G 135 2.64 -40.20 1.97
N ALA G 136 3.00 -41.30 1.32
CA ALA G 136 4.34 -41.48 0.79
C ALA G 136 4.55 -40.63 -0.46
N ALA G 137 3.50 -39.96 -0.91
CA ALA G 137 3.63 -39.03 -2.02
C ALA G 137 4.31 -37.76 -1.52
N CYS G 138 4.10 -37.46 -0.24
CA CYS G 138 4.65 -36.24 0.36
C CYS G 138 5.56 -36.59 1.53
N PRO G 139 6.70 -37.23 1.23
CA PRO G 139 7.63 -37.68 2.27
C PRO G 139 8.38 -36.50 2.87
N HIS G 140 8.72 -36.59 4.15
CA HIS G 140 9.48 -35.53 4.79
C HIS G 140 10.73 -36.11 5.46
N ALA G 141 10.83 -35.96 6.77
CA ALA G 141 12.01 -36.40 7.48
C ALA G 141 12.01 -37.93 7.66
N GLY G 142 12.03 -38.64 6.54
CA GLY G 142 12.08 -40.10 6.56
C GLY G 142 10.75 -40.81 6.80
N ALA G 143 9.66 -40.05 6.81
CA ALA G 143 8.34 -40.64 7.04
C ALA G 143 7.29 -40.10 6.08
N LYS G 144 6.22 -40.87 5.87
CA LYS G 144 5.07 -40.38 5.13
C LYS G 144 4.61 -39.11 5.81
N SER G 145 4.36 -38.07 5.02
CA SER G 145 3.96 -36.78 5.58
C SER G 145 2.86 -36.16 4.73
N PHE G 146 2.75 -34.83 4.79
CA PHE G 146 1.69 -34.11 4.09
C PHE G 146 1.93 -32.61 4.20
N TYR G 147 1.10 -31.84 3.52
CA TYR G 147 1.20 -30.39 3.55
C TYR G 147 1.11 -29.85 4.97
N LYS G 148 1.83 -28.76 5.24
CA LYS G 148 1.83 -28.16 6.56
C LYS G 148 0.69 -27.16 6.77
N ASN G 149 0.17 -26.59 5.69
CA ASN G 149 -0.92 -25.62 5.82
C ASN G 149 -2.31 -26.25 5.69
N LEU G 150 -2.33 -27.57 5.50
CA LEU G 150 -3.59 -28.32 5.38
C LEU G 150 -3.63 -29.51 6.32
N ILE G 151 -4.81 -30.08 6.51
CA ILE G 151 -4.96 -31.31 7.28
C ILE G 151 -5.89 -32.27 6.56
N TRP G 152 -5.37 -33.44 6.23
CA TRP G 152 -6.15 -34.47 5.56
C TRP G 152 -6.92 -35.31 6.59
N LEU G 153 -8.09 -34.82 6.99
CA LEU G 153 -8.91 -35.53 7.98
C LEU G 153 -9.36 -36.88 7.47
N VAL G 154 -9.22 -37.90 8.31
CA VAL G 154 -9.74 -39.22 8.00
C VAL G 154 -10.64 -39.66 9.13
N LYS G 155 -11.22 -40.85 9.02
CA LYS G 155 -12.17 -41.33 10.02
C LYS G 155 -11.48 -41.60 11.35
N LYS G 156 -12.16 -41.24 12.43
CA LYS G 156 -11.69 -41.54 13.77
C LYS G 156 -12.31 -42.87 14.19
N GLY G 157 -11.44 -43.85 14.44
CA GLY G 157 -11.91 -45.19 14.72
C GLY G 157 -12.53 -45.78 13.46
N ASN G 158 -13.82 -46.09 13.53
CA ASN G 158 -14.50 -46.71 12.41
C ASN G 158 -15.28 -45.73 11.53
N SER G 159 -15.55 -44.54 12.06
CA SER G 159 -16.56 -43.66 11.45
C SER G 159 -16.14 -42.20 11.23
N TYR G 160 -16.92 -41.53 10.37
CA TYR G 160 -16.66 -40.15 9.97
C TYR G 160 -17.97 -39.35 10.03
N PRO G 161 -18.23 -38.70 11.17
CA PRO G 161 -19.43 -37.89 11.40
C PRO G 161 -19.47 -36.68 10.49
N LYS G 162 -20.64 -36.05 10.37
CA LYS G 162 -20.77 -34.89 9.51
C LYS G 162 -19.93 -33.73 10.04
N LEU G 163 -19.11 -33.18 9.16
CA LEU G 163 -18.22 -32.11 9.51
C LEU G 163 -18.83 -30.77 9.14
N SER G 164 -18.72 -29.80 10.06
CA SER G 164 -19.23 -28.47 9.81
C SER G 164 -18.51 -27.43 10.66
N LYS G 165 -17.77 -26.54 10.01
CA LYS G 165 -17.02 -25.52 10.74
C LYS G 165 -16.85 -24.26 9.90
N SER G 166 -16.89 -23.11 10.57
CA SER G 166 -16.78 -21.82 9.89
C SER G 166 -15.68 -20.96 10.53
N TYR G 167 -15.10 -20.08 9.72
CA TYR G 167 -14.14 -19.08 10.19
C TYR G 167 -14.64 -17.67 9.89
N ILE G 168 -14.60 -16.80 10.89
CA ILE G 168 -14.93 -15.40 10.68
C ILE G 168 -13.66 -14.56 10.57
N ASN G 169 -13.47 -13.93 9.42
CA ASN G 169 -12.29 -13.09 9.20
C ASN G 169 -12.33 -11.82 10.05
N ASP G 170 -11.70 -11.85 11.21
CA ASP G 170 -11.62 -10.65 12.05
C ASP G 170 -10.23 -10.02 11.94
N LYS G 171 -9.48 -10.45 10.94
CA LYS G 171 -8.20 -9.85 10.61
C LYS G 171 -8.51 -8.58 9.84
N GLY G 172 -7.73 -7.52 10.06
CA GLY G 172 -8.06 -6.24 9.45
C GLY G 172 -8.07 -6.24 7.93
N LYS G 173 -7.93 -7.42 7.32
CA LYS G 173 -7.68 -7.51 5.88
C LYS G 173 -8.08 -8.85 5.29
N GLU G 174 -7.85 -8.98 3.98
CA GLU G 174 -8.18 -10.20 3.25
C GLU G 174 -7.47 -11.40 3.85
N VAL G 175 -8.14 -12.55 3.85
CA VAL G 175 -7.54 -13.77 4.33
C VAL G 175 -7.62 -14.87 3.27
N LEU G 176 -6.46 -15.29 2.78
CA LEU G 176 -6.39 -16.35 1.79
C LEU G 176 -6.63 -17.70 2.45
N VAL G 177 -7.65 -18.43 2.00
CA VAL G 177 -7.93 -19.76 2.54
C VAL G 177 -7.77 -20.81 1.45
N LEU G 178 -7.06 -21.89 1.77
CA LEU G 178 -6.84 -22.98 0.81
C LEU G 178 -7.31 -24.30 1.41
N TRP G 179 -7.84 -25.17 0.56
CA TRP G 179 -8.31 -26.49 0.99
C TRP G 179 -8.14 -27.48 -0.16
N GLY G 180 -8.43 -28.75 0.11
CA GLY G 180 -8.31 -29.78 -0.90
C GLY G 180 -9.52 -30.70 -0.92
N ILE G 181 -9.76 -31.32 -2.07
CA ILE G 181 -10.79 -32.35 -2.16
C ILE G 181 -10.11 -33.62 -2.65
N HIS G 182 -10.20 -34.70 -1.86
CA HIS G 182 -9.52 -35.94 -2.21
C HIS G 182 -10.42 -36.92 -2.95
N HIS G 183 -9.89 -37.52 -4.00
CA HIS G 183 -10.64 -38.48 -4.81
C HIS G 183 -9.92 -39.82 -4.83
N PRO G 184 -10.36 -40.75 -3.99
CA PRO G 184 -9.74 -42.09 -3.92
C PRO G 184 -9.80 -42.82 -5.25
N SER G 185 -8.87 -43.73 -5.47
CA SER G 185 -8.83 -44.53 -6.69
C SER G 185 -9.87 -45.64 -6.66
N THR G 186 -10.27 -46.07 -5.46
CA THR G 186 -11.22 -47.18 -5.32
C THR G 186 -12.26 -46.91 -4.24
N SER G 187 -13.36 -47.65 -4.29
CA SER G 187 -14.37 -47.61 -3.24
C SER G 187 -13.79 -48.10 -1.90
N ALA G 188 -12.89 -49.09 -1.99
CA ALA G 188 -12.26 -49.65 -0.80
C ALA G 188 -11.44 -48.60 -0.05
N ASP G 189 -10.69 -47.79 -0.79
CA ASP G 189 -9.94 -46.70 -0.19
C ASP G 189 -10.89 -45.64 0.37
N GLN G 190 -12.01 -45.41 -0.33
CA GLN G 190 -13.02 -44.48 0.15
C GLN G 190 -13.51 -44.87 1.54
N GLN G 191 -13.94 -46.12 1.69
CA GLN G 191 -14.42 -46.61 2.98
C GLN G 191 -13.31 -46.69 4.01
N SER G 192 -12.11 -47.04 3.55
CA SER G 192 -10.95 -47.10 4.45
C SER G 192 -10.67 -45.73 5.08
N LEU G 193 -10.68 -44.69 4.25
CA LEU G 193 -10.34 -43.36 4.72
C LEU G 193 -11.50 -42.67 5.44
N TYR G 194 -12.70 -42.78 4.88
CA TYR G 194 -13.84 -41.97 5.29
C TYR G 194 -15.08 -42.75 5.73
N GLN G 195 -15.03 -44.08 5.61
CA GLN G 195 -16.15 -44.94 5.98
C GLN G 195 -17.32 -44.81 5.01
N ASN G 196 -17.91 -43.62 4.94
CA ASN G 196 -19.06 -43.36 4.07
C ASN G 196 -18.74 -43.54 2.59
N ALA G 197 -19.71 -44.04 1.82
CA ALA G 197 -19.48 -44.41 0.43
C ALA G 197 -19.96 -43.34 -0.55
N ASP G 198 -20.92 -42.53 -0.13
CA ASP G 198 -21.45 -41.47 -0.97
C ASP G 198 -21.42 -40.14 -0.23
N THR G 199 -20.31 -39.43 -0.37
CA THR G 199 -20.04 -38.25 0.44
C THR G 199 -20.17 -36.96 -0.37
N TYR G 200 -19.95 -35.84 0.30
CA TYR G 200 -19.95 -34.55 -0.37
C TYR G 200 -19.17 -33.53 0.46
N VAL G 201 -18.62 -32.52 -0.20
CA VAL G 201 -18.02 -31.40 0.50
C VAL G 201 -18.72 -30.12 0.07
N PHE G 202 -18.91 -29.20 1.00
CA PHE G 202 -19.50 -27.91 0.69
C PHE G 202 -18.64 -26.78 1.28
N VAL G 203 -18.32 -25.80 0.45
CA VAL G 203 -17.59 -24.62 0.89
C VAL G 203 -18.26 -23.38 0.33
N CYS G 204 -18.55 -22.41 1.21
CA CYS G 204 -19.21 -21.18 0.77
C CYS G 204 -18.96 -20.02 1.72
N SER G 205 -18.70 -18.85 1.14
CA SER G 205 -18.61 -17.62 1.90
C SER G 205 -19.78 -16.74 1.49
N SER G 206 -19.56 -15.43 1.43
CA SER G 206 -20.58 -14.51 0.94
C SER G 206 -20.49 -14.32 -0.57
N ARG G 207 -19.30 -14.54 -1.13
CA ARG G 207 -19.15 -14.43 -2.58
C ARG G 207 -18.63 -15.73 -3.21
N TYR G 208 -18.44 -16.75 -2.39
CA TYR G 208 -17.97 -18.04 -2.88
C TYR G 208 -18.98 -19.13 -2.53
N SER G 209 -19.10 -20.13 -3.39
CA SER G 209 -19.95 -21.28 -3.13
C SER G 209 -19.70 -22.39 -4.14
N LYS G 210 -19.46 -23.60 -3.64
CA LYS G 210 -19.26 -24.75 -4.50
C LYS G 210 -19.47 -26.06 -3.74
N LYS G 211 -20.18 -26.99 -4.36
CA LYS G 211 -20.36 -28.33 -3.79
C LYS G 211 -19.51 -29.33 -4.57
N PHE G 212 -18.69 -30.08 -3.85
CA PHE G 212 -17.80 -31.05 -4.48
C PHE G 212 -18.29 -32.46 -4.21
N LYS G 213 -18.09 -33.33 -5.19
CA LYS G 213 -18.51 -34.72 -5.10
C LYS G 213 -17.35 -35.61 -5.53
N PRO G 214 -16.86 -36.46 -4.62
CA PRO G 214 -15.70 -37.31 -4.91
C PRO G 214 -15.93 -38.12 -6.17
N GLU G 215 -14.88 -38.24 -6.98
CA GLU G 215 -14.97 -38.93 -8.26
C GLU G 215 -14.02 -40.12 -8.24
N ILE G 216 -14.46 -41.20 -7.60
CA ILE G 216 -13.63 -42.38 -7.43
C ILE G 216 -13.27 -43.04 -8.76
N ALA G 217 -11.97 -43.14 -9.03
CA ALA G 217 -11.50 -43.83 -10.22
C ALA G 217 -9.99 -44.06 -10.16
N ILE G 218 -9.53 -45.10 -10.84
CA ILE G 218 -8.11 -45.37 -10.94
C ILE G 218 -7.53 -44.64 -12.17
N CYS G 219 -6.68 -43.66 -11.92
CA CYS G 219 -6.06 -42.90 -13.00
C CYS G 219 -4.58 -43.26 -13.05
N PRO G 220 -3.91 -42.89 -14.16
CA PRO G 220 -2.47 -43.13 -14.27
C PRO G 220 -1.75 -42.73 -12.97
N LYS G 221 -0.84 -43.57 -12.51
CA LYS G 221 -0.11 -43.31 -11.28
C LYS G 221 0.88 -42.15 -11.39
N VAL G 222 0.79 -41.22 -10.46
CA VAL G 222 1.73 -40.10 -10.38
C VAL G 222 2.25 -40.01 -8.94
N ARG G 223 3.57 -39.99 -8.80
CA ARG G 223 4.22 -40.06 -7.49
C ARG G 223 3.62 -41.19 -6.66
N ASP G 224 3.33 -42.31 -7.33
CA ASP G 224 2.90 -43.54 -6.66
C ASP G 224 1.42 -43.49 -6.27
N GLN G 225 0.68 -42.58 -6.89
CA GLN G 225 -0.72 -42.37 -6.52
C GLN G 225 -1.66 -42.47 -7.72
N GLU G 226 -2.66 -43.36 -7.60
CA GLU G 226 -3.66 -43.53 -8.64
C GLU G 226 -4.88 -42.67 -8.35
N GLY G 227 -4.95 -42.18 -7.11
CA GLY G 227 -5.99 -41.24 -6.71
C GLY G 227 -5.56 -39.82 -7.02
N ARG G 228 -6.45 -38.87 -6.78
CA ARG G 228 -6.17 -37.47 -7.06
C ARG G 228 -6.61 -36.56 -5.93
N MET G 229 -5.98 -35.40 -5.83
CA MET G 229 -6.34 -34.41 -4.83
C MET G 229 -6.37 -33.02 -5.47
N ASN G 230 -7.56 -32.43 -5.57
CA ASN G 230 -7.69 -31.11 -6.19
C ASN G 230 -7.62 -29.99 -5.17
N TYR G 231 -6.91 -28.92 -5.55
CA TYR G 231 -6.65 -27.80 -4.65
C TYR G 231 -7.44 -26.56 -5.02
N TYR G 232 -8.02 -25.94 -4.00
CA TYR G 232 -8.87 -24.78 -4.21
C TYR G 232 -8.49 -23.67 -3.25
N TRP G 233 -8.97 -22.46 -3.53
CA TRP G 233 -8.62 -21.32 -2.70
C TRP G 233 -9.64 -20.22 -2.92
N THR G 234 -9.74 -19.31 -1.96
CA THR G 234 -10.52 -18.09 -2.12
C THR G 234 -10.02 -17.05 -1.15
N LEU G 235 -10.23 -15.78 -1.49
CA LEU G 235 -9.84 -14.68 -0.62
C LEU G 235 -11.04 -14.22 0.19
N VAL G 236 -10.98 -14.43 1.50
CA VAL G 236 -12.09 -14.06 2.39
C VAL G 236 -11.99 -12.60 2.79
N GLU G 237 -12.96 -11.79 2.36
CA GLU G 237 -12.94 -10.37 2.68
C GLU G 237 -13.12 -10.15 4.18
N PRO G 238 -12.59 -9.03 4.70
CA PRO G 238 -12.69 -8.77 6.13
C PRO G 238 -14.14 -8.64 6.59
N GLY G 239 -14.47 -9.29 7.69
CA GLY G 239 -15.83 -9.27 8.22
C GLY G 239 -16.65 -10.44 7.71
N ASP G 240 -16.20 -11.07 6.63
CA ASP G 240 -16.94 -12.16 6.02
C ASP G 240 -16.60 -13.50 6.67
N LYS G 241 -17.44 -14.49 6.41
CA LYS G 241 -17.28 -15.81 7.00
C LYS G 241 -17.17 -16.87 5.91
N ILE G 242 -16.29 -17.85 6.11
CA ILE G 242 -16.23 -18.98 5.20
C ILE G 242 -16.64 -20.25 5.94
N THR G 243 -17.51 -21.02 5.31
CA THR G 243 -18.07 -22.20 5.96
C THR G 243 -17.61 -23.47 5.26
N PHE G 244 -17.30 -24.48 6.07
CA PHE G 244 -16.88 -25.79 5.56
C PHE G 244 -17.82 -26.88 6.07
N GLU G 245 -18.35 -27.67 5.15
CA GLU G 245 -19.24 -28.75 5.49
C GLU G 245 -18.84 -29.98 4.69
N ALA G 246 -18.79 -31.14 5.34
CA ALA G 246 -18.34 -32.35 4.66
C ALA G 246 -18.75 -33.64 5.35
N THR G 247 -18.91 -34.70 4.57
CA THR G 247 -19.13 -36.05 5.10
C THR G 247 -17.96 -36.96 4.73
N GLY G 248 -16.91 -36.37 4.19
CA GLY G 248 -15.69 -37.09 3.83
C GLY G 248 -14.93 -36.38 2.72
N ASN G 249 -13.69 -36.82 2.48
CA ASN G 249 -12.92 -36.35 1.33
C ASN G 249 -12.46 -34.89 1.39
N LEU G 250 -12.71 -34.22 2.52
CA LEU G 250 -12.29 -32.83 2.68
C LEU G 250 -10.88 -32.74 3.26
N VAL G 251 -9.98 -32.12 2.50
CA VAL G 251 -8.66 -31.76 3.01
C VAL G 251 -8.77 -30.36 3.58
N VAL G 252 -8.80 -30.30 4.90
CA VAL G 252 -9.19 -29.09 5.59
C VAL G 252 -8.06 -28.04 5.69
N PRO G 253 -8.42 -26.75 5.67
CA PRO G 253 -7.45 -25.69 5.94
C PRO G 253 -6.90 -25.83 7.35
N ARG G 254 -5.61 -25.57 7.52
CA ARG G 254 -5.03 -25.49 8.86
C ARG G 254 -4.43 -24.10 9.07
N TYR G 255 -3.59 -23.67 8.12
CA TYR G 255 -3.08 -22.31 8.15
C TYR G 255 -3.66 -21.52 7.00
N ALA G 256 -3.92 -20.23 7.27
CA ALA G 256 -4.34 -19.30 6.25
C ALA G 256 -3.44 -18.07 6.33
N PHE G 257 -3.62 -17.13 5.41
CA PHE G 257 -2.76 -15.97 5.36
C PHE G 257 -3.54 -14.67 5.32
N ALA G 258 -3.41 -13.87 6.37
CA ALA G 258 -3.94 -12.50 6.34
C ALA G 258 -2.96 -11.67 5.54
N MET G 259 -3.47 -10.86 4.63
CA MET G 259 -2.60 -10.16 3.69
C MET G 259 -3.23 -8.91 3.07
N GLU G 260 -2.38 -8.03 2.57
CA GLU G 260 -2.82 -6.86 1.80
C GLU G 260 -2.06 -6.81 0.50
N ARG G 261 -2.78 -6.78 -0.62
CA ARG G 261 -2.15 -6.91 -1.93
C ARG G 261 -1.72 -5.57 -2.52
N ASN G 262 -0.53 -5.58 -3.14
CA ASN G 262 -0.05 -4.44 -3.91
C ASN G 262 -0.33 -4.67 -5.38
N ALA G 263 -1.18 -3.83 -5.95
CA ALA G 263 -1.51 -3.93 -7.37
C ALA G 263 -0.28 -4.21 -8.21
N GLY G 264 -0.32 -5.28 -8.99
CA GLY G 264 0.72 -5.55 -9.97
C GLY G 264 1.91 -6.34 -9.47
N SER G 265 3.05 -6.10 -10.11
CA SER G 265 4.24 -6.91 -9.94
C SER G 265 4.05 -8.27 -10.60
N GLY G 266 5.08 -9.11 -10.55
CA GLY G 266 5.01 -10.38 -11.24
C GLY G 266 5.93 -11.46 -10.68
N ILE G 267 6.12 -12.50 -11.48
CA ILE G 267 6.89 -13.66 -11.05
C ILE G 267 8.05 -13.91 -11.99
N ILE G 268 9.26 -13.79 -11.45
CA ILE G 268 10.47 -14.02 -12.22
C ILE G 268 10.99 -15.43 -12.00
N ILE G 269 11.18 -16.15 -13.10
CA ILE G 269 11.70 -17.51 -13.03
C ILE G 269 13.14 -17.53 -13.53
N SER G 270 14.09 -17.52 -12.61
CA SER G 270 15.50 -17.44 -12.99
C SER G 270 16.46 -18.00 -11.94
N ASP G 271 17.66 -18.30 -12.38
CA ASP G 271 18.72 -18.77 -11.49
C ASP G 271 19.52 -17.60 -10.95
N THR G 272 19.38 -16.44 -11.58
CA THR G 272 20.10 -15.26 -11.15
C THR G 272 19.93 -15.09 -9.65
N PRO G 273 21.06 -14.94 -8.93
CA PRO G 273 21.03 -14.87 -7.47
C PRO G 273 20.40 -13.57 -6.95
N VAL G 274 19.77 -13.65 -5.78
CA VAL G 274 19.22 -12.49 -5.12
C VAL G 274 20.30 -11.82 -4.28
N HIS G 275 20.37 -10.49 -4.35
CA HIS G 275 21.38 -9.75 -3.59
C HIS G 275 20.76 -8.57 -2.85
N ASP G 276 21.55 -7.96 -1.98
CA ASP G 276 21.12 -6.80 -1.22
C ASP G 276 21.35 -5.52 -2.03
N CYS G 277 20.56 -5.36 -3.09
CA CYS G 277 20.66 -4.19 -3.95
C CYS G 277 19.29 -3.58 -4.20
N ASN G 278 19.26 -2.30 -4.52
CA ASN G 278 17.99 -1.64 -4.83
C ASN G 278 17.97 -1.19 -6.28
N THR G 279 16.83 -1.41 -6.94
CA THR G 279 16.67 -1.04 -8.34
C THR G 279 15.27 -0.51 -8.56
N THR G 280 15.03 0.06 -9.74
CA THR G 280 13.69 0.53 -10.10
C THR G 280 13.17 -0.29 -11.27
N CYS G 281 14.05 -1.06 -11.89
CA CYS G 281 13.67 -1.89 -13.02
C CYS G 281 14.41 -3.22 -12.95
N GLN G 282 13.65 -4.31 -12.80
CA GLN G 282 14.23 -5.63 -12.67
C GLN G 282 14.02 -6.49 -13.90
N THR G 283 15.05 -7.27 -14.23
CA THR G 283 15.02 -8.16 -15.37
C THR G 283 15.37 -9.56 -14.87
N PRO G 284 14.83 -10.60 -15.52
CA PRO G 284 15.12 -11.99 -15.11
C PRO G 284 16.62 -12.30 -15.02
N LYS G 285 17.43 -11.62 -15.83
CA LYS G 285 18.86 -11.91 -15.89
C LYS G 285 19.71 -10.86 -15.18
N GLY G 286 19.06 -9.88 -14.57
CA GLY G 286 19.77 -8.84 -13.84
C GLY G 286 19.06 -7.50 -13.84
N ALA G 287 19.33 -6.68 -12.83
CA ALA G 287 18.72 -5.36 -12.74
C ALA G 287 19.43 -4.34 -13.62
N ILE G 288 18.71 -3.29 -13.99
CA ILE G 288 19.28 -2.23 -14.81
C ILE G 288 18.83 -0.87 -14.30
N ASN G 289 19.69 0.13 -14.43
CA ASN G 289 19.32 1.50 -14.07
C ASN G 289 18.39 2.07 -15.12
N THR G 290 17.66 3.12 -14.76
CA THR G 290 16.65 3.68 -15.64
C THR G 290 16.96 5.11 -16.04
N SER G 291 18.24 5.40 -16.21
CA SER G 291 18.66 6.71 -16.70
C SER G 291 18.29 6.88 -18.17
N LEU G 292 18.66 5.90 -19.00
CA LEU G 292 18.43 5.98 -20.43
C LEU G 292 17.02 5.52 -20.83
N PRO G 293 16.50 6.04 -21.94
CA PRO G 293 15.13 5.79 -22.39
C PRO G 293 14.89 4.40 -22.99
N PHE G 294 15.96 3.74 -23.47
CA PHE G 294 15.81 2.46 -24.14
C PHE G 294 16.79 1.41 -23.62
N GLN G 295 16.38 0.15 -23.64
CA GLN G 295 17.23 -0.96 -23.21
C GLN G 295 17.02 -2.17 -24.09
N ASN G 296 18.07 -2.97 -24.24
CA ASN G 296 17.99 -4.18 -25.06
C ASN G 296 18.30 -5.44 -24.29
N ILE G 297 18.23 -5.36 -22.96
CA ILE G 297 18.55 -6.49 -22.09
C ILE G 297 17.52 -7.62 -22.18
N HIS G 298 16.24 -7.27 -22.06
CA HIS G 298 15.18 -8.27 -21.93
C HIS G 298 13.82 -7.59 -22.00
N PRO G 299 12.87 -8.16 -22.74
CA PRO G 299 11.52 -7.58 -22.86
C PRO G 299 10.69 -7.73 -21.58
N ILE G 300 10.82 -8.86 -20.89
CA ILE G 300 9.99 -9.14 -19.71
C ILE G 300 10.54 -8.51 -18.44
N THR G 301 10.27 -7.23 -18.22
CA THR G 301 10.79 -6.54 -17.05
C THR G 301 9.73 -6.26 -15.99
N ILE G 302 10.16 -5.74 -14.85
CA ILE G 302 9.26 -5.32 -13.77
C ILE G 302 9.71 -4.01 -13.13
N GLY G 303 8.81 -3.01 -13.16
CA GLY G 303 9.08 -1.72 -12.54
C GLY G 303 8.96 -0.57 -13.52
N LYS G 304 9.65 0.53 -13.23
CA LYS G 304 9.73 1.66 -14.14
C LYS G 304 10.99 1.52 -15.01
N CYS G 305 10.82 0.94 -16.19
CA CYS G 305 11.95 0.58 -17.04
C CYS G 305 12.01 1.36 -18.34
N PRO G 306 13.20 1.45 -18.94
CA PRO G 306 13.37 1.97 -20.29
C PRO G 306 12.62 1.07 -21.26
N LYS G 307 12.11 1.63 -22.36
CA LYS G 307 11.39 0.81 -23.31
C LYS G 307 12.33 -0.19 -23.96
N TYR G 308 11.87 -1.42 -24.09
CA TYR G 308 12.67 -2.49 -24.69
C TYR G 308 12.72 -2.38 -26.21
N VAL G 309 13.94 -2.46 -26.76
CA VAL G 309 14.15 -2.36 -28.19
C VAL G 309 15.10 -3.46 -28.65
N LYS G 310 15.03 -3.81 -29.92
CA LYS G 310 15.96 -4.80 -30.47
C LYS G 310 17.21 -4.15 -31.04
N SER G 311 17.42 -2.89 -30.69
CA SER G 311 18.59 -2.14 -31.12
C SER G 311 19.87 -2.71 -30.52
N THR G 312 20.96 -2.65 -31.26
CA THR G 312 22.27 -3.02 -30.73
C THR G 312 23.08 -1.78 -30.41
N LYS G 313 22.73 -0.67 -31.04
CA LYS G 313 23.37 0.61 -30.75
C LYS G 313 22.48 1.80 -31.10
N LEU G 314 22.30 2.69 -30.12
CA LEU G 314 21.57 3.93 -30.34
C LEU G 314 22.48 5.07 -29.95
N ARG G 315 23.54 5.26 -30.73
CA ARG G 315 24.52 6.29 -30.41
C ARG G 315 24.12 7.64 -31.00
N LEU G 316 24.01 8.63 -30.13
CA LEU G 316 23.56 9.96 -30.50
C LEU G 316 24.77 10.89 -30.64
N ALA G 317 24.87 11.59 -31.75
CA ALA G 317 25.96 12.54 -31.94
C ALA G 317 25.74 13.78 -31.09
N THR G 318 26.82 14.24 -30.44
CA THR G 318 26.79 15.49 -29.71
C THR G 318 27.78 16.48 -30.31
N GLY G 319 29.01 16.01 -30.53
CA GLY G 319 30.01 16.81 -31.21
C GLY G 319 29.79 16.83 -32.71
N LEU G 320 30.83 17.18 -33.47
CA LEU G 320 30.72 17.29 -34.92
C LEU G 320 31.55 16.22 -35.63
N ARG G 321 31.42 16.15 -36.95
CA ARG G 321 32.15 15.17 -37.73
C ARG G 321 33.64 15.35 -37.49
N ASN G 322 34.31 14.30 -37.03
CA ASN G 322 35.73 14.39 -36.72
C ASN G 322 36.59 14.20 -37.97
N ILE G 323 37.36 15.23 -38.30
CA ILE G 323 38.22 15.18 -39.48
C ILE G 323 39.58 15.79 -39.18
N PRO G 324 40.50 14.98 -38.62
CA PRO G 324 41.85 15.46 -38.31
C PRO G 324 42.78 15.30 -39.52
N SER G 325 42.48 14.31 -40.37
CA SER G 325 43.34 13.94 -41.49
C SER G 325 44.60 13.22 -41.04
N GLY H 1 27.90 18.92 -46.36
CA GLY H 1 26.97 19.27 -45.32
C GLY H 1 25.91 20.23 -45.82
N LEU H 2 24.82 20.34 -45.08
CA LEU H 2 23.71 21.20 -45.49
C LEU H 2 24.11 22.66 -45.64
N PHE H 3 25.12 23.09 -44.87
CA PHE H 3 25.51 24.51 -44.88
C PHE H 3 26.86 24.80 -45.57
N GLY H 4 27.47 23.76 -46.13
CA GLY H 4 28.62 23.93 -47.00
C GLY H 4 29.96 24.22 -46.33
N ALA H 5 29.95 24.48 -45.03
CA ALA H 5 31.16 24.82 -44.31
C ALA H 5 31.98 23.59 -43.88
N ILE H 6 31.50 22.89 -42.85
CA ILE H 6 32.17 21.70 -42.33
C ILE H 6 32.29 20.62 -43.42
N ALA H 7 33.50 20.10 -43.59
CA ALA H 7 33.79 19.15 -44.66
C ALA H 7 33.43 19.73 -46.03
N GLY H 8 33.26 21.06 -46.08
CA GLY H 8 32.93 21.77 -47.30
C GLY H 8 34.06 22.69 -47.70
N PHE H 9 33.80 24.00 -47.74
CA PHE H 9 34.84 24.96 -48.08
C PHE H 9 35.90 25.09 -46.97
N ILE H 10 35.56 24.64 -45.77
CA ILE H 10 36.55 24.44 -44.72
C ILE H 10 36.81 22.94 -44.62
N GLU H 11 37.88 22.48 -45.27
CA GLU H 11 38.06 21.06 -45.58
C GLU H 11 38.33 20.11 -44.41
N GLY H 12 38.89 20.62 -43.32
CA GLY H 12 39.23 19.76 -42.20
C GLY H 12 39.16 20.43 -40.84
N GLY H 13 39.24 19.62 -39.79
CA GLY H 13 39.20 20.12 -38.43
C GLY H 13 40.58 20.47 -37.88
N TRP H 14 40.60 20.88 -36.61
CA TRP H 14 41.83 21.38 -36.01
C TRP H 14 42.14 20.67 -34.71
N THR H 15 43.04 19.69 -34.77
CA THR H 15 43.50 19.04 -33.55
C THR H 15 44.22 20.08 -32.70
N GLY H 16 44.66 21.15 -33.34
CA GLY H 16 45.37 22.22 -32.66
C GLY H 16 44.46 23.00 -31.73
N MET H 17 43.20 23.16 -32.13
CA MET H 17 42.23 23.86 -31.31
C MET H 17 41.59 22.88 -30.32
N VAL H 18 41.99 22.97 -29.06
CA VAL H 18 41.65 21.96 -28.08
C VAL H 18 40.86 22.52 -26.89
N ASP H 19 40.18 23.63 -27.10
CA ASP H 19 39.40 24.24 -26.02
C ASP H 19 38.05 24.78 -26.50
N GLY H 20 37.57 24.24 -27.62
CA GLY H 20 36.29 24.67 -28.16
C GLY H 20 35.89 23.90 -29.40
N TRP H 21 34.62 23.98 -29.76
CA TRP H 21 34.10 23.31 -30.94
C TRP H 21 34.39 24.12 -32.20
N TYR H 22 34.19 25.43 -32.11
CA TYR H 22 34.45 26.33 -33.23
C TYR H 22 35.47 27.38 -32.81
N GLY H 23 36.16 27.98 -33.78
CA GLY H 23 37.17 28.97 -33.46
C GLY H 23 38.00 29.52 -34.61
N TYR H 24 39.13 30.12 -34.24
CA TYR H 24 39.97 30.82 -35.20
C TYR H 24 41.44 30.41 -35.12
N HIS H 25 42.13 30.55 -36.25
CA HIS H 25 43.59 30.51 -36.28
C HIS H 25 44.11 31.79 -36.94
N HIS H 26 44.81 32.61 -36.16
CA HIS H 26 45.33 33.88 -36.66
C HIS H 26 46.81 33.76 -37.00
N GLN H 27 47.25 34.57 -37.94
CA GLN H 27 48.66 34.62 -38.32
C GLN H 27 49.06 36.05 -38.70
N ASN H 28 49.83 36.69 -37.84
CA ASN H 28 50.30 38.04 -38.10
C ASN H 28 51.79 38.21 -37.79
N GLU H 29 52.23 39.47 -37.69
CA GLU H 29 53.63 39.77 -37.39
C GLU H 29 54.00 39.27 -35.99
N GLN H 30 53.06 39.33 -35.06
CA GLN H 30 53.32 38.96 -33.67
C GLN H 30 53.25 37.45 -33.42
N GLY H 31 53.03 36.67 -34.47
CA GLY H 31 53.00 35.22 -34.35
C GLY H 31 51.74 34.57 -34.86
N SER H 32 51.47 33.37 -34.35
CA SER H 32 50.29 32.61 -34.76
C SER H 32 49.81 31.71 -33.62
N GLY H 33 48.62 31.14 -33.78
CA GLY H 33 48.07 30.25 -32.78
C GLY H 33 46.58 29.98 -32.94
N TYR H 34 46.11 28.92 -32.28
CA TYR H 34 44.71 28.56 -32.30
C TYR H 34 43.96 29.20 -31.13
N ALA H 35 42.70 29.50 -31.36
CA ALA H 35 41.85 30.08 -30.32
C ALA H 35 40.40 29.72 -30.60
N ALA H 36 39.68 29.31 -29.57
CA ALA H 36 38.30 28.89 -29.73
C ALA H 36 37.35 30.03 -29.40
N ASP H 37 36.33 30.22 -30.23
CA ASP H 37 35.29 31.19 -29.93
C ASP H 37 34.43 30.63 -28.80
N LEU H 38 34.66 31.13 -27.59
CA LEU H 38 34.02 30.56 -26.41
C LEU H 38 32.52 30.76 -26.38
N LYS H 39 32.06 31.89 -26.89
CA LYS H 39 30.64 32.23 -26.85
C LYS H 39 29.81 31.27 -27.69
N SER H 40 30.22 31.05 -28.93
CA SER H 40 29.45 30.20 -29.83
C SER H 40 29.63 28.73 -29.47
N THR H 41 30.75 28.41 -28.82
CA THR H 41 30.98 27.07 -28.33
C THR H 41 30.03 26.77 -27.18
N GLN H 42 29.98 27.67 -26.20
CA GLN H 42 29.14 27.50 -25.02
C GLN H 42 27.66 27.40 -25.40
N ASN H 43 27.23 28.25 -26.33
CA ASN H 43 25.86 28.21 -26.82
C ASN H 43 25.51 26.85 -27.39
N ALA H 44 26.36 26.37 -28.30
CA ALA H 44 26.18 25.06 -28.90
C ALA H 44 26.18 23.97 -27.83
N ILE H 45 27.03 24.11 -26.82
CA ILE H 45 27.11 23.15 -25.73
C ILE H 45 25.79 23.10 -24.95
N ASP H 46 25.32 24.27 -24.52
CA ASP H 46 24.06 24.34 -23.78
C ASP H 46 22.88 23.83 -24.59
N GLU H 47 22.89 24.10 -25.90
CA GLU H 47 21.77 23.70 -26.74
C GLU H 47 21.79 22.20 -27.05
N ILE H 48 22.97 21.66 -27.33
CA ILE H 48 23.09 20.23 -27.56
C ILE H 48 22.81 19.45 -26.28
N THR H 49 23.24 20.01 -25.16
CA THR H 49 22.94 19.41 -23.86
C THR H 49 21.45 19.36 -23.63
N ASN H 50 20.77 20.46 -23.95
CA ASN H 50 19.32 20.52 -23.81
C ASN H 50 18.61 19.54 -24.76
N LYS H 51 19.24 19.28 -25.89
CA LYS H 51 18.74 18.32 -26.87
C LYS H 51 18.81 16.90 -26.32
N VAL H 52 19.96 16.53 -25.78
CA VAL H 52 20.15 15.21 -25.21
C VAL H 52 19.18 15.00 -24.05
N ASN H 53 19.08 16.01 -23.19
CA ASN H 53 18.23 15.92 -22.02
C ASN H 53 16.77 15.73 -22.39
N SER H 54 16.34 16.42 -23.44
CA SER H 54 14.95 16.30 -23.88
C SER H 54 14.62 14.88 -24.33
N VAL H 55 15.46 14.32 -25.19
CA VAL H 55 15.22 12.98 -25.72
C VAL H 55 15.16 11.94 -24.60
N ILE H 56 15.86 12.21 -23.51
CA ILE H 56 15.95 11.27 -22.40
C ILE H 56 14.83 11.49 -21.37
N GLU H 57 14.68 12.74 -20.92
CA GLU H 57 13.77 13.04 -19.83
C GLU H 57 12.29 13.09 -20.24
N LYS H 58 12.03 13.14 -21.55
CA LYS H 58 10.67 13.13 -22.05
C LYS H 58 10.08 11.73 -21.99
N MET H 59 10.94 10.75 -21.72
CA MET H 59 10.53 9.36 -21.61
C MET H 59 10.05 9.06 -20.19
N ASN H 60 8.77 9.26 -19.93
CA ASN H 60 8.20 8.85 -18.66
C ASN H 60 7.59 7.46 -18.79
N THR H 61 7.96 6.55 -17.90
CA THR H 61 7.52 5.17 -18.02
C THR H 61 6.65 4.73 -16.83
N GLN H 62 5.54 4.08 -17.14
CA GLN H 62 4.64 3.58 -16.12
C GLN H 62 5.29 2.44 -15.34
N PHE H 63 4.80 2.18 -14.13
CA PHE H 63 5.18 0.97 -13.43
C PHE H 63 4.45 -0.19 -14.10
N THR H 64 5.19 -1.21 -14.49
CA THR H 64 4.60 -2.32 -15.23
C THR H 64 5.35 -3.62 -14.96
N ALA H 65 4.60 -4.68 -14.70
CA ALA H 65 5.15 -6.02 -14.70
C ALA H 65 4.74 -6.67 -16.01
N VAL H 66 5.66 -6.70 -16.96
CA VAL H 66 5.36 -7.15 -18.32
C VAL H 66 4.92 -8.61 -18.39
N GLY H 67 5.51 -9.46 -17.57
CA GLY H 67 5.26 -10.89 -17.64
C GLY H 67 3.85 -11.33 -17.31
N LYS H 68 3.40 -12.36 -18.01
CA LYS H 68 2.11 -12.98 -17.73
C LYS H 68 2.23 -14.50 -17.82
N GLU H 69 1.38 -15.19 -17.08
CA GLU H 69 1.38 -16.64 -17.06
C GLU H 69 0.01 -17.17 -17.47
N PHE H 70 -0.01 -18.02 -18.50
CA PHE H 70 -1.25 -18.62 -18.99
C PHE H 70 -1.08 -20.13 -19.08
N ASN H 71 -2.16 -20.87 -18.81
CA ASN H 71 -2.08 -22.32 -18.84
C ASN H 71 -2.31 -22.90 -20.24
N HIS H 72 -2.32 -24.22 -20.30
CA HIS H 72 -2.39 -24.96 -21.58
C HIS H 72 -3.70 -24.71 -22.33
N LEU H 73 -4.70 -24.15 -21.65
CA LEU H 73 -5.97 -23.83 -22.30
C LEU H 73 -6.19 -22.33 -22.46
N GLU H 74 -5.10 -21.56 -22.41
CA GLU H 74 -5.19 -20.12 -22.57
C GLU H 74 -4.22 -19.63 -23.64
N LYS H 75 -4.10 -20.42 -24.70
CA LYS H 75 -3.17 -20.12 -25.78
C LYS H 75 -3.52 -18.82 -26.49
N ARG H 76 -4.81 -18.55 -26.64
CA ARG H 76 -5.26 -17.38 -27.38
C ARG H 76 -4.88 -16.07 -26.69
N ILE H 77 -5.17 -15.95 -25.40
CA ILE H 77 -4.80 -14.73 -24.67
C ILE H 77 -3.28 -14.67 -24.49
N GLU H 78 -2.63 -15.82 -24.45
CA GLU H 78 -1.18 -15.86 -24.39
C GLU H 78 -0.63 -15.21 -25.65
N ASN H 79 -1.18 -15.58 -26.80
CA ASN H 79 -0.77 -14.96 -28.05
C ASN H 79 -1.21 -13.49 -28.16
N LEU H 80 -2.40 -13.19 -27.66
CA LEU H 80 -2.81 -11.79 -27.56
C LEU H 80 -1.73 -11.03 -26.80
N ASN H 81 -1.38 -11.54 -25.63
CA ASN H 81 -0.35 -10.91 -24.81
C ASN H 81 0.99 -10.77 -25.54
N LYS H 82 1.37 -11.82 -26.27
CA LYS H 82 2.60 -11.81 -27.06
C LYS H 82 2.54 -10.71 -28.13
N LYS H 83 1.38 -10.56 -28.75
CA LYS H 83 1.18 -9.53 -29.77
C LYS H 83 1.32 -8.11 -29.22
N VAL H 84 0.95 -7.92 -27.96
CA VAL H 84 1.04 -6.60 -27.35
C VAL H 84 2.49 -6.24 -27.07
N ASP H 85 3.24 -7.19 -26.53
CA ASP H 85 4.66 -6.98 -26.24
C ASP H 85 5.46 -6.77 -27.52
N ASP H 86 5.23 -7.63 -28.50
CA ASP H 86 5.90 -7.52 -29.79
C ASP H 86 5.56 -6.21 -30.49
N GLY H 87 4.31 -5.76 -30.33
CA GLY H 87 3.85 -4.53 -30.93
C GLY H 87 4.57 -3.31 -30.37
N PHE H 88 4.68 -3.25 -29.04
CA PHE H 88 5.43 -2.17 -28.41
C PHE H 88 6.91 -2.24 -28.82
N LEU H 89 7.40 -3.46 -28.99
CA LEU H 89 8.77 -3.70 -29.42
C LEU H 89 9.05 -3.12 -30.80
N ASP H 90 8.13 -3.31 -31.73
CA ASP H 90 8.31 -2.82 -33.08
C ASP H 90 8.14 -1.31 -33.16
N ILE H 91 7.23 -0.78 -32.35
CA ILE H 91 6.99 0.66 -32.32
C ILE H 91 8.18 1.43 -31.75
N TRP H 92 8.68 0.97 -30.60
CA TRP H 92 9.81 1.63 -29.96
C TRP H 92 11.13 1.39 -30.68
N THR H 93 11.29 0.20 -31.27
CA THR H 93 12.51 -0.10 -32.01
C THR H 93 12.62 0.82 -33.22
N TYR H 94 11.52 0.92 -33.97
CA TYR H 94 11.49 1.77 -35.16
C TYR H 94 11.71 3.23 -34.79
N ASN H 95 10.96 3.72 -33.80
CA ASN H 95 11.05 5.12 -33.41
C ASN H 95 12.40 5.49 -32.80
N ALA H 96 12.99 4.57 -32.06
CA ALA H 96 14.30 4.80 -31.46
C ALA H 96 15.37 4.94 -32.54
N GLU H 97 15.40 4.00 -33.46
CA GLU H 97 16.38 4.04 -34.54
C GLU H 97 16.28 5.32 -35.37
N LEU H 98 15.08 5.65 -35.83
CA LEU H 98 14.90 6.81 -36.70
C LEU H 98 15.14 8.12 -35.98
N LEU H 99 14.72 8.21 -34.73
CA LEU H 99 14.99 9.38 -33.91
C LEU H 99 16.49 9.67 -33.91
N VAL H 100 17.29 8.61 -33.79
CA VAL H 100 18.74 8.75 -33.75
C VAL H 100 19.31 9.11 -35.11
N LEU H 101 18.88 8.40 -36.15
CA LEU H 101 19.32 8.72 -37.51
C LEU H 101 19.00 10.17 -37.88
N LEU H 102 17.79 10.60 -37.58
CA LEU H 102 17.32 11.92 -37.99
C LEU H 102 17.91 13.03 -37.14
N GLU H 103 17.93 12.84 -35.82
CA GLU H 103 18.48 13.86 -34.95
C GLU H 103 20.00 13.99 -35.10
N ASN H 104 20.68 12.87 -35.38
CA ASN H 104 22.11 12.92 -35.67
C ASN H 104 22.40 13.79 -36.87
N GLU H 105 21.58 13.64 -37.91
CA GLU H 105 21.72 14.43 -39.13
C GLU H 105 21.50 15.91 -38.83
N ARG H 106 20.55 16.21 -37.96
CA ARG H 106 20.27 17.59 -37.60
C ARG H 106 21.39 18.18 -36.75
N THR H 107 22.00 17.37 -35.89
CA THR H 107 23.09 17.84 -35.05
C THR H 107 24.31 18.21 -35.90
N LEU H 108 24.67 17.34 -36.82
CA LEU H 108 25.78 17.62 -37.73
C LEU H 108 25.48 18.90 -38.53
N ASP H 109 24.25 19.03 -38.99
CA ASP H 109 23.85 20.23 -39.74
C ASP H 109 23.91 21.47 -38.85
N TYR H 110 23.62 21.28 -37.57
CA TYR H 110 23.63 22.37 -36.60
C TYR H 110 25.03 22.92 -36.39
N HIS H 111 25.98 22.02 -36.25
CA HIS H 111 27.38 22.41 -36.14
C HIS H 111 27.81 23.13 -37.42
N ASP H 112 27.39 22.60 -38.56
CA ASP H 112 27.71 23.18 -39.85
C ASP H 112 27.22 24.63 -39.89
N SER H 113 25.96 24.84 -39.52
CA SER H 113 25.36 26.16 -39.44
C SER H 113 26.16 27.10 -38.53
N ASN H 114 26.67 26.57 -37.43
CA ASN H 114 27.43 27.39 -36.49
C ASN H 114 28.78 27.84 -37.04
N VAL H 115 29.41 26.96 -37.82
CA VAL H 115 30.69 27.29 -38.44
C VAL H 115 30.48 28.28 -39.59
N LYS H 116 29.40 28.09 -40.33
CA LYS H 116 29.03 29.01 -41.41
C LYS H 116 28.69 30.39 -40.82
N ASN H 117 27.84 30.42 -39.81
CA ASN H 117 27.48 31.68 -39.17
C ASN H 117 28.68 32.40 -38.58
N LEU H 118 29.66 31.62 -38.10
CA LEU H 118 30.87 32.19 -37.53
C LEU H 118 31.69 32.84 -38.62
N TYR H 119 31.78 32.16 -39.77
CA TYR H 119 32.49 32.68 -40.93
C TYR H 119 31.82 33.95 -41.44
N GLU H 120 30.54 33.87 -41.80
CA GLU H 120 29.80 35.01 -42.33
C GLU H 120 29.90 36.24 -41.44
N LYS H 121 29.95 36.02 -40.12
CA LYS H 121 30.00 37.12 -39.17
C LYS H 121 31.29 37.90 -39.32
N VAL H 122 32.38 37.19 -39.60
CA VAL H 122 33.67 37.80 -39.80
C VAL H 122 33.76 38.45 -41.17
N ARG H 123 33.32 37.73 -42.20
CA ARG H 123 33.36 38.25 -43.57
C ARG H 123 32.55 39.54 -43.71
N SER H 124 31.45 39.63 -42.97
CA SER H 124 30.60 40.82 -43.03
C SER H 124 31.26 42.00 -42.32
N GLN H 125 32.11 41.69 -41.33
CA GLN H 125 32.83 42.71 -40.58
C GLN H 125 34.01 43.27 -41.38
N LEU H 126 34.74 42.39 -42.06
CA LEU H 126 35.96 42.77 -42.76
C LEU H 126 35.68 43.45 -44.10
N LYS H 127 34.49 43.26 -44.63
CA LYS H 127 34.08 43.92 -45.87
C LYS H 127 35.17 43.88 -46.93
N ASN H 128 35.58 45.07 -47.37
CA ASN H 128 36.59 45.25 -48.42
C ASN H 128 38.01 45.18 -47.87
N ASN H 129 38.15 45.33 -46.56
CA ASN H 129 39.47 45.35 -45.92
C ASN H 129 40.22 44.03 -45.97
N ALA H 130 39.52 42.94 -46.30
CA ALA H 130 40.16 41.63 -46.34
C ALA H 130 39.80 40.84 -47.58
N LYS H 131 40.55 39.79 -47.84
CA LYS H 131 40.33 38.93 -49.01
C LYS H 131 40.01 37.49 -48.61
N GLU H 132 38.95 36.94 -49.18
CA GLU H 132 38.61 35.54 -48.99
C GLU H 132 39.53 34.68 -49.85
N ILE H 133 40.44 33.94 -49.20
CA ILE H 133 41.43 33.16 -49.93
C ILE H 133 41.10 31.67 -50.00
N GLY H 134 40.04 31.26 -49.29
CA GLY H 134 39.61 29.88 -49.31
C GLY H 134 39.94 29.09 -48.05
N ASN H 135 39.39 27.88 -47.96
CA ASN H 135 39.59 27.04 -46.79
C ASN H 135 39.18 27.76 -45.50
N GLY H 136 38.28 28.74 -45.64
CA GLY H 136 37.75 29.47 -44.50
C GLY H 136 38.66 30.55 -43.97
N CYS H 137 39.69 30.90 -44.74
CA CYS H 137 40.66 31.90 -44.31
C CYS H 137 40.45 33.26 -44.96
N PHE H 138 40.81 34.31 -44.22
CA PHE H 138 40.84 35.67 -44.75
C PHE H 138 42.27 36.19 -44.79
N GLU H 139 42.66 36.82 -45.89
CA GLU H 139 43.93 37.53 -45.94
C GLU H 139 43.67 39.03 -45.90
N PHE H 140 44.05 39.66 -44.79
CA PHE H 140 43.86 41.09 -44.61
C PHE H 140 44.65 41.91 -45.64
N TYR H 141 44.07 43.05 -46.04
CA TYR H 141 44.75 43.97 -46.93
C TYR H 141 45.57 44.97 -46.12
N HIS H 142 45.42 44.90 -44.80
CA HIS H 142 46.11 45.80 -43.89
C HIS H 142 46.71 45.01 -42.74
N LYS H 143 47.69 45.61 -42.07
CA LYS H 143 48.37 44.96 -40.95
C LYS H 143 47.44 44.84 -39.75
N CYS H 144 47.18 43.60 -39.33
CA CYS H 144 46.27 43.36 -38.22
C CYS H 144 46.98 42.70 -37.05
N ASP H 145 47.39 43.51 -36.07
CA ASP H 145 48.10 43.00 -34.90
C ASP H 145 47.17 42.19 -33.99
N ASN H 146 47.63 41.90 -32.79
CA ASN H 146 46.84 41.12 -31.85
C ASN H 146 45.53 41.81 -31.47
N THR H 147 45.60 43.08 -31.12
CA THR H 147 44.41 43.82 -30.71
C THR H 147 43.40 43.91 -31.84
N CYS H 148 43.88 44.18 -33.05
CA CYS H 148 43.03 44.24 -34.22
C CYS H 148 42.36 42.90 -34.49
N MET H 149 43.15 41.83 -34.39
CA MET H 149 42.63 40.48 -34.61
C MET H 149 41.58 40.15 -33.57
N GLU H 150 41.90 40.38 -32.30
CA GLU H 150 40.96 40.16 -31.20
C GLU H 150 39.66 40.92 -31.41
N SER H 151 39.74 42.09 -32.02
CA SER H 151 38.56 42.91 -32.26
C SER H 151 37.63 42.23 -33.26
N VAL H 152 38.19 41.56 -34.26
CA VAL H 152 37.40 40.78 -35.20
C VAL H 152 36.75 39.61 -34.49
N LYS H 153 37.50 38.99 -33.58
CA LYS H 153 37.04 37.81 -32.86
C LYS H 153 35.92 38.11 -31.87
N ASN H 154 35.84 39.35 -31.40
CA ASN H 154 34.81 39.71 -30.42
C ASN H 154 33.76 40.68 -30.97
N GLY H 155 33.69 40.78 -32.29
CA GLY H 155 32.67 41.57 -32.96
C GLY H 155 32.77 43.07 -32.70
N THR H 156 33.99 43.59 -32.70
CA THR H 156 34.20 45.03 -32.51
C THR H 156 35.27 45.56 -33.46
N TYR H 157 35.20 45.14 -34.72
CA TYR H 157 36.19 45.51 -35.72
C TYR H 157 35.86 46.85 -36.38
N ASP H 158 36.84 47.75 -36.39
CA ASP H 158 36.65 49.10 -36.89
C ASP H 158 37.07 49.24 -38.36
N TYR H 159 36.16 48.90 -39.26
CA TYR H 159 36.43 48.95 -40.70
C TYR H 159 37.05 50.28 -41.16
N PRO H 160 36.42 51.41 -40.80
CA PRO H 160 36.89 52.73 -41.26
C PRO H 160 38.37 52.99 -40.94
N LYS H 161 38.81 52.55 -39.77
CA LYS H 161 40.18 52.84 -39.33
C LYS H 161 41.21 51.89 -39.94
N TYR H 162 40.90 51.34 -41.10
CA TYR H 162 41.84 50.50 -41.84
C TYR H 162 41.60 50.57 -43.35
N SER H 163 40.42 51.04 -43.73
CA SER H 163 39.97 51.00 -45.12
C SER H 163 40.91 51.69 -46.12
N GLU H 164 41.47 52.82 -45.73
CA GLU H 164 42.37 53.57 -46.60
C GLU H 164 43.61 52.74 -46.95
N GLU H 165 44.24 52.17 -45.92
CA GLU H 165 45.41 51.31 -46.13
C GLU H 165 45.05 50.11 -47.00
N ALA H 166 43.91 49.50 -46.67
CA ALA H 166 43.44 48.33 -47.38
C ALA H 166 43.19 48.64 -48.86
N LYS H 167 42.61 49.81 -49.11
CA LYS H 167 42.26 50.21 -50.47
C LYS H 167 43.45 50.24 -51.41
N LEU H 168 44.61 50.65 -50.89
CA LEU H 168 45.82 50.76 -51.71
C LEU H 168 46.44 49.41 -52.05
N ASN H 169 46.42 48.49 -51.09
CA ASN H 169 46.90 47.14 -51.30
C ASN H 169 45.92 46.34 -52.15
N ARG H 170 44.64 46.65 -51.99
CA ARG H 170 43.56 46.01 -52.73
C ARG H 170 43.68 46.31 -54.23
N GLU H 171 43.79 47.60 -54.56
CA GLU H 171 43.75 48.04 -55.95
C GLU H 171 44.98 47.63 -56.77
N GLU H 172 46.08 47.32 -56.08
CA GLU H 172 47.28 46.87 -56.77
C GLU H 172 47.06 45.52 -57.45
N ASP I 3 20.60 57.45 -48.39
CA ASP I 3 19.32 56.72 -48.44
C ASP I 3 19.52 55.26 -48.07
N THR I 4 18.60 54.72 -47.25
CA THR I 4 18.73 53.36 -46.76
C THR I 4 17.47 52.50 -46.95
N LEU I 5 17.68 51.18 -47.05
CA LEU I 5 16.60 50.21 -47.06
C LEU I 5 16.91 49.10 -46.06
N CYS I 6 15.91 48.63 -45.32
CA CYS I 6 16.15 47.65 -44.28
C CYS I 6 15.20 46.45 -44.31
N ILE I 7 15.77 45.25 -44.17
CA ILE I 7 14.97 44.04 -44.05
C ILE I 7 14.83 43.70 -42.57
N GLY I 8 13.62 43.33 -42.16
CA GLY I 8 13.35 43.02 -40.77
C GLY I 8 12.15 42.12 -40.57
N TYR I 9 11.91 41.73 -39.32
CA TYR I 9 10.84 40.81 -39.02
C TYR I 9 9.92 41.32 -37.92
N HIS I 10 8.73 40.72 -37.83
CA HIS I 10 7.67 41.20 -36.95
C HIS I 10 7.89 40.91 -35.47
N ALA I 11 7.49 41.87 -34.64
CA ALA I 11 7.45 41.67 -33.20
C ALA I 11 6.10 42.14 -32.69
N ASN I 12 5.74 41.77 -31.47
CA ASN I 12 4.47 42.19 -30.89
C ASN I 12 4.44 42.06 -29.36
N ASN I 13 3.24 42.12 -28.80
CA ASN I 13 3.09 42.10 -27.35
C ASN I 13 2.90 40.69 -26.77
N SER I 14 3.14 39.68 -27.61
CA SER I 14 2.94 38.30 -27.18
C SER I 14 3.85 37.90 -26.02
N THR I 15 3.34 37.03 -25.17
CA THR I 15 4.12 36.48 -24.06
C THR I 15 4.09 34.96 -24.10
N ASP I 16 3.49 34.42 -25.16
CA ASP I 16 3.40 32.98 -25.35
C ASP I 16 4.79 32.35 -25.44
N THR I 17 5.01 31.31 -24.66
CA THR I 17 6.27 30.57 -24.71
C THR I 17 6.06 29.15 -25.22
N VAL I 18 6.98 28.69 -26.05
CA VAL I 18 7.01 27.31 -26.49
C VAL I 18 8.38 26.74 -26.16
N ASP I 19 8.52 25.42 -26.32
CA ASP I 19 9.81 24.78 -26.10
C ASP I 19 10.28 24.13 -27.39
N THR I 20 11.59 24.23 -27.63
CA THR I 20 12.20 23.59 -28.78
C THR I 20 13.20 22.58 -28.26
N VAL I 21 13.64 21.69 -29.13
CA VAL I 21 14.64 20.69 -28.75
C VAL I 21 15.91 21.35 -28.22
N LEU I 22 16.25 22.53 -28.74
CA LEU I 22 17.49 23.19 -28.38
C LEU I 22 17.34 24.15 -27.20
N GLU I 23 16.16 24.71 -27.03
CA GLU I 23 15.95 25.74 -26.02
C GLU I 23 14.57 25.67 -25.38
N LYS I 24 14.51 25.99 -24.09
CA LYS I 24 13.27 25.89 -23.33
C LYS I 24 12.28 27.01 -23.63
N ASN I 25 12.03 27.85 -22.63
CA ASN I 25 10.97 28.85 -22.71
C ASN I 25 11.25 29.99 -23.70
N VAL I 26 11.08 29.70 -24.99
CA VAL I 26 11.28 30.70 -26.02
C VAL I 26 9.98 31.45 -26.28
N THR I 27 10.05 32.78 -26.24
CA THR I 27 8.87 33.60 -26.46
C THR I 27 8.66 33.87 -27.94
N VAL I 28 7.46 33.58 -28.44
CA VAL I 28 7.14 33.78 -29.85
C VAL I 28 5.94 34.69 -30.06
N THR I 29 5.71 35.07 -31.32
CA THR I 29 4.67 36.04 -31.66
C THR I 29 3.32 35.37 -31.91
N HIS I 30 3.35 34.09 -32.25
CA HIS I 30 2.13 33.34 -32.54
C HIS I 30 2.33 31.86 -32.22
N SER I 31 1.29 31.23 -31.69
CA SER I 31 1.38 29.81 -31.33
C SER I 31 0.00 29.17 -31.22
N VAL I 32 -0.06 27.87 -31.41
CA VAL I 32 -1.30 27.13 -31.26
C VAL I 32 -1.13 26.00 -30.25
N ASN I 33 -2.24 25.61 -29.62
CA ASN I 33 -2.22 24.54 -28.64
C ASN I 33 -2.65 23.22 -29.27
N LEU I 34 -1.92 22.15 -28.96
CA LEU I 34 -2.25 20.83 -29.49
C LEU I 34 -2.84 19.93 -28.41
N LEU I 35 -2.91 20.44 -27.19
CA LEU I 35 -3.33 19.64 -26.06
C LEU I 35 -4.68 20.10 -25.52
N GLU I 36 -5.68 19.23 -25.57
CA GLU I 36 -6.97 19.52 -24.97
C GLU I 36 -6.90 19.29 -23.46
N ASP I 37 -7.45 20.23 -22.71
CA ASP I 37 -7.39 20.18 -21.25
C ASP I 37 -8.70 20.64 -20.65
N LYS I 38 -9.72 20.74 -21.49
CA LYS I 38 -11.03 21.21 -21.05
C LYS I 38 -12.15 20.20 -21.33
N HIS I 39 -12.96 19.93 -20.30
CA HIS I 39 -14.17 19.13 -20.47
C HIS I 39 -15.39 19.89 -19.92
N ASN I 40 -16.58 19.57 -20.41
CA ASN I 40 -17.77 20.32 -20.06
C ASN I 40 -18.36 19.94 -18.70
N GLY I 41 -17.85 18.88 -18.10
CA GLY I 41 -18.28 18.44 -16.78
C GLY I 41 -19.60 17.69 -16.77
N LYS I 42 -20.04 17.25 -17.96
CA LYS I 42 -21.32 16.57 -18.08
C LYS I 42 -21.16 15.18 -18.70
N LEU I 43 -22.18 14.34 -18.55
CA LEU I 43 -22.27 13.09 -19.30
C LEU I 43 -23.26 13.28 -20.45
N CYS I 44 -22.75 13.29 -21.66
CA CYS I 44 -23.54 13.67 -22.83
C CYS I 44 -23.95 12.50 -23.69
N LYS I 45 -24.66 12.81 -24.77
CA LYS I 45 -25.09 11.80 -25.72
C LYS I 45 -24.00 11.48 -26.73
N LEU I 46 -23.93 10.22 -27.15
CA LEU I 46 -23.07 9.81 -28.25
C LEU I 46 -23.98 9.40 -29.38
N ARG I 47 -23.62 9.76 -30.61
CA ARG I 47 -24.40 9.37 -31.77
C ARG I 47 -25.75 10.09 -31.78
N GLY I 48 -25.88 11.09 -30.92
CA GLY I 48 -27.14 11.79 -30.76
C GLY I 48 -28.08 11.02 -29.85
N VAL I 49 -27.57 9.98 -29.23
CA VAL I 49 -28.38 9.10 -28.39
C VAL I 49 -27.97 9.16 -26.92
N ALA I 50 -28.96 9.17 -26.03
CA ALA I 50 -28.70 9.29 -24.60
C ALA I 50 -28.13 8.01 -24.01
N PRO I 51 -27.28 8.14 -22.99
CA PRO I 51 -26.87 6.95 -22.24
C PRO I 51 -28.04 6.45 -21.41
N LEU I 52 -28.05 5.16 -21.09
CA LEU I 52 -28.99 4.62 -20.12
C LEU I 52 -28.41 4.82 -18.73
N HIS I 53 -29.04 5.66 -17.93
CA HIS I 53 -28.57 5.95 -16.57
C HIS I 53 -29.39 5.15 -15.55
N LEU I 54 -28.72 4.34 -14.75
CA LEU I 54 -29.43 3.40 -13.87
C LEU I 54 -29.69 3.93 -12.47
N GLY I 55 -29.22 5.13 -12.18
CA GLY I 55 -29.40 5.71 -10.85
C GLY I 55 -28.83 4.84 -9.74
N LYS I 56 -29.68 4.51 -8.76
CA LYS I 56 -29.23 3.75 -7.59
C LYS I 56 -29.17 2.24 -7.84
N CYS I 57 -29.54 1.83 -9.05
CA CYS I 57 -29.49 0.43 -9.44
C CYS I 57 -28.25 0.13 -10.27
N ASN I 58 -27.78 -1.12 -10.21
CA ASN I 58 -26.76 -1.59 -11.14
C ASN I 58 -27.42 -2.44 -12.22
N ILE I 59 -26.63 -2.90 -13.18
CA ILE I 59 -27.19 -3.63 -14.33
C ILE I 59 -27.90 -4.91 -13.91
N ALA I 60 -27.41 -5.55 -12.85
CA ALA I 60 -28.02 -6.77 -12.35
C ALA I 60 -29.42 -6.49 -11.82
N GLY I 61 -29.55 -5.45 -11.00
CA GLY I 61 -30.82 -5.09 -10.42
C GLY I 61 -31.82 -4.58 -11.43
N TRP I 62 -31.31 -3.98 -12.51
CA TRP I 62 -32.16 -3.48 -13.57
C TRP I 62 -32.67 -4.61 -14.46
N ILE I 63 -31.76 -5.43 -14.94
CA ILE I 63 -32.11 -6.49 -15.88
C ILE I 63 -32.98 -7.59 -15.23
N LEU I 64 -32.80 -7.81 -13.93
CA LEU I 64 -33.58 -8.82 -13.21
C LEU I 64 -34.91 -8.25 -12.71
N GLY I 65 -34.99 -6.93 -12.67
CA GLY I 65 -36.19 -6.27 -12.17
C GLY I 65 -36.25 -6.22 -10.65
N ASN I 66 -35.12 -5.98 -10.02
CA ASN I 66 -35.10 -5.69 -8.59
C ASN I 66 -36.19 -4.68 -8.29
N PRO I 67 -37.01 -4.94 -7.26
CA PRO I 67 -38.15 -4.09 -6.90
C PRO I 67 -37.80 -2.60 -6.80
N GLU I 68 -36.58 -2.28 -6.37
CA GLU I 68 -36.16 -0.87 -6.25
C GLU I 68 -35.85 -0.21 -7.59
N CYS I 69 -35.95 -0.97 -8.68
CA CYS I 69 -35.70 -0.46 -10.02
C CYS I 69 -36.98 -0.62 -10.83
N GLU I 70 -37.19 0.22 -11.83
CA GLU I 70 -38.45 0.15 -12.58
C GLU I 70 -38.28 0.36 -14.09
N SER I 71 -37.08 0.76 -14.50
CA SER I 71 -36.81 1.03 -15.92
C SER I 71 -36.96 -0.23 -16.78
N ALA I 75 -35.76 3.59 -21.89
CA ALA I 75 -35.66 3.77 -23.33
C ALA I 75 -35.46 2.44 -24.04
N SER I 76 -35.56 2.48 -25.36
CA SER I 76 -35.39 1.28 -26.19
C SER I 76 -34.05 1.36 -26.90
N SER I 77 -33.30 2.42 -26.62
CA SER I 77 -32.03 2.65 -27.26
C SER I 77 -31.12 3.46 -26.36
N TRP I 78 -29.83 3.11 -26.33
CA TRP I 78 -28.84 3.86 -25.58
C TRP I 78 -27.42 3.67 -26.13
N SER I 79 -26.58 4.66 -25.91
CA SER I 79 -25.24 4.68 -26.49
C SER I 79 -24.21 4.09 -25.54
N TYR I 80 -24.51 4.16 -24.24
CA TYR I 80 -23.66 3.57 -23.20
C TYR I 80 -24.43 3.54 -21.89
N ILE I 81 -23.90 2.84 -20.89
CA ILE I 81 -24.60 2.70 -19.62
C ILE I 81 -23.87 3.42 -18.50
N VAL I 82 -24.62 4.14 -17.67
CA VAL I 82 -24.04 4.83 -16.52
C VAL I 82 -24.57 4.29 -15.19
N GLU I 83 -23.65 3.96 -14.30
CA GLU I 83 -24.00 3.63 -12.93
C GLU I 83 -23.33 4.67 -12.05
N THR I 84 -23.79 4.78 -10.80
CA THR I 84 -23.12 5.64 -9.84
C THR I 84 -22.30 4.75 -8.91
N PRO I 85 -21.27 5.32 -8.28
CA PRO I 85 -20.42 4.55 -7.37
C PRO I 85 -21.23 3.88 -6.26
N SER I 86 -22.38 4.47 -5.94
CA SER I 86 -23.23 3.97 -4.86
C SER I 86 -24.47 3.23 -5.39
N SER I 87 -24.35 2.62 -6.56
CA SER I 87 -25.46 1.85 -7.12
C SER I 87 -25.42 0.44 -6.55
N ASP I 88 -26.09 0.24 -5.42
CA ASP I 88 -25.99 -1.00 -4.67
C ASP I 88 -27.06 -2.03 -5.05
N ASN I 89 -28.21 -1.56 -5.52
CA ASN I 89 -29.34 -2.45 -5.73
C ASN I 89 -29.29 -3.30 -6.99
N GLY I 90 -28.76 -4.51 -6.83
CA GLY I 90 -28.67 -5.47 -7.89
C GLY I 90 -29.38 -6.74 -7.49
N THR I 91 -28.60 -7.75 -7.10
CA THR I 91 -29.18 -9.03 -6.67
C THR I 91 -29.52 -8.99 -5.17
N CYS I 92 -30.81 -8.80 -4.87
CA CYS I 92 -31.28 -8.71 -3.49
C CYS I 92 -31.31 -10.06 -2.78
N TYR I 93 -31.60 -11.12 -3.52
CA TYR I 93 -31.41 -12.47 -2.99
C TYR I 93 -30.02 -12.95 -3.38
N PRO I 94 -29.19 -13.28 -2.39
CA PRO I 94 -27.77 -13.56 -2.61
C PRO I 94 -27.53 -14.79 -3.47
N GLY I 95 -26.49 -14.71 -4.31
CA GLY I 95 -26.13 -15.81 -5.19
C GLY I 95 -25.15 -15.34 -6.24
N ASP I 96 -24.76 -16.26 -7.12
CA ASP I 96 -23.80 -15.96 -8.15
C ASP I 96 -24.49 -15.54 -9.46
N PHE I 97 -24.00 -14.45 -10.05
CA PHE I 97 -24.50 -14.00 -11.36
C PHE I 97 -23.51 -14.41 -12.43
N ILE I 98 -23.70 -15.60 -12.98
CA ILE I 98 -22.76 -16.18 -13.94
C ILE I 98 -22.55 -15.32 -15.20
N ASP I 99 -21.29 -15.18 -15.60
CA ASP I 99 -20.91 -14.39 -16.77
C ASP I 99 -21.53 -13.00 -16.73
N TYR I 100 -21.46 -12.39 -15.55
CA TYR I 100 -22.09 -11.10 -15.27
C TYR I 100 -21.40 -9.95 -16.00
N GLU I 101 -20.07 -9.99 -16.05
CA GLU I 101 -19.33 -8.94 -16.73
C GLU I 101 -19.56 -9.01 -18.24
N GLU I 102 -19.72 -10.23 -18.75
CA GLU I 102 -20.03 -10.44 -20.15
C GLU I 102 -21.40 -9.85 -20.50
N LEU I 103 -22.36 -10.00 -19.60
CA LEU I 103 -23.71 -9.49 -19.86
C LEU I 103 -23.70 -7.98 -19.86
N ARG I 104 -23.03 -7.40 -18.87
CA ARG I 104 -22.86 -5.95 -18.79
C ARG I 104 -22.26 -5.38 -20.08
N GLU I 105 -21.22 -6.03 -20.58
CA GLU I 105 -20.54 -5.59 -21.80
C GLU I 105 -21.49 -5.60 -22.99
N GLN I 106 -22.26 -6.68 -23.08
CA GLN I 106 -23.13 -6.91 -24.23
C GLN I 106 -24.42 -6.09 -24.17
N LEU I 107 -24.74 -5.56 -23.00
CA LEU I 107 -25.87 -4.64 -22.84
C LEU I 107 -25.43 -3.17 -22.88
N SER I 108 -24.12 -2.93 -23.00
CA SER I 108 -23.61 -1.57 -22.90
C SER I 108 -24.23 -0.63 -23.94
N SER I 109 -24.48 -1.15 -25.14
CA SER I 109 -25.14 -0.34 -26.16
C SER I 109 -26.08 -1.19 -27.01
N VAL I 110 -27.30 -0.69 -27.20
CA VAL I 110 -28.30 -1.38 -28.02
C VAL I 110 -29.07 -0.39 -28.87
N SER I 111 -29.42 -0.81 -30.07
CA SER I 111 -30.18 0.05 -30.99
C SER I 111 -31.65 -0.33 -30.94
N SER I 112 -31.97 -1.31 -30.11
CA SER I 112 -33.33 -1.81 -30.00
C SER I 112 -33.43 -2.67 -28.75
N PHE I 113 -34.42 -2.40 -27.92
CA PHE I 113 -34.56 -3.11 -26.64
C PHE I 113 -36.01 -3.11 -26.19
N GLU I 114 -36.59 -4.31 -26.07
CA GLU I 114 -38.00 -4.44 -25.71
C GLU I 114 -38.24 -5.53 -24.66
N ARG I 115 -38.77 -5.12 -23.52
CA ARG I 115 -39.19 -6.07 -22.49
C ARG I 115 -40.54 -6.65 -22.89
N PHE I 116 -40.70 -7.96 -22.77
CA PHE I 116 -41.98 -8.59 -23.03
C PHE I 116 -42.18 -9.82 -22.15
N GLU I 117 -43.43 -10.16 -21.86
CA GLU I 117 -43.73 -11.29 -21.00
C GLU I 117 -43.61 -12.60 -21.79
N ILE I 118 -42.43 -13.21 -21.69
CA ILE I 118 -42.12 -14.42 -22.45
C ILE I 118 -42.96 -15.60 -21.98
N PHE I 119 -43.18 -15.67 -20.67
CA PHE I 119 -44.03 -16.69 -20.07
C PHE I 119 -45.10 -16.00 -19.24
N PRO I 120 -46.23 -15.66 -19.89
CA PRO I 120 -47.30 -14.92 -19.19
C PRO I 120 -47.64 -15.61 -17.88
N LYS I 121 -47.50 -14.89 -16.78
CA LYS I 121 -47.73 -15.45 -15.46
C LYS I 121 -49.14 -16.01 -15.32
N THR I 122 -50.04 -15.55 -16.19
CA THR I 122 -51.46 -15.95 -16.13
C THR I 122 -51.70 -17.41 -16.48
N SER I 123 -51.05 -17.90 -17.53
CA SER I 123 -51.41 -19.20 -18.08
C SER I 123 -50.26 -20.19 -18.19
N SER I 124 -49.04 -19.73 -17.91
CA SER I 124 -47.85 -20.54 -18.13
C SER I 124 -47.65 -21.70 -17.15
N TRP I 125 -48.01 -21.50 -15.88
CA TRP I 125 -47.68 -22.50 -14.86
C TRP I 125 -48.90 -23.08 -14.13
N PRO I 126 -49.78 -23.78 -14.86
CA PRO I 126 -51.00 -24.35 -14.28
C PRO I 126 -50.77 -25.30 -13.11
N ASN I 127 -49.65 -26.03 -13.10
CA ASN I 127 -49.43 -27.06 -12.08
C ASN I 127 -48.48 -26.65 -10.96
N HIS I 128 -48.21 -25.36 -10.84
CA HIS I 128 -47.30 -24.86 -9.81
C HIS I 128 -47.78 -23.52 -9.27
N ASP I 129 -47.42 -23.23 -8.02
CA ASP I 129 -47.82 -22.00 -7.36
C ASP I 129 -46.91 -20.85 -7.74
N SER I 130 -47.49 -19.76 -8.23
CA SER I 130 -46.72 -18.60 -8.69
C SER I 130 -46.95 -17.34 -7.86
N ASN I 131 -47.43 -17.50 -6.62
CA ASN I 131 -47.74 -16.35 -5.77
C ASN I 131 -46.97 -16.31 -4.46
N LYS I 132 -46.25 -17.39 -4.14
CA LYS I 132 -45.54 -17.46 -2.87
C LYS I 132 -44.07 -17.12 -2.97
N GLY I 133 -43.59 -16.93 -4.20
CA GLY I 133 -42.18 -16.68 -4.45
C GLY I 133 -41.73 -15.28 -4.10
N VAL I 134 -41.78 -14.95 -2.81
CA VAL I 134 -41.34 -13.65 -2.32
C VAL I 134 -40.43 -13.85 -1.12
N THR I 135 -39.67 -12.81 -0.77
CA THR I 135 -38.68 -12.92 0.29
C THR I 135 -38.32 -11.57 0.91
N ALA I 136 -37.96 -11.59 2.19
CA ALA I 136 -37.59 -10.37 2.90
C ALA I 136 -36.26 -9.83 2.40
N ALA I 137 -35.52 -10.67 1.68
CA ALA I 137 -34.28 -10.26 1.06
C ALA I 137 -34.56 -9.23 -0.04
N CYS I 138 -35.75 -9.31 -0.61
CA CYS I 138 -36.16 -8.40 -1.67
C CYS I 138 -37.45 -7.66 -1.28
N PRO I 139 -37.34 -6.76 -0.29
CA PRO I 139 -38.51 -6.03 0.21
C PRO I 139 -39.02 -5.01 -0.81
N HIS I 140 -40.31 -4.68 -0.70
CA HIS I 140 -40.92 -3.65 -1.51
C HIS I 140 -42.07 -3.01 -0.75
N ALA I 141 -41.93 -1.72 -0.45
CA ALA I 141 -42.93 -1.01 0.34
C ALA I 141 -43.08 -1.66 1.71
N GLY I 142 -42.01 -2.28 2.19
CA GLY I 142 -42.02 -2.92 3.49
C GLY I 142 -42.37 -4.39 3.45
N ALA I 143 -43.09 -4.80 2.40
CA ALA I 143 -43.53 -6.19 2.28
C ALA I 143 -42.54 -7.04 1.48
N LYS I 144 -42.55 -8.35 1.74
CA LYS I 144 -41.76 -9.29 0.97
C LYS I 144 -42.08 -9.14 -0.51
N SER I 145 -41.07 -9.28 -1.35
CA SER I 145 -41.30 -9.21 -2.78
C SER I 145 -40.20 -9.96 -3.52
N PHE I 146 -40.11 -9.74 -4.83
CA PHE I 146 -39.18 -10.49 -5.64
C PHE I 146 -38.92 -9.76 -6.95
N TYR I 147 -37.93 -10.22 -7.69
CA TYR I 147 -37.63 -9.65 -9.00
C TYR I 147 -38.89 -9.64 -9.88
N LYS I 148 -39.10 -8.54 -10.59
CA LYS I 148 -40.27 -8.38 -11.45
C LYS I 148 -40.20 -9.24 -12.72
N ASN I 149 -38.98 -9.57 -13.14
CA ASN I 149 -38.80 -10.28 -14.41
C ASN I 149 -38.64 -11.78 -14.25
N LEU I 150 -38.62 -12.25 -13.01
CA LEU I 150 -38.56 -13.68 -12.71
C LEU I 150 -39.69 -14.10 -11.78
N ILE I 151 -40.15 -15.34 -11.92
CA ILE I 151 -41.11 -15.88 -10.98
C ILE I 151 -40.54 -17.08 -10.23
N TRP I 152 -40.55 -16.98 -8.90
CA TRP I 152 -40.07 -18.04 -8.03
C TRP I 152 -41.14 -19.10 -7.86
N LEU I 153 -41.17 -20.08 -8.77
CA LEU I 153 -42.19 -21.14 -8.72
C LEU I 153 -42.03 -22.04 -7.51
N VAL I 154 -43.18 -22.41 -6.94
CA VAL I 154 -43.22 -23.20 -5.71
C VAL I 154 -44.32 -24.25 -5.84
N LYS I 155 -44.26 -25.29 -5.02
CA LYS I 155 -45.24 -26.39 -5.10
C LYS I 155 -46.65 -25.97 -4.69
N LYS I 156 -47.64 -26.59 -5.32
CA LYS I 156 -49.02 -26.46 -4.86
C LYS I 156 -49.39 -27.71 -4.08
N GLY I 157 -49.92 -27.52 -2.88
CA GLY I 157 -50.38 -28.63 -2.07
C GLY I 157 -49.56 -29.90 -2.16
N ASN I 158 -48.34 -29.84 -1.64
CA ASN I 158 -47.49 -31.02 -1.51
C ASN I 158 -47.21 -31.79 -2.80
N SER I 159 -47.29 -31.12 -3.94
CA SER I 159 -46.96 -31.78 -5.19
C SER I 159 -46.28 -30.83 -6.18
N TYR I 160 -45.14 -31.27 -6.72
CA TYR I 160 -44.42 -30.49 -7.71
C TYR I 160 -44.08 -31.37 -8.90
N PRO I 161 -44.99 -31.40 -9.89
CA PRO I 161 -44.80 -32.19 -11.11
C PRO I 161 -43.68 -31.63 -11.96
N LYS I 162 -43.03 -32.50 -12.72
CA LYS I 162 -42.02 -32.07 -13.66
C LYS I 162 -42.61 -31.06 -14.62
N LEU I 163 -42.00 -29.88 -14.68
CA LEU I 163 -42.47 -28.86 -15.61
C LEU I 163 -41.63 -28.84 -16.87
N SER I 164 -42.31 -28.63 -17.98
CA SER I 164 -41.67 -28.52 -19.28
C SER I 164 -42.30 -27.34 -19.98
N LYS I 165 -41.47 -26.37 -20.34
CA LYS I 165 -41.96 -25.15 -20.98
C LYS I 165 -40.98 -24.68 -22.05
N SER I 166 -41.52 -24.27 -23.19
CA SER I 166 -40.67 -23.81 -24.29
C SER I 166 -41.14 -22.47 -24.85
N TYR I 167 -40.18 -21.72 -25.40
CA TYR I 167 -40.47 -20.48 -26.09
C TYR I 167 -39.75 -20.45 -27.44
N ILE I 168 -40.49 -20.10 -28.48
CA ILE I 168 -39.91 -19.94 -29.81
C ILE I 168 -39.79 -18.45 -30.14
N ASN I 169 -38.57 -18.00 -30.37
CA ASN I 169 -38.30 -16.59 -30.68
C ASN I 169 -38.95 -16.15 -31.99
N ASP I 170 -40.08 -15.47 -31.89
CA ASP I 170 -40.76 -14.91 -33.05
C ASP I 170 -40.50 -13.41 -33.18
N LYS I 171 -39.63 -12.89 -32.32
CA LYS I 171 -39.22 -11.50 -32.45
C LYS I 171 -38.26 -11.44 -33.64
N GLY I 172 -38.03 -10.25 -34.17
CA GLY I 172 -37.18 -10.14 -35.35
C GLY I 172 -35.70 -10.08 -35.02
N LYS I 173 -35.33 -10.58 -33.85
CA LYS I 173 -33.98 -10.34 -33.34
C LYS I 173 -33.63 -11.28 -32.18
N GLU I 174 -32.54 -10.97 -31.48
CA GLU I 174 -32.11 -11.77 -30.34
C GLU I 174 -32.97 -11.51 -29.11
N VAL I 175 -33.24 -12.58 -28.36
CA VAL I 175 -33.98 -12.49 -27.11
C VAL I 175 -33.11 -12.85 -25.91
N LEU I 176 -32.93 -11.90 -25.01
CA LEU I 176 -32.18 -12.15 -23.79
C LEU I 176 -33.08 -12.77 -22.73
N VAL I 177 -32.86 -14.05 -22.44
CA VAL I 177 -33.64 -14.74 -21.41
C VAL I 177 -32.80 -14.96 -20.16
N LEU I 178 -33.31 -14.55 -19.00
CA LEU I 178 -32.64 -14.78 -17.73
C LEU I 178 -33.49 -15.70 -16.83
N TRP I 179 -32.84 -16.57 -16.09
CA TRP I 179 -33.54 -17.40 -15.11
C TRP I 179 -32.69 -17.62 -13.87
N GLY I 180 -33.27 -18.29 -12.88
CA GLY I 180 -32.58 -18.51 -11.62
C GLY I 180 -32.62 -19.95 -11.17
N ILE I 181 -31.63 -20.34 -10.38
CA ILE I 181 -31.63 -21.63 -9.72
C ILE I 181 -31.53 -21.38 -8.23
N HIS I 182 -32.56 -21.78 -7.49
CA HIS I 182 -32.56 -21.62 -6.05
C HIS I 182 -31.98 -22.84 -5.33
N HIS I 183 -31.19 -22.58 -4.30
CA HIS I 183 -30.59 -23.63 -3.48
C HIS I 183 -30.94 -23.44 -2.01
N PRO I 184 -31.93 -24.19 -1.51
CA PRO I 184 -32.37 -24.05 -0.11
C PRO I 184 -31.22 -24.29 0.85
N SER I 185 -31.37 -23.84 2.10
CA SER I 185 -30.34 -24.02 3.11
C SER I 185 -30.41 -25.40 3.77
N THR I 186 -31.61 -25.97 3.85
CA THR I 186 -31.82 -27.27 4.50
C THR I 186 -32.69 -28.20 3.66
N SER I 187 -32.54 -29.51 3.87
CA SER I 187 -33.40 -30.49 3.20
C SER I 187 -34.88 -30.22 3.46
N ALA I 188 -35.21 -29.79 4.68
CA ALA I 188 -36.59 -29.52 5.05
C ALA I 188 -37.16 -28.39 4.22
N ASP I 189 -36.32 -27.40 3.93
CA ASP I 189 -36.74 -26.30 3.06
C ASP I 189 -36.91 -26.77 1.64
N GLN I 190 -36.06 -27.70 1.20
CA GLN I 190 -36.21 -28.28 -0.13
C GLN I 190 -37.59 -28.92 -0.26
N GLN I 191 -37.94 -29.80 0.68
CA GLN I 191 -39.24 -30.46 0.64
C GLN I 191 -40.37 -29.45 0.80
N SER I 192 -40.22 -28.55 1.77
CA SER I 192 -41.24 -27.52 2.00
C SER I 192 -41.52 -26.69 0.74
N LEU I 193 -40.49 -26.45 -0.06
CA LEU I 193 -40.63 -25.61 -1.24
C LEU I 193 -41.01 -26.39 -2.50
N TYR I 194 -40.34 -27.51 -2.74
CA TYR I 194 -40.50 -28.22 -4.01
C TYR I 194 -40.88 -29.69 -3.84
N GLN I 195 -40.98 -30.14 -2.59
CA GLN I 195 -41.44 -31.49 -2.29
C GLN I 195 -40.44 -32.61 -2.63
N ASN I 196 -39.91 -32.59 -3.84
CA ASN I 196 -39.21 -33.74 -4.42
C ASN I 196 -37.80 -34.12 -3.90
N ALA I 197 -37.18 -33.26 -3.10
CA ALA I 197 -35.89 -33.62 -2.49
C ALA I 197 -34.71 -33.75 -3.45
N ASP I 198 -34.80 -34.68 -4.40
CA ASP I 198 -33.75 -34.84 -5.40
C ASP I 198 -34.26 -34.33 -6.75
N THR I 199 -33.83 -33.14 -7.13
CA THR I 199 -34.39 -32.47 -8.29
C THR I 199 -33.34 -32.13 -9.33
N TYR I 200 -33.79 -31.63 -10.47
CA TYR I 200 -32.90 -31.13 -11.51
C TYR I 200 -33.61 -30.05 -12.29
N VAL I 201 -32.83 -29.12 -12.85
CA VAL I 201 -33.33 -28.18 -13.83
C VAL I 201 -32.53 -28.39 -15.10
N PHE I 202 -33.21 -28.35 -16.25
CA PHE I 202 -32.51 -28.42 -17.53
C PHE I 202 -33.00 -27.35 -18.49
N VAL I 203 -32.05 -26.65 -19.11
CA VAL I 203 -32.36 -25.59 -20.06
C VAL I 203 -31.54 -25.78 -21.32
N CYS I 204 -32.21 -25.80 -22.47
CA CYS I 204 -31.50 -26.00 -23.74
C CYS I 204 -32.20 -25.37 -24.94
N SER I 205 -31.39 -24.77 -25.82
CA SER I 205 -31.86 -24.30 -27.11
C SER I 205 -31.11 -25.06 -28.19
N SER I 206 -31.01 -24.50 -29.39
CA SER I 206 -30.19 -25.13 -30.42
C SER I 206 -28.71 -25.00 -30.07
N ARG I 207 -28.36 -23.90 -29.39
CA ARG I 207 -26.98 -23.65 -29.03
C ARG I 207 -26.70 -23.98 -27.57
N TYR I 208 -27.56 -23.47 -26.69
CA TYR I 208 -27.35 -23.56 -25.25
C TYR I 208 -27.83 -24.88 -24.66
N SER I 209 -27.15 -25.35 -23.62
CA SER I 209 -27.54 -26.57 -22.95
C SER I 209 -26.79 -26.76 -21.64
N LYS I 210 -27.53 -26.79 -20.54
CA LYS I 210 -26.93 -26.98 -19.22
C LYS I 210 -27.92 -27.62 -18.26
N LYS I 211 -27.41 -28.54 -17.43
CA LYS I 211 -28.21 -29.15 -16.38
C LYS I 211 -27.79 -28.60 -15.02
N PHE I 212 -28.77 -28.31 -14.17
CA PHE I 212 -28.51 -27.72 -12.87
C PHE I 212 -29.02 -28.63 -11.77
N LYS I 213 -28.32 -28.62 -10.65
CA LYS I 213 -28.70 -29.42 -9.49
C LYS I 213 -28.66 -28.54 -8.27
N PRO I 214 -29.68 -28.63 -7.42
CA PRO I 214 -29.68 -27.86 -6.16
C PRO I 214 -28.50 -28.27 -5.29
N GLU I 215 -27.81 -27.29 -4.72
CA GLU I 215 -26.69 -27.55 -3.84
C GLU I 215 -27.07 -27.15 -2.43
N ILE I 216 -27.74 -28.06 -1.74
CA ILE I 216 -28.30 -27.77 -0.42
C ILE I 216 -27.22 -27.68 0.67
N ALA I 217 -27.14 -26.52 1.31
CA ALA I 217 -26.23 -26.33 2.43
C ALA I 217 -26.50 -25.01 3.14
N ILE I 218 -26.00 -24.88 4.37
CA ILE I 218 -26.14 -23.65 5.13
C ILE I 218 -24.94 -22.73 4.91
N CYS I 219 -25.18 -21.64 4.17
CA CYS I 219 -24.14 -20.68 3.86
C CYS I 219 -24.33 -19.40 4.67
N PRO I 220 -23.27 -18.59 4.79
CA PRO I 220 -23.34 -17.36 5.58
C PRO I 220 -24.55 -16.53 5.20
N LYS I 221 -25.21 -15.94 6.21
CA LYS I 221 -26.36 -15.09 5.95
C LYS I 221 -25.97 -13.84 5.17
N VAL I 222 -26.47 -13.74 3.95
CA VAL I 222 -26.40 -12.50 3.18
C VAL I 222 -27.82 -11.96 3.09
N ARG I 223 -27.98 -10.70 3.48
CA ARG I 223 -29.31 -10.10 3.61
C ARG I 223 -30.26 -11.07 4.33
N ASP I 224 -29.73 -11.72 5.36
CA ASP I 224 -30.51 -12.61 6.23
C ASP I 224 -30.86 -13.97 5.61
N GLN I 225 -30.22 -14.30 4.49
CA GLN I 225 -30.52 -15.56 3.80
C GLN I 225 -29.32 -16.49 3.80
N GLU I 226 -29.53 -17.72 4.27
CA GLU I 226 -28.48 -18.73 4.29
C GLU I 226 -28.56 -19.59 3.03
N GLY I 227 -29.68 -19.50 2.33
CA GLY I 227 -29.83 -20.12 1.03
C GLY I 227 -29.15 -19.30 -0.06
N ARG I 228 -29.11 -19.85 -1.27
CA ARG I 228 -28.52 -19.13 -2.39
C ARG I 228 -29.36 -19.25 -3.66
N MET I 229 -29.23 -18.26 -4.54
CA MET I 229 -29.92 -18.28 -5.82
C MET I 229 -28.97 -17.83 -6.93
N ASN I 230 -28.67 -18.74 -7.86
CA ASN I 230 -27.76 -18.40 -8.96
C ASN I 230 -28.51 -17.89 -10.18
N TYR I 231 -27.93 -16.89 -10.85
CA TYR I 231 -28.58 -16.25 -11.99
C TYR I 231 -27.88 -16.57 -13.30
N TYR I 232 -28.67 -16.98 -14.28
CA TYR I 232 -28.14 -17.36 -15.59
C TYR I 232 -28.90 -16.61 -16.67
N TRP I 233 -28.27 -16.48 -17.83
CA TRP I 233 -28.87 -15.79 -18.96
C TRP I 233 -28.31 -16.38 -20.25
N THR I 234 -29.02 -16.16 -21.34
CA THR I 234 -28.51 -16.53 -22.64
C THR I 234 -29.26 -15.79 -23.74
N LEU I 235 -28.67 -15.75 -24.91
CA LEU I 235 -29.29 -15.05 -26.03
C LEU I 235 -29.82 -16.05 -27.04
N VAL I 236 -31.15 -16.07 -27.18
CA VAL I 236 -31.80 -16.98 -28.12
C VAL I 236 -31.93 -16.32 -29.50
N GLU I 237 -31.31 -16.94 -30.50
CA GLU I 237 -31.37 -16.45 -31.87
C GLU I 237 -32.81 -16.42 -32.36
N PRO I 238 -33.11 -15.56 -33.34
CA PRO I 238 -34.44 -15.46 -33.91
C PRO I 238 -34.86 -16.77 -34.60
N GLY I 239 -36.08 -17.21 -34.34
CA GLY I 239 -36.56 -18.46 -34.90
C GLY I 239 -36.18 -19.70 -34.11
N ASP I 240 -35.21 -19.57 -33.20
CA ASP I 240 -34.77 -20.70 -32.39
C ASP I 240 -35.67 -20.91 -31.17
N LYS I 241 -35.74 -22.15 -30.69
CA LYS I 241 -36.54 -22.47 -29.50
C LYS I 241 -35.66 -22.70 -28.27
N ILE I 242 -36.16 -22.29 -27.11
CA ILE I 242 -35.48 -22.58 -25.84
C ILE I 242 -36.42 -23.34 -24.91
N THR I 243 -35.90 -24.35 -24.21
CA THR I 243 -36.75 -25.21 -23.40
C THR I 243 -36.32 -25.25 -21.94
N PHE I 244 -37.31 -25.20 -21.05
CA PHE I 244 -37.09 -25.31 -19.62
C PHE I 244 -37.75 -26.58 -19.09
N GLU I 245 -36.99 -27.39 -18.37
CA GLU I 245 -37.54 -28.58 -17.73
C GLU I 245 -37.05 -28.59 -16.29
N ALA I 246 -37.92 -28.99 -15.36
CA ALA I 246 -37.53 -28.98 -13.95
C ALA I 246 -38.47 -29.78 -13.05
N THR I 247 -37.92 -30.30 -11.96
CA THR I 247 -38.70 -30.95 -10.93
C THR I 247 -38.55 -30.18 -9.61
N GLY I 248 -38.04 -28.96 -9.69
CA GLY I 248 -37.90 -28.09 -8.54
C GLY I 248 -36.83 -27.03 -8.75
N ASN I 249 -36.76 -26.06 -7.84
CA ASN I 249 -35.62 -25.14 -7.75
C ASN I 249 -35.43 -24.15 -8.91
N LEU I 250 -36.35 -24.16 -9.88
CA LEU I 250 -36.25 -23.27 -11.03
C LEU I 250 -37.01 -21.98 -10.79
N VAL I 251 -36.30 -20.85 -10.90
CA VAL I 251 -36.94 -19.55 -10.88
C VAL I 251 -37.09 -19.18 -12.35
N VAL I 252 -38.31 -19.35 -12.86
CA VAL I 252 -38.58 -19.23 -14.29
C VAL I 252 -38.50 -17.78 -14.78
N PRO I 253 -38.21 -17.62 -16.08
CA PRO I 253 -38.31 -16.31 -16.72
C PRO I 253 -39.77 -15.87 -16.76
N ARG I 254 -40.04 -14.60 -16.48
CA ARG I 254 -41.36 -14.06 -16.71
C ARG I 254 -41.27 -13.00 -17.82
N TYR I 255 -40.34 -12.08 -17.65
CA TYR I 255 -40.05 -11.07 -18.67
C TYR I 255 -38.67 -11.28 -19.25
N ALA I 256 -38.59 -11.30 -20.59
CA ALA I 256 -37.31 -11.34 -21.28
C ALA I 256 -37.15 -10.08 -22.13
N PHE I 257 -36.10 -10.02 -22.95
CA PHE I 257 -35.82 -8.81 -23.71
C PHE I 257 -35.42 -9.09 -25.15
N ALA I 258 -36.25 -8.62 -26.08
CA ALA I 258 -35.89 -8.61 -27.50
C ALA I 258 -34.96 -7.41 -27.77
N MET I 259 -33.83 -7.67 -28.40
CA MET I 259 -32.81 -6.63 -28.54
C MET I 259 -31.89 -6.84 -29.74
N GLU I 260 -31.31 -5.74 -30.20
CA GLU I 260 -30.20 -5.80 -31.13
C GLU I 260 -28.99 -5.10 -30.55
N ARG I 261 -27.92 -5.86 -30.30
CA ARG I 261 -26.72 -5.30 -29.71
C ARG I 261 -25.98 -4.40 -30.69
N ASN I 262 -25.19 -3.47 -30.14
CA ASN I 262 -24.49 -2.50 -30.97
C ASN I 262 -22.97 -2.55 -30.79
N ALA I 263 -22.27 -2.68 -31.92
CA ALA I 263 -20.80 -2.60 -31.97
C ALA I 263 -20.07 -2.86 -30.66
N GLY I 264 -19.37 -1.85 -30.16
CA GLY I 264 -18.57 -1.98 -28.96
C GLY I 264 -18.46 -0.68 -28.17
N SER I 265 -19.38 -0.51 -27.24
CA SER I 265 -19.39 0.65 -26.36
C SER I 265 -18.88 0.25 -24.99
N GLY I 266 -19.36 0.92 -23.94
CA GLY I 266 -18.88 0.63 -22.60
C GLY I 266 -19.77 1.16 -21.49
N ILE I 267 -19.22 1.20 -20.27
CA ILE I 267 -19.98 1.57 -19.09
C ILE I 267 -19.22 2.57 -18.23
N ILE I 268 -19.89 3.66 -17.88
CA ILE I 268 -19.28 4.66 -17.02
C ILE I 268 -19.89 4.65 -15.62
N ILE I 269 -19.02 4.66 -14.62
CA ILE I 269 -19.46 4.72 -13.24
C ILE I 269 -18.97 6.02 -12.60
N SER I 270 -19.89 6.94 -12.38
CA SER I 270 -19.54 8.23 -11.80
C SER I 270 -20.75 9.03 -11.41
N ASP I 271 -20.53 10.05 -10.58
CA ASP I 271 -21.58 10.93 -10.09
C ASP I 271 -21.80 12.11 -11.02
N THR I 272 -21.03 12.16 -12.10
CA THR I 272 -21.17 13.24 -13.07
C THR I 272 -22.58 13.22 -13.66
N PRO I 273 -23.27 14.37 -13.62
CA PRO I 273 -24.67 14.45 -14.07
C PRO I 273 -24.83 14.29 -15.57
N VAL I 274 -25.95 13.70 -15.97
CA VAL I 274 -26.31 13.59 -17.38
C VAL I 274 -26.82 14.94 -17.86
N HIS I 275 -26.68 15.21 -19.16
CA HIS I 275 -27.11 16.48 -19.72
C HIS I 275 -27.51 16.30 -21.17
N ASP I 276 -28.26 17.25 -21.72
CA ASP I 276 -28.61 17.21 -23.13
C ASP I 276 -27.54 17.92 -23.95
N CYS I 277 -26.52 17.18 -24.36
CA CYS I 277 -25.48 17.71 -25.21
C CYS I 277 -24.95 16.58 -26.08
N ASN I 278 -24.56 16.89 -27.31
CA ASN I 278 -23.89 15.92 -28.14
C ASN I 278 -22.40 15.94 -27.83
N THR I 279 -21.75 14.82 -28.01
CA THR I 279 -20.30 14.77 -27.89
C THR I 279 -19.79 13.65 -28.78
N THR I 280 -18.51 13.72 -29.13
CA THR I 280 -17.88 12.66 -29.91
C THR I 280 -17.00 11.81 -29.00
N CYS I 281 -16.77 12.29 -27.78
CA CYS I 281 -15.84 11.65 -26.87
C CYS I 281 -16.25 11.87 -25.42
N GLN I 282 -16.60 10.79 -24.74
CA GLN I 282 -17.09 10.87 -23.36
C GLN I 282 -16.08 10.39 -22.32
N THR I 283 -15.96 11.17 -21.23
CA THR I 283 -15.07 10.87 -20.12
C THR I 283 -15.90 10.75 -18.84
N PRO I 284 -15.44 9.91 -17.89
CA PRO I 284 -16.15 9.80 -16.60
C PRO I 284 -16.28 11.13 -15.88
N LYS I 285 -15.40 12.09 -16.19
CA LYS I 285 -15.40 13.40 -15.55
C LYS I 285 -16.20 14.43 -16.35
N GLY I 286 -16.42 14.14 -17.62
CA GLY I 286 -17.10 15.07 -18.51
C GLY I 286 -16.87 14.73 -19.97
N ALA I 287 -17.49 15.49 -20.87
CA ALA I 287 -17.32 15.23 -22.30
C ALA I 287 -16.22 16.09 -22.89
N ILE I 288 -15.68 15.65 -24.02
CA ILE I 288 -14.64 16.36 -24.73
C ILE I 288 -15.06 16.59 -26.18
N ASN I 289 -15.18 17.86 -26.57
CA ASN I 289 -15.37 18.18 -27.97
C ASN I 289 -14.24 19.08 -28.45
N THR I 290 -13.24 18.47 -29.07
CA THR I 290 -12.08 19.21 -29.54
C THR I 290 -11.62 18.64 -30.87
N SER I 291 -10.85 19.43 -31.61
CA SER I 291 -10.25 18.97 -32.85
C SER I 291 -8.79 18.57 -32.62
N LEU I 292 -8.30 18.83 -31.41
CA LEU I 292 -6.91 18.56 -31.07
C LEU I 292 -6.63 17.06 -30.96
N PRO I 293 -5.41 16.63 -31.33
CA PRO I 293 -5.04 15.21 -31.37
C PRO I 293 -4.65 14.60 -30.02
N PHE I 294 -4.48 15.42 -28.99
CA PHE I 294 -4.03 14.92 -27.69
C PHE I 294 -4.89 15.48 -26.56
N GLN I 295 -4.92 14.76 -25.45
CA GLN I 295 -5.82 15.09 -24.36
C GLN I 295 -5.28 14.56 -23.05
N ASN I 296 -5.35 15.37 -22.00
CA ASN I 296 -4.90 14.94 -20.68
C ASN I 296 -6.00 14.93 -19.61
N ILE I 297 -7.25 14.77 -20.05
CA ILE I 297 -8.38 14.77 -19.13
C ILE I 297 -8.54 13.44 -18.38
N HIS I 298 -8.44 12.33 -19.11
CA HIS I 298 -8.73 11.01 -18.56
C HIS I 298 -8.32 9.96 -19.59
N PRO I 299 -7.71 8.85 -19.11
CA PRO I 299 -7.29 7.74 -19.99
C PRO I 299 -8.45 6.87 -20.46
N ILE I 300 -9.50 6.79 -19.66
CA ILE I 300 -10.64 5.93 -19.96
C ILE I 300 -11.76 6.70 -20.64
N THR I 301 -11.81 6.63 -21.97
CA THR I 301 -12.80 7.39 -22.74
C THR I 301 -13.68 6.47 -23.58
N ILE I 302 -14.80 7.01 -24.05
CA ILE I 302 -15.66 6.29 -24.98
C ILE I 302 -15.98 7.16 -26.18
N GLY I 303 -15.67 6.67 -27.37
CA GLY I 303 -15.96 7.40 -28.61
C GLY I 303 -14.74 7.60 -29.49
N LYS I 304 -14.74 8.70 -30.23
CA LYS I 304 -13.62 9.06 -31.10
C LYS I 304 -12.86 10.19 -30.42
N CYS I 305 -11.81 9.85 -29.69
CA CYS I 305 -11.16 10.81 -28.79
C CYS I 305 -9.73 11.13 -29.18
N PRO I 306 -9.20 12.25 -28.69
CA PRO I 306 -7.76 12.52 -28.82
C PRO I 306 -7.04 11.49 -27.96
N LYS I 307 -5.75 11.26 -28.22
CA LYS I 307 -5.01 10.28 -27.43
C LYS I 307 -4.69 10.83 -26.05
N TYR I 308 -4.76 9.99 -25.03
CA TYR I 308 -4.40 10.42 -23.68
C TYR I 308 -2.90 10.52 -23.51
N VAL I 309 -2.43 11.64 -22.97
CA VAL I 309 -1.02 11.83 -22.68
C VAL I 309 -0.88 12.47 -21.29
N LYS I 310 0.24 12.26 -20.62
CA LYS I 310 0.45 12.90 -19.32
C LYS I 310 1.05 14.29 -19.45
N SER I 311 1.04 14.82 -20.67
CA SER I 311 1.56 16.16 -20.93
C SER I 311 0.73 17.20 -20.20
N THR I 312 1.36 18.34 -19.89
CA THR I 312 0.64 19.45 -19.28
C THR I 312 0.65 20.66 -20.22
N LYS I 313 1.45 20.57 -21.27
CA LYS I 313 1.58 21.68 -22.21
C LYS I 313 2.18 21.22 -23.53
N LEU I 314 1.37 21.24 -24.58
CA LEU I 314 1.86 20.95 -25.93
C LEU I 314 1.58 22.14 -26.85
N ARG I 315 2.49 23.12 -26.83
CA ARG I 315 2.28 24.32 -27.62
C ARG I 315 3.13 24.35 -28.88
N LEU I 316 2.45 24.35 -30.03
CA LEU I 316 3.09 24.44 -31.33
C LEU I 316 3.33 25.90 -31.67
N ALA I 317 4.57 26.26 -32.02
CA ALA I 317 4.86 27.60 -32.50
C ALA I 317 4.40 27.75 -33.94
N THR I 318 3.87 28.92 -34.29
CA THR I 318 3.48 29.20 -35.65
C THR I 318 4.22 30.45 -36.14
N GLY I 319 4.34 31.42 -35.25
CA GLY I 319 5.06 32.65 -35.53
C GLY I 319 6.53 32.49 -35.21
N LEU I 320 7.25 33.61 -35.20
CA LEU I 320 8.68 33.58 -34.93
C LEU I 320 8.98 34.09 -33.52
N ARG I 321 10.23 33.90 -33.08
CA ARG I 321 10.65 34.36 -31.77
C ARG I 321 10.33 35.85 -31.64
N ASN I 322 9.69 36.22 -30.53
CA ASN I 322 9.29 37.62 -30.33
C ASN I 322 10.36 38.44 -29.64
N ILE I 323 10.94 39.38 -30.38
CA ILE I 323 11.98 40.24 -29.84
C ILE I 323 11.59 41.71 -30.01
N PRO I 324 10.84 42.24 -29.04
CA PRO I 324 10.35 43.63 -29.08
C PRO I 324 11.49 44.63 -28.93
N SER I 325 12.58 44.22 -28.28
CA SER I 325 13.75 45.07 -28.07
C SER I 325 13.44 46.29 -27.21
N GLY J 1 20.33 30.89 -34.20
CA GLY J 1 19.47 30.65 -35.36
C GLY J 1 20.20 29.94 -36.48
N LEU J 2 19.53 28.95 -37.06
CA LEU J 2 20.11 28.12 -38.12
C LEU J 2 20.64 28.95 -39.29
N PHE J 3 19.96 30.03 -39.62
CA PHE J 3 20.31 30.85 -40.78
C PHE J 3 20.93 32.20 -40.42
N GLY J 4 21.05 32.48 -39.12
CA GLY J 4 21.83 33.61 -38.64
C GLY J 4 21.19 34.97 -38.71
N ALA J 5 20.03 35.08 -39.36
CA ALA J 5 19.35 36.37 -39.49
C ALA J 5 18.62 36.76 -38.21
N ILE J 6 17.51 36.11 -37.93
CA ILE J 6 16.73 36.39 -36.73
C ILE J 6 17.58 36.17 -35.48
N ALA J 7 17.53 37.12 -34.56
CA ALA J 7 18.38 37.07 -33.37
C ALA J 7 19.85 36.91 -33.74
N GLY J 8 20.17 37.25 -34.99
CA GLY J 8 21.53 37.12 -35.49
C GLY J 8 22.07 38.48 -35.91
N PHE J 9 22.32 38.65 -37.19
CA PHE J 9 22.82 39.93 -37.67
C PHE J 9 21.72 40.98 -37.76
N ILE J 10 20.48 40.53 -37.64
CA ILE J 10 19.34 41.42 -37.49
C ILE J 10 18.80 41.25 -36.08
N GLU J 11 19.42 41.97 -35.15
CA GLU J 11 19.31 41.67 -33.72
C GLU J 11 17.90 41.63 -33.13
N GLY J 12 17.06 42.58 -33.48
CA GLY J 12 15.73 42.66 -32.90
C GLY J 12 14.61 42.66 -33.92
N GLY J 13 13.37 42.55 -33.43
CA GLY J 13 12.21 42.59 -34.29
C GLY J 13 11.62 43.98 -34.38
N TRP J 14 10.60 44.13 -35.22
CA TRP J 14 9.96 45.43 -35.44
C TRP J 14 8.51 45.43 -34.98
N THR J 15 8.23 46.11 -33.87
CA THR J 15 6.86 46.28 -33.42
C THR J 15 6.13 47.24 -34.36
N GLY J 16 6.90 48.06 -35.07
CA GLY J 16 6.34 49.06 -35.97
C GLY J 16 5.83 48.49 -37.27
N MET J 17 6.03 47.20 -37.48
CA MET J 17 5.55 46.54 -38.69
C MET J 17 4.45 45.53 -38.35
N VAL J 18 3.26 46.04 -38.03
CA VAL J 18 2.11 45.20 -37.70
C VAL J 18 1.47 44.68 -38.98
N ASP J 19 2.08 45.03 -40.11
CA ASP J 19 1.58 44.65 -41.42
C ASP J 19 1.64 43.14 -41.65
N GLY J 20 2.65 42.48 -41.06
CA GLY J 20 2.84 41.06 -41.26
C GLY J 20 4.11 40.49 -40.63
N TRP J 21 4.57 39.36 -41.13
CA TRP J 21 5.72 38.67 -40.55
C TRP J 21 7.07 39.21 -41.01
N TYR J 22 7.28 39.31 -42.31
CA TYR J 22 8.54 39.83 -42.84
C TYR J 22 8.32 41.02 -43.77
N GLY J 23 9.22 41.99 -43.74
CA GLY J 23 9.09 43.17 -44.59
C GLY J 23 10.29 44.09 -44.64
N TYR J 24 10.04 45.37 -44.89
CA TYR J 24 11.11 46.34 -45.02
C TYR J 24 10.88 47.62 -44.23
N HIS J 25 11.90 48.47 -44.21
CA HIS J 25 11.81 49.85 -43.72
C HIS J 25 12.77 50.72 -44.52
N HIS J 26 12.24 51.78 -45.13
CA HIS J 26 13.04 52.65 -45.98
C HIS J 26 13.04 54.09 -45.50
N GLN J 27 14.04 54.85 -45.93
CA GLN J 27 14.13 56.28 -45.61
C GLN J 27 14.94 57.01 -46.68
N ASN J 28 14.25 57.59 -47.65
CA ASN J 28 14.91 58.33 -48.73
C ASN J 28 14.64 59.83 -48.68
N GLU J 29 13.82 60.31 -49.60
CA GLU J 29 13.49 61.73 -49.71
C GLU J 29 12.07 62.00 -49.21
N GLN J 30 11.10 61.33 -49.83
CA GLN J 30 9.70 61.53 -49.51
C GLN J 30 9.15 60.39 -48.66
N GLY J 31 9.92 59.31 -48.58
CA GLY J 31 9.47 58.11 -47.90
C GLY J 31 10.16 57.86 -46.57
N SER J 32 9.56 56.98 -45.78
CA SER J 32 10.08 56.58 -44.47
C SER J 32 8.99 55.82 -43.71
N GLY J 33 9.18 54.51 -43.57
CA GLY J 33 8.22 53.71 -42.83
C GLY J 33 8.37 52.21 -42.99
N TYR J 34 7.53 51.47 -42.27
CA TYR J 34 7.55 50.01 -42.31
C TYR J 34 6.53 49.46 -43.31
N ALA J 35 6.93 48.44 -44.05
CA ALA J 35 6.05 47.79 -45.01
C ALA J 35 6.38 46.30 -45.15
N ALA J 36 5.50 45.44 -44.66
CA ALA J 36 5.71 44.01 -44.74
C ALA J 36 5.69 43.52 -46.19
N ASP J 37 6.56 42.56 -46.50
CA ASP J 37 6.58 41.95 -47.82
C ASP J 37 5.41 40.96 -47.94
N LEU J 38 4.44 41.28 -48.78
CA LEU J 38 3.23 40.49 -48.89
C LEU J 38 3.44 39.09 -49.45
N LYS J 39 4.33 38.96 -50.42
CA LYS J 39 4.59 37.68 -51.05
C LYS J 39 5.16 36.66 -50.05
N SER J 40 6.21 37.05 -49.35
CA SER J 40 6.88 36.15 -48.41
C SER J 40 6.02 35.85 -47.19
N THR J 41 5.39 36.89 -46.64
CA THR J 41 4.54 36.74 -45.47
C THR J 41 3.37 35.80 -45.76
N GLN J 42 2.68 36.05 -46.87
CA GLN J 42 1.52 35.25 -47.26
C GLN J 42 1.88 33.79 -47.44
N ASN J 43 3.07 33.53 -47.99
CA ASN J 43 3.54 32.16 -48.17
C ASN J 43 3.83 31.46 -46.84
N ALA J 44 4.50 32.19 -45.94
CA ALA J 44 4.78 31.67 -44.60
C ALA J 44 3.49 31.35 -43.87
N ILE J 45 2.48 32.20 -44.05
CA ILE J 45 1.17 31.96 -43.46
C ILE J 45 0.52 30.72 -44.08
N ASP J 46 0.56 30.65 -45.41
CA ASP J 46 0.02 29.50 -46.13
C ASP J 46 0.67 28.20 -45.67
N GLU J 47 2.00 28.23 -45.54
CA GLU J 47 2.75 27.02 -45.26
C GLU J 47 2.70 26.63 -43.78
N ILE J 48 2.82 27.60 -42.89
CA ILE J 48 2.70 27.30 -41.46
C ILE J 48 1.30 26.79 -41.11
N THR J 49 0.29 27.31 -41.79
CA THR J 49 -1.08 26.80 -41.65
C THR J 49 -1.15 25.33 -42.05
N ASN J 50 -0.46 24.97 -43.13
CA ASN J 50 -0.46 23.59 -43.58
C ASN J 50 0.22 22.66 -42.57
N LYS J 51 1.27 23.16 -41.95
CA LYS J 51 1.97 22.40 -40.91
C LYS J 51 1.03 22.08 -39.75
N VAL J 52 0.33 23.09 -39.26
CA VAL J 52 -0.61 22.92 -38.17
C VAL J 52 -1.73 21.95 -38.55
N ASN J 53 -2.36 22.17 -39.70
CA ASN J 53 -3.41 21.29 -40.19
C ASN J 53 -2.94 19.85 -40.31
N SER J 54 -1.69 19.68 -40.72
CA SER J 54 -1.11 18.34 -40.88
C SER J 54 -1.02 17.58 -39.56
N VAL J 55 -0.39 18.21 -38.58
CA VAL J 55 -0.23 17.61 -37.26
C VAL J 55 -1.58 17.23 -36.65
N ILE J 56 -2.56 18.11 -36.87
CA ILE J 56 -3.88 17.95 -36.27
C ILE J 56 -4.76 16.95 -37.04
N GLU J 57 -4.83 17.13 -38.35
CA GLU J 57 -5.75 16.36 -39.18
C GLU J 57 -5.32 14.92 -39.45
N LYS J 58 -4.02 14.64 -39.31
CA LYS J 58 -3.52 13.29 -39.57
C LYS J 58 -3.91 12.29 -38.49
N MET J 59 -4.29 12.79 -37.31
CA MET J 59 -4.66 11.92 -36.21
C MET J 59 -5.84 11.00 -36.58
N ASN J 60 -7.06 11.54 -36.57
CA ASN J 60 -8.24 10.77 -36.97
C ASN J 60 -8.29 9.36 -36.37
N THR J 61 -8.77 9.27 -35.13
CA THR J 61 -8.68 8.03 -34.37
C THR J 61 -9.89 7.10 -34.51
N GLN J 62 -9.67 5.84 -34.17
CA GLN J 62 -10.73 4.83 -34.17
C GLN J 62 -11.69 5.06 -33.00
N PHE J 63 -12.95 4.66 -33.17
CA PHE J 63 -13.91 4.67 -32.07
C PHE J 63 -13.55 3.55 -31.09
N THR J 64 -13.33 3.92 -29.83
CA THR J 64 -12.90 2.95 -28.84
C THR J 64 -13.54 3.26 -27.49
N ALA J 65 -13.85 2.23 -26.73
CA ALA J 65 -14.44 2.42 -25.40
C ALA J 65 -13.45 2.26 -24.24
N VAL J 66 -12.19 1.97 -24.56
CA VAL J 66 -11.10 1.87 -23.57
C VAL J 66 -11.38 1.01 -22.33
N GLY J 67 -12.23 1.51 -21.43
CA GLY J 67 -12.52 0.82 -20.18
C GLY J 67 -13.01 -0.61 -20.33
N LYS J 68 -12.55 -1.48 -19.42
CA LYS J 68 -13.03 -2.86 -19.38
C LYS J 68 -13.25 -3.31 -17.95
N GLU J 69 -14.18 -4.25 -17.77
CA GLU J 69 -14.55 -4.74 -16.45
C GLU J 69 -14.16 -6.21 -16.27
N PHE J 70 -13.34 -6.49 -15.27
CA PHE J 70 -12.88 -7.85 -14.99
C PHE J 70 -13.16 -8.22 -13.54
N ASN J 71 -13.62 -9.44 -13.31
CA ASN J 71 -13.94 -9.86 -11.95
C ASN J 71 -12.68 -10.23 -11.16
N HIS J 72 -12.89 -10.70 -9.93
CA HIS J 72 -11.79 -10.93 -8.99
C HIS J 72 -10.94 -12.14 -9.34
N LEU J 73 -11.36 -12.90 -10.34
CA LEU J 73 -10.60 -14.06 -10.80
C LEU J 73 -10.08 -13.84 -12.21
N GLU J 74 -10.00 -12.58 -12.61
CA GLU J 74 -9.47 -12.21 -13.92
C GLU J 74 -8.44 -11.10 -13.77
N LYS J 75 -7.60 -11.21 -12.73
CA LYS J 75 -6.60 -10.18 -12.46
C LYS J 75 -5.54 -10.16 -13.55
N ARG J 76 -5.27 -11.32 -14.13
CA ARG J 76 -4.26 -11.42 -15.17
C ARG J 76 -4.64 -10.62 -16.42
N ILE J 77 -5.83 -10.87 -16.96
CA ILE J 77 -6.27 -10.13 -18.14
C ILE J 77 -6.56 -8.68 -17.80
N GLU J 78 -6.90 -8.42 -16.54
CA GLU J 78 -7.08 -7.04 -16.10
C GLU J 78 -5.75 -6.29 -16.19
N ASN J 79 -4.69 -6.93 -15.70
CA ASN J 79 -3.35 -6.34 -15.77
C ASN J 79 -2.82 -6.23 -17.20
N LEU J 80 -3.14 -7.22 -18.03
CA LEU J 80 -2.82 -7.14 -19.45
C LEU J 80 -3.48 -5.89 -20.06
N ASN J 81 -4.75 -5.66 -19.72
CA ASN J 81 -5.47 -4.50 -20.22
C ASN J 81 -4.82 -3.20 -19.77
N LYS J 82 -4.32 -3.19 -18.54
CA LYS J 82 -3.62 -2.04 -18.01
C LYS J 82 -2.35 -1.79 -18.82
N LYS J 83 -1.61 -2.87 -19.10
CA LYS J 83 -0.38 -2.79 -19.87
C LYS J 83 -0.63 -2.21 -21.26
N VAL J 84 -1.78 -2.55 -21.84
CA VAL J 84 -2.18 -2.00 -23.13
C VAL J 84 -2.37 -0.49 -23.01
N ASP J 85 -3.21 -0.08 -22.07
CA ASP J 85 -3.48 1.33 -21.83
C ASP J 85 -2.23 2.13 -21.46
N ASP J 86 -1.34 1.55 -20.66
CA ASP J 86 -0.13 2.23 -20.22
C ASP J 86 0.88 2.34 -21.37
N GLY J 87 1.04 1.27 -22.13
CA GLY J 87 1.90 1.29 -23.29
C GLY J 87 1.53 2.38 -24.29
N PHE J 88 0.24 2.53 -24.54
CA PHE J 88 -0.25 3.57 -25.43
C PHE J 88 0.02 4.95 -24.84
N LEU J 89 -0.11 5.05 -23.52
CA LEU J 89 0.15 6.29 -22.80
C LEU J 89 1.60 6.74 -22.94
N ASP J 90 2.53 5.79 -22.76
CA ASP J 90 3.95 6.09 -22.85
C ASP J 90 4.36 6.48 -24.28
N ILE J 91 3.81 5.79 -25.26
CA ILE J 91 4.12 6.06 -26.66
C ILE J 91 3.65 7.45 -27.08
N TRP J 92 2.39 7.76 -26.82
CA TRP J 92 1.83 9.04 -27.27
C TRP J 92 2.38 10.25 -26.50
N THR J 93 2.72 10.07 -25.23
CA THR J 93 3.28 11.18 -24.45
C THR J 93 4.68 11.52 -24.95
N TYR J 94 5.51 10.50 -25.12
CA TYR J 94 6.85 10.69 -25.67
C TYR J 94 6.78 11.27 -27.08
N ASN J 95 6.04 10.61 -27.97
CA ASN J 95 5.94 11.08 -29.35
C ASN J 95 5.34 12.48 -29.47
N ALA J 96 4.36 12.80 -28.63
CA ALA J 96 3.77 14.13 -28.65
C ALA J 96 4.78 15.19 -28.23
N GLU J 97 5.39 15.01 -27.07
CA GLU J 97 6.39 15.95 -26.55
C GLU J 97 7.49 16.20 -27.58
N LEU J 98 8.00 15.13 -28.17
CA LEU J 98 9.09 15.25 -29.14
C LEU J 98 8.67 15.91 -30.46
N LEU J 99 7.45 15.61 -30.90
CA LEU J 99 6.95 16.22 -32.13
C LEU J 99 6.92 17.73 -31.96
N VAL J 100 6.49 18.17 -30.79
CA VAL J 100 6.40 19.59 -30.49
C VAL J 100 7.77 20.27 -30.37
N LEU J 101 8.70 19.65 -29.65
CA LEU J 101 10.03 20.21 -29.48
C LEU J 101 10.77 20.27 -30.82
N LEU J 102 10.63 19.21 -31.60
CA LEU J 102 11.31 19.12 -32.89
C LEU J 102 10.73 20.11 -33.90
N GLU J 103 9.41 20.11 -34.04
CA GLU J 103 8.78 20.98 -35.04
C GLU J 103 8.82 22.46 -34.68
N ASN J 104 8.86 22.77 -33.38
CA ASN J 104 9.07 24.15 -32.96
C ASN J 104 10.43 24.65 -33.45
N GLU J 105 11.46 23.82 -33.28
CA GLU J 105 12.78 24.18 -33.74
C GLU J 105 12.76 24.40 -35.24
N ARG J 106 12.10 23.50 -35.96
CA ARG J 106 11.97 23.60 -37.42
C ARG J 106 11.23 24.87 -37.85
N THR J 107 10.21 25.25 -37.07
CA THR J 107 9.41 26.44 -37.37
C THR J 107 10.26 27.70 -37.28
N LEU J 108 10.94 27.87 -36.15
CA LEU J 108 11.82 29.01 -35.94
C LEU J 108 12.86 29.13 -37.06
N ASP J 109 13.52 28.02 -37.37
CA ASP J 109 14.50 28.01 -38.45
C ASP J 109 13.87 28.46 -39.77
N TYR J 110 12.60 28.10 -39.95
CA TYR J 110 11.86 28.44 -41.16
C TYR J 110 11.75 29.95 -41.31
N HIS J 111 11.28 30.61 -40.25
CA HIS J 111 11.16 32.06 -40.26
C HIS J 111 12.52 32.70 -40.50
N ASP J 112 13.54 32.17 -39.83
CA ASP J 112 14.91 32.65 -39.98
C ASP J 112 15.36 32.52 -41.43
N SER J 113 15.10 31.36 -42.01
CA SER J 113 15.40 31.12 -43.42
C SER J 113 14.71 32.13 -44.34
N ASN J 114 13.45 32.43 -44.06
CA ASN J 114 12.70 33.38 -44.87
C ASN J 114 13.33 34.78 -44.84
N VAL J 115 13.72 35.22 -43.65
CA VAL J 115 14.37 36.52 -43.50
C VAL J 115 15.68 36.55 -44.27
N LYS J 116 16.52 35.54 -44.06
CA LYS J 116 17.80 35.43 -44.73
C LYS J 116 17.64 35.56 -46.24
N ASN J 117 16.77 34.73 -46.82
CA ASN J 117 16.55 34.74 -48.26
C ASN J 117 16.08 36.11 -48.76
N LEU J 118 15.22 36.76 -47.99
CA LEU J 118 14.67 38.05 -48.36
C LEU J 118 15.79 39.10 -48.38
N TYR J 119 16.68 38.98 -47.40
CA TYR J 119 17.83 39.87 -47.29
C TYR J 119 18.83 39.64 -48.43
N GLU J 120 19.23 38.38 -48.60
CA GLU J 120 20.18 38.03 -49.66
C GLU J 120 19.64 38.33 -51.06
N LYS J 121 18.32 38.32 -51.21
CA LYS J 121 17.70 38.60 -52.50
C LYS J 121 17.87 40.07 -52.87
N VAL J 122 17.96 40.93 -51.86
CA VAL J 122 18.20 42.35 -52.06
C VAL J 122 19.67 42.64 -52.32
N ARG J 123 20.54 42.07 -51.48
CA ARG J 123 21.98 42.22 -51.62
C ARG J 123 22.47 41.83 -53.01
N SER J 124 21.88 40.78 -53.57
CA SER J 124 22.32 40.26 -54.87
C SER J 124 21.89 41.15 -56.03
N GLN J 125 21.00 42.11 -55.75
CA GLN J 125 20.57 43.06 -56.77
C GLN J 125 21.45 44.30 -56.78
N LEU J 126 21.58 44.94 -55.62
CA LEU J 126 22.36 46.16 -55.49
C LEU J 126 23.84 45.91 -55.75
N LYS J 127 24.43 44.99 -54.99
CA LYS J 127 25.84 44.64 -55.13
C LYS J 127 26.75 45.80 -54.73
N ASN J 128 27.26 46.50 -55.74
CA ASN J 128 28.21 47.59 -55.54
C ASN J 128 27.52 48.94 -55.38
N ASN J 129 26.26 49.02 -55.79
CA ASN J 129 25.51 50.27 -55.73
C ASN J 129 25.09 50.67 -54.31
N ALA J 130 25.36 49.79 -53.36
CA ALA J 130 25.03 50.06 -51.97
C ALA J 130 26.00 49.33 -51.03
N LYS J 131 26.07 49.81 -49.79
CA LYS J 131 26.90 49.16 -48.78
C LYS J 131 26.03 48.52 -47.69
N GLU J 132 26.39 47.31 -47.28
CA GLU J 132 25.75 46.67 -46.15
C GLU J 132 26.21 47.36 -44.87
N ILE J 133 25.32 48.14 -44.26
CA ILE J 133 25.70 48.91 -43.08
C ILE J 133 25.47 48.13 -41.79
N GLY J 134 24.98 46.90 -41.92
CA GLY J 134 24.76 46.05 -40.76
C GLY J 134 23.33 46.06 -40.27
N ASN J 135 23.05 45.18 -39.30
CA ASN J 135 21.71 45.02 -38.76
C ASN J 135 20.66 44.84 -39.85
N GLY J 136 21.06 44.16 -40.93
CA GLY J 136 20.17 43.90 -42.04
C GLY J 136 19.83 45.12 -42.87
N CYS J 137 20.61 46.19 -42.71
CA CYS J 137 20.34 47.43 -43.43
C CYS J 137 21.27 47.65 -44.63
N PHE J 138 20.70 48.20 -45.70
CA PHE J 138 21.47 48.57 -46.88
C PHE J 138 21.48 50.09 -47.03
N GLU J 139 22.67 50.67 -47.17
CA GLU J 139 22.78 52.10 -47.46
C GLU J 139 23.23 52.31 -48.90
N PHE J 140 22.33 52.85 -49.71
CA PHE J 140 22.62 53.10 -51.12
C PHE J 140 23.78 54.08 -51.32
N TYR J 141 24.58 53.82 -52.35
CA TYR J 141 25.65 54.74 -52.75
C TYR J 141 25.09 55.77 -53.72
N HIS J 142 23.78 55.89 -53.77
CA HIS J 142 23.11 56.82 -54.67
C HIS J 142 21.65 57.04 -54.28
N LYS J 143 21.06 58.11 -54.81
CA LYS J 143 19.67 58.43 -54.55
C LYS J 143 18.73 57.32 -55.02
N CYS J 144 17.92 56.81 -54.10
CA CYS J 144 16.97 55.76 -54.44
C CYS J 144 15.55 56.18 -54.01
N ASP J 145 14.85 56.87 -54.89
CA ASP J 145 13.50 57.32 -54.60
C ASP J 145 12.53 56.15 -54.45
N ASN J 146 11.24 56.45 -54.36
CA ASN J 146 10.23 55.41 -54.16
C ASN J 146 10.13 54.44 -55.33
N THR J 147 10.18 54.95 -56.55
CA THR J 147 10.15 54.08 -57.73
C THR J 147 11.30 53.09 -57.69
N CYS J 148 12.48 53.59 -57.31
CA CYS J 148 13.67 52.76 -57.19
C CYS J 148 13.53 51.76 -56.04
N MET J 149 12.99 52.23 -54.92
CA MET J 149 12.86 51.41 -53.72
C MET J 149 11.90 50.26 -53.95
N GLU J 150 10.74 50.56 -54.54
CA GLU J 150 9.76 49.53 -54.85
C GLU J 150 10.33 48.53 -55.85
N SER J 151 11.21 49.01 -56.72
CA SER J 151 11.83 48.19 -57.75
C SER J 151 12.64 47.05 -57.16
N VAL J 152 13.32 47.32 -56.05
CA VAL J 152 14.14 46.29 -55.39
C VAL J 152 13.25 45.30 -54.64
N LYS J 153 12.03 45.73 -54.33
CA LYS J 153 11.05 44.85 -53.70
C LYS J 153 10.34 44.01 -54.75
N ASN J 154 10.75 44.19 -56.00
CA ASN J 154 10.20 43.41 -57.11
C ASN J 154 11.24 42.45 -57.70
N GLY J 155 12.51 42.73 -57.43
CA GLY J 155 13.60 41.96 -57.99
C GLY J 155 13.98 42.47 -59.38
N THR J 156 13.58 43.70 -59.66
CA THR J 156 13.76 44.29 -60.99
C THR J 156 14.76 45.45 -61.01
N TYR J 157 15.45 45.66 -59.89
CA TYR J 157 16.42 46.74 -59.78
C TYR J 157 17.35 46.81 -60.99
N ASP J 158 17.60 48.01 -61.48
CA ASP J 158 18.43 48.23 -62.66
C ASP J 158 19.82 48.68 -62.26
N TYR J 159 20.72 47.73 -62.01
CA TYR J 159 22.07 48.02 -61.53
C TYR J 159 22.83 49.04 -62.39
N PRO J 160 22.88 48.83 -63.72
CA PRO J 160 23.66 49.72 -64.59
C PRO J 160 23.18 51.17 -64.57
N LYS J 161 21.90 51.38 -64.33
CA LYS J 161 21.31 52.72 -64.35
C LYS J 161 21.93 53.67 -63.32
N TYR J 162 22.45 53.10 -62.23
CA TYR J 162 22.95 53.93 -61.13
C TYR J 162 24.43 53.67 -60.83
N SER J 163 25.04 52.79 -61.60
CA SER J 163 26.42 52.36 -61.32
C SER J 163 27.42 53.52 -61.29
N GLU J 164 27.40 54.33 -62.34
CA GLU J 164 28.31 55.47 -62.44
C GLU J 164 28.17 56.42 -61.25
N GLU J 165 26.94 56.64 -60.81
CA GLU J 165 26.68 57.56 -59.70
C GLU J 165 27.23 57.00 -58.38
N ALA J 166 27.00 55.71 -58.16
CA ALA J 166 27.48 55.05 -56.96
C ALA J 166 29.00 55.10 -56.86
N LYS J 167 29.67 54.78 -57.97
CA LYS J 167 31.12 54.75 -58.04
C LYS J 167 31.77 55.97 -57.36
N LEU J 168 31.21 57.14 -57.61
CA LEU J 168 31.79 58.39 -57.11
C LEU J 168 31.72 58.48 -55.58
N ASN J 169 30.57 58.11 -55.02
CA ASN J 169 30.35 58.22 -53.58
C ASN J 169 31.27 57.33 -52.73
N ARG J 170 32.29 56.77 -53.36
CA ARG J 170 33.27 55.94 -52.65
C ARG J 170 34.67 56.56 -52.69
N ASP K 3 30.85 34.72 -72.99
CA ASP K 3 30.88 33.33 -72.55
C ASP K 3 30.16 33.14 -71.21
N THR K 4 29.17 32.25 -71.20
CA THR K 4 28.35 32.03 -70.02
C THR K 4 28.59 30.67 -69.37
N LEU K 5 28.32 30.60 -68.07
CA LEU K 5 28.30 29.34 -67.34
C LEU K 5 27.23 29.39 -66.27
N CYS K 6 26.24 28.51 -66.38
CA CYS K 6 25.12 28.50 -65.44
C CYS K 6 25.10 27.24 -64.56
N ILE K 7 24.64 27.42 -63.32
CA ILE K 7 24.46 26.31 -62.39
C ILE K 7 22.97 26.08 -62.17
N GLY K 8 22.50 24.88 -62.48
CA GLY K 8 21.08 24.59 -62.42
C GLY K 8 20.74 23.18 -61.94
N TYR K 9 19.46 22.86 -62.01
CA TYR K 9 18.98 21.58 -61.52
C TYR K 9 18.08 20.87 -62.51
N HIS K 10 17.91 19.56 -62.31
CA HIS K 10 17.21 18.69 -63.25
C HIS K 10 15.70 18.92 -63.26
N ALA K 11 15.10 18.75 -64.44
CA ALA K 11 13.65 18.69 -64.58
C ALA K 11 13.29 17.64 -65.64
N ASN K 12 12.14 16.99 -65.46
CA ASN K 12 11.73 15.94 -66.39
C ASN K 12 10.23 15.94 -66.69
N ASN K 13 9.76 14.89 -67.36
CA ASN K 13 8.35 14.78 -67.72
C ASN K 13 7.52 14.15 -66.61
N SER K 14 8.13 14.01 -65.44
CA SER K 14 7.49 13.36 -64.29
C SER K 14 6.27 14.11 -63.79
N THR K 15 5.20 13.36 -63.51
CA THR K 15 4.00 13.95 -62.92
C THR K 15 3.75 13.41 -61.51
N ASP K 16 4.71 12.66 -60.98
CA ASP K 16 4.64 12.19 -59.61
C ASP K 16 4.44 13.37 -58.66
N THR K 17 3.71 13.15 -57.59
CA THR K 17 3.49 14.19 -56.58
C THR K 17 3.65 13.64 -55.16
N VAL K 18 4.10 14.51 -54.25
CA VAL K 18 4.25 14.15 -52.85
C VAL K 18 3.66 15.25 -51.97
N ASP K 19 3.33 14.92 -50.74
CA ASP K 19 2.89 15.93 -49.79
C ASP K 19 4.05 16.24 -48.87
N THR K 20 4.21 17.51 -48.49
CA THR K 20 5.19 17.89 -47.51
C THR K 20 4.46 18.55 -46.35
N VAL K 21 5.13 18.64 -45.21
CA VAL K 21 4.51 19.22 -44.02
C VAL K 21 4.10 20.67 -44.29
N LEU K 22 4.76 21.29 -45.26
CA LEU K 22 4.55 22.70 -45.57
C LEU K 22 3.52 22.96 -46.68
N GLU K 23 3.48 22.09 -47.69
CA GLU K 23 2.49 22.23 -48.74
C GLU K 23 2.17 20.91 -49.44
N LYS K 24 0.91 20.75 -49.83
CA LYS K 24 0.43 19.50 -50.42
C LYS K 24 0.62 19.47 -51.93
N ASN K 25 0.70 18.26 -52.48
CA ASN K 25 0.65 18.04 -53.92
C ASN K 25 1.78 18.73 -54.69
N VAL K 26 3.01 18.44 -54.31
CA VAL K 26 4.19 19.00 -54.96
C VAL K 26 4.78 18.02 -55.97
N THR K 27 4.82 18.43 -57.23
CA THR K 27 5.36 17.59 -58.29
C THR K 27 6.87 17.48 -58.13
N VAL K 28 7.37 16.25 -58.13
CA VAL K 28 8.80 16.02 -57.92
C VAL K 28 9.38 15.16 -59.03
N THR K 29 10.66 15.35 -59.32
CA THR K 29 11.33 14.61 -60.38
C THR K 29 11.31 13.11 -60.14
N HIS K 30 11.60 12.70 -58.91
CA HIS K 30 11.64 11.27 -58.54
C HIS K 30 11.02 11.03 -57.17
N SER K 31 10.37 9.87 -57.01
CA SER K 31 9.78 9.50 -55.74
C SER K 31 9.60 7.98 -55.64
N VAL K 32 9.43 7.49 -54.42
CA VAL K 32 9.16 6.08 -54.19
C VAL K 32 8.03 5.92 -53.16
N ASN K 33 7.15 4.96 -53.39
CA ASN K 33 6.05 4.70 -52.47
C ASN K 33 6.56 3.91 -51.27
N LEU K 34 6.28 4.39 -50.06
CA LEU K 34 6.62 3.63 -48.85
C LEU K 34 5.49 2.69 -48.51
N LEU K 35 4.34 2.91 -49.13
CA LEU K 35 3.15 2.12 -48.81
C LEU K 35 3.00 0.95 -49.75
N GLU K 36 2.94 -0.25 -49.19
CA GLU K 36 2.61 -1.43 -49.96
C GLU K 36 1.10 -1.50 -50.12
N ASP K 37 0.63 -1.43 -51.37
CA ASP K 37 -0.81 -1.39 -51.62
C ASP K 37 -1.24 -2.41 -52.66
N LYS K 38 -0.47 -3.47 -52.81
CA LYS K 38 -0.84 -4.54 -53.72
C LYS K 38 -0.62 -5.93 -53.13
N HIS K 39 -1.37 -6.90 -53.65
CA HIS K 39 -1.25 -8.29 -53.23
C HIS K 39 -1.39 -9.18 -54.47
N ASN K 40 -1.07 -10.46 -54.32
CA ASN K 40 -1.14 -11.40 -55.44
C ASN K 40 -2.45 -12.17 -55.54
N GLY K 41 -3.39 -11.84 -54.65
CA GLY K 41 -4.70 -12.48 -54.65
C GLY K 41 -4.68 -13.98 -54.46
N LYS K 42 -3.57 -14.49 -53.93
CA LYS K 42 -3.46 -15.93 -53.68
C LYS K 42 -3.14 -16.24 -52.22
N LEU K 43 -3.47 -17.46 -51.79
CA LEU K 43 -3.06 -17.93 -50.47
C LEU K 43 -1.84 -18.84 -50.61
N CYS K 44 -0.70 -18.34 -50.12
CA CYS K 44 0.59 -18.95 -50.42
C CYS K 44 1.16 -19.78 -49.26
N LYS K 45 2.24 -20.50 -49.54
CA LYS K 45 3.01 -21.15 -48.49
C LYS K 45 3.68 -20.08 -47.65
N LEU K 46 3.63 -20.25 -46.33
CA LEU K 46 4.35 -19.35 -45.44
C LEU K 46 5.75 -19.89 -45.26
N ARG K 47 6.76 -19.04 -45.45
CA ARG K 47 8.15 -19.43 -45.23
C ARG K 47 8.48 -20.79 -45.84
N GLY K 48 7.79 -21.15 -46.92
CA GLY K 48 8.04 -22.41 -47.60
C GLY K 48 7.14 -23.56 -47.19
N VAL K 49 6.28 -23.32 -46.21
CA VAL K 49 5.37 -24.35 -45.71
C VAL K 49 3.92 -24.04 -46.08
N ALA K 50 3.29 -24.97 -46.80
CA ALA K 50 1.92 -24.77 -47.27
C ALA K 50 0.91 -24.69 -46.13
N PRO K 51 -0.24 -24.07 -46.39
CA PRO K 51 -1.33 -24.04 -45.41
C PRO K 51 -2.24 -25.24 -45.56
N LEU K 52 -2.97 -25.57 -44.50
CA LEU K 52 -3.96 -26.63 -44.54
C LEU K 52 -5.30 -26.05 -44.95
N HIS K 53 -5.81 -26.45 -46.12
CA HIS K 53 -7.11 -25.99 -46.59
C HIS K 53 -8.18 -27.04 -46.31
N LEU K 54 -9.21 -26.65 -45.58
CA LEU K 54 -10.22 -27.61 -45.14
C LEU K 54 -11.45 -27.68 -46.04
N GLY K 55 -11.34 -27.10 -47.23
CA GLY K 55 -12.42 -27.16 -48.20
C GLY K 55 -13.77 -26.80 -47.62
N LYS K 56 -14.75 -27.67 -47.83
CA LYS K 56 -16.11 -27.43 -47.34
C LYS K 56 -16.28 -27.76 -45.86
N CYS K 57 -15.18 -28.10 -45.19
CA CYS K 57 -15.23 -28.46 -43.78
C CYS K 57 -14.63 -27.39 -42.87
N ASN K 58 -15.10 -27.34 -41.63
CA ASN K 58 -14.43 -26.53 -40.62
C ASN K 58 -13.53 -27.41 -39.77
N ILE K 59 -12.79 -26.80 -38.86
CA ILE K 59 -11.83 -27.54 -38.04
C ILE K 59 -12.48 -28.69 -37.23
N ALA K 60 -13.70 -28.47 -36.75
CA ALA K 60 -14.42 -29.51 -36.00
C ALA K 60 -14.70 -30.72 -36.88
N GLY K 61 -15.26 -30.47 -38.06
CA GLY K 61 -15.55 -31.53 -39.02
C GLY K 61 -14.31 -32.26 -39.46
N TRP K 62 -13.19 -31.54 -39.53
CA TRP K 62 -11.93 -32.15 -39.96
C TRP K 62 -11.33 -33.02 -38.87
N ILE K 63 -11.12 -32.46 -37.69
CA ILE K 63 -10.42 -33.17 -36.63
C ILE K 63 -11.21 -34.38 -36.12
N LEU K 64 -12.52 -34.23 -35.99
CA LEU K 64 -13.39 -35.38 -35.84
C LEU K 64 -13.35 -36.07 -37.20
N GLY K 65 -14.24 -37.02 -37.43
CA GLY K 65 -14.22 -37.67 -38.73
C GLY K 65 -15.43 -37.40 -39.62
N ASN K 66 -15.90 -36.15 -39.66
CA ASN K 66 -17.08 -35.85 -40.47
C ASN K 66 -16.94 -36.47 -41.85
N PRO K 67 -17.90 -37.34 -42.22
CA PRO K 67 -17.87 -38.10 -43.48
C PRO K 67 -17.65 -37.24 -44.72
N GLU K 68 -18.10 -35.99 -44.67
CA GLU K 68 -17.98 -35.09 -45.80
C GLU K 68 -16.60 -34.45 -45.85
N CYS K 69 -15.71 -34.86 -44.95
CA CYS K 69 -14.39 -34.27 -44.88
C CYS K 69 -13.32 -35.21 -45.44
N GLU K 70 -12.39 -34.63 -46.20
CA GLU K 70 -11.40 -35.39 -46.94
C GLU K 70 -10.44 -36.20 -46.07
N SER K 71 -9.84 -35.53 -45.09
CA SER K 71 -8.83 -36.12 -44.20
C SER K 71 -7.46 -36.24 -44.88
N LEU K 72 -6.64 -35.21 -44.73
CA LEU K 72 -5.30 -35.21 -45.31
C LEU K 72 -4.26 -34.82 -44.26
N SER K 76 0.74 -33.46 -43.20
CA SER K 76 1.92 -33.71 -42.40
C SER K 76 2.40 -32.49 -41.63
N SER K 77 2.34 -31.33 -42.27
CA SER K 77 2.72 -30.07 -41.62
C SER K 77 2.13 -28.89 -42.39
N TRP K 78 1.86 -27.80 -41.67
CA TRP K 78 1.30 -26.61 -42.30
C TRP K 78 1.62 -25.35 -41.50
N SER K 79 1.55 -24.20 -42.16
CA SER K 79 1.91 -22.92 -41.54
C SER K 79 0.69 -22.17 -41.01
N TYR K 80 -0.48 -22.48 -41.58
CA TYR K 80 -1.74 -21.93 -41.08
C TYR K 80 -2.90 -22.70 -41.66
N ILE K 81 -4.10 -22.43 -41.17
CA ILE K 81 -5.27 -23.14 -41.63
C ILE K 81 -6.21 -22.21 -42.39
N VAL K 82 -6.82 -22.73 -43.46
CA VAL K 82 -7.74 -21.96 -44.27
C VAL K 82 -9.13 -22.60 -44.34
N GLU K 83 -10.13 -21.88 -43.84
CA GLU K 83 -11.52 -22.27 -44.01
C GLU K 83 -12.17 -21.30 -44.98
N THR K 84 -13.03 -21.80 -45.85
CA THR K 84 -13.83 -20.91 -46.70
C THR K 84 -15.05 -20.44 -45.92
N PRO K 85 -15.52 -19.22 -46.22
CA PRO K 85 -16.66 -18.63 -45.50
C PRO K 85 -17.89 -19.54 -45.46
N SER K 86 -17.99 -20.49 -46.40
CA SER K 86 -19.14 -21.38 -46.45
C SER K 86 -18.83 -22.81 -45.99
N SER K 87 -17.83 -22.96 -45.13
CA SER K 87 -17.47 -24.27 -44.59
C SER K 87 -18.44 -24.64 -43.47
N ASP K 88 -19.44 -25.46 -43.79
CA ASP K 88 -20.52 -25.75 -42.85
C ASP K 88 -20.45 -27.12 -42.18
N ASN K 89 -19.75 -28.05 -42.83
CA ASN K 89 -19.65 -29.41 -42.29
C ASN K 89 -18.69 -29.53 -41.11
N GLY K 90 -19.27 -29.58 -39.91
CA GLY K 90 -18.50 -29.74 -38.69
C GLY K 90 -19.13 -30.83 -37.83
N THR K 91 -19.77 -30.43 -36.74
CA THR K 91 -20.48 -31.38 -35.91
C THR K 91 -21.85 -31.70 -36.52
N CYS K 92 -21.93 -32.84 -37.21
CA CYS K 92 -23.17 -33.26 -37.83
C CYS K 92 -24.19 -33.74 -36.80
N TYR K 93 -23.70 -34.18 -35.64
CA TYR K 93 -24.58 -34.48 -34.51
C TYR K 93 -24.47 -33.35 -33.50
N PRO K 94 -25.60 -32.68 -33.22
CA PRO K 94 -25.56 -31.45 -32.43
C PRO K 94 -24.98 -31.66 -31.04
N GLY K 95 -24.29 -30.66 -30.52
CA GLY K 95 -23.70 -30.74 -29.20
C GLY K 95 -22.67 -29.66 -28.98
N ASP K 96 -22.22 -29.53 -27.74
CA ASP K 96 -21.21 -28.56 -27.37
C ASP K 96 -19.81 -29.10 -27.62
N PHE K 97 -18.98 -28.30 -28.29
CA PHE K 97 -17.59 -28.67 -28.54
C PHE K 97 -16.70 -27.86 -27.60
N ILE K 98 -16.29 -28.48 -26.51
CA ILE K 98 -15.65 -27.75 -25.41
C ILE K 98 -14.28 -27.18 -25.76
N ASP K 99 -14.03 -25.94 -25.35
CA ASP K 99 -12.79 -25.24 -25.66
C ASP K 99 -12.43 -25.37 -27.14
N TYR K 100 -13.44 -25.18 -27.99
CA TYR K 100 -13.26 -25.29 -29.43
C TYR K 100 -12.20 -24.30 -29.94
N GLU K 101 -12.37 -23.02 -29.63
CA GLU K 101 -11.47 -21.99 -30.12
C GLU K 101 -10.01 -22.28 -29.77
N GLU K 102 -9.77 -22.71 -28.55
CA GLU K 102 -8.42 -23.08 -28.12
C GLU K 102 -7.84 -24.21 -28.95
N LEU K 103 -8.68 -25.17 -29.34
CA LEU K 103 -8.22 -26.29 -30.17
C LEU K 103 -7.83 -25.79 -31.55
N ARG K 104 -8.64 -24.89 -32.10
CA ARG K 104 -8.35 -24.27 -33.38
C ARG K 104 -7.01 -23.53 -33.33
N GLU K 105 -6.81 -22.76 -32.26
CA GLU K 105 -5.57 -22.01 -32.08
C GLU K 105 -4.36 -22.95 -31.99
N GLN K 106 -4.48 -23.99 -31.18
CA GLN K 106 -3.37 -24.92 -30.95
C GLN K 106 -3.11 -25.83 -32.16
N LEU K 107 -4.03 -25.81 -33.13
CA LEU K 107 -3.87 -26.57 -34.36
C LEU K 107 -3.46 -25.68 -35.53
N SER K 108 -3.41 -24.37 -35.29
CA SER K 108 -3.23 -23.41 -36.38
C SER K 108 -1.90 -23.63 -37.12
N SER K 109 -0.91 -24.15 -36.41
CA SER K 109 0.38 -24.42 -37.03
C SER K 109 1.11 -25.57 -36.33
N VAL K 110 1.14 -26.73 -36.97
CA VAL K 110 1.84 -27.89 -36.42
C VAL K 110 2.74 -28.55 -37.45
N SER K 111 3.73 -29.28 -36.96
CA SER K 111 4.53 -30.15 -37.81
C SER K 111 4.49 -31.56 -37.25
N SER K 112 5.05 -32.50 -38.00
CA SER K 112 5.08 -33.89 -37.55
C SER K 112 3.68 -34.39 -37.21
N PHE K 113 2.68 -33.91 -37.95
CA PHE K 113 1.30 -34.31 -37.73
C PHE K 113 1.06 -35.72 -38.27
N GLU K 114 0.37 -36.54 -37.50
CA GLU K 114 0.21 -37.94 -37.85
C GLU K 114 -0.99 -38.58 -37.17
N ARG K 115 -2.02 -38.89 -37.95
CA ARG K 115 -3.17 -39.59 -37.41
C ARG K 115 -2.87 -41.08 -37.31
N PHE K 116 -3.26 -41.68 -36.18
CA PHE K 116 -3.08 -43.10 -35.96
C PHE K 116 -4.27 -43.69 -35.21
N GLU K 117 -4.48 -44.99 -35.38
CA GLU K 117 -5.61 -45.68 -34.75
C GLU K 117 -5.25 -46.06 -33.30
N ILE K 118 -5.49 -45.14 -32.38
CA ILE K 118 -5.18 -45.35 -30.96
C ILE K 118 -5.86 -46.59 -30.40
N PHE K 119 -7.11 -46.82 -30.82
CA PHE K 119 -7.86 -48.00 -30.43
C PHE K 119 -8.43 -48.68 -31.66
N PRO K 120 -7.65 -49.59 -32.27
CA PRO K 120 -8.11 -50.28 -33.49
C PRO K 120 -9.55 -50.77 -33.35
N LYS K 121 -10.39 -50.42 -34.32
CA LYS K 121 -11.81 -50.77 -34.27
C LYS K 121 -12.05 -52.27 -34.13
N THR K 122 -11.25 -53.07 -34.82
CA THR K 122 -11.50 -54.51 -34.94
C THR K 122 -11.01 -55.36 -33.77
N SER K 123 -10.49 -54.74 -32.72
CA SER K 123 -9.92 -55.52 -31.63
C SER K 123 -9.91 -54.84 -30.27
N SER K 124 -10.58 -53.69 -30.15
CA SER K 124 -10.57 -52.94 -28.89
C SER K 124 -11.82 -53.19 -28.05
N TRP K 125 -12.93 -53.52 -28.72
CA TRP K 125 -14.22 -53.61 -28.04
C TRP K 125 -14.93 -54.93 -28.32
N PRO K 126 -14.45 -56.02 -27.72
CA PRO K 126 -15.08 -57.34 -27.92
C PRO K 126 -16.42 -57.44 -27.20
N ASN K 127 -16.55 -56.73 -26.08
CA ASN K 127 -17.77 -56.82 -25.26
C ASN K 127 -18.83 -55.77 -25.62
N HIS K 128 -18.57 -54.97 -26.65
CA HIS K 128 -19.50 -53.91 -27.05
C HIS K 128 -19.71 -53.87 -28.56
N ASP K 129 -20.91 -53.45 -28.97
CA ASP K 129 -21.23 -53.38 -30.38
C ASP K 129 -20.69 -52.09 -31.00
N SER K 130 -19.83 -52.25 -32.00
CA SER K 130 -19.20 -51.11 -32.65
C SER K 130 -19.61 -51.01 -34.11
N ASN K 131 -20.87 -51.32 -34.40
CA ASN K 131 -21.35 -51.32 -35.78
C ASN K 131 -22.68 -50.61 -36.02
N LYS K 132 -23.43 -50.37 -34.96
CA LYS K 132 -24.69 -49.64 -35.12
C LYS K 132 -24.60 -48.23 -34.55
N GLY K 133 -23.38 -47.75 -34.38
CA GLY K 133 -23.16 -46.39 -33.91
C GLY K 133 -23.28 -45.39 -35.04
N VAL K 134 -24.40 -45.43 -35.77
CA VAL K 134 -24.60 -44.53 -36.90
C VAL K 134 -25.81 -43.64 -36.67
N THR K 135 -26.02 -42.67 -37.56
CA THR K 135 -27.12 -41.72 -37.40
C THR K 135 -27.40 -40.96 -38.69
N ALA K 136 -28.67 -40.68 -38.93
CA ALA K 136 -29.07 -39.91 -40.11
C ALA K 136 -28.52 -38.49 -40.04
N ALA K 137 -28.17 -38.06 -38.82
CA ALA K 137 -27.60 -36.73 -38.63
C ALA K 137 -26.21 -36.63 -39.23
N CYS K 138 -25.59 -37.80 -39.48
CA CYS K 138 -24.28 -37.85 -40.10
C CYS K 138 -24.32 -38.74 -41.34
N PRO K 139 -25.09 -38.33 -42.36
CA PRO K 139 -25.32 -39.16 -43.55
C PRO K 139 -24.09 -39.28 -44.42
N HIS K 140 -23.88 -40.48 -44.96
CA HIS K 140 -22.78 -40.71 -45.89
C HIS K 140 -23.31 -41.49 -47.08
N ALA K 141 -23.18 -40.92 -48.26
CA ALA K 141 -23.69 -41.55 -49.48
C ALA K 141 -25.15 -41.97 -49.31
N GLY K 142 -25.91 -41.20 -48.55
CA GLY K 142 -27.32 -41.46 -48.37
C GLY K 142 -27.67 -42.29 -47.14
N ALA K 143 -26.76 -43.17 -46.74
CA ALA K 143 -26.97 -44.03 -45.57
C ALA K 143 -26.48 -43.39 -44.28
N LYS K 144 -27.02 -43.85 -43.15
CA LYS K 144 -26.57 -43.37 -41.85
C LYS K 144 -25.08 -43.65 -41.69
N SER K 145 -24.39 -42.80 -40.95
CA SER K 145 -22.96 -42.97 -40.72
C SER K 145 -22.53 -42.23 -39.46
N PHE K 146 -21.24 -41.96 -39.35
CA PHE K 146 -20.70 -41.33 -38.16
C PHE K 146 -19.28 -40.86 -38.42
N TYR K 147 -18.78 -39.97 -37.56
CA TYR K 147 -17.41 -39.51 -37.67
C TYR K 147 -16.48 -40.71 -37.83
N LYS K 148 -15.39 -40.52 -38.58
CA LYS K 148 -14.44 -41.59 -38.85
C LYS K 148 -13.47 -41.79 -37.69
N ASN K 149 -13.26 -40.75 -36.89
CA ASN K 149 -12.26 -40.82 -35.83
C ASN K 149 -12.82 -41.24 -34.48
N LEU K 150 -14.15 -41.34 -34.40
CA LEU K 150 -14.81 -41.79 -33.17
C LEU K 150 -15.72 -42.99 -33.44
N ILE K 151 -15.88 -43.84 -32.44
CA ILE K 151 -16.82 -44.95 -32.53
C ILE K 151 -17.88 -44.82 -31.44
N TRP K 152 -19.13 -44.81 -31.87
CA TRP K 152 -20.26 -44.66 -30.95
C TRP K 152 -20.68 -46.03 -30.41
N LEU K 153 -19.99 -46.49 -29.36
CA LEU K 153 -20.28 -47.81 -28.78
C LEU K 153 -21.69 -47.89 -28.22
N VAL K 154 -22.32 -49.06 -28.38
CA VAL K 154 -23.63 -49.34 -27.82
C VAL K 154 -23.66 -50.74 -27.20
N LYS K 155 -24.76 -51.07 -26.53
CA LYS K 155 -24.85 -52.35 -25.84
C LYS K 155 -24.89 -53.53 -26.81
N LYS K 156 -24.09 -54.55 -26.52
CA LYS K 156 -24.05 -55.75 -27.34
C LYS K 156 -25.11 -56.73 -26.84
N GLY K 157 -26.28 -56.67 -27.46
CA GLY K 157 -27.39 -57.53 -27.10
C GLY K 157 -27.63 -57.66 -25.61
N ASN K 158 -28.33 -56.69 -25.03
CA ASN K 158 -28.84 -56.79 -23.65
C ASN K 158 -27.86 -56.52 -22.51
N SER K 159 -26.63 -56.14 -22.84
CA SER K 159 -25.66 -55.83 -21.79
C SER K 159 -24.60 -54.81 -22.22
N TYR K 160 -24.30 -53.88 -21.32
CA TYR K 160 -23.22 -52.93 -21.52
C TYR K 160 -22.24 -53.08 -20.37
N PRO K 161 -21.25 -53.98 -20.53
CA PRO K 161 -20.25 -54.20 -19.49
C PRO K 161 -19.42 -52.94 -19.27
N LYS K 162 -19.00 -52.72 -18.01
CA LYS K 162 -18.12 -51.62 -17.70
C LYS K 162 -16.88 -51.74 -18.58
N LEU K 163 -16.67 -50.75 -19.44
CA LEU K 163 -15.48 -50.75 -20.28
C LEU K 163 -14.37 -49.93 -19.66
N SER K 164 -13.14 -50.42 -19.82
CA SER K 164 -11.96 -49.75 -19.32
C SER K 164 -10.85 -49.95 -20.35
N LYS K 165 -10.28 -48.85 -20.84
CA LYS K 165 -9.25 -48.90 -21.86
C LYS K 165 -8.20 -47.83 -21.62
N SER K 166 -6.94 -48.18 -21.88
CA SER K 166 -5.85 -47.24 -21.66
C SER K 166 -4.89 -47.16 -22.84
N TYR K 167 -4.27 -46.00 -23.02
CA TYR K 167 -3.25 -45.83 -24.05
C TYR K 167 -2.06 -45.05 -23.53
N ILE K 168 -0.86 -45.58 -23.76
CA ILE K 168 0.36 -44.89 -23.38
C ILE K 168 1.02 -44.26 -24.60
N ASN K 169 1.45 -43.02 -24.45
CA ASN K 169 2.00 -42.26 -25.56
C ASN K 169 3.41 -42.73 -25.94
N ASP K 170 3.47 -43.63 -26.91
CA ASP K 170 4.75 -44.19 -27.36
C ASP K 170 5.35 -43.35 -28.49
N LYS K 171 4.60 -42.36 -28.94
CA LYS K 171 5.09 -41.42 -29.94
C LYS K 171 6.14 -40.53 -29.29
N GLY K 172 6.86 -39.76 -30.09
CA GLY K 172 7.86 -38.87 -29.54
C GLY K 172 7.34 -37.46 -29.46
N LYS K 173 6.06 -37.32 -29.13
CA LYS K 173 5.39 -36.04 -29.23
C LYS K 173 4.03 -36.06 -28.55
N GLU K 174 3.41 -34.88 -28.43
CA GLU K 174 2.05 -34.77 -27.91
C GLU K 174 1.10 -35.57 -28.79
N VAL K 175 0.11 -36.18 -28.15
CA VAL K 175 -0.95 -36.88 -28.87
C VAL K 175 -2.29 -36.23 -28.57
N LEU K 176 -3.00 -35.82 -29.63
CA LEU K 176 -4.31 -35.21 -29.49
C LEU K 176 -5.37 -36.29 -29.46
N VAL K 177 -6.11 -36.35 -28.36
CA VAL K 177 -7.15 -37.35 -28.21
C VAL K 177 -8.52 -36.70 -28.06
N LEU K 178 -9.46 -37.11 -28.91
CA LEU K 178 -10.81 -36.58 -28.86
C LEU K 178 -11.80 -37.72 -28.58
N TRP K 179 -12.92 -37.37 -27.96
CA TRP K 179 -13.96 -38.33 -27.66
C TRP K 179 -15.28 -37.62 -27.47
N GLY K 180 -16.35 -38.38 -27.34
CA GLY K 180 -17.66 -37.78 -27.17
C GLY K 180 -18.48 -38.36 -26.03
N ILE K 181 -19.40 -37.56 -25.52
CA ILE K 181 -20.37 -38.02 -24.56
C ILE K 181 -21.75 -37.84 -25.17
N HIS K 182 -22.51 -38.93 -25.26
CA HIS K 182 -23.85 -38.86 -25.82
C HIS K 182 -24.93 -38.76 -24.76
N HIS K 183 -25.82 -37.80 -24.95
CA HIS K 183 -26.95 -37.60 -24.07
C HIS K 183 -28.24 -37.91 -24.81
N PRO K 184 -28.82 -39.09 -24.55
CA PRO K 184 -30.11 -39.46 -25.14
C PRO K 184 -31.21 -38.47 -24.77
N SER K 185 -32.31 -38.48 -25.51
CA SER K 185 -33.39 -37.53 -25.29
C SER K 185 -34.45 -38.05 -24.33
N THR K 186 -34.46 -39.36 -24.11
CA THR K 186 -35.41 -39.99 -23.21
C THR K 186 -34.77 -41.14 -22.44
N SER K 187 -35.39 -41.52 -21.33
CA SER K 187 -34.94 -42.67 -20.55
C SER K 187 -35.03 -43.93 -21.40
N ALA K 188 -36.03 -43.97 -22.28
CA ALA K 188 -36.24 -45.12 -23.13
C ALA K 188 -35.04 -45.33 -24.04
N ASP K 189 -34.62 -44.24 -24.68
CA ASP K 189 -33.47 -44.27 -25.59
C ASP K 189 -32.18 -44.63 -24.86
N GLN K 190 -32.01 -44.06 -23.66
CA GLN K 190 -30.87 -44.40 -22.82
C GLN K 190 -30.73 -45.91 -22.65
N GLN K 191 -31.80 -46.55 -22.18
CA GLN K 191 -31.79 -48.00 -21.99
C GLN K 191 -31.64 -48.72 -23.32
N SER K 192 -32.29 -48.21 -24.35
CA SER K 192 -32.27 -48.84 -25.67
C SER K 192 -30.86 -48.85 -26.26
N LEU K 193 -30.07 -47.84 -25.92
CA LEU K 193 -28.70 -47.76 -26.42
C LEU K 193 -27.68 -48.39 -25.47
N TYR K 194 -27.81 -48.12 -24.18
CA TYR K 194 -26.78 -48.50 -23.22
C TYR K 194 -27.27 -49.45 -22.13
N GLN K 195 -28.58 -49.65 -22.06
CA GLN K 195 -29.18 -50.59 -21.10
C GLN K 195 -29.17 -50.08 -19.64
N ASN K 196 -28.07 -49.46 -19.23
CA ASN K 196 -27.82 -49.18 -17.82
C ASN K 196 -28.64 -48.05 -17.18
N ALA K 197 -28.96 -47.03 -17.96
CA ALA K 197 -29.82 -45.93 -17.47
C ALA K 197 -29.10 -44.92 -16.57
N ASP K 198 -28.47 -45.39 -15.51
CA ASP K 198 -27.68 -44.51 -14.65
C ASP K 198 -26.19 -44.78 -14.85
N THR K 199 -25.58 -44.02 -15.77
CA THR K 199 -24.22 -44.30 -16.20
C THR K 199 -23.24 -43.19 -15.86
N TYR K 200 -21.95 -43.48 -15.99
CA TYR K 200 -20.91 -42.47 -15.83
C TYR K 200 -19.80 -42.70 -16.84
N VAL K 201 -19.04 -41.66 -17.12
CA VAL K 201 -17.83 -41.78 -17.93
C VAL K 201 -16.68 -41.07 -17.23
N PHE K 202 -15.50 -41.68 -17.26
CA PHE K 202 -14.35 -41.13 -16.57
C PHE K 202 -13.12 -41.09 -17.48
N VAL K 203 -12.50 -39.92 -17.58
CA VAL K 203 -11.28 -39.78 -18.38
C VAL K 203 -10.18 -39.09 -17.57
N CYS K 204 -8.99 -39.69 -17.53
CA CYS K 204 -7.89 -39.09 -16.80
C CYS K 204 -6.51 -39.47 -17.32
N SER K 205 -5.58 -38.51 -17.22
CA SER K 205 -4.18 -38.76 -17.47
C SER K 205 -3.41 -38.21 -16.27
N SER K 206 -2.11 -38.01 -16.44
CA SER K 206 -1.33 -37.42 -15.36
C SER K 206 -1.80 -36.01 -15.03
N ARG K 207 -2.32 -35.32 -16.04
CA ARG K 207 -2.71 -33.92 -15.90
C ARG K 207 -4.22 -33.67 -16.04
N TYR K 208 -4.90 -34.52 -16.80
CA TYR K 208 -6.31 -34.33 -17.07
C TYR K 208 -7.16 -35.29 -16.24
N SER K 209 -8.36 -34.85 -15.88
CA SER K 209 -9.30 -35.70 -15.16
C SER K 209 -10.70 -35.11 -15.16
N LYS K 210 -11.68 -35.91 -15.54
CA LYS K 210 -13.06 -35.45 -15.54
C LYS K 210 -14.05 -36.61 -15.54
N LYS K 211 -15.13 -36.45 -14.78
CA LYS K 211 -16.22 -37.42 -14.76
C LYS K 211 -17.43 -36.87 -15.48
N PHE K 212 -17.98 -37.65 -16.40
CA PHE K 212 -19.13 -37.23 -17.17
C PHE K 212 -20.36 -38.05 -16.78
N LYS K 213 -21.52 -37.41 -16.72
CA LYS K 213 -22.77 -38.13 -16.56
C LYS K 213 -23.79 -37.66 -17.60
N PRO K 214 -24.54 -38.61 -18.17
CA PRO K 214 -25.57 -38.28 -19.17
C PRO K 214 -26.58 -37.28 -18.63
N GLU K 215 -27.02 -36.37 -19.49
CA GLU K 215 -27.99 -35.37 -19.13
C GLU K 215 -29.17 -35.51 -20.08
N ILE K 216 -30.18 -36.25 -19.64
CA ILE K 216 -31.29 -36.62 -20.52
C ILE K 216 -32.46 -35.63 -20.51
N ALA K 217 -32.86 -35.21 -21.71
CA ALA K 217 -33.98 -34.30 -21.89
C ALA K 217 -34.25 -34.09 -23.37
N ILE K 218 -35.48 -33.71 -23.71
CA ILE K 218 -35.82 -33.36 -25.08
C ILE K 218 -35.41 -31.92 -25.37
N CYS K 219 -34.35 -31.76 -26.15
CA CYS K 219 -33.89 -30.43 -26.56
C CYS K 219 -34.33 -30.15 -28.00
N PRO K 220 -34.43 -28.87 -28.37
CA PRO K 220 -34.91 -28.50 -29.71
C PRO K 220 -34.21 -29.29 -30.82
N LYS K 221 -34.99 -29.75 -31.79
CA LYS K 221 -34.45 -30.51 -32.91
C LYS K 221 -33.37 -29.77 -33.69
N VAL K 222 -32.19 -30.38 -33.77
CA VAL K 222 -31.12 -29.89 -34.62
C VAL K 222 -30.68 -31.04 -35.52
N ARG K 223 -30.78 -30.84 -36.83
CA ARG K 223 -30.58 -31.91 -37.78
C ARG K 223 -31.41 -33.14 -37.39
N ASP K 224 -32.66 -32.87 -37.00
CA ASP K 224 -33.63 -33.92 -36.65
C ASP K 224 -33.29 -34.66 -35.35
N GLN K 225 -32.37 -34.10 -34.58
CA GLN K 225 -31.94 -34.75 -33.34
C GLN K 225 -32.39 -33.97 -32.10
N GLU K 226 -33.11 -34.66 -31.21
CA GLU K 226 -33.55 -34.05 -29.96
C GLU K 226 -32.55 -34.34 -28.85
N GLY K 227 -31.59 -35.20 -29.15
CA GLY K 227 -30.54 -35.52 -28.19
C GLY K 227 -29.31 -34.69 -28.47
N ARG K 228 -28.31 -34.81 -27.59
CA ARG K 228 -27.08 -34.05 -27.73
C ARG K 228 -25.83 -34.92 -27.60
N MET K 229 -24.75 -34.45 -28.19
CA MET K 229 -23.46 -35.15 -28.12
C MET K 229 -22.33 -34.13 -27.93
N ASN K 230 -21.73 -34.15 -26.75
CA ASN K 230 -20.67 -33.20 -26.43
C ASN K 230 -19.30 -33.76 -26.81
N TYR K 231 -18.41 -32.88 -27.26
CA TYR K 231 -17.09 -33.29 -27.72
C TYR K 231 -15.99 -32.70 -26.86
N TYR K 232 -15.05 -33.54 -26.46
CA TYR K 232 -13.96 -33.10 -25.60
C TYR K 232 -12.63 -33.55 -26.18
N TRP K 233 -11.55 -32.89 -25.75
CA TRP K 233 -10.22 -33.22 -26.24
C TRP K 233 -9.17 -32.91 -25.20
N THR K 234 -7.98 -33.48 -25.39
CA THR K 234 -6.85 -33.17 -24.53
C THR K 234 -5.56 -33.58 -25.21
N LEU K 235 -4.46 -32.96 -24.82
CA LEU K 235 -3.16 -33.31 -25.36
C LEU K 235 -2.38 -34.16 -24.35
N VAL K 236 -2.15 -35.42 -24.69
CA VAL K 236 -1.40 -36.32 -23.84
C VAL K 236 0.10 -36.16 -24.06
N GLU K 237 0.82 -35.79 -23.01
CA GLU K 237 2.27 -35.59 -23.08
C GLU K 237 3.02 -36.87 -23.45
N PRO K 238 4.22 -36.72 -24.04
CA PRO K 238 5.05 -37.82 -24.55
C PRO K 238 5.08 -39.07 -23.68
N GLY K 239 5.48 -38.93 -22.42
CA GLY K 239 5.62 -40.11 -21.57
C GLY K 239 4.39 -40.48 -20.76
N ASP K 240 3.22 -40.05 -21.21
CA ASP K 240 2.01 -40.15 -20.39
C ASP K 240 1.01 -41.20 -20.89
N LYS K 241 0.06 -41.55 -20.02
CA LYS K 241 -1.00 -42.49 -20.33
C LYS K 241 -2.35 -41.85 -20.11
N ILE K 242 -3.32 -42.18 -20.96
CA ILE K 242 -4.69 -41.75 -20.73
C ILE K 242 -5.61 -42.96 -20.57
N THR K 243 -6.52 -42.87 -19.61
CA THR K 243 -7.44 -43.97 -19.33
C THR K 243 -8.90 -43.53 -19.56
N PHE K 244 -9.66 -44.40 -20.22
CA PHE K 244 -11.09 -44.20 -20.42
C PHE K 244 -11.88 -45.27 -19.68
N GLU K 245 -12.91 -44.85 -18.96
CA GLU K 245 -13.76 -45.77 -18.21
C GLU K 245 -15.22 -45.37 -18.35
N ALA K 246 -16.07 -46.31 -18.73
CA ALA K 246 -17.47 -45.99 -18.95
C ALA K 246 -18.42 -47.14 -18.66
N THR K 247 -19.63 -46.80 -18.24
CA THR K 247 -20.71 -47.77 -18.14
C THR K 247 -21.80 -47.42 -19.15
N GLY K 248 -21.46 -46.52 -20.07
CA GLY K 248 -22.37 -46.12 -21.13
C GLY K 248 -22.12 -44.70 -21.61
N ASN K 249 -22.70 -44.36 -22.76
CA ASN K 249 -22.72 -42.99 -23.24
C ASN K 249 -21.39 -42.46 -23.76
N LEU K 250 -20.37 -43.31 -23.84
CA LEU K 250 -19.06 -42.89 -24.31
C LEU K 250 -18.86 -43.15 -25.81
N VAL K 251 -18.54 -42.09 -26.55
CA VAL K 251 -18.16 -42.24 -27.95
C VAL K 251 -16.63 -42.29 -28.00
N VAL K 252 -16.09 -43.50 -28.06
CA VAL K 252 -14.65 -43.73 -27.89
C VAL K 252 -13.80 -43.18 -29.02
N PRO K 253 -12.57 -42.75 -28.69
CA PRO K 253 -11.61 -42.41 -29.74
C PRO K 253 -11.34 -43.63 -30.60
N ARG K 254 -11.20 -43.44 -31.90
CA ARG K 254 -10.70 -44.50 -32.75
C ARG K 254 -9.35 -44.09 -33.33
N TYR K 255 -9.30 -42.86 -33.83
CA TYR K 255 -8.06 -42.27 -34.32
C TYR K 255 -7.65 -41.09 -33.46
N ALA K 256 -6.36 -41.01 -33.16
CA ALA K 256 -5.82 -39.86 -32.45
C ALA K 256 -4.80 -39.18 -33.35
N PHE K 257 -4.09 -38.20 -32.80
CA PHE K 257 -3.17 -37.43 -33.61
C PHE K 257 -1.87 -37.10 -32.88
N ALA K 258 -0.76 -37.63 -33.40
CA ALA K 258 0.56 -37.25 -32.90
C ALA K 258 0.95 -35.96 -33.60
N MET K 259 1.56 -35.03 -32.85
CA MET K 259 1.89 -33.73 -33.43
C MET K 259 2.89 -32.94 -32.59
N GLU K 260 3.59 -32.03 -33.26
CA GLU K 260 4.42 -31.05 -32.58
C GLU K 260 3.86 -29.66 -32.88
N ARG K 261 3.44 -28.96 -31.84
CA ARG K 261 2.82 -27.65 -32.00
C ARG K 261 3.85 -26.53 -32.10
N ASN K 262 3.58 -25.57 -32.99
CA ASN K 262 4.46 -24.43 -33.17
C ASN K 262 4.10 -23.27 -32.25
N ALA K 263 4.83 -22.16 -32.40
CA ALA K 263 4.54 -20.95 -31.62
C ALA K 263 3.09 -20.54 -31.81
N GLY K 264 2.53 -20.87 -32.96
CA GLY K 264 1.13 -20.61 -33.22
C GLY K 264 0.91 -19.51 -34.26
N SER K 265 0.25 -19.86 -35.35
CA SER K 265 -0.16 -18.87 -36.32
C SER K 265 -1.64 -18.58 -36.16
N GLY K 266 -2.41 -18.77 -37.22
CA GLY K 266 -3.82 -18.44 -37.17
C GLY K 266 -4.65 -19.09 -38.25
N ILE K 267 -5.91 -18.72 -38.31
CA ILE K 267 -6.83 -19.31 -39.25
C ILE K 267 -7.40 -18.27 -40.20
N ILE K 268 -7.16 -18.47 -41.49
CA ILE K 268 -7.69 -17.54 -42.47
C ILE K 268 -9.01 -18.08 -43.02
N ILE K 269 -10.06 -17.27 -42.90
CA ILE K 269 -11.37 -17.64 -43.43
C ILE K 269 -11.69 -16.79 -44.65
N SER K 270 -11.53 -17.39 -45.83
CA SER K 270 -11.52 -16.62 -47.07
C SER K 270 -11.76 -17.47 -48.31
N ASP K 271 -12.32 -16.85 -49.35
CA ASP K 271 -12.58 -17.51 -50.62
C ASP K 271 -11.38 -17.45 -51.56
N THR K 272 -10.36 -16.69 -51.17
CA THR K 272 -9.15 -16.59 -51.96
C THR K 272 -8.61 -17.99 -52.22
N PRO K 273 -8.17 -18.25 -53.46
CA PRO K 273 -7.67 -19.58 -53.81
C PRO K 273 -6.26 -19.81 -53.28
N VAL K 274 -5.99 -21.04 -52.82
CA VAL K 274 -4.66 -21.42 -52.42
C VAL K 274 -3.81 -21.66 -53.67
N HIS K 275 -2.53 -21.35 -53.58
CA HIS K 275 -1.67 -21.40 -54.77
C HIS K 275 -0.25 -21.83 -54.42
N ASP K 276 0.50 -22.26 -55.43
CA ASP K 276 1.89 -22.65 -55.21
C ASP K 276 2.79 -21.42 -55.28
N CYS K 277 2.78 -20.64 -54.22
CA CYS K 277 3.63 -19.44 -54.12
C CYS K 277 4.21 -19.32 -52.72
N ASN K 278 5.23 -18.48 -52.59
CA ASN K 278 5.94 -18.34 -51.33
C ASN K 278 5.91 -16.88 -50.85
N THR K 279 5.63 -16.68 -49.56
CA THR K 279 5.54 -15.35 -49.00
C THR K 279 5.99 -15.35 -47.55
N THR K 280 6.30 -14.17 -47.02
CA THR K 280 6.62 -14.03 -45.61
C THR K 280 5.52 -13.26 -44.90
N CYS K 281 4.48 -12.92 -45.66
CA CYS K 281 3.32 -12.24 -45.09
C CYS K 281 2.06 -12.58 -45.86
N GLN K 282 1.09 -13.20 -45.18
CA GLN K 282 -0.13 -13.63 -45.82
C GLN K 282 -1.33 -12.81 -45.34
N THR K 283 -2.24 -12.54 -46.27
CA THR K 283 -3.44 -11.79 -45.99
C THR K 283 -4.63 -12.59 -46.50
N PRO K 284 -5.79 -12.48 -45.83
CA PRO K 284 -6.99 -13.21 -46.29
C PRO K 284 -7.35 -12.84 -47.73
N LYS K 285 -6.97 -11.65 -48.17
CA LYS K 285 -7.18 -11.20 -49.55
C LYS K 285 -6.11 -11.76 -50.50
N GLY K 286 -4.91 -11.99 -49.98
CA GLY K 286 -3.81 -12.49 -50.78
C GLY K 286 -2.47 -12.15 -50.15
N ALA K 287 -1.40 -12.73 -50.67
CA ALA K 287 -0.07 -12.50 -50.12
C ALA K 287 0.50 -11.14 -50.56
N ILE K 288 1.22 -10.49 -49.66
CA ILE K 288 1.88 -9.23 -49.97
C ILE K 288 3.38 -9.34 -49.75
N ASN K 289 4.15 -8.54 -50.49
CA ASN K 289 5.59 -8.46 -50.29
C ASN K 289 5.92 -7.77 -48.97
N THR K 290 7.11 -8.04 -48.45
CA THR K 290 7.59 -7.38 -47.23
C THR K 290 8.80 -6.52 -47.54
N SER K 291 8.76 -5.85 -48.68
CA SER K 291 9.84 -4.96 -49.09
C SER K 291 9.63 -3.57 -48.50
N LEU K 292 8.37 -3.19 -48.30
CA LEU K 292 8.04 -1.89 -47.72
C LEU K 292 7.57 -2.01 -46.26
N PRO K 293 7.80 -0.96 -45.47
CA PRO K 293 7.53 -0.94 -44.02
C PRO K 293 6.07 -0.71 -43.67
N PHE K 294 5.26 -0.29 -44.62
CA PHE K 294 3.85 -0.05 -44.36
C PHE K 294 2.97 -0.71 -45.41
N GLN K 295 1.71 -0.95 -45.06
CA GLN K 295 0.81 -1.70 -45.90
C GLN K 295 -0.64 -1.32 -45.59
N ASN K 296 -1.49 -1.30 -46.61
CA ASN K 296 -2.90 -0.97 -46.39
C ASN K 296 -3.88 -1.98 -47.01
N ILE K 297 -3.36 -3.17 -47.30
CA ILE K 297 -4.15 -4.26 -47.84
C ILE K 297 -5.19 -4.79 -46.84
N HIS K 298 -4.72 -5.20 -45.67
CA HIS K 298 -5.59 -5.83 -44.69
C HIS K 298 -4.92 -5.85 -43.30
N PRO K 299 -5.69 -5.55 -42.25
CA PRO K 299 -5.18 -5.48 -40.88
C PRO K 299 -4.90 -6.85 -40.24
N ILE K 300 -5.47 -7.91 -40.79
CA ILE K 300 -5.32 -9.24 -40.20
C ILE K 300 -4.32 -10.09 -40.96
N THR K 301 -3.03 -9.94 -40.63
CA THR K 301 -1.97 -10.61 -41.38
C THR K 301 -1.33 -11.74 -40.58
N ILE K 302 -0.77 -12.71 -41.29
CA ILE K 302 0.01 -13.76 -40.65
C ILE K 302 1.43 -13.76 -41.21
N GLY K 303 2.41 -13.54 -40.32
CA GLY K 303 3.81 -13.59 -40.71
C GLY K 303 4.60 -12.38 -40.29
N LYS K 304 5.72 -12.12 -40.98
CA LYS K 304 6.51 -10.93 -40.73
C LYS K 304 6.13 -9.89 -41.76
N CYS K 305 5.29 -8.94 -41.35
CA CYS K 305 4.55 -8.08 -42.28
C CYS K 305 4.79 -6.60 -42.07
N PRO K 306 4.62 -5.80 -43.14
CA PRO K 306 4.64 -4.35 -43.00
C PRO K 306 3.56 -3.93 -42.01
N LYS K 307 3.68 -2.75 -41.42
CA LYS K 307 2.66 -2.30 -40.47
C LYS K 307 1.39 -1.84 -41.19
N TYR K 308 0.24 -2.30 -40.71
CA TYR K 308 -1.03 -1.91 -41.30
C TYR K 308 -1.38 -0.45 -40.99
N VAL K 309 -1.65 0.32 -42.03
CA VAL K 309 -2.04 1.72 -41.88
C VAL K 309 -3.32 1.99 -42.66
N LYS K 310 -4.04 3.04 -42.30
CA LYS K 310 -5.25 3.43 -43.01
C LYS K 310 -4.92 4.27 -44.25
N SER K 311 -3.65 4.60 -44.41
CA SER K 311 -3.19 5.47 -45.50
C SER K 311 -3.57 4.96 -46.88
N THR K 312 -3.78 5.88 -47.81
CA THR K 312 -4.06 5.52 -49.20
C THR K 312 -2.80 5.68 -50.05
N LYS K 313 -1.87 6.48 -49.56
CA LYS K 313 -0.58 6.64 -50.25
C LYS K 313 0.47 7.24 -49.32
N LEU K 314 1.72 6.81 -49.51
CA LEU K 314 2.82 7.33 -48.72
C LEU K 314 4.07 7.36 -49.58
N ARG K 315 4.06 8.12 -50.66
CA ARG K 315 5.25 8.18 -51.48
C ARG K 315 6.25 9.23 -51.01
N LEU K 316 7.49 8.78 -50.89
CA LEU K 316 8.60 9.56 -50.39
C LEU K 316 9.31 10.23 -51.56
N ALA K 317 9.69 11.48 -51.38
CA ALA K 317 10.44 12.21 -52.39
C ALA K 317 11.90 11.81 -52.39
N THR K 318 12.43 11.46 -53.56
CA THR K 318 13.83 11.14 -53.71
C THR K 318 14.52 12.22 -54.55
N GLY K 319 13.91 12.53 -55.68
CA GLY K 319 14.38 13.63 -56.51
C GLY K 319 13.96 14.96 -55.92
N LEU K 320 13.97 16.00 -56.74
CA LEU K 320 13.63 17.34 -56.28
C LEU K 320 12.38 17.86 -56.97
N ARG K 321 11.99 19.09 -56.63
CA ARG K 321 10.79 19.70 -57.21
C ARG K 321 10.93 19.86 -58.72
N ASN K 322 9.95 19.33 -59.46
CA ASN K 322 9.99 19.38 -60.91
C ASN K 322 9.43 20.69 -61.45
N ILE K 323 10.32 21.52 -61.97
CA ILE K 323 9.93 22.81 -62.51
C ILE K 323 10.38 22.92 -63.97
N PRO K 324 9.65 22.26 -64.88
CA PRO K 324 10.00 22.17 -66.30
C PRO K 324 9.67 23.44 -67.08
N SER K 325 8.51 24.04 -66.78
CA SER K 325 8.06 25.24 -67.48
C SER K 325 8.23 25.11 -69.00
N GLY L 1 12.16 27.73 -51.19
CA GLY L 1 12.79 26.71 -50.37
C GLY L 1 13.71 27.31 -49.32
N LEU L 2 14.10 26.50 -48.35
CA LEU L 2 14.91 26.97 -47.22
C LEU L 2 16.24 27.61 -47.62
N PHE L 3 16.75 27.26 -48.80
CA PHE L 3 18.08 27.72 -49.19
C PHE L 3 18.11 28.71 -50.37
N GLY L 4 16.94 29.06 -50.87
CA GLY L 4 16.81 30.16 -51.82
C GLY L 4 17.31 29.92 -53.24
N ALA L 5 17.84 28.72 -53.49
CA ALA L 5 18.34 28.40 -54.82
C ALA L 5 17.23 27.90 -55.73
N ILE L 6 16.67 26.73 -55.40
CA ILE L 6 15.59 26.14 -56.19
C ILE L 6 14.31 26.97 -56.09
N ALA L 7 13.70 27.25 -57.24
CA ALA L 7 12.53 28.12 -57.28
C ALA L 7 12.82 29.43 -56.53
N GLY L 8 14.09 29.79 -56.47
CA GLY L 8 14.53 31.03 -55.86
C GLY L 8 15.26 31.89 -56.88
N PHE L 9 16.57 32.07 -56.69
CA PHE L 9 17.34 32.85 -57.65
C PHE L 9 17.70 32.02 -58.87
N ILE L 10 17.20 30.80 -58.90
CA ILE L 10 17.27 29.95 -60.09
C ILE L 10 15.87 29.41 -60.34
N GLU L 11 15.03 30.24 -60.95
CA GLU L 11 13.59 30.03 -61.02
C GLU L 11 13.11 28.67 -61.58
N GLY L 12 13.87 28.08 -62.48
CA GLY L 12 13.41 26.87 -63.14
C GLY L 12 14.45 25.77 -63.29
N GLY L 13 13.97 24.59 -63.70
CA GLY L 13 14.84 23.45 -63.96
C GLY L 13 15.10 23.23 -65.43
N TRP L 14 16.12 22.43 -65.72
CA TRP L 14 16.55 22.19 -67.10
C TRP L 14 16.10 20.84 -67.62
N THR L 15 15.03 20.83 -68.41
CA THR L 15 14.59 19.62 -69.09
C THR L 15 15.77 19.01 -69.84
N GLY L 16 16.67 19.87 -70.29
CA GLY L 16 17.80 19.46 -71.10
C GLY L 16 18.87 18.67 -70.37
N MET L 17 18.96 18.84 -69.05
CA MET L 17 19.96 18.12 -68.27
C MET L 17 19.40 16.78 -67.79
N VAL L 18 19.65 15.73 -68.58
CA VAL L 18 19.00 14.44 -68.36
C VAL L 18 19.91 13.40 -67.72
N ASP L 19 21.10 13.82 -67.30
CA ASP L 19 22.10 12.88 -66.80
C ASP L 19 22.46 13.07 -65.33
N GLY L 20 21.70 13.92 -64.64
CA GLY L 20 21.96 14.17 -63.23
C GLY L 20 21.01 15.17 -62.62
N TRP L 21 21.07 15.31 -61.29
CA TRP L 21 20.20 16.22 -60.56
C TRP L 21 20.70 17.67 -60.65
N TYR L 22 22.00 17.86 -60.47
CA TYR L 22 22.59 19.20 -60.55
C TYR L 22 23.68 19.22 -61.62
N GLY L 23 23.84 20.36 -62.30
CA GLY L 23 24.84 20.47 -63.35
C GLY L 23 24.95 21.84 -63.99
N TYR L 24 25.44 21.87 -65.23
CA TYR L 24 25.79 23.13 -65.87
C TYR L 24 25.25 23.26 -67.30
N HIS L 25 25.02 24.50 -67.71
CA HIS L 25 24.84 24.84 -69.11
C HIS L 25 25.90 25.87 -69.49
N HIS L 26 26.83 25.47 -70.34
CA HIS L 26 27.90 26.36 -70.78
C HIS L 26 27.57 26.94 -72.15
N GLN L 27 28.32 27.97 -72.53
CA GLN L 27 28.18 28.58 -73.85
C GLN L 27 29.46 29.34 -74.19
N ASN L 28 30.30 28.74 -75.02
CA ASN L 28 31.55 29.36 -75.44
C ASN L 28 31.69 29.44 -76.95
N GLU L 29 32.90 29.73 -77.42
CA GLU L 29 33.16 29.94 -78.85
C GLU L 29 32.82 28.72 -79.71
N GLN L 30 32.81 27.54 -79.10
CA GLN L 30 32.55 26.31 -79.84
C GLN L 30 31.28 25.59 -79.39
N GLY L 31 30.15 26.28 -79.48
CA GLY L 31 28.86 25.69 -79.19
C GLY L 31 28.49 25.70 -77.72
N SER L 32 27.31 25.15 -77.41
CA SER L 32 26.81 25.09 -76.05
C SER L 32 26.26 23.69 -75.74
N GLY L 33 25.88 23.47 -74.49
CA GLY L 33 25.35 22.17 -74.09
C GLY L 33 25.16 22.01 -72.58
N TYR L 34 24.36 21.02 -72.22
CA TYR L 34 24.10 20.70 -70.82
C TYR L 34 25.02 19.58 -70.32
N ALA L 35 25.56 19.75 -69.12
CA ALA L 35 26.39 18.73 -68.50
C ALA L 35 26.13 18.69 -67.00
N ALA L 36 25.91 17.50 -66.45
CA ALA L 36 25.62 17.36 -65.03
C ALA L 36 26.90 17.29 -64.21
N ASP L 37 26.88 17.89 -63.02
CA ASP L 37 28.01 17.80 -62.10
C ASP L 37 28.03 16.40 -61.48
N LEU L 38 28.88 15.55 -62.01
CA LEU L 38 28.90 14.14 -61.62
C LEU L 38 29.22 13.91 -60.14
N LYS L 39 30.07 14.74 -59.57
CA LYS L 39 30.49 14.53 -58.18
C LYS L 39 29.36 14.77 -57.18
N SER L 40 28.67 15.89 -57.32
CA SER L 40 27.64 16.29 -56.36
C SER L 40 26.32 15.58 -56.61
N THR L 41 26.13 15.08 -57.82
CA THR L 41 24.94 14.30 -58.15
C THR L 41 25.06 12.88 -57.59
N GLN L 42 26.13 12.19 -57.94
CA GLN L 42 26.36 10.83 -57.44
C GLN L 42 26.42 10.83 -55.92
N ASN L 43 26.85 11.96 -55.36
CA ASN L 43 26.95 12.13 -53.93
C ASN L 43 25.56 12.23 -53.29
N ALA L 44 24.68 12.99 -53.93
CA ALA L 44 23.31 13.14 -53.46
C ALA L 44 22.53 11.84 -53.63
N ILE L 45 22.76 11.15 -54.75
CA ILE L 45 22.12 9.86 -55.00
C ILE L 45 22.44 8.83 -53.92
N ASP L 46 23.69 8.80 -53.47
CA ASP L 46 24.10 7.85 -52.44
C ASP L 46 23.39 8.12 -51.11
N GLU L 47 23.36 9.39 -50.71
CA GLU L 47 22.76 9.78 -49.44
C GLU L 47 21.23 9.70 -49.43
N ILE L 48 20.61 9.91 -50.60
CA ILE L 48 19.17 9.78 -50.71
C ILE L 48 18.75 8.30 -50.76
N THR L 49 19.63 7.48 -51.34
CA THR L 49 19.44 6.03 -51.32
C THR L 49 19.56 5.53 -49.89
N ASN L 50 20.51 6.10 -49.16
CA ASN L 50 20.70 5.76 -47.76
C ASN L 50 19.46 6.10 -46.96
N LYS L 51 18.88 7.27 -47.24
CA LYS L 51 17.67 7.71 -46.58
C LYS L 51 16.50 6.74 -46.80
N VAL L 52 16.20 6.44 -48.05
CA VAL L 52 15.15 5.48 -48.38
C VAL L 52 15.41 4.11 -47.75
N ASN L 53 16.65 3.63 -47.85
CA ASN L 53 17.02 2.36 -47.23
C ASN L 53 16.86 2.38 -45.72
N SER L 54 17.09 3.53 -45.11
CA SER L 54 17.02 3.64 -43.66
C SER L 54 15.58 3.60 -43.17
N VAL L 55 14.74 4.42 -43.76
CA VAL L 55 13.33 4.46 -43.40
C VAL L 55 12.66 3.09 -43.60
N ILE L 56 13.19 2.31 -44.55
CA ILE L 56 12.64 1.00 -44.87
C ILE L 56 13.23 -0.12 -44.00
N GLU L 57 14.55 -0.19 -43.94
CA GLU L 57 15.22 -1.32 -43.30
C GLU L 57 15.17 -1.29 -41.77
N LYS L 58 15.07 -0.09 -41.19
CA LYS L 58 15.06 0.01 -39.74
C LYS L 58 13.79 -0.60 -39.13
N MET L 59 12.83 -0.95 -39.99
CA MET L 59 11.59 -1.54 -39.54
C MET L 59 11.77 -3.03 -39.21
N ASN L 60 11.84 -3.33 -37.91
CA ASN L 60 11.81 -4.72 -37.43
C ASN L 60 10.38 -5.20 -37.28
N THR L 61 10.09 -6.38 -37.82
CA THR L 61 8.75 -6.91 -37.73
C THR L 61 8.75 -8.31 -37.13
N GLN L 62 8.19 -8.44 -35.93
CA GLN L 62 8.07 -9.74 -35.27
C GLN L 62 7.12 -10.62 -36.08
N PHE L 63 7.27 -11.93 -35.94
CA PHE L 63 6.30 -12.84 -36.55
C PHE L 63 5.01 -12.76 -35.75
N THR L 64 3.92 -12.41 -36.41
CA THR L 64 2.65 -12.25 -35.72
C THR L 64 1.48 -12.77 -36.55
N ALA L 65 0.63 -13.58 -35.91
CA ALA L 65 -0.66 -13.93 -36.47
C ALA L 65 -1.70 -13.05 -35.79
N VAL L 66 -2.04 -11.95 -36.45
CA VAL L 66 -2.87 -10.91 -35.86
C VAL L 66 -4.25 -11.40 -35.42
N GLY L 67 -4.88 -12.22 -36.26
CA GLY L 67 -6.25 -12.64 -36.03
C GLY L 67 -6.50 -13.45 -34.76
N LYS L 68 -7.67 -13.24 -34.16
CA LYS L 68 -8.08 -14.00 -32.99
C LYS L 68 -9.54 -14.43 -33.09
N GLU L 69 -9.85 -15.62 -32.57
CA GLU L 69 -11.21 -16.13 -32.56
C GLU L 69 -11.74 -16.27 -31.14
N PHE L 70 -12.73 -15.44 -30.80
CA PHE L 70 -13.34 -15.50 -29.48
C PHE L 70 -14.80 -15.87 -29.65
N ASN L 71 -15.36 -16.57 -28.66
CA ASN L 71 -16.75 -17.01 -28.74
C ASN L 71 -17.70 -15.99 -28.13
N HIS L 72 -18.98 -16.34 -28.09
CA HIS L 72 -20.05 -15.40 -27.73
C HIS L 72 -20.01 -14.98 -26.26
N LEU L 73 -19.23 -15.67 -25.46
CA LEU L 73 -19.08 -15.30 -24.05
C LEU L 73 -17.69 -14.71 -23.76
N GLU L 74 -16.98 -14.34 -24.83
CA GLU L 74 -15.66 -13.75 -24.69
C GLU L 74 -15.58 -12.38 -25.36
N LYS L 75 -16.65 -11.59 -25.19
CA LYS L 75 -16.74 -10.30 -25.85
C LYS L 75 -15.77 -9.27 -25.27
N ARG L 76 -15.62 -9.25 -23.95
CA ARG L 76 -14.75 -8.28 -23.31
C ARG L 76 -13.31 -8.37 -23.82
N ILE L 77 -12.80 -9.59 -23.93
CA ILE L 77 -11.44 -9.77 -24.44
C ILE L 77 -11.40 -9.58 -25.96
N GLU L 78 -12.50 -9.89 -26.64
CA GLU L 78 -12.58 -9.66 -28.07
C GLU L 78 -12.43 -8.16 -28.36
N ASN L 79 -13.06 -7.35 -27.51
CA ASN L 79 -12.95 -5.91 -27.65
C ASN L 79 -11.59 -5.39 -27.22
N LEU L 80 -11.01 -6.01 -26.19
CA LEU L 80 -9.65 -5.69 -25.78
C LEU L 80 -8.68 -5.95 -26.93
N ASN L 81 -8.83 -7.11 -27.57
CA ASN L 81 -8.00 -7.44 -28.72
C ASN L 81 -8.13 -6.35 -29.78
N LYS L 82 -9.36 -5.97 -30.09
CA LYS L 82 -9.65 -4.91 -31.06
C LYS L 82 -9.01 -3.58 -30.67
N LYS L 83 -8.97 -3.30 -29.37
CA LYS L 83 -8.33 -2.07 -28.89
C LYS L 83 -6.83 -2.11 -29.13
N VAL L 84 -6.26 -3.30 -29.11
CA VAL L 84 -4.84 -3.47 -29.38
C VAL L 84 -4.53 -3.22 -30.85
N ASP L 85 -5.30 -3.82 -31.74
CA ASP L 85 -5.13 -3.61 -33.18
C ASP L 85 -5.38 -2.15 -33.59
N ASP L 86 -6.46 -1.58 -33.09
CA ASP L 86 -6.80 -0.20 -33.43
C ASP L 86 -5.78 0.78 -32.89
N GLY L 87 -5.24 0.47 -31.71
CA GLY L 87 -4.21 1.30 -31.10
C GLY L 87 -2.93 1.32 -31.92
N PHE L 88 -2.55 0.16 -32.43
CA PHE L 88 -1.41 0.05 -33.33
C PHE L 88 -1.69 0.74 -34.66
N LEU L 89 -2.92 0.60 -35.14
CA LEU L 89 -3.33 1.24 -36.39
C LEU L 89 -3.19 2.75 -36.30
N ASP L 90 -3.66 3.33 -35.20
CA ASP L 90 -3.58 4.78 -35.05
C ASP L 90 -2.16 5.26 -34.86
N ILE L 91 -1.35 4.44 -34.19
CA ILE L 91 0.04 4.81 -33.95
C ILE L 91 0.85 4.80 -35.25
N TRP L 92 0.78 3.68 -35.97
CA TRP L 92 1.52 3.54 -37.22
C TRP L 92 1.00 4.46 -38.33
N THR L 93 -0.31 4.68 -38.38
CA THR L 93 -0.87 5.56 -39.41
C THR L 93 -0.43 7.01 -39.18
N TYR L 94 -0.54 7.48 -37.95
CA TYR L 94 -0.16 8.84 -37.63
C TYR L 94 1.35 9.04 -37.84
N ASN L 95 2.13 8.05 -37.42
CA ASN L 95 3.58 8.13 -37.52
C ASN L 95 4.10 8.00 -38.96
N ALA L 96 3.48 7.14 -39.76
CA ALA L 96 3.85 7.04 -41.17
C ALA L 96 3.52 8.32 -41.93
N GLU L 97 2.32 8.85 -41.68
CA GLU L 97 1.86 10.07 -42.35
C GLU L 97 2.77 11.25 -42.06
N LEU L 98 3.15 11.41 -40.80
CA LEU L 98 4.01 12.51 -40.39
C LEU L 98 5.46 12.31 -40.84
N LEU L 99 5.90 11.06 -40.89
CA LEU L 99 7.24 10.71 -41.33
C LEU L 99 7.47 11.12 -42.78
N VAL L 100 6.50 10.84 -43.63
CA VAL L 100 6.59 11.19 -45.04
C VAL L 100 6.49 12.71 -45.22
N LEU L 101 5.49 13.33 -44.61
CA LEU L 101 5.34 14.78 -44.68
C LEU L 101 6.63 15.47 -44.27
N LEU L 102 7.16 15.10 -43.11
CA LEU L 102 8.35 15.73 -42.57
C LEU L 102 9.60 15.50 -43.41
N GLU L 103 9.85 14.25 -43.77
CA GLU L 103 11.06 13.92 -44.51
C GLU L 103 11.03 14.35 -45.98
N ASN L 104 9.84 14.48 -46.55
CA ASN L 104 9.73 15.06 -47.88
C ASN L 104 10.19 16.51 -47.89
N GLU L 105 9.80 17.25 -46.85
CA GLU L 105 10.28 18.61 -46.69
C GLU L 105 11.80 18.66 -46.61
N ARG L 106 12.37 17.82 -45.75
CA ARG L 106 13.82 17.81 -45.58
C ARG L 106 14.53 17.45 -46.87
N THR L 107 13.97 16.51 -47.63
CA THR L 107 14.58 16.05 -48.87
C THR L 107 14.65 17.16 -49.91
N LEU L 108 13.59 17.96 -50.00
CA LEU L 108 13.58 19.11 -50.91
C LEU L 108 14.57 20.17 -50.44
N ASP L 109 14.56 20.47 -49.14
CA ASP L 109 15.55 21.37 -48.55
C ASP L 109 16.96 20.90 -48.90
N TYR L 110 17.18 19.59 -48.76
CA TYR L 110 18.46 18.98 -49.08
C TYR L 110 18.91 19.29 -50.51
N HIS L 111 18.01 19.12 -51.47
CA HIS L 111 18.33 19.40 -52.87
C HIS L 111 18.63 20.88 -53.05
N ASP L 112 17.81 21.73 -52.44
CA ASP L 112 18.00 23.17 -52.48
C ASP L 112 19.39 23.53 -51.96
N SER L 113 19.78 22.88 -50.88
CA SER L 113 21.09 23.11 -50.27
C SER L 113 22.23 22.76 -51.22
N ASN L 114 22.08 21.66 -51.95
CA ASN L 114 23.10 21.23 -52.89
C ASN L 114 23.27 22.16 -54.08
N VAL L 115 22.16 22.63 -54.65
CA VAL L 115 22.23 23.59 -55.74
C VAL L 115 22.93 24.86 -55.27
N LYS L 116 22.42 25.42 -54.18
CA LYS L 116 23.03 26.58 -53.54
C LYS L 116 24.53 26.38 -53.42
N ASN L 117 24.94 25.29 -52.77
CA ASN L 117 26.36 25.04 -52.52
C ASN L 117 27.17 24.88 -53.80
N LEU L 118 26.59 24.24 -54.81
CA LEU L 118 27.25 24.14 -56.10
C LEU L 118 27.53 25.53 -56.65
N TYR L 119 26.52 26.39 -56.59
CA TYR L 119 26.64 27.77 -57.03
C TYR L 119 27.76 28.48 -56.28
N GLU L 120 27.67 28.50 -54.95
CA GLU L 120 28.69 29.09 -54.09
C GLU L 120 30.08 28.61 -54.50
N LYS L 121 30.21 27.30 -54.75
CA LYS L 121 31.49 26.70 -55.09
C LYS L 121 32.09 27.33 -56.35
N VAL L 122 31.29 27.38 -57.41
CA VAL L 122 31.73 27.95 -58.69
C VAL L 122 32.03 29.44 -58.57
N ARG L 123 31.19 30.16 -57.84
CA ARG L 123 31.40 31.57 -57.61
C ARG L 123 32.71 31.80 -56.86
N SER L 124 33.09 30.82 -56.04
CA SER L 124 34.31 30.89 -55.24
C SER L 124 35.56 30.66 -56.10
N GLN L 125 35.44 29.83 -57.12
CA GLN L 125 36.56 29.58 -58.04
C GLN L 125 36.79 30.77 -58.96
N LEU L 126 35.71 31.27 -59.56
CA LEU L 126 35.80 32.31 -60.57
C LEU L 126 36.31 33.65 -60.03
N LYS L 127 35.95 33.97 -58.79
CA LYS L 127 36.35 35.25 -58.20
C LYS L 127 35.82 36.40 -59.07
N ASN L 128 36.73 37.21 -59.62
CA ASN L 128 36.32 38.34 -60.44
C ASN L 128 36.58 38.15 -61.95
N ASN L 129 37.09 36.98 -62.32
CA ASN L 129 37.26 36.63 -63.72
C ASN L 129 35.93 36.47 -64.44
N ALA L 130 34.84 36.70 -63.70
CA ALA L 130 33.49 36.61 -64.25
C ALA L 130 32.52 37.45 -63.44
N LYS L 131 31.37 37.75 -64.05
CA LYS L 131 30.34 38.55 -63.39
C LYS L 131 29.11 37.70 -63.09
N GLU L 132 28.41 38.02 -62.00
CA GLU L 132 27.16 37.34 -61.70
C GLU L 132 26.00 38.04 -62.39
N ILE L 133 25.55 37.47 -63.50
CA ILE L 133 24.48 38.06 -64.28
C ILE L 133 23.11 37.66 -63.76
N GLY L 134 23.08 37.01 -62.60
CA GLY L 134 21.84 36.59 -61.99
C GLY L 134 21.30 35.28 -62.53
N ASN L 135 20.30 34.72 -61.86
CA ASN L 135 19.68 33.47 -62.27
C ASN L 135 20.65 32.29 -62.20
N GLY L 136 21.65 32.41 -61.33
CA GLY L 136 22.65 31.37 -61.18
C GLY L 136 23.51 31.21 -62.42
N CYS L 137 23.81 32.34 -63.05
CA CYS L 137 24.63 32.33 -64.26
C CYS L 137 25.85 33.22 -64.13
N PHE L 138 26.96 32.78 -64.71
CA PHE L 138 28.20 33.54 -64.69
C PHE L 138 28.62 33.92 -66.10
N GLU L 139 28.95 35.20 -66.30
CA GLU L 139 29.46 35.67 -67.58
C GLU L 139 30.95 35.95 -67.45
N PHE L 140 31.76 35.20 -68.19
CA PHE L 140 33.21 35.35 -68.13
C PHE L 140 33.67 36.68 -68.73
N TYR L 141 34.81 37.17 -68.23
CA TYR L 141 35.42 38.35 -68.81
C TYR L 141 36.48 37.95 -69.82
N HIS L 142 37.09 36.79 -69.59
CA HIS L 142 38.07 36.24 -70.51
C HIS L 142 37.43 35.21 -71.44
N LYS L 143 38.26 34.57 -72.27
CA LYS L 143 37.79 33.51 -73.14
C LYS L 143 37.88 32.16 -72.42
N CYS L 144 36.75 31.48 -72.32
CA CYS L 144 36.71 30.19 -71.63
C CYS L 144 36.23 29.09 -72.59
N ASP L 145 37.18 28.39 -73.20
CA ASP L 145 36.86 27.33 -74.14
C ASP L 145 36.41 26.07 -73.41
N ASN L 146 36.51 24.92 -74.08
CA ASN L 146 36.11 23.66 -73.49
C ASN L 146 37.02 23.23 -72.34
N THR L 147 38.33 23.38 -72.52
CA THR L 147 39.29 23.03 -71.47
C THR L 147 39.11 23.93 -70.24
N CYS L 148 38.62 25.15 -70.48
CA CYS L 148 38.33 26.07 -69.39
C CYS L 148 37.04 25.68 -68.67
N MET L 149 35.95 25.55 -69.43
CA MET L 149 34.67 25.14 -68.86
C MET L 149 34.83 23.85 -68.07
N GLU L 150 35.40 22.83 -68.70
CA GLU L 150 35.56 21.52 -68.09
C GLU L 150 36.40 21.59 -66.81
N SER L 151 37.23 22.63 -66.70
CA SER L 151 38.09 22.79 -65.52
C SER L 151 37.34 23.45 -64.37
N VAL L 152 36.46 24.38 -64.70
CA VAL L 152 35.62 25.02 -63.69
C VAL L 152 34.75 23.96 -63.05
N LYS L 153 34.17 23.10 -63.89
CA LYS L 153 33.26 22.05 -63.45
C LYS L 153 33.89 21.12 -62.41
N ASN L 154 35.07 20.58 -62.72
CA ASN L 154 35.70 19.62 -61.83
C ASN L 154 36.57 20.25 -60.75
N GLY L 155 36.32 21.53 -60.48
CA GLY L 155 36.98 22.22 -59.39
C GLY L 155 38.45 22.53 -59.60
N THR L 156 39.00 22.06 -60.72
CA THR L 156 40.40 22.30 -61.03
C THR L 156 40.58 23.55 -61.89
N TYR L 157 39.75 24.56 -61.64
CA TYR L 157 39.86 25.83 -62.35
C TYR L 157 41.20 26.48 -62.04
N ASP L 158 41.78 27.11 -63.06
CA ASP L 158 43.07 27.77 -62.90
C ASP L 158 42.91 29.29 -63.01
N TYR L 159 42.61 29.93 -61.88
CA TYR L 159 42.34 31.36 -61.84
C TYR L 159 43.46 32.25 -62.40
N PRO L 160 44.70 32.06 -61.92
CA PRO L 160 45.80 32.91 -62.37
C PRO L 160 46.08 32.79 -63.87
N LYS L 161 45.92 31.58 -64.40
CA LYS L 161 46.17 31.32 -65.82
C LYS L 161 45.21 32.12 -66.72
N TYR L 162 44.19 32.71 -66.13
CA TYR L 162 43.21 33.50 -66.89
C TYR L 162 43.05 34.91 -66.33
N SER L 163 43.62 35.15 -65.16
CA SER L 163 43.56 36.47 -64.54
C SER L 163 44.28 37.49 -65.43
N GLU L 164 45.25 36.98 -66.20
CA GLU L 164 45.97 37.80 -67.16
C GLU L 164 45.21 37.87 -68.49
N GLU L 165 43.96 38.30 -68.40
CA GLU L 165 43.09 38.48 -69.56
C GLU L 165 41.77 39.10 -69.13
N ALA L 166 41.19 38.53 -68.07
CA ALA L 166 39.93 39.04 -67.52
C ALA L 166 40.09 40.45 -66.97
N LYS L 167 41.14 40.66 -66.17
CA LYS L 167 41.44 41.98 -65.63
C LYS L 167 41.44 43.02 -66.74
N LEU L 168 41.96 42.64 -67.90
CA LEU L 168 42.06 43.56 -69.03
C LEU L 168 40.70 43.94 -69.60
N ASN L 169 39.85 42.94 -69.79
CA ASN L 169 38.49 43.19 -70.29
C ASN L 169 37.60 43.86 -69.26
C1 NAG M . -0.43 -39.23 21.64
C2 NAG M . -1.42 -40.25 22.21
C3 NAG M . -1.82 -41.32 21.19
C4 NAG M . -2.07 -40.74 19.80
C5 NAG M . -1.08 -39.63 19.43
C6 NAG M . -1.47 -38.94 18.14
C7 NAG M . -1.25 -40.52 24.61
C8 NAG M . -1.14 -41.56 25.71
N2 NAG M . -0.88 -40.89 23.40
O3 NAG M . -2.98 -41.97 21.64
O4 NAG M . -1.90 -41.77 18.84
O5 NAG M . -1.00 -38.68 20.47
O6 NAG M . -0.50 -37.98 17.80
O7 NAG M . -1.68 -39.40 24.86
C1 NAG M . -3.14 -42.33 18.40
C2 NAG M . -2.89 -43.09 17.09
C3 NAG M . -4.08 -43.92 16.63
C4 NAG M . -4.75 -44.64 17.78
C5 NAG M . -4.99 -43.68 18.95
C6 NAG M . -5.67 -44.37 20.12
C7 NAG M . -1.27 -42.02 15.66
C8 NAG M . -0.92 -40.77 14.89
N2 NAG M . -2.52 -42.15 16.05
O3 NAG M . -3.65 -44.85 15.66
O4 NAG M . -5.98 -45.19 17.32
O5 NAG M . -3.75 -43.16 19.36
O6 NAG M . -4.98 -45.56 20.43
O7 NAG M . -0.39 -42.85 15.91
C1 GAL N . -4.82 -30.20 73.52
C2 GAL N . -4.92 -28.74 73.11
C3 GAL N . -6.07 -28.53 72.12
C4 GAL N . -5.96 -29.55 70.99
C5 GAL N . -5.81 -30.96 71.55
C6 GAL N . -5.69 -31.99 70.43
O2 GAL N . -5.12 -27.92 74.24
O3 GAL N . -5.96 -27.23 71.59
O4 GAL N . -4.83 -29.25 70.21
O5 GAL N . -4.67 -31.02 72.38
O6 GAL N . -5.94 -33.28 70.94
C1 SIA N . -6.79 -25.03 71.34
C2 SIA N . -7.17 -26.44 71.72
C3 SIA N . -7.72 -26.42 73.14
C4 SIA N . -8.92 -25.47 73.20
C5 SIA N . -9.99 -25.89 72.20
C6 SIA N . -9.44 -26.19 70.80
C7 SIA N . -10.45 -27.01 70.00
C8 SIA N . -9.84 -27.59 68.73
C9 SIA N . -10.93 -28.17 67.83
C10 SIA N . -12.26 -25.05 71.98
C11 SIA N . -13.13 -23.83 71.87
N5 SIA N . -10.96 -24.82 72.09
O1A SIA N . -7.05 -24.65 70.18
O1B SIA N . -6.23 -24.30 72.19
O4 SIA N . -9.49 -25.46 74.51
O6 SIA N . -8.17 -26.88 70.79
O7 SIA N . -10.99 -28.07 70.82
O8 SIA N . -9.13 -26.56 68.02
O9 SIA N . -10.36 -28.48 66.54
O10 SIA N . -12.72 -26.19 72.00
C1 NAG O . -33.93 -5.52 40.24
C2 NAG O . -32.88 -5.82 41.31
C3 NAG O . -32.65 -4.69 42.31
C4 NAG O . -32.79 -3.30 41.69
C5 NAG O . -34.01 -3.23 40.78
C6 NAG O . -34.15 -1.85 40.14
C7 NAG O . -32.80 -8.22 41.80
C8 NAG O . -33.68 -9.38 42.17
N2 NAG O . -33.31 -7.00 42.04
O3 NAG O . -31.36 -4.83 42.85
O4 NAG O . -32.86 -2.31 42.69
O5 NAG O . -33.88 -4.18 39.76
O6 NAG O . -35.16 -1.90 39.16
O7 NAG O . -31.69 -8.40 41.32
C1 NAG O . -31.52 -1.81 42.93
C2 NAG O . -31.53 -0.38 43.44
C3 NAG O . -30.12 0.16 43.34
C4 NAG O . -29.17 -0.75 44.10
C5 NAG O . -29.38 -2.23 43.78
C6 NAG O . -28.59 -3.12 44.74
C7 NAG O . -33.38 1.14 43.39
C8 NAG O . -33.32 2.63 43.31
N2 NAG O . -32.46 0.47 42.72
O3 NAG O . -30.07 1.47 43.87
O4 NAG O . -27.84 -0.39 43.79
O5 NAG O . -30.75 -2.59 43.82
O6 NAG O . -28.80 -4.49 44.43
O7 NAG O . -34.25 0.57 44.06
C1 GAL P . -1.50 -49.07 -0.42
C2 GAL P . -0.47 -47.98 -0.13
C3 GAL P . -1.15 -46.62 -0.09
C4 GAL P . -1.91 -46.43 -1.38
C5 GAL P . -2.91 -47.57 -1.54
C6 GAL P . -3.78 -47.38 -2.78
O2 GAL P . 0.18 -48.23 1.10
O3 GAL P . -0.19 -45.60 0.09
O4 GAL P . -1.00 -46.41 -2.47
O5 GAL P . -2.20 -48.78 -1.61
O6 GAL P . -4.99 -48.08 -2.64
C1 SIA P . -0.02 -43.27 0.69
C2 SIA P . -0.75 -44.57 0.94
C3 SIA P . -0.57 -44.96 2.40
C4 SIA P . -1.12 -43.87 3.31
C5 SIA P . -2.57 -43.56 2.98
C6 SIA P . -2.84 -43.41 1.49
C7 SIA P . -4.33 -43.48 1.19
C8 SIA P . -4.62 -43.41 -0.30
C9 SIA P . -6.11 -43.54 -0.60
C10 SIA P . -3.88 -42.16 4.51
C11 SIA P . -4.05 -40.76 5.02
N5 SIA P . -2.91 -42.30 3.61
O1A SIA P . -0.54 -42.41 -0.06
O1B SIA P . 1.10 -43.13 1.23
O4 SIA P . -1.02 -44.30 4.68
O6 SIA P . -2.14 -44.34 0.65
O7 SIA P . -4.87 -44.70 1.74
O8 SIA P . -4.14 -42.16 -0.82
O9 SIA P . -6.38 -42.96 -1.87
O10 SIA P . -4.57 -43.08 4.89
C1 GAL Q . -37.75 -17.20 8.76
C2 GAL Q . -37.68 -16.34 7.51
C3 GAL Q . -37.48 -17.18 6.25
C4 GAL Q . -36.39 -18.22 6.45
C5 GAL Q . -36.51 -18.92 7.81
C6 GAL Q . -35.34 -19.87 8.08
O2 GAL Q . -38.86 -15.57 7.40
O3 GAL Q . -37.09 -16.31 5.22
O4 GAL Q . -35.13 -17.60 6.32
O5 GAL Q . -36.56 -17.96 8.84
O6 GAL Q . -35.49 -21.06 7.35
C1 SIA Q . -37.52 -15.26 3.14
C2 SIA Q . -37.84 -16.45 3.99
C3 SIA Q . -39.35 -16.49 4.21
C4 SIA Q . -40.06 -16.55 2.86
C5 SIA Q . -39.60 -17.77 2.08
C6 SIA Q . -38.07 -17.86 2.03
C7 SIA Q . -37.62 -19.23 1.52
C8 SIA Q . -36.12 -19.38 1.72
C9 SIA Q . -35.55 -20.50 0.85
C10 SIA Q . -40.39 -18.75 -0.03
C11 SIA Q . -40.84 -18.46 -1.42
N5 SIA Q . -40.08 -17.68 0.71
O1A SIA Q . -36.64 -15.38 2.25
O1B SIA Q . -38.13 -14.19 3.36
O4 SIA Q . -41.49 -16.60 3.04
O6 SIA Q . -37.42 -17.62 3.29
O7 SIA Q . -38.33 -20.25 2.24
O8 SIA Q . -35.46 -18.15 1.38
O9 SIA Q . -34.12 -20.48 0.95
O10 SIA Q . -40.32 -19.88 0.40
C1 GAL R . -36.40 -42.78 -35.21
C2 GAL R . -35.16 -42.24 -35.91
C3 GAL R . -34.06 -41.96 -34.90
C4 GAL R . -34.59 -41.09 -33.77
C5 GAL R . -35.86 -41.69 -33.20
C6 GAL R . -36.44 -40.82 -32.09
O2 GAL R . -34.71 -43.16 -36.89
O3 GAL R . -32.98 -41.31 -35.54
O4 GAL R . -34.85 -39.80 -34.26
O5 GAL R . -36.82 -41.85 -34.23
O6 GAL R . -37.67 -41.37 -31.66
C1 SIA R . -30.65 -41.24 -35.95
C2 SIA R . -31.75 -42.00 -35.26
C3 SIA R . -31.76 -43.43 -35.81
C4 SIA R . -30.47 -44.15 -35.48
C5 SIA R . -30.15 -44.10 -33.99
C6 SIA R . -30.26 -42.67 -33.45
C7 SIA R . -30.12 -42.64 -31.93
C8 SIA R . -30.44 -41.25 -31.38
C9 SIA R . -30.12 -41.19 -29.89
C10 SIA R . -28.48 -45.28 -32.67
C11 SIA R . -27.03 -45.68 -32.57
N5 SIA R . -28.81 -44.58 -33.75
O1A SIA R . -30.00 -40.40 -35.29
O1B SIA R . -30.45 -41.48 -37.17
O4 SIA R . -30.58 -45.52 -35.92
O6 SIA R . -31.47 -42.00 -33.85
O7 SIA R . -30.98 -43.61 -31.33
O8 SIA R . -29.65 -40.27 -32.07
O9 SIA R . -30.29 -39.84 -29.42
O10 SIA R . -29.29 -45.59 -31.81
C1 NAG S . -22.58 -30.67 -44.91
C2 NAG S . -23.66 -31.52 -44.23
C3 NAG S . -25.02 -31.32 -44.89
C4 NAG S . -25.34 -29.85 -45.14
C5 NAG S . -24.15 -29.09 -45.71
C6 NAG S . -24.44 -27.59 -45.74
C7 NAG S . -22.89 -33.54 -43.15
C8 NAG S . -22.88 -35.04 -43.19
N2 NAG S . -23.29 -32.92 -44.26
O3 NAG S . -26.02 -31.88 -44.07
O4 NAG S . -26.42 -29.78 -46.04
O5 NAG S . -22.98 -29.32 -44.96
O6 NAG S . -23.35 -26.88 -46.31
O7 NAG S . -22.53 -32.94 -42.14
C1 NAG S . -27.45 -28.88 -45.57
C2 NAG S . -28.44 -28.66 -46.72
C3 NAG S . -29.55 -27.70 -46.29
C4 NAG S . -30.18 -28.22 -45.01
C5 NAG S . -29.11 -28.43 -43.94
C6 NAG S . -29.71 -28.99 -42.65
C7 NAG S . -27.65 -28.92 -48.99
C8 NAG S . -26.32 -28.91 -49.69
N2 NAG S . -27.76 -28.16 -47.90
O3 NAG S . -30.53 -27.64 -47.31
O4 NAG S . -31.15 -27.28 -44.56
O5 NAG S . -28.11 -29.32 -44.41
O6 NAG S . -29.92 -30.38 -42.79
O7 NAG S . -28.58 -29.61 -49.42
C1 NAG T . 24.05 -9.71 16.72
C2 NAG T . 24.58 -11.14 16.85
C3 NAG T . 26.10 -11.20 16.80
C4 NAG T . 26.63 -10.42 15.60
C5 NAG T . 26.04 -9.02 15.60
C6 NAG T . 26.50 -8.24 14.38
C7 NAG T . 23.34 -12.81 18.07
C8 NAG T . 23.36 -13.64 19.32
N2 NAG T . 24.12 -11.73 18.08
O3 NAG T . 26.51 -12.55 16.73
O4 NAG T . 28.04 -10.37 15.65
O5 NAG T . 24.62 -9.06 15.60
O6 NAG T . 25.91 -6.95 14.40
O7 NAG T . 22.63 -13.13 17.12
C1 NAG U . 13.94 54.73 20.01
C2 NAG U . 14.24 56.23 20.11
C3 NAG U . 12.95 56.97 20.45
C4 NAG U . 11.92 56.66 19.37
C5 NAG U . 11.74 55.14 19.26
C6 NAG U . 10.73 54.79 18.17
C7 NAG U . 16.45 57.03 20.70
C8 NAG U . 17.66 56.70 21.53
N2 NAG U . 15.29 56.49 21.08
O3 NAG U . 13.19 58.36 20.50
O4 NAG U . 10.68 57.26 19.68
O5 NAG U . 12.98 54.52 19.00
O6 NAG U . 10.63 53.39 18.04
O7 NAG U . 16.57 57.76 19.72
C1 NAG V . -22.65 1.68 6.86
C2 NAG V . -23.25 1.36 5.51
C3 NAG V . -22.59 0.09 4.98
C4 NAG V . -21.08 0.28 4.94
C5 NAG V . -20.52 0.90 6.22
C6 NAG V . -19.09 1.37 6.00
C7 NAG V . -25.48 2.26 5.26
C8 NAG V . -26.95 2.09 5.53
N2 NAG V . -24.69 1.24 5.60
O3 NAG V . -23.06 -0.21 3.69
O4 NAG V . -20.47 -0.97 4.71
O5 NAG V . -21.29 1.99 6.69
O6 NAG V . -18.70 2.20 7.07
O7 NAG V . -25.06 3.28 4.73
C1 NAG W . 42.41 10.87 -26.74
C2 NAG W . 43.62 9.95 -26.62
C3 NAG W . 43.76 9.38 -25.23
C4 NAG W . 43.73 10.52 -24.21
C5 NAG W . 42.42 11.29 -24.37
C6 NAG W . 42.34 12.41 -23.35
C7 NAG W . 44.53 8.72 -28.52
C8 NAG W . 44.65 7.36 -29.15
N2 NAG W . 43.57 8.88 -27.62
O3 NAG W . 44.98 8.68 -25.11
O4 NAG W . 43.81 10.00 -22.90
O5 NAG W . 42.34 11.82 -25.69
O6 NAG W . 42.76 13.63 -23.95
O7 NAG W . 45.30 9.61 -28.86
C1 NAG X . 10.91 -32.23 -3.83
C2 NAG X . 10.09 -33.51 -3.69
C3 NAG X . 10.87 -34.74 -4.13
C4 NAG X . 11.51 -34.52 -5.49
C5 NAG X . 12.32 -33.22 -5.47
C6 NAG X . 12.97 -32.95 -6.81
C7 NAG X . 8.38 -33.36 -2.00
C8 NAG X . 7.89 -33.79 -0.65
N2 NAG X . 9.63 -33.67 -2.32
O3 NAG X . 9.99 -35.85 -4.21
O4 NAG X . 12.35 -35.61 -5.81
O5 NAG X . 11.48 -32.14 -5.13
O6 NAG X . 11.99 -32.77 -7.81
O7 NAG X . 7.63 -32.73 -2.76
C1 NAG Y . 23.31 1.95 -11.82
C2 NAG Y . 24.69 1.37 -12.15
C3 NAG Y . 25.60 1.49 -10.95
C4 NAG Y . 25.65 2.94 -10.45
C5 NAG Y . 24.27 3.58 -10.37
C6 NAG Y . 24.44 5.10 -10.23
C7 NAG Y . 24.84 -0.39 -13.83
C8 NAG Y . 24.62 -1.83 -14.14
N2 NAG Y . 24.58 -0.01 -12.58
O3 NAG Y . 26.90 1.08 -11.31
O4 NAG Y . 26.24 2.97 -9.17
O5 NAG Y . 23.47 3.32 -11.50
O6 NAG Y . 23.18 5.73 -10.20
O7 NAG Y . 25.25 0.40 -14.69
C1 NAG Z . 9.40 27.50 -18.45
C2 NAG Z . 10.38 27.36 -17.29
C3 NAG Z . 9.72 26.76 -16.05
C4 NAG Z . 8.43 27.51 -15.74
C5 NAG Z . 7.54 27.55 -16.97
C6 NAG Z . 6.22 28.29 -16.69
C7 NAG Z . 12.75 27.02 -17.68
C8 NAG Z . 13.85 26.06 -17.30
N2 NAG Z . 11.51 26.54 -17.68
O3 NAG Z . 10.60 26.81 -14.96
O4 NAG Z . 7.76 26.86 -14.68
O5 NAG Z . 8.21 28.16 -18.05
O6 NAG Z . 6.48 29.58 -16.16
O7 NAG Z . 13.01 28.19 -17.95
C1 NAG AA . -31.96 -0.86 -2.24
C2 NAG AA . -32.08 -2.13 -1.40
C3 NAG AA . -32.06 -1.79 0.08
C4 NAG AA . -30.76 -1.08 0.41
C5 NAG AA . -30.63 0.18 -0.44
C6 NAG AA . -29.22 0.76 -0.30
C7 NAG AA . -33.32 -3.91 -2.49
C8 NAG AA . -34.66 -4.55 -2.73
N2 NAG AA . -33.32 -2.82 -1.72
O3 NAG AA . -32.17 -2.98 0.83
O4 NAG AA . -30.75 -0.72 1.78
O5 NAG AA . -30.87 -0.04 -1.83
O6 NAG AA . -28.93 1.62 -1.37
O7 NAG AA . -32.31 -4.38 -2.98
C1 NAG BA . -27.56 16.03 -30.70
C2 NAG BA . -28.42 17.29 -30.69
C3 NAG BA . -29.77 17.04 -31.33
C4 NAG BA . -29.57 16.45 -32.72
C5 NAG BA . -28.60 15.27 -32.72
C6 NAG BA . -28.27 14.91 -34.16
C7 NAG BA . -28.07 19.03 -29.05
C8 NAG BA . -28.00 19.41 -27.60
N2 NAG BA . -28.55 17.83 -29.35
O3 NAG BA . -30.48 18.25 -31.44
O4 NAG BA . -30.81 16.03 -33.23
O5 NAG BA . -27.40 15.55 -32.02
O6 NAG BA . -28.68 13.58 -34.44
O7 NAG BA . -27.67 19.81 -29.91
C1 NAG CA . -1.87 18.22 -57.89
C2 NAG CA . -3.26 17.59 -58.02
C3 NAG CA . -3.74 17.58 -59.47
C4 NAG CA . -3.62 18.97 -60.07
C5 NAG CA . -2.19 19.49 -59.90
C6 NAG CA . -2.05 20.90 -60.47
C7 NAG CA . -3.92 15.89 -56.39
C8 NAG CA . -4.08 14.40 -56.17
N2 NAG CA . -3.25 16.23 -57.50
O3 NAG CA . -5.08 17.14 -59.54
O4 NAG CA . -3.96 18.94 -61.43
O5 NAG CA . -1.81 19.48 -58.54
O6 NAG CA . -0.72 21.35 -60.35
O7 NAG CA . -4.38 16.69 -55.59
C1 NAG DA . 9.77 -17.54 -49.26
C2 NAG DA . 11.12 -18.18 -49.55
C3 NAG DA . 12.28 -17.31 -49.07
C4 NAG DA . 12.10 -15.88 -49.56
C5 NAG DA . 10.70 -15.37 -49.26
C6 NAG DA . 10.50 -13.96 -49.83
C7 NAG DA . 11.43 -20.59 -49.68
C8 NAG DA . 11.18 -21.92 -49.05
N2 NAG DA . 11.18 -19.50 -48.93
O3 NAG DA . 13.50 -17.82 -49.55
O4 NAG DA . 13.06 -15.05 -48.94
O5 NAG DA . 9.71 -16.23 -49.80
O6 NAG DA . 9.21 -13.50 -49.49
O7 NAG DA . 11.86 -20.51 -50.84
C1 NAG EA . 7.01 -8.79 -54.89
C2 NAG EA . 5.92 -8.67 -55.94
C3 NAG EA . 5.98 -9.84 -56.91
C4 NAG EA . 7.38 -9.97 -57.49
C5 NAG EA . 8.46 -9.90 -56.42
C6 NAG EA . 9.84 -9.77 -57.05
C7 NAG EA . 3.88 -7.50 -55.33
C8 NAG EA . 2.41 -7.67 -55.10
N2 NAG EA . 4.62 -8.61 -55.30
O3 NAG EA . 5.06 -9.64 -57.95
O4 NAG EA . 7.49 -11.19 -58.19
O5 NAG EA . 8.26 -8.79 -55.55
O6 NAG EA . 10.72 -9.20 -56.10
O7 NAG EA . 4.35 -6.38 -55.55
#